data_9KZZ
#
_entry.id   9KZZ
#
_cell.length_a   1.00
_cell.length_b   1.00
_cell.length_c   1.00
_cell.angle_alpha   90.00
_cell.angle_beta   90.00
_cell.angle_gamma   90.00
#
_symmetry.space_group_name_H-M   'P 1'
#
loop_
_entity.id
_entity.type
_entity.pdbx_description
1 polymer 'XGi-171 heavy chain'
2 polymer 'XGi-171 light chain'
3 polymer 'Spike glycoprotein'
4 branched 2-acetamido-2-deoxy-beta-D-glucopyranose-(1-4)-2-acetamido-2-deoxy-beta-D-glucopyranose
5 branched beta-D-mannopyranose-(1-4)-2-acetamido-2-deoxy-beta-D-glucopyranose-(1-4)-2-acetamido-2-deoxy-beta-D-glucopyranose
6 non-polymer 2-acetamido-2-deoxy-beta-D-glucopyranose
#
loop_
_entity_poly.entity_id
_entity_poly.type
_entity_poly.pdbx_seq_one_letter_code
_entity_poly.pdbx_strand_id
1 'polypeptide(L)'
;EVQLAESGGGLVQPGGSLRLSCAASGFTFSTYDMHWVRQVTGNGLEWVSTIGTGGDTYYSDSVKGRFTVSRENAKNALFL
QINGLRAGDTAVYYCARGGSGQFWYFDLWGRGTLVTVSSASTKGPSVFPLAPSSKSTSGGTAALGCLVKDYFPEPVTVSW
NSGALTSGVHTFPAVLQSSGLYSLSSVVTVPSSSLGTQTYICNVNHKPSNTKVDKRVEPKSCDKTHTCPPCPAPELLGGP
SVFLFPPKPKDTLMISRTPEVTCVVVDVSHEDPEVKFNWYVDGVEVHNAKTKPREEQYNSTYRVVSVLTVLHQDWLNGKE
YKCKVSNKALPAPIEKTISKAKGQPREPQVYTLPPSREEMTKNQVSLTCLVKGFYPSDIAVEWESNGQPENNYKTTPPVL
DSDGSFFLYSKLTVDKSRWQQGNVFSCSVMHEALHNHYTQKSLSLSPGK
;
H,I,J
2 'polypeptide(L)'
;DIQMTQSPSSLSASLGDRVTITCRASQTIGRFLNWYQQKPGKAPKLLIYGASSLQIGVPSRFSGSGSGTDFTLTISSLQP
EDFATYYCQQSYSMPPVTFGQGTRLEIKRTVAAPSVFIFPPSDEQLKSGTASVVCLLNNFYPREAKVQWKVDNALQSGNS
QESVTEQDSKDSTYSLSSTLTLSKADYEKHKVYACEVTHQGLSSPVTKSFNRGEC
;
L,M,N
3 'polypeptide(L)'
;MPMGSLQPLATLYLLGMLVASVLAQCVNLITRTQSYTNSFTRGVYYPDKVFRSSVLHSTHDLFLPFFSNVTWFHAIHVSG
TNGTKRFDNPALPFNDGVYFASTEKSNIIRGWIFGTTLDSKTQSLLIVNNATNVVIKVCEFQFCNDPFLDVYQKNNKSWM
ESEFRVYSSANNCTFEYVSQPFLMDLEGKEGNFKNLREFVFKNIDGYFKIYSKHTPINLERDLPQGFSALEPLVDLPIGI
NITRFQTLLALHRSYLTPVDSSSGWTAGAAAYYVGYLQPRTFLLKYNENGTITDAVDCALDPLSETKCTLKSFTVEKGIY
QTSNFRVQPTESIVRFPNITNLCPFHEVFNATTFASVYAWNRKRISNCVADYSVIYNFAPFFAFKCYGVSPTKLNDLCFT
NVYADSFVIRGNEVSQIAPGQTGNIADYNYKLPDDFTGCVIAWNSNKLDSKPSGNYNYLYRLLRKSKLKPFERDISTEIY
QAGNKPCNGVAGPNCYSPLQSYGFRPTYGVGHQPYRVVVLSFELLHAPATVCGPKKSTNLVKNKCVNFNFNGLTGTGVLT
ESNKKFLPFQQFGRDIADTTDAVRDPQTLEILDITPCSFGGVSVITPGTNTSNQVAVLYQGVNCTEVPVAIHADQLTPTW
RVYSTGSNVFQTRAGCLIGAEYVNNSYECDIPIGAGICASYQTQTKSHGSASSVASQSIIAYTMSLGAENSVAYSNNSIA
IPTNFTISVTTEILPVSMTKTSVDCTMYICGDSTECSNLLLQYGSFCTQLKRALTGIAVEQDKNTQEVFAQVKQIYKTPP
IKYFGGFNFSQILPDPSKPSKRSPIEDLLFNKVTLADAGFIKQYGDCLGDIAARDLICAQKFNGLTVLPPLLTDEMIAQY
TSALLAGTITSGWTFGAGPALQIPFPMQMAYRFNGIGVTQNVLYENQKLIANQFNSAIGKIQDSLSSTPSALGKLQDVVN
HNAQALNTLVKQLSSKFGAISSVLNDILSRLDPPEAEVQIDRLITGRLQSLQTYVTQQLIRAAEIRASANLAATKMSECV
LGQSKRVDFCGKGYHLMSFPQSAPHGVVFLHVTYVPAQEKNFTTAPAICHDGKAHFPREGVFVSNGTHWFVTQRNFYEPQ
IITTDNTFVSGNCDVVIGIVNNTVYDPLQPELDSFKEELDKYFKNHTSPDVDLGDISGINASVVNIQKEIDRLNEVAKNL
NESLIDLQELGKYEQGSGYIPEAPRDGQAYVRKDGEWVFLSTFLSGLEVLFQGPGGWSHPQFEKGGGSGGGSGGSAWSHP
QFEKGGSHHHHHHHH
;
C,B,A
#
# COMPACT_ATOMS: atom_id res chain seq x y z
N GLU A 1 -11.45 22.96 -26.55
CA GLU A 1 -10.12 22.43 -26.88
C GLU A 1 -9.07 23.53 -26.78
N VAL A 2 -7.85 23.22 -27.22
CA VAL A 2 -6.73 24.14 -27.20
C VAL A 2 -6.28 24.38 -28.63
N GLN A 3 -6.32 25.62 -29.07
CA GLN A 3 -5.93 25.97 -30.43
C GLN A 3 -5.56 27.44 -30.49
N LEU A 4 -4.93 27.84 -31.59
CA LEU A 4 -4.50 29.21 -31.81
C LEU A 4 -5.17 29.73 -33.09
N ALA A 5 -5.81 30.88 -32.99
CA ALA A 5 -6.46 31.50 -34.14
C ALA A 5 -5.48 32.43 -34.86
N GLU A 6 -5.87 32.83 -36.07
CA GLU A 6 -5.04 33.72 -36.88
C GLU A 6 -5.93 34.47 -37.86
N SER A 7 -5.51 35.69 -38.17
CA SER A 7 -6.23 36.55 -39.11
C SER A 7 -5.34 37.72 -39.50
N GLY A 8 -5.61 38.27 -40.68
CA GLY A 8 -4.88 39.41 -41.19
C GLY A 8 -4.03 39.13 -42.41
N GLY A 9 -3.88 37.87 -42.80
CA GLY A 9 -3.06 37.56 -43.96
C GLY A 9 -3.77 37.95 -45.25
N GLY A 10 -3.03 38.56 -46.16
CA GLY A 10 -3.61 38.98 -47.42
C GLY A 10 -2.59 39.70 -48.28
N LEU A 11 -3.06 40.18 -49.43
CA LEU A 11 -2.20 40.90 -50.35
C LEU A 11 -1.98 42.33 -49.87
N VAL A 12 -0.76 42.83 -50.11
CA VAL A 12 -0.39 44.18 -49.70
C VAL A 12 0.63 44.71 -50.69
N GLN A 13 0.61 46.03 -50.90
CA GLN A 13 1.57 46.65 -51.78
C GLN A 13 2.97 46.57 -51.19
N PRO A 14 4.01 46.55 -52.02
CA PRO A 14 5.38 46.53 -51.50
C PRO A 14 5.68 47.78 -50.66
N GLY A 15 6.10 47.54 -49.42
CA GLY A 15 6.36 48.61 -48.48
C GLY A 15 5.17 49.07 -47.66
N GLY A 16 3.99 48.52 -47.90
CA GLY A 16 2.82 48.93 -47.15
C GLY A 16 2.80 48.32 -45.76
N SER A 17 2.03 48.97 -44.87
CA SER A 17 1.92 48.49 -43.50
C SER A 17 1.01 47.28 -43.43
N LEU A 18 1.32 46.36 -42.52
CA LEU A 18 0.53 45.16 -42.33
C LEU A 18 0.61 44.74 -40.86
N ARG A 19 -0.50 44.23 -40.34
CA ARG A 19 -0.59 43.82 -38.94
C ARG A 19 -1.34 42.50 -38.87
N LEU A 20 -0.63 41.44 -38.45
CA LEU A 20 -1.25 40.14 -38.27
C LEU A 20 -1.83 40.03 -36.86
N SER A 21 -2.67 39.01 -36.66
CA SER A 21 -3.31 38.79 -35.37
C SER A 21 -3.34 37.30 -35.07
N CYS A 22 -3.16 36.97 -33.79
CA CYS A 22 -3.23 35.60 -33.32
C CYS A 22 -3.98 35.58 -31.99
N ALA A 23 -4.92 34.65 -31.87
CA ALA A 23 -5.77 34.55 -30.68
C ALA A 23 -5.64 33.14 -30.12
N ALA A 24 -5.20 33.05 -28.87
CA ALA A 24 -5.04 31.76 -28.21
C ALA A 24 -6.31 31.39 -27.44
N SER A 25 -6.44 30.10 -27.13
CA SER A 25 -7.59 29.60 -26.38
C SER A 25 -7.26 28.22 -25.83
N GLY A 26 -7.67 27.99 -24.58
CA GLY A 26 -7.52 26.69 -23.96
C GLY A 26 -6.41 26.59 -22.94
N PHE A 27 -5.71 27.68 -22.63
CA PHE A 27 -4.62 27.64 -21.68
C PHE A 27 -4.38 29.03 -21.12
N THR A 28 -3.49 29.11 -20.12
CA THR A 28 -3.09 30.39 -19.52
C THR A 28 -2.11 31.09 -20.47
N PHE A 29 -2.65 32.01 -21.26
CA PHE A 29 -1.86 32.69 -22.28
C PHE A 29 -0.81 33.62 -21.66
N SER A 30 -1.07 34.11 -20.45
CA SER A 30 -0.17 35.08 -19.84
C SER A 30 1.09 34.46 -19.25
N THR A 31 1.25 33.14 -19.34
CA THR A 31 2.39 32.46 -18.75
C THR A 31 3.20 31.67 -19.78
N TYR A 32 2.99 31.92 -21.07
CA TYR A 32 3.71 31.22 -22.12
C TYR A 32 4.21 32.21 -23.16
N ASP A 33 5.39 31.93 -23.71
CA ASP A 33 5.95 32.78 -24.75
C ASP A 33 5.37 32.42 -26.12
N MET A 34 5.35 33.41 -27.01
CA MET A 34 4.81 33.24 -28.35
C MET A 34 5.90 33.49 -29.38
N HIS A 35 5.87 32.73 -30.46
CA HIS A 35 6.86 32.82 -31.52
C HIS A 35 6.16 32.96 -32.86
N TRP A 36 6.85 33.55 -33.83
CA TRP A 36 6.35 33.71 -35.18
C TRP A 36 7.33 33.09 -36.16
N VAL A 37 6.86 32.11 -36.93
CA VAL A 37 7.68 31.40 -37.91
C VAL A 37 6.97 31.43 -39.25
N ARG A 38 7.71 31.82 -40.29
CA ARG A 38 7.18 31.87 -41.64
C ARG A 38 7.73 30.71 -42.45
N GLN A 39 7.15 30.50 -43.63
CA GLN A 39 7.58 29.42 -44.52
C GLN A 39 7.27 29.86 -45.96
N VAL A 40 8.32 30.15 -46.71
CA VAL A 40 8.15 30.53 -48.11
C VAL A 40 7.64 29.33 -48.90
N THR A 41 6.86 29.61 -49.96
CA THR A 41 6.33 28.57 -50.82
C THR A 41 7.44 27.71 -51.40
N GLY A 42 7.45 26.43 -51.05
CA GLY A 42 8.51 25.53 -51.48
C GLY A 42 9.71 25.49 -50.56
N ASN A 43 9.82 26.41 -49.61
CA ASN A 43 10.93 26.44 -48.68
C ASN A 43 10.51 25.86 -47.33
N GLY A 44 11.46 25.84 -46.39
CA GLY A 44 11.22 25.32 -45.07
C GLY A 44 10.78 26.41 -44.11
N LEU A 45 10.73 26.05 -42.83
CA LEU A 45 10.34 26.99 -41.79
C LEU A 45 11.45 28.02 -41.55
N GLU A 46 11.04 29.22 -41.17
CA GLU A 46 11.97 30.32 -40.91
C GLU A 46 11.45 31.15 -39.75
N TRP A 47 12.19 31.18 -38.66
CA TRP A 47 11.80 31.95 -37.49
C TRP A 47 11.84 33.44 -37.79
N VAL A 48 10.77 34.15 -37.46
CA VAL A 48 10.66 35.57 -37.76
C VAL A 48 10.93 36.39 -36.50
N SER A 49 10.10 36.21 -35.48
CA SER A 49 10.22 36.98 -34.26
C SER A 49 9.53 36.22 -33.13
N THR A 50 9.71 36.73 -31.91
CA THR A 50 9.08 36.15 -30.73
C THR A 50 9.04 37.21 -29.64
N ILE A 51 8.21 36.95 -28.63
CA ILE A 51 8.06 37.83 -27.48
C ILE A 51 7.92 36.97 -26.23
N GLY A 52 8.68 37.31 -25.19
CA GLY A 52 8.64 36.55 -23.95
C GLY A 52 7.50 36.98 -23.04
N THR A 53 7.46 36.33 -21.88
CA THR A 53 6.41 36.64 -20.90
C THR A 53 6.58 38.03 -20.33
N GLY A 54 7.82 38.49 -20.15
CA GLY A 54 8.08 39.81 -19.63
C GLY A 54 7.93 40.96 -20.60
N GLY A 55 7.43 40.70 -21.80
CA GLY A 55 7.23 41.74 -22.78
C GLY A 55 8.43 42.03 -23.67
N ASP A 56 9.57 41.40 -23.41
CA ASP A 56 10.74 41.61 -24.25
C ASP A 56 10.52 41.01 -25.63
N THR A 57 11.04 41.68 -26.65
CA THR A 57 10.86 41.28 -28.03
C THR A 57 12.19 40.92 -28.66
N TYR A 58 12.13 40.01 -29.64
CA TYR A 58 13.32 39.58 -30.38
C TYR A 58 12.94 39.35 -31.83
N TYR A 59 13.89 39.63 -32.72
CA TYR A 59 13.66 39.52 -34.15
C TYR A 59 14.87 38.85 -34.80
N SER A 60 14.73 38.52 -36.08
CA SER A 60 15.82 37.90 -36.82
C SER A 60 16.70 38.96 -37.46
N ASP A 61 17.72 38.50 -38.18
CA ASP A 61 18.66 39.42 -38.82
C ASP A 61 17.97 40.22 -39.93
N SER A 62 17.32 39.54 -40.87
CA SER A 62 16.58 40.20 -41.94
C SER A 62 15.20 40.67 -41.49
N VAL A 63 14.83 40.42 -40.23
CA VAL A 63 13.53 40.78 -39.72
C VAL A 63 13.59 42.05 -38.86
N LYS A 64 14.64 42.18 -38.05
CA LYS A 64 14.78 43.34 -37.19
C LYS A 64 14.90 44.61 -38.01
N GLY A 65 14.32 45.70 -37.51
CA GLY A 65 14.36 46.98 -38.19
C GLY A 65 13.11 47.34 -38.95
N ARG A 66 12.26 46.38 -39.28
CA ARG A 66 11.05 46.67 -40.04
C ARG A 66 9.84 45.98 -39.43
N PHE A 67 10.06 44.94 -38.64
CA PHE A 67 8.97 44.25 -37.97
C PHE A 67 8.73 44.84 -36.58
N THR A 68 7.56 44.55 -36.04
CA THR A 68 7.19 45.02 -34.70
C THR A 68 6.17 44.05 -34.12
N VAL A 69 6.61 43.23 -33.16
CA VAL A 69 5.72 42.26 -32.54
C VAL A 69 5.17 42.84 -31.24
N SER A 70 3.90 42.57 -30.98
CA SER A 70 3.24 43.04 -29.77
C SER A 70 2.33 41.94 -29.24
N ARG A 71 2.04 42.01 -27.95
CA ARG A 71 1.21 41.01 -27.29
C ARG A 71 0.56 41.63 -26.07
N GLU A 72 -0.72 41.32 -25.89
CA GLU A 72 -1.49 41.78 -24.74
C GLU A 72 -1.73 40.61 -23.79
N ASN A 73 -1.56 40.86 -22.49
CA ASN A 73 -1.77 39.81 -21.51
C ASN A 73 -3.24 39.40 -21.42
N ALA A 74 -4.15 40.34 -21.68
CA ALA A 74 -5.57 40.03 -21.64
C ALA A 74 -6.09 39.70 -23.04
N LYS A 75 -7.28 39.10 -23.08
CA LYS A 75 -8.00 38.77 -24.32
C LYS A 75 -7.26 37.75 -25.16
N ASN A 76 -6.11 37.26 -24.67
CA ASN A 76 -5.28 36.28 -25.40
C ASN A 76 -4.97 36.77 -26.82
N ALA A 77 -4.72 38.07 -26.96
CA ALA A 77 -4.49 38.69 -28.26
C ALA A 77 -3.00 38.81 -28.54
N LEU A 78 -2.57 38.29 -29.68
CA LEU A 78 -1.21 38.40 -30.15
C LEU A 78 -1.19 39.09 -31.50
N PHE A 79 -0.26 40.02 -31.68
CA PHE A 79 -0.18 40.81 -32.90
C PHE A 79 1.24 40.79 -33.44
N LEU A 80 1.38 41.17 -34.71
CA LEU A 80 2.68 41.26 -35.37
C LEU A 80 2.56 42.31 -36.46
N GLN A 81 3.04 43.52 -36.18
CA GLN A 81 2.99 44.61 -37.14
C GLN A 81 4.24 44.61 -38.02
N ILE A 82 4.03 44.77 -39.32
CA ILE A 82 5.11 44.76 -40.30
C ILE A 82 5.03 46.03 -41.14
N ASN A 83 6.19 46.57 -41.50
CA ASN A 83 6.29 47.72 -42.36
C ASN A 83 7.46 47.53 -43.33
N GLY A 84 7.35 48.17 -44.50
CA GLY A 84 8.40 48.05 -45.50
C GLY A 84 8.51 46.68 -46.12
N LEU A 85 7.39 46.04 -46.41
CA LEU A 85 7.42 44.69 -46.98
C LEU A 85 7.96 44.73 -48.41
N ARG A 86 8.52 43.61 -48.84
CA ARG A 86 9.06 43.46 -50.19
C ARG A 86 8.60 42.13 -50.76
N ALA A 87 8.95 41.90 -52.03
CA ALA A 87 8.52 40.68 -52.72
C ALA A 87 9.11 39.44 -52.06
N GLY A 88 10.32 39.55 -51.51
CA GLY A 88 10.96 38.42 -50.86
C GLY A 88 10.34 38.01 -49.54
N ASP A 89 9.37 38.78 -49.04
CA ASP A 89 8.73 38.48 -47.76
C ASP A 89 7.50 37.59 -47.90
N THR A 90 7.12 37.21 -49.13
CA THR A 90 5.96 36.36 -49.34
C THR A 90 6.18 34.97 -48.75
N ALA A 91 5.47 34.63 -47.69
CA ALA A 91 5.65 33.35 -47.02
C ALA A 91 4.40 33.04 -46.20
N VAL A 92 4.30 31.78 -45.79
CA VAL A 92 3.19 31.35 -44.95
C VAL A 92 3.61 31.45 -43.49
N TYR A 93 2.97 32.34 -42.74
CA TYR A 93 3.28 32.58 -41.35
C TYR A 93 2.44 31.67 -40.46
N TYR A 94 3.01 31.32 -39.30
CA TYR A 94 2.36 30.44 -38.35
C TYR A 94 2.48 31.03 -36.95
N CYS A 95 1.42 30.89 -36.16
CA CYS A 95 1.45 31.32 -34.77
C CYS A 95 1.82 30.13 -33.88
N ALA A 96 2.90 30.29 -33.12
CA ALA A 96 3.42 29.19 -32.31
C ALA A 96 3.61 29.66 -30.88
N ARG A 97 3.52 28.70 -29.96
CA ARG A 97 3.66 28.96 -28.53
C ARG A 97 4.93 28.31 -28.00
N GLY A 98 5.60 29.00 -27.09
CA GLY A 98 6.78 28.46 -26.45
C GLY A 98 6.46 27.62 -25.23
N GLY A 99 6.80 26.33 -25.30
CA GLY A 99 6.51 25.44 -24.20
C GLY A 99 7.42 25.66 -23.00
N SER A 100 7.06 24.99 -21.90
CA SER A 100 7.83 25.10 -20.67
C SER A 100 9.18 24.42 -20.85
N GLY A 101 10.15 24.86 -20.04
CA GLY A 101 11.50 24.36 -20.13
C GLY A 101 12.54 25.47 -20.18
N GLN A 102 13.77 25.08 -20.47
CA GLN A 102 14.89 26.02 -20.53
C GLN A 102 15.41 26.24 -21.94
N PHE A 103 14.67 25.82 -22.96
CA PHE A 103 15.06 26.01 -24.35
C PHE A 103 13.83 26.23 -25.20
N TRP A 104 14.02 26.91 -26.33
CA TRP A 104 12.93 27.30 -27.20
C TRP A 104 12.49 26.12 -28.06
N TYR A 105 11.23 25.72 -27.91
CA TYR A 105 10.64 24.71 -28.78
C TYR A 105 9.14 24.96 -28.86
N PHE A 106 8.58 24.71 -30.04
CA PHE A 106 7.18 25.02 -30.32
C PHE A 106 6.33 23.80 -30.00
N ASP A 107 5.68 23.83 -28.84
CA ASP A 107 4.80 22.74 -28.42
C ASP A 107 3.39 22.86 -28.96
N LEU A 108 3.00 24.05 -29.42
CA LEU A 108 1.66 24.27 -29.94
C LEU A 108 1.76 25.14 -31.20
N TRP A 109 1.01 24.77 -32.23
CA TRP A 109 1.01 25.48 -33.50
C TRP A 109 -0.40 25.96 -33.81
N GLY A 110 -0.50 27.08 -34.52
CA GLY A 110 -1.77 27.64 -34.90
C GLY A 110 -2.23 27.13 -36.26
N ARG A 111 -3.27 27.78 -36.78
CA ARG A 111 -3.82 27.41 -38.07
C ARG A 111 -2.91 27.84 -39.22
N GLY A 112 -2.11 28.89 -39.04
CA GLY A 112 -1.24 29.37 -40.09
C GLY A 112 -1.94 30.34 -41.03
N THR A 113 -1.22 31.37 -41.47
CA THR A 113 -1.77 32.38 -42.36
C THR A 113 -0.82 32.61 -43.52
N LEU A 114 -1.38 33.03 -44.65
CA LEU A 114 -0.63 33.29 -45.87
C LEU A 114 -0.52 34.80 -46.07
N VAL A 115 0.70 35.27 -46.37
CA VAL A 115 0.96 36.68 -46.62
C VAL A 115 1.70 36.80 -47.94
N THR A 116 1.13 37.59 -48.86
CA THR A 116 1.71 37.82 -50.16
C THR A 116 1.91 39.32 -50.38
N VAL A 117 3.11 39.70 -50.81
CA VAL A 117 3.47 41.09 -51.03
C VAL A 117 3.75 41.25 -52.52
N SER A 118 2.86 41.94 -53.23
CA SER A 118 3.02 42.16 -54.66
C SER A 118 2.15 43.34 -55.07
N SER A 119 2.52 43.94 -56.19
CA SER A 119 1.79 45.08 -56.74
C SER A 119 0.76 44.68 -57.79
N ALA A 120 0.64 43.38 -58.09
CA ALA A 120 -0.32 42.94 -59.09
C ALA A 120 -1.75 42.98 -58.53
N SER A 121 -2.69 42.57 -59.36
CA SER A 121 -4.09 42.56 -58.98
C SER A 121 -4.78 41.36 -59.61
N THR A 122 -6.03 41.13 -59.20
CA THR A 122 -6.80 40.00 -59.72
C THR A 122 -7.21 40.27 -61.16
N LYS A 123 -6.97 39.29 -62.03
CA LYS A 123 -7.32 39.39 -63.43
C LYS A 123 -8.03 38.11 -63.86
N GLY A 124 -9.02 38.26 -64.74
CA GLY A 124 -9.78 37.13 -65.23
C GLY A 124 -8.94 36.20 -66.08
N PRO A 125 -8.95 34.92 -65.76
CA PRO A 125 -8.14 33.96 -66.52
C PRO A 125 -8.82 33.54 -67.80
N SER A 126 -8.01 33.03 -68.73
CA SER A 126 -8.48 32.51 -70.00
C SER A 126 -8.18 31.02 -70.08
N VAL A 127 -9.19 30.24 -70.44
CA VAL A 127 -9.09 28.79 -70.51
C VAL A 127 -8.93 28.39 -71.98
N PHE A 128 -8.02 27.46 -72.24
CA PHE A 128 -7.77 27.00 -73.60
C PHE A 128 -7.93 25.50 -73.72
N THR A 141 -8.74 5.69 -76.38
CA THR A 141 -8.50 6.36 -75.12
C THR A 141 -7.35 7.36 -75.23
N ALA A 142 -7.63 8.62 -74.94
CA ALA A 142 -6.64 9.68 -75.01
C ALA A 142 -6.70 10.51 -73.73
N ALA A 143 -5.61 11.22 -73.47
CA ALA A 143 -5.49 12.07 -72.28
C ALA A 143 -5.13 13.48 -72.71
N LEU A 144 -6.01 14.44 -72.41
CA LEU A 144 -5.78 15.84 -72.73
C LEU A 144 -6.42 16.68 -71.63
N GLY A 145 -6.49 17.98 -71.83
CA GLY A 145 -7.08 18.86 -70.84
C GLY A 145 -7.13 20.29 -71.31
N CYS A 146 -7.33 21.19 -70.34
CA CYS A 146 -7.46 22.61 -70.61
C CYS A 146 -6.29 23.36 -69.99
N LEU A 147 -5.88 24.44 -70.64
CA LEU A 147 -4.79 25.28 -70.18
C LEU A 147 -5.34 26.63 -69.74
N VAL A 148 -4.91 27.09 -68.56
CA VAL A 148 -5.37 28.35 -67.98
C VAL A 148 -4.19 29.30 -67.91
N LYS A 149 -4.42 30.55 -68.33
CA LYS A 149 -3.39 31.58 -68.31
C LYS A 149 -3.94 32.81 -67.59
N ASP A 150 -3.03 33.62 -67.07
CA ASP A 150 -3.38 34.84 -66.33
C ASP A 150 -4.25 34.54 -65.12
N TYR A 151 -3.84 33.58 -64.29
CA TYR A 151 -4.62 33.19 -63.14
C TYR A 151 -4.27 34.06 -61.94
N PHE A 152 -4.84 33.69 -60.79
CA PHE A 152 -4.67 34.43 -59.55
C PHE A 152 -4.85 33.46 -58.39
N PRO A 153 -4.17 33.70 -57.25
CA PRO A 153 -4.41 32.85 -56.06
C PRO A 153 -5.88 32.67 -55.75
N GLU A 154 -6.31 31.41 -55.68
CA GLU A 154 -7.72 31.06 -55.60
C GLU A 154 -7.99 30.17 -54.39
N PRO A 155 -9.19 30.25 -53.81
CA PRO A 155 -9.52 29.39 -52.67
C PRO A 155 -10.23 28.09 -53.04
N VAL A 156 -10.63 27.90 -54.30
CA VAL A 156 -11.35 26.71 -54.72
C VAL A 156 -10.59 26.06 -55.87
N THR A 157 -10.69 24.74 -55.95
CA THR A 157 -9.97 23.97 -56.94
C THR A 157 -10.78 23.87 -58.24
N VAL A 158 -10.07 23.54 -59.32
CA VAL A 158 -10.72 23.40 -60.62
C VAL A 158 -11.28 21.99 -60.77
N SER A 159 -12.50 21.90 -61.30
CA SER A 159 -13.17 20.63 -61.51
C SER A 159 -13.61 20.52 -62.96
N TRP A 160 -13.87 19.29 -63.39
CA TRP A 160 -14.32 18.99 -64.74
C TRP A 160 -15.78 18.58 -64.72
N ASN A 161 -16.60 19.25 -65.52
CA ASN A 161 -18.03 18.98 -65.62
C ASN A 161 -18.70 19.07 -64.26
N SER A 162 -18.38 20.16 -63.54
CA SER A 162 -18.91 20.45 -62.20
C SER A 162 -18.60 19.34 -61.21
N GLY A 163 -17.51 18.60 -61.42
CA GLY A 163 -17.11 17.54 -60.53
C GLY A 163 -17.90 16.26 -60.63
N ALA A 164 -18.93 16.22 -61.48
CA ALA A 164 -19.74 15.01 -61.60
C ALA A 164 -19.04 13.90 -62.38
N LEU A 165 -17.96 14.23 -63.09
CA LEU A 165 -17.24 13.22 -63.87
C LEU A 165 -16.48 12.28 -62.93
N THR A 166 -16.56 10.98 -63.21
CA THR A 166 -15.88 9.97 -62.42
C THR A 166 -14.59 9.49 -63.06
N SER A 167 -14.23 10.01 -64.23
CA SER A 167 -13.02 9.59 -64.91
C SER A 167 -11.79 10.21 -64.24
N GLY A 168 -10.62 9.88 -64.78
CA GLY A 168 -9.37 10.39 -64.27
C GLY A 168 -9.23 11.89 -64.40
N VAL A 169 -9.27 12.60 -63.27
CA VAL A 169 -9.18 14.06 -63.26
C VAL A 169 -8.01 14.45 -62.36
N HIS A 170 -7.15 15.32 -62.87
CA HIS A 170 -6.00 15.80 -62.11
C HIS A 170 -5.87 17.30 -62.32
N THR A 171 -5.25 17.97 -61.35
CA THR A 171 -5.04 19.40 -61.39
C THR A 171 -3.66 19.73 -60.83
N PHE A 172 -2.87 20.47 -61.61
CA PHE A 172 -1.52 20.83 -61.21
C PHE A 172 -1.52 22.19 -60.51
N PRO A 173 -0.62 22.37 -59.53
CA PRO A 173 -0.50 23.68 -58.88
C PRO A 173 -0.10 24.76 -59.88
N ALA A 174 -0.42 26.01 -59.52
CA ALA A 174 -0.17 27.13 -60.40
C ALA A 174 1.32 27.44 -60.48
N VAL A 175 1.68 28.22 -61.50
CA VAL A 175 3.06 28.66 -61.71
C VAL A 175 3.08 30.18 -61.78
N LEU A 176 4.19 30.75 -61.32
CA LEU A 176 4.31 32.20 -61.24
C LEU A 176 4.48 32.81 -62.62
N GLN A 177 3.90 34.00 -62.79
CA GLN A 177 4.01 34.76 -64.03
C GLN A 177 4.80 36.03 -63.81
N SER A 178 5.23 36.65 -64.90
CA SER A 178 6.04 37.86 -64.81
C SER A 178 5.26 39.04 -64.25
N SER A 179 3.98 39.18 -64.60
CA SER A 179 3.17 40.29 -64.12
C SER A 179 2.54 40.04 -62.76
N GLY A 180 2.96 38.98 -62.05
CA GLY A 180 2.39 38.66 -60.77
C GLY A 180 1.22 37.71 -60.81
N LEU A 181 0.74 37.35 -61.99
CA LEU A 181 -0.39 36.44 -62.11
C LEU A 181 0.09 34.99 -62.02
N TYR A 182 -0.82 34.07 -62.29
CA TYR A 182 -0.54 32.63 -62.23
C TYR A 182 -1.03 31.97 -63.51
N SER A 183 -0.76 30.66 -63.59
CA SER A 183 -1.23 29.83 -64.69
C SER A 183 -1.38 28.39 -64.20
N LEU A 184 -2.52 27.79 -64.53
CA LEU A 184 -2.84 26.45 -64.04
C LEU A 184 -3.10 25.54 -65.21
N SER A 185 -2.81 24.25 -65.02
CA SER A 185 -3.01 23.24 -66.05
C SER A 185 -3.78 22.06 -65.45
N SER A 186 -4.66 21.48 -66.25
CA SER A 186 -5.47 20.34 -65.84
C SER A 186 -5.54 19.33 -66.97
N VAL A 187 -5.63 18.05 -66.62
CA VAL A 187 -5.72 16.96 -67.59
C VAL A 187 -6.96 16.13 -67.28
N VAL A 188 -7.40 15.36 -68.28
CA VAL A 188 -8.58 14.51 -68.15
C VAL A 188 -8.45 13.37 -69.15
N THR A 189 -9.15 12.28 -68.86
CA THR A 189 -9.17 11.10 -69.72
C THR A 189 -10.51 11.01 -70.43
N VAL A 190 -10.47 10.91 -71.75
CA VAL A 190 -11.68 10.83 -72.56
C VAL A 190 -11.61 9.57 -73.43
N PRO A 191 -12.75 8.97 -73.78
CA PRO A 191 -12.72 7.78 -74.63
C PRO A 191 -12.39 8.14 -76.07
N SER A 192 -11.45 7.40 -76.67
CA SER A 192 -11.05 7.66 -78.05
C SER A 192 -10.90 6.36 -78.85
N SER A 193 -11.69 5.34 -78.53
CA SER A 193 -11.62 4.07 -79.24
C SER A 193 -12.24 4.18 -80.63
N THR A 199 -14.50 15.43 -74.52
CA THR A 199 -15.93 15.66 -74.71
C THR A 199 -16.54 16.38 -73.51
N TYR A 200 -15.82 16.37 -72.40
CA TYR A 200 -16.30 17.01 -71.19
C TYR A 200 -15.90 18.49 -71.16
N ILE A 201 -16.47 19.22 -70.20
CA ILE A 201 -16.26 20.66 -70.08
C ILE A 201 -15.45 20.91 -68.83
N CYS A 202 -14.29 21.55 -69.00
CA CYS A 202 -13.46 21.94 -67.86
C CYS A 202 -14.01 23.21 -67.23
N ASN A 203 -14.38 23.14 -65.96
CA ASN A 203 -15.03 24.24 -65.26
C ASN A 203 -14.00 24.92 -64.37
N VAL A 204 -13.57 26.11 -64.77
CA VAL A 204 -12.62 26.91 -63.98
C VAL A 204 -13.43 28.02 -63.31
N ASN A 205 -13.85 27.76 -62.08
CA ASN A 205 -14.65 28.71 -61.30
C ASN A 205 -13.72 29.56 -60.44
N HIS A 206 -13.27 30.67 -61.02
CA HIS A 206 -12.36 31.59 -60.34
C HIS A 206 -13.17 32.42 -59.34
N LYS A 207 -12.97 32.10 -58.06
CA LYS A 207 -13.71 32.80 -57.01
C LYS A 207 -13.30 34.26 -56.82
N PRO A 208 -12.02 34.62 -56.72
CA PRO A 208 -11.69 36.04 -56.50
C PRO A 208 -12.07 36.95 -57.65
N SER A 209 -12.23 36.42 -58.86
CA SER A 209 -12.66 37.22 -59.99
C SER A 209 -14.18 37.32 -60.11
N ASN A 210 -14.92 36.53 -59.33
CA ASN A 210 -16.39 36.52 -59.36
C ASN A 210 -16.90 36.24 -60.78
N THR A 211 -16.16 35.44 -61.54
CA THR A 211 -16.52 35.10 -62.91
C THR A 211 -15.99 33.71 -63.22
N LYS A 212 -16.85 32.89 -63.81
CA LYS A 212 -16.51 31.52 -64.16
C LYS A 212 -16.26 31.42 -65.66
N VAL A 213 -15.25 30.63 -66.02
CA VAL A 213 -14.88 30.40 -67.42
C VAL A 213 -14.71 28.91 -67.64
N ASP A 214 -15.08 28.45 -68.83
CA ASP A 214 -15.05 27.03 -69.13
C ASP A 214 -14.67 26.83 -70.59
N LYS A 215 -14.25 25.61 -70.91
CA LYS A 215 -13.88 25.23 -72.27
C LYS A 215 -14.16 23.75 -72.45
N ARG A 216 -14.05 23.29 -73.70
CA ARG A 216 -14.28 21.89 -74.02
C ARG A 216 -13.11 21.34 -74.81
N VAL A 217 -12.89 20.04 -74.66
CA VAL A 217 -11.73 19.38 -75.28
C VAL A 217 -12.20 18.18 -76.09
N GLU A 218 -13.40 18.27 -76.67
CA GLU A 218 -13.94 17.15 -77.45
C GLU A 218 -13.01 16.84 -78.63
N PRO A 219 -12.82 15.57 -78.98
CA PRO A 219 -11.97 15.16 -80.09
C PRO A 219 -12.47 15.68 -81.44
N ASP B 1 23.37 32.39 -37.10
CA ASP B 1 24.74 32.04 -37.48
C ASP B 1 24.92 30.52 -37.57
N ILE B 2 24.26 29.79 -36.68
CA ILE B 2 24.36 28.34 -36.68
C ILE B 2 23.56 27.79 -37.85
N GLN B 3 24.17 26.87 -38.61
CA GLN B 3 23.54 26.26 -39.76
C GLN B 3 23.29 24.78 -39.49
N MET B 4 22.28 24.24 -40.16
CA MET B 4 21.87 22.85 -39.99
C MET B 4 21.90 22.13 -41.33
N THR B 5 22.38 20.90 -41.32
CA THR B 5 22.44 20.06 -42.51
C THR B 5 21.65 18.79 -42.24
N GLN B 6 20.51 18.63 -42.91
CA GLN B 6 19.63 17.50 -42.70
C GLN B 6 19.91 16.42 -43.76
N SER B 7 19.10 15.37 -43.74
CA SER B 7 19.16 14.28 -44.71
C SER B 7 18.79 14.79 -46.10
N PRO B 8 18.97 14.00 -47.15
CA PRO B 8 18.50 14.42 -48.48
C PRO B 8 17.02 14.80 -48.46
N SER B 9 16.63 15.60 -49.45
CA SER B 9 15.29 16.19 -49.47
C SER B 9 14.19 15.14 -49.52
N SER B 10 14.46 13.94 -50.03
CA SER B 10 13.45 12.91 -50.15
C SER B 10 14.02 11.57 -49.71
N LEU B 11 13.19 10.78 -49.04
CA LEU B 11 13.54 9.44 -48.61
C LEU B 11 12.41 8.49 -48.99
N SER B 12 12.77 7.38 -49.64
CA SER B 12 11.80 6.41 -50.13
C SER B 12 11.83 5.17 -49.25
N ALA B 13 10.65 4.78 -48.76
CA ALA B 13 10.52 3.59 -47.93
C ALA B 13 9.06 3.17 -47.92
N SER B 14 8.84 1.89 -47.60
CA SER B 14 7.51 1.30 -47.59
C SER B 14 6.97 1.24 -46.17
N LEU B 15 5.78 0.65 -46.05
CA LEU B 15 5.14 0.52 -44.74
C LEU B 15 5.94 -0.43 -43.84
N GLY B 16 6.07 -0.05 -42.57
CA GLY B 16 6.80 -0.86 -41.62
C GLY B 16 8.30 -0.79 -41.71
N ASP B 17 8.84 -0.02 -42.65
CA ASP B 17 10.28 0.08 -42.81
C ASP B 17 10.89 0.96 -41.72
N ARG B 18 12.21 0.87 -41.60
CA ARG B 18 12.95 1.65 -40.61
C ARG B 18 13.64 2.83 -41.30
N VAL B 19 13.34 4.04 -40.86
CA VAL B 19 13.91 5.26 -41.42
C VAL B 19 14.66 5.99 -40.33
N THR B 20 15.88 6.41 -40.63
CA THR B 20 16.75 7.14 -39.70
C THR B 20 17.09 8.48 -40.33
N ILE B 21 16.26 9.48 -40.06
CA ILE B 21 16.47 10.81 -40.61
C ILE B 21 17.64 11.47 -39.90
N THR B 22 18.73 11.69 -40.62
CA THR B 22 19.96 12.25 -40.07
C THR B 22 20.01 13.75 -40.32
N CYS B 23 20.38 14.50 -39.29
CA CYS B 23 20.52 15.95 -39.39
C CYS B 23 21.69 16.40 -38.54
N ARG B 24 22.66 17.05 -39.17
CA ARG B 24 23.88 17.48 -38.49
C ARG B 24 23.89 18.99 -38.36
N ALA B 25 24.66 19.46 -37.38
CA ALA B 25 24.79 20.89 -37.09
C ALA B 25 26.17 21.38 -37.51
N SER B 26 26.31 22.70 -37.56
CA SER B 26 27.59 23.31 -37.95
C SER B 26 28.63 23.22 -36.85
N GLN B 27 28.22 23.14 -35.59
CA GLN B 27 29.16 22.95 -34.48
C GLN B 27 28.42 22.29 -33.33
N THR B 28 29.14 22.11 -32.22
CA THR B 28 28.59 21.43 -31.05
C THR B 28 27.48 22.24 -30.42
N ILE B 29 26.24 21.74 -30.51
CA ILE B 29 25.09 22.40 -29.90
C ILE B 29 24.55 21.62 -28.71
N GLY B 30 25.25 20.56 -28.30
CA GLY B 30 24.78 19.78 -27.17
C GLY B 30 23.52 19.02 -27.50
N ARG B 31 22.49 19.22 -26.69
CA ARG B 31 21.19 18.58 -26.90
C ARG B 31 20.08 19.58 -27.17
N PHE B 32 20.44 20.82 -27.53
CA PHE B 32 19.46 21.87 -27.82
C PHE B 32 18.96 21.74 -29.26
N LEU B 33 18.26 20.64 -29.52
CA LEU B 33 17.72 20.37 -30.84
C LEU B 33 16.36 19.69 -30.70
N ASN B 34 15.46 20.01 -31.63
CA ASN B 34 14.12 19.45 -31.63
C ASN B 34 13.70 19.13 -33.06
N TRP B 35 12.82 18.15 -33.19
CA TRP B 35 12.31 17.71 -34.48
C TRP B 35 10.84 18.10 -34.62
N TYR B 36 10.41 18.31 -35.86
CA TYR B 36 9.04 18.69 -36.15
C TYR B 36 8.53 17.93 -37.36
N GLN B 37 7.23 17.68 -37.38
CA GLN B 37 6.56 17.01 -38.48
C GLN B 37 5.53 17.95 -39.10
N GLN B 38 5.54 18.03 -40.42
CA GLN B 38 4.64 18.93 -41.14
C GLN B 38 4.09 18.22 -42.36
N LYS B 39 2.80 17.91 -42.33
CA LYS B 39 2.13 17.40 -43.52
C LYS B 39 1.80 18.57 -44.43
N PRO B 40 2.02 18.45 -45.75
CA PRO B 40 1.75 19.58 -46.64
C PRO B 40 0.30 20.02 -46.69
N GLY B 41 -0.61 19.29 -46.04
CA GLY B 41 -2.01 19.68 -46.00
C GLY B 41 -2.44 20.34 -44.71
N LYS B 42 -1.55 20.49 -43.74
CA LYS B 42 -1.91 21.06 -42.46
C LYS B 42 -0.70 21.74 -41.83
N ALA B 43 -0.89 22.24 -40.61
CA ALA B 43 0.15 22.95 -39.90
C ALA B 43 1.18 21.98 -39.35
N PRO B 44 2.41 22.45 -39.10
CA PRO B 44 3.44 21.57 -38.54
C PRO B 44 3.10 21.16 -37.11
N LYS B 45 3.84 20.15 -36.63
CA LYS B 45 3.69 19.65 -35.27
C LYS B 45 5.00 19.03 -34.82
N LEU B 46 5.31 19.19 -33.54
CA LEU B 46 6.56 18.69 -32.99
C LEU B 46 6.44 17.22 -32.62
N LEU B 47 7.54 16.49 -32.76
CA LEU B 47 7.61 15.10 -32.36
C LEU B 47 8.66 14.84 -31.30
N ILE B 48 9.88 15.35 -31.48
CA ILE B 48 10.97 15.17 -30.53
C ILE B 48 11.48 16.55 -30.12
N TYR B 49 11.61 16.77 -28.82
CA TYR B 49 12.16 18.00 -28.30
C TYR B 49 13.30 17.67 -27.33
N GLY B 50 14.39 18.43 -27.47
CA GLY B 50 15.58 18.15 -26.67
C GLY B 50 16.36 16.95 -27.14
N ALA B 51 15.98 16.37 -28.28
CA ALA B 51 16.65 15.25 -28.92
C ALA B 51 16.63 13.97 -28.09
N SER B 52 15.97 13.98 -26.93
CA SER B 52 15.89 12.80 -26.09
C SER B 52 14.48 12.59 -25.56
N SER B 53 13.69 13.67 -25.54
CA SER B 53 12.35 13.60 -24.96
C SER B 53 11.31 13.44 -26.06
N LEU B 54 10.38 12.50 -25.86
CA LEU B 54 9.31 12.30 -26.82
C LEU B 54 8.11 13.16 -26.45
N GLN B 55 7.51 13.81 -27.46
CA GLN B 55 6.35 14.64 -27.22
C GLN B 55 5.14 13.78 -26.87
N ILE B 56 4.34 14.26 -25.90
CA ILE B 56 3.15 13.53 -25.49
C ILE B 56 2.16 13.45 -26.63
N GLY B 57 1.61 12.27 -26.86
CA GLY B 57 0.69 12.04 -27.96
C GLY B 57 1.31 11.44 -29.20
N VAL B 58 2.64 11.41 -29.29
CA VAL B 58 3.33 10.83 -30.45
C VAL B 58 3.52 9.34 -30.19
N PRO B 59 3.23 8.49 -31.17
CA PRO B 59 3.44 7.04 -30.97
C PRO B 59 4.90 6.72 -30.69
N SER B 60 5.11 5.59 -30.01
CA SER B 60 6.46 5.17 -29.59
C SER B 60 7.34 4.76 -30.76
N ARG B 61 6.80 4.68 -31.98
CA ARG B 61 7.62 4.29 -33.13
C ARG B 61 8.65 5.35 -33.48
N PHE B 62 8.41 6.61 -33.15
CA PHE B 62 9.38 7.66 -33.39
C PHE B 62 10.40 7.71 -32.26
N SER B 63 11.65 7.95 -32.61
CA SER B 63 12.72 8.00 -31.61
C SER B 63 13.80 8.96 -32.09
N GLY B 64 14.24 9.85 -31.21
CA GLY B 64 15.30 10.79 -31.52
C GLY B 64 16.62 10.34 -30.92
N SER B 65 17.70 10.56 -31.67
CA SER B 65 19.03 10.16 -31.23
C SER B 65 20.06 11.14 -31.78
N GLY B 66 21.26 11.07 -31.22
CA GLY B 66 22.33 11.96 -31.62
C GLY B 66 22.40 13.21 -30.76
N SER B 67 23.60 13.79 -30.70
CA SER B 67 23.82 14.98 -29.90
C SER B 67 25.11 15.65 -30.36
N GLY B 68 25.22 16.94 -30.05
CA GLY B 68 26.42 17.71 -30.32
C GLY B 68 26.51 18.24 -31.74
N THR B 69 26.88 17.35 -32.68
CA THR B 69 27.05 17.76 -34.07
C THR B 69 26.32 16.86 -35.06
N ASP B 70 25.73 15.77 -34.60
CA ASP B 70 25.03 14.83 -35.48
C ASP B 70 23.79 14.33 -34.75
N PHE B 71 22.63 14.48 -35.39
CA PHE B 71 21.37 14.04 -34.80
C PHE B 71 20.66 13.13 -35.80
N THR B 72 20.05 12.07 -35.28
CA THR B 72 19.38 11.08 -36.11
C THR B 72 18.00 10.79 -35.55
N LEU B 73 16.97 11.07 -36.35
CA LEU B 73 15.59 10.74 -35.98
C LEU B 73 15.26 9.36 -36.55
N THR B 74 15.19 8.36 -35.66
CA THR B 74 14.98 6.98 -36.07
C THR B 74 13.51 6.62 -35.94
N ILE B 75 12.94 6.05 -36.99
CA ILE B 75 11.57 5.57 -37.00
C ILE B 75 11.60 4.06 -37.17
N SER B 76 10.85 3.35 -36.32
CA SER B 76 10.87 1.89 -36.34
C SER B 76 9.93 1.29 -37.38
N SER B 77 8.66 1.67 -37.37
CA SER B 77 7.69 1.10 -38.30
C SER B 77 6.85 2.19 -38.94
N LEU B 78 7.01 2.39 -40.25
CA LEU B 78 6.27 3.43 -40.95
C LEU B 78 4.79 3.10 -41.03
N GLN B 79 3.96 4.10 -40.78
CA GLN B 79 2.52 4.02 -40.89
C GLN B 79 2.02 4.99 -41.94
N PRO B 80 0.82 4.79 -42.49
CA PRO B 80 0.29 5.74 -43.49
C PRO B 80 0.21 7.17 -42.98
N GLU B 81 0.13 7.36 -41.66
CA GLU B 81 0.10 8.71 -41.10
C GLU B 81 1.49 9.27 -40.85
N ASP B 82 2.55 8.50 -41.10
CA ASP B 82 3.90 8.96 -40.84
C ASP B 82 4.54 9.63 -42.05
N PHE B 83 4.04 9.36 -43.26
CA PHE B 83 4.63 9.92 -44.48
C PHE B 83 4.35 11.42 -44.53
N ALA B 84 5.36 12.22 -44.23
CA ALA B 84 5.24 13.68 -44.24
C ALA B 84 6.63 14.28 -44.29
N THR B 85 6.67 15.61 -44.19
CA THR B 85 7.94 16.33 -44.18
C THR B 85 8.40 16.56 -42.75
N TYR B 86 9.71 16.50 -42.55
CA TYR B 86 10.31 16.66 -41.23
C TYR B 86 11.39 17.74 -41.29
N TYR B 87 11.57 18.44 -40.17
CA TYR B 87 12.53 19.52 -40.05
C TYR B 87 13.24 19.45 -38.72
N CYS B 88 14.54 19.71 -38.72
CA CYS B 88 15.32 19.80 -37.49
C CYS B 88 15.69 21.25 -37.20
N GLN B 89 15.66 21.61 -35.92
CA GLN B 89 15.96 22.98 -35.49
C GLN B 89 16.91 22.93 -34.31
N GLN B 90 17.93 23.78 -34.34
CA GLN B 90 18.85 23.93 -33.22
C GLN B 90 18.32 25.00 -32.26
N SER B 91 18.65 24.83 -30.99
CA SER B 91 18.19 25.73 -29.94
C SER B 91 19.33 26.26 -29.08
N TYR B 92 20.58 26.03 -29.47
CA TYR B 92 21.70 26.51 -28.67
C TYR B 92 21.76 28.03 -28.66
N SER B 93 21.78 28.66 -29.84
CA SER B 93 21.67 30.10 -29.96
C SER B 93 20.21 30.44 -30.24
N MET B 94 19.49 30.80 -29.18
CA MET B 94 18.03 30.86 -29.23
C MET B 94 17.51 32.04 -30.07
N PRO B 95 18.05 33.25 -29.93
CA PRO B 95 17.61 34.34 -30.83
C PRO B 95 17.93 34.04 -32.28
N PRO B 96 19.16 33.57 -32.62
CA PRO B 96 19.41 33.19 -34.03
C PRO B 96 19.08 31.75 -34.32
N VAL B 97 17.82 31.33 -34.10
CA VAL B 97 17.41 29.97 -34.38
C VAL B 97 17.34 29.75 -35.89
N THR B 98 17.70 28.56 -36.34
CA THR B 98 17.63 28.20 -37.75
C THR B 98 17.04 26.82 -37.90
N PHE B 99 16.36 26.59 -39.02
CA PHE B 99 15.72 25.32 -39.30
C PHE B 99 16.40 24.60 -40.44
N GLY B 100 16.20 23.29 -40.52
CA GLY B 100 16.75 22.51 -41.61
C GLY B 100 15.99 22.72 -42.90
N GLN B 101 16.59 22.25 -43.99
CA GLN B 101 15.98 22.40 -45.32
C GLN B 101 14.78 21.49 -45.51
N GLY B 102 14.64 20.43 -44.73
CA GLY B 102 13.49 19.56 -44.85
C GLY B 102 13.84 18.21 -45.47
N THR B 103 13.00 17.22 -45.17
CA THR B 103 13.17 15.87 -45.69
C THR B 103 11.80 15.27 -45.96
N ARG B 104 11.59 14.83 -47.20
CA ARG B 104 10.30 14.26 -47.59
C ARG B 104 10.33 12.74 -47.44
N LEU B 105 9.22 12.19 -46.96
CA LEU B 105 9.06 10.75 -46.78
C LEU B 105 7.99 10.27 -47.76
N GLU B 106 8.39 9.43 -48.71
CA GLU B 106 7.51 8.94 -49.75
C GLU B 106 7.42 7.42 -49.70
N ILE B 107 6.33 6.90 -50.26
CA ILE B 107 6.08 5.46 -50.27
C ILE B 107 6.93 4.81 -51.36
N LYS B 108 7.59 3.71 -51.02
CA LYS B 108 8.42 3.01 -52.00
C LYS B 108 7.61 1.97 -52.75
N ARG B 109 7.79 1.94 -54.07
CA ARG B 109 7.16 0.95 -54.92
C ARG B 109 8.04 0.75 -56.15
N THR B 110 7.47 0.08 -57.16
CA THR B 110 8.19 -0.11 -58.41
C THR B 110 8.41 1.22 -59.11
N VAL B 111 9.45 1.26 -59.95
CA VAL B 111 9.80 2.47 -60.67
C VAL B 111 8.88 2.64 -61.87
N ALA B 112 7.83 3.42 -61.71
CA ALA B 112 6.89 3.65 -62.80
C ALA B 112 7.46 4.64 -63.81
N ALA B 113 7.01 4.52 -65.05
CA ALA B 113 7.46 5.39 -66.12
C ALA B 113 6.39 6.43 -66.45
N PRO B 114 6.79 7.67 -66.72
CA PRO B 114 5.80 8.70 -67.04
C PRO B 114 5.25 8.53 -68.45
N SER B 115 3.93 8.48 -68.55
CA SER B 115 3.27 8.44 -69.86
C SER B 115 3.35 9.82 -70.51
N VAL B 116 4.32 9.99 -71.40
CA VAL B 116 4.61 11.28 -72.01
C VAL B 116 3.55 11.57 -73.06
N PHE B 117 2.77 12.62 -72.84
CA PHE B 117 1.77 13.09 -73.80
C PHE B 117 1.96 14.58 -74.04
N ILE B 118 1.61 15.01 -75.24
CA ILE B 118 1.69 16.42 -75.63
C ILE B 118 0.52 16.75 -76.53
N PHE B 119 -0.14 17.87 -76.27
CA PHE B 119 -1.29 18.31 -77.05
C PHE B 119 -1.32 19.82 -77.06
N PRO B 120 -1.72 20.44 -78.17
CA PRO B 120 -1.78 21.90 -78.23
C PRO B 120 -3.07 22.41 -77.61
N PRO B 121 -3.07 23.64 -77.11
CA PRO B 121 -4.30 24.23 -76.58
C PRO B 121 -5.23 24.66 -77.71
N SER B 122 -6.33 25.30 -77.32
CA SER B 122 -7.31 25.77 -78.30
C SER B 122 -6.78 27.01 -79.01
N ASP B 123 -7.58 27.50 -79.96
CA ASP B 123 -7.21 28.70 -80.71
C ASP B 123 -7.39 29.96 -79.89
N GLU B 124 -8.01 29.87 -78.70
CA GLU B 124 -8.20 31.03 -77.87
C GLU B 124 -6.87 31.65 -77.45
N GLN B 125 -5.86 30.82 -77.18
CA GLN B 125 -4.54 31.35 -76.85
C GLN B 125 -3.76 31.72 -78.10
N LEU B 126 -3.94 30.95 -79.19
CA LEU B 126 -3.30 31.28 -80.46
C LEU B 126 -3.75 32.62 -81.03
N LYS B 127 -4.94 33.08 -80.65
CA LYS B 127 -5.37 34.42 -81.05
C LYS B 127 -4.44 35.48 -80.50
N SER B 128 -3.93 35.28 -79.29
CA SER B 128 -2.94 36.19 -78.71
C SER B 128 -1.55 35.79 -79.17
N GLY B 129 -0.64 36.77 -79.17
CA GLY B 129 0.72 36.52 -79.61
C GLY B 129 1.49 35.60 -78.69
N THR B 130 1.00 35.42 -77.46
CA THR B 130 1.68 34.58 -76.47
C THR B 130 1.00 33.20 -76.40
N ALA B 131 1.40 32.34 -77.33
CA ALA B 131 0.90 30.97 -77.34
C ALA B 131 1.66 30.12 -76.33
N SER B 132 1.25 28.86 -76.21
CA SER B 132 1.87 27.95 -75.25
C SER B 132 1.73 26.53 -75.76
N VAL B 133 2.67 25.68 -75.32
CA VAL B 133 2.66 24.25 -75.62
C VAL B 133 3.00 23.51 -74.34
N VAL B 134 2.14 22.55 -73.97
CA VAL B 134 2.28 21.81 -72.72
C VAL B 134 2.91 20.45 -73.02
N CYS B 135 3.66 19.92 -72.05
CA CYS B 135 4.28 18.62 -72.14
C CYS B 135 3.96 17.85 -70.87
N LEU B 136 3.18 16.78 -71.00
CA LEU B 136 2.60 16.07 -69.87
C LEU B 136 3.42 14.83 -69.53
N LEU B 137 3.68 14.63 -68.24
CA LEU B 137 4.31 13.43 -67.70
C LEU B 137 3.46 12.99 -66.52
N ASN B 138 2.63 11.97 -66.75
CA ASN B 138 1.64 11.57 -65.76
C ASN B 138 1.94 10.18 -65.21
N ASN B 139 1.65 9.98 -63.93
CA ASN B 139 1.72 8.69 -63.26
C ASN B 139 3.10 8.04 -63.36
N PHE B 140 4.10 8.66 -62.74
CA PHE B 140 5.42 8.06 -62.60
C PHE B 140 5.84 8.08 -61.13
N TYR B 141 6.48 6.98 -60.72
CA TYR B 141 6.82 6.82 -59.29
C TYR B 141 7.82 7.86 -58.81
N PRO B 142 8.95 8.12 -59.49
CA PRO B 142 9.89 9.11 -58.97
C PRO B 142 9.32 10.52 -59.02
N ARG B 143 10.13 11.49 -58.60
CA ARG B 143 9.73 12.88 -58.65
C ARG B 143 10.80 13.76 -59.31
N GLU B 144 12.02 13.25 -59.44
CA GLU B 144 13.11 14.04 -60.02
C GLU B 144 13.09 13.94 -61.54
N ALA B 145 11.95 14.26 -62.15
CA ALA B 145 11.84 14.26 -63.60
C ALA B 145 12.22 15.63 -64.15
N LYS B 146 13.40 15.72 -64.75
CA LYS B 146 13.93 16.97 -65.29
C LYS B 146 13.42 17.16 -66.71
N VAL B 147 12.63 18.20 -66.92
CA VAL B 147 12.02 18.49 -68.22
C VAL B 147 12.42 19.90 -68.64
N GLN B 148 12.86 20.02 -69.89
CA GLN B 148 13.24 21.31 -70.46
C GLN B 148 12.47 21.51 -71.76
N TRP B 149 12.85 22.56 -72.49
CA TRP B 149 12.23 22.88 -73.77
C TRP B 149 13.31 23.28 -74.77
N LYS B 150 13.10 22.89 -76.02
CA LYS B 150 14.00 23.22 -77.12
C LYS B 150 13.21 23.91 -78.22
N VAL B 151 13.71 25.07 -78.67
CA VAL B 151 13.07 25.86 -79.70
C VAL B 151 13.67 25.47 -81.04
N ASP B 152 12.81 25.12 -82.00
CA ASP B 152 13.23 24.69 -83.33
C ASP B 152 14.13 23.46 -83.25
N ASN B 153 13.91 22.65 -82.23
CA ASN B 153 14.68 21.42 -81.99
C ASN B 153 16.18 21.70 -81.95
N GLY B 158 9.83 29.62 -75.14
CA GLY B 158 10.95 29.42 -74.23
C GLY B 158 10.59 28.56 -73.03
N ASN B 159 11.61 28.20 -72.25
CA ASN B 159 11.39 27.37 -71.08
C ASN B 159 10.53 28.09 -70.05
N SER B 160 9.88 27.32 -69.18
CA SER B 160 9.01 27.88 -68.16
C SER B 160 9.01 26.96 -66.95
N GLN B 161 8.30 27.39 -65.92
CA GLN B 161 8.21 26.61 -64.69
C GLN B 161 7.26 25.43 -64.88
N GLU B 162 7.70 24.25 -64.46
CA GLU B 162 6.86 23.06 -64.51
C GLU B 162 5.99 22.97 -63.27
N SER B 163 5.14 21.95 -63.24
CA SER B 163 4.23 21.76 -62.12
C SER B 163 4.09 20.26 -61.84
N VAL B 164 4.18 19.91 -60.56
CA VAL B 164 4.13 18.52 -60.13
C VAL B 164 3.05 18.40 -59.05
N THR B 165 2.22 17.36 -59.18
CA THR B 165 1.20 17.09 -58.18
C THR B 165 1.75 16.18 -57.09
N GLU B 166 0.98 16.07 -56.00
CA GLU B 166 1.39 15.22 -54.89
C GLU B 166 1.28 13.75 -55.28
N GLN B 167 1.92 12.90 -54.49
CA GLN B 167 1.90 11.46 -54.76
C GLN B 167 0.51 10.89 -54.51
N ASP B 168 0.05 10.05 -55.43
CA ASP B 168 -1.28 9.47 -55.31
C ASP B 168 -1.35 8.52 -54.12
N SER B 169 -2.53 8.44 -53.50
CA SER B 169 -2.73 7.58 -52.36
C SER B 169 -2.93 6.12 -52.73
N LYS B 170 -3.22 5.82 -54.00
CA LYS B 170 -3.42 4.46 -54.46
C LYS B 170 -2.36 4.00 -55.45
N ASP B 171 -2.03 4.84 -56.44
CA ASP B 171 -1.01 4.49 -57.41
C ASP B 171 0.40 4.78 -56.91
N SER B 172 0.54 5.65 -55.91
CA SER B 172 1.84 6.01 -55.34
C SER B 172 2.80 6.53 -56.41
N THR B 173 2.26 7.33 -57.33
CA THR B 173 3.04 7.89 -58.42
C THR B 173 2.78 9.39 -58.49
N TYR B 174 3.73 10.10 -59.10
CA TYR B 174 3.64 11.54 -59.28
C TYR B 174 3.24 11.88 -60.71
N SER B 175 2.74 13.09 -60.90
CA SER B 175 2.40 13.61 -62.22
C SER B 175 3.06 14.96 -62.41
N LEU B 176 3.67 15.15 -63.58
CA LEU B 176 4.40 16.38 -63.90
C LEU B 176 3.78 17.05 -65.12
N SER B 177 3.76 18.37 -65.10
CA SER B 177 3.26 19.17 -66.22
C SER B 177 4.20 20.31 -66.50
N SER B 178 4.74 20.35 -67.72
CA SER B 178 5.63 21.40 -68.17
C SER B 178 4.99 22.11 -69.36
N THR B 179 5.24 23.41 -69.46
CA THR B 179 4.63 24.25 -70.49
C THR B 179 5.69 25.06 -71.20
N LEU B 180 5.54 25.23 -72.51
CA LEU B 180 6.41 26.09 -73.29
C LEU B 180 5.78 27.47 -73.39
N THR B 181 6.52 28.50 -72.97
CA THR B 181 6.03 29.88 -72.97
C THR B 181 6.71 30.65 -74.09
N LEU B 182 5.91 31.15 -75.02
CA LEU B 182 6.40 31.97 -76.12
C LEU B 182 5.97 33.42 -75.91
N SER B 183 6.92 34.33 -76.05
CA SER B 183 6.64 35.76 -75.86
C SER B 183 6.05 36.34 -77.15
N LYS B 184 5.98 37.67 -77.20
CA LYS B 184 5.43 38.35 -78.35
C LYS B 184 6.25 38.04 -79.60
N ALA B 185 5.55 37.69 -80.68
CA ALA B 185 6.11 37.42 -82.00
C ALA B 185 6.88 36.10 -82.03
N ASP B 186 7.06 35.46 -80.87
CA ASP B 186 7.74 34.17 -80.84
C ASP B 186 6.83 33.05 -81.30
N TYR B 187 5.51 33.22 -81.10
CA TYR B 187 4.55 32.24 -81.58
C TYR B 187 4.44 32.26 -83.11
N GLU B 188 4.63 33.45 -83.70
CA GLU B 188 4.52 33.57 -85.14
C GLU B 188 5.87 33.44 -85.84
N LYS B 189 6.97 33.57 -85.11
CA LYS B 189 8.28 33.47 -85.74
C LYS B 189 8.74 32.02 -85.84
N HIS B 190 8.61 31.26 -84.77
CA HIS B 190 9.06 29.87 -84.73
C HIS B 190 7.87 28.94 -84.88
N LYS B 191 8.02 27.89 -85.68
CA LYS B 191 6.95 26.96 -85.98
C LYS B 191 7.16 25.58 -85.37
N VAL B 192 8.40 25.12 -85.29
CA VAL B 192 8.71 23.78 -84.77
C VAL B 192 9.18 23.92 -83.33
N TYR B 193 8.70 23.02 -82.47
CA TYR B 193 9.07 23.00 -81.06
C TYR B 193 9.40 21.57 -80.65
N ALA B 194 10.05 21.44 -79.50
CA ALA B 194 10.47 20.14 -79.00
C ALA B 194 10.47 20.13 -77.48
N CYS B 195 9.86 19.11 -76.90
CA CYS B 195 9.89 18.93 -75.46
C CYS B 195 11.04 18.01 -75.06
N GLU B 196 11.84 18.44 -74.11
CA GLU B 196 13.01 17.69 -73.63
C GLU B 196 12.62 16.94 -72.37
N VAL B 197 12.68 15.61 -72.43
CA VAL B 197 12.29 14.75 -71.32
C VAL B 197 13.48 13.91 -70.89
N THR B 198 13.67 13.80 -69.58
CA THR B 198 14.74 12.99 -69.01
C THR B 198 14.22 12.32 -67.75
N HIS B 199 14.10 10.98 -67.80
CA HIS B 199 13.58 10.23 -66.68
C HIS B 199 14.01 8.77 -66.82
N GLN B 200 14.10 8.10 -65.68
CA GLN B 200 14.47 6.69 -65.67
C GLN B 200 13.41 5.84 -66.39
N GLY B 201 13.86 4.84 -67.12
CA GLY B 201 12.97 3.95 -67.85
C GLY B 201 12.78 4.28 -69.31
N LEU B 202 12.98 5.52 -69.71
CA LEU B 202 12.82 5.90 -71.11
C LEU B 202 14.15 5.84 -71.83
N SER B 203 14.10 5.71 -73.15
CA SER B 203 15.29 5.63 -73.99
C SER B 203 15.87 7.01 -74.32
N SER B 204 16.14 7.82 -73.31
CA SER B 204 16.69 9.15 -73.47
C SER B 204 15.85 10.01 -74.43
N PRO B 205 14.63 10.39 -74.03
CA PRO B 205 13.81 11.22 -74.91
C PRO B 205 14.18 12.70 -74.83
N VAL B 206 15.42 13.02 -75.21
CA VAL B 206 15.91 14.39 -75.12
C VAL B 206 15.17 15.33 -76.07
N THR B 207 14.55 14.82 -77.13
CA THR B 207 13.83 15.63 -78.09
C THR B 207 12.51 14.97 -78.43
N LYS B 208 11.43 15.73 -78.26
CA LYS B 208 10.08 15.30 -78.63
C LYS B 208 9.48 16.41 -79.49
N SER B 209 9.67 16.29 -80.81
CA SER B 209 9.29 17.35 -81.72
C SER B 209 7.78 17.57 -81.72
N PHE B 210 7.39 18.80 -82.06
CA PHE B 210 5.98 19.17 -82.12
C PHE B 210 5.82 20.34 -83.09
N ASN B 211 4.68 20.38 -83.77
CA ASN B 211 4.40 21.39 -84.77
C ASN B 211 3.28 22.29 -84.28
N ARG B 212 3.42 23.59 -84.53
CA ARG B 212 2.43 24.57 -84.10
C ARG B 212 1.09 24.31 -84.79
N GLY B 213 0.02 24.39 -84.01
CA GLY B 213 -1.31 24.18 -84.55
C GLY B 213 -1.96 25.46 -85.05
N GLN C 25 58.92 34.10 0.55
CA GLN C 25 57.64 34.61 1.02
C GLN C 25 57.30 34.03 2.39
N CYS C 26 56.99 32.74 2.42
CA CYS C 26 56.69 32.08 3.67
C CYS C 26 57.97 31.85 4.47
N VAL C 27 58.01 32.40 5.69
CA VAL C 27 59.21 32.41 6.51
C VAL C 27 59.17 31.38 7.62
N ASN C 28 58.00 30.91 8.03
CA ASN C 28 57.84 29.90 9.07
C ASN C 28 58.47 30.39 10.39
N LEU C 29 57.89 31.46 10.93
CA LEU C 29 58.43 32.06 12.14
C LEU C 29 57.94 31.33 13.39
N ILE C 30 56.63 31.19 13.54
CA ILE C 30 56.05 30.65 14.76
C ILE C 30 55.79 29.16 14.60
N THR C 31 55.62 28.48 15.73
CA THR C 31 55.31 27.05 15.74
C THR C 31 54.18 26.81 16.74
N ARG C 32 53.73 25.56 16.81
CA ARG C 32 52.60 25.23 17.66
C ARG C 32 53.05 24.83 19.06
N THR C 33 52.26 25.23 20.06
CA THR C 33 52.42 24.79 21.44
C THR C 33 51.05 24.52 22.04
N GLN C 34 50.80 23.26 22.36
CA GLN C 34 49.48 22.81 22.77
C GLN C 34 49.35 22.79 24.28
N SER C 35 48.17 23.17 24.75
CA SER C 35 47.78 23.06 26.14
C SER C 35 46.32 22.66 26.21
N TYR C 36 45.87 22.31 27.40
CA TYR C 36 44.51 21.82 27.59
C TYR C 36 43.88 22.42 28.83
N THR C 37 42.58 22.76 28.71
CA THR C 37 41.83 23.36 29.81
C THR C 37 40.37 22.93 29.67
N ASN C 38 39.76 22.59 30.81
CA ASN C 38 38.37 22.17 30.82
C ASN C 38 37.47 23.32 30.42
N SER C 39 36.51 23.05 29.53
CA SER C 39 35.55 24.06 29.12
C SER C 39 34.33 24.01 30.02
N PHE C 40 33.74 25.18 30.29
CA PHE C 40 32.46 25.24 30.99
C PHE C 40 31.34 25.03 29.99
N THR C 41 30.11 25.38 30.37
CA THR C 41 28.97 25.27 29.45
C THR C 41 29.01 26.39 28.43
N ARG C 42 30.02 26.39 27.56
CA ARG C 42 30.15 27.42 26.54
C ARG C 42 29.89 26.84 25.16
N GLY C 43 29.86 27.73 24.17
CA GLY C 43 29.69 27.31 22.79
C GLY C 43 28.25 27.09 22.36
N VAL C 44 27.29 27.62 23.10
CA VAL C 44 25.88 27.48 22.73
C VAL C 44 25.48 28.63 21.82
N TYR C 45 24.83 28.30 20.71
CA TYR C 45 24.40 29.30 19.74
C TYR C 45 22.96 29.03 19.35
N TYR C 46 22.37 30.00 18.67
CA TYR C 46 21.00 29.88 18.19
C TYR C 46 20.96 28.93 16.99
N PRO C 47 20.30 27.77 17.08
CA PRO C 47 20.28 26.85 15.95
C PRO C 47 19.58 27.40 14.73
N ASP C 48 18.58 28.25 14.92
CA ASP C 48 17.84 28.84 13.81
C ASP C 48 17.30 30.20 14.24
N LYS C 49 16.99 31.02 13.25
CA LYS C 49 16.45 32.36 13.50
C LYS C 49 14.94 32.32 13.69
N VAL C 50 14.49 31.49 14.62
CA VAL C 50 13.07 31.30 14.92
C VAL C 50 12.82 31.78 16.34
N PHE C 51 12.05 32.84 16.48
CA PHE C 51 11.70 33.37 17.79
C PHE C 51 10.71 32.44 18.47
N ARG C 52 10.87 32.25 19.78
CA ARG C 52 9.91 31.50 20.58
C ARG C 52 9.86 32.08 21.99
N SER C 53 8.73 31.87 22.65
CA SER C 53 8.49 32.44 23.98
C SER C 53 9.22 31.66 25.05
N SER C 54 8.82 31.85 26.32
CA SER C 54 9.48 31.19 27.43
C SER C 54 9.15 29.70 27.45
N VAL C 55 9.68 28.96 26.50
CA VAL C 55 9.48 27.52 26.39
C VAL C 55 10.83 26.85 26.30
N LEU C 56 10.83 25.53 26.51
CA LEU C 56 12.04 24.71 26.43
C LEU C 56 11.98 23.90 25.15
N HIS C 57 12.92 24.14 24.25
CA HIS C 57 12.94 23.53 22.92
C HIS C 57 14.11 22.57 22.81
N SER C 58 13.82 21.31 22.52
CA SER C 58 14.87 20.32 22.30
C SER C 58 15.30 20.34 20.84
N THR C 59 16.58 20.61 20.62
CA THR C 59 17.14 20.70 19.27
C THR C 59 18.29 19.72 19.13
N HIS C 60 18.42 19.16 17.93
CA HIS C 60 19.49 18.22 17.61
C HIS C 60 20.34 18.83 16.50
N ASP C 61 21.47 19.43 16.87
CA ASP C 61 22.34 20.07 15.92
C ASP C 61 23.78 19.97 16.43
N LEU C 62 24.72 20.47 15.64
CA LEU C 62 26.13 20.45 16.01
C LEU C 62 26.38 21.47 17.10
N PHE C 63 26.63 20.99 18.33
CA PHE C 63 26.93 21.85 19.45
C PHE C 63 28.24 21.41 20.09
N LEU C 64 28.85 22.31 20.84
CA LEU C 64 30.04 21.98 21.60
C LEU C 64 29.64 21.24 22.87
N PRO C 65 30.09 20.01 23.07
CA PRO C 65 29.69 19.26 24.27
C PRO C 65 30.12 19.98 25.55
N PHE C 66 29.24 19.95 26.55
CA PHE C 66 29.54 20.59 27.81
C PHE C 66 30.66 19.86 28.55
N PHE C 67 31.54 20.64 29.16
CA PHE C 67 32.71 20.11 29.88
C PHE C 67 33.58 19.25 28.97
N SER C 68 33.90 19.76 27.80
CA SER C 68 34.72 19.06 26.83
C SER C 68 36.20 19.39 27.01
N ASN C 69 37.05 18.68 26.28
CA ASN C 69 38.50 18.84 26.37
C ASN C 69 38.95 19.80 25.27
N VAL C 70 38.79 21.09 25.53
CA VAL C 70 39.14 22.11 24.56
C VAL C 70 40.65 22.31 24.56
N THR C 71 41.24 22.33 23.36
CA THR C 71 42.68 22.47 23.20
C THR C 71 43.06 23.94 23.27
N TRP C 72 44.04 24.25 24.12
CA TRP C 72 44.54 25.61 24.28
C TRP C 72 45.84 25.76 23.50
N PHE C 73 45.88 26.76 22.63
CA PHE C 73 47.02 26.97 21.75
C PHE C 73 47.77 28.24 22.12
N HIS C 74 49.05 28.28 21.75
CA HIS C 74 49.89 29.46 21.88
C HIS C 74 50.82 29.52 20.68
N ALA C 75 51.06 30.74 20.20
CA ALA C 75 51.93 30.94 19.04
C ALA C 75 53.40 30.98 19.48
N ILE C 76 54.27 31.39 18.55
CA ILE C 76 55.72 31.49 18.77
C ILE C 76 56.28 30.28 19.52
N PRO C 90 51.28 25.63 12.19
CA PRO C 90 50.64 24.58 11.39
C PRO C 90 49.12 24.71 11.37
N ALA C 91 48.45 23.79 10.69
CA ALA C 91 47.00 23.85 10.56
C ALA C 91 46.32 22.88 11.52
N LEU C 92 45.01 23.08 11.71
CA LEU C 92 44.19 22.25 12.58
C LEU C 92 43.04 21.63 11.79
N PRO C 93 42.61 20.42 12.14
CA PRO C 93 41.52 19.77 11.41
C PRO C 93 40.20 20.51 11.60
N PHE C 94 39.23 20.15 10.75
CA PHE C 94 37.88 20.73 10.76
C PHE C 94 36.90 19.59 10.53
N ASN C 95 36.46 18.96 11.62
CA ASN C 95 35.61 17.78 11.51
C ASN C 95 34.18 18.16 11.16
N ASP C 96 33.53 18.92 12.03
CA ASP C 96 32.18 19.42 11.77
C ASP C 96 32.00 20.90 12.12
N GLY C 97 32.85 21.47 12.96
CA GLY C 97 32.73 22.87 13.31
C GLY C 97 33.70 23.19 14.42
N VAL C 98 34.36 24.33 14.28
CA VAL C 98 35.39 24.77 15.20
C VAL C 98 34.83 25.88 16.08
N TYR C 99 34.93 25.69 17.39
CA TYR C 99 34.63 26.75 18.34
C TYR C 99 35.90 27.52 18.66
N PHE C 100 35.91 28.80 18.31
CA PHE C 100 37.08 29.65 18.49
C PHE C 100 36.78 30.69 19.55
N ALA C 101 37.72 30.87 20.48
CA ALA C 101 37.59 31.87 21.53
C ALA C 101 38.97 32.37 21.90
N SER C 102 39.04 33.65 22.25
CA SER C 102 40.31 34.28 22.62
C SER C 102 40.04 35.51 23.45
N THR C 103 40.97 35.80 24.37
CA THR C 103 40.88 36.96 25.23
C THR C 103 41.97 37.98 24.97
N GLU C 104 42.77 37.79 23.92
CA GLU C 104 43.85 38.73 23.62
C GLU C 104 43.30 40.04 23.06
N LYS C 105 44.20 40.95 22.77
CA LYS C 105 43.82 42.23 22.18
C LYS C 105 43.43 42.05 20.73
N SER C 106 42.66 43.01 20.21
CA SER C 106 42.17 42.92 18.83
C SER C 106 43.28 43.10 17.81
N ASN C 107 44.48 43.47 18.24
CA ASN C 107 45.58 43.70 17.30
C ASN C 107 46.43 42.45 17.09
N ILE C 108 46.03 41.31 17.63
CA ILE C 108 46.82 40.09 17.54
C ILE C 108 46.24 39.15 16.50
N ILE C 109 44.99 38.70 16.74
CA ILE C 109 44.32 37.77 15.86
C ILE C 109 43.47 38.58 14.87
N ARG C 110 43.72 38.38 13.58
CA ARG C 110 43.04 39.17 12.55
C ARG C 110 42.57 38.31 11.38
N GLY C 111 41.97 37.16 11.65
CA GLY C 111 41.34 36.37 10.61
C GLY C 111 41.71 34.91 10.72
N TRP C 112 41.12 34.12 9.83
CA TRP C 112 41.36 32.68 9.77
C TRP C 112 41.35 32.24 8.32
N ILE C 113 41.95 31.08 8.06
CA ILE C 113 42.02 30.50 6.73
C ILE C 113 41.42 29.10 6.78
N PHE C 114 40.51 28.82 5.86
CA PHE C 114 39.84 27.52 5.78
C PHE C 114 40.10 26.90 4.41
N GLY C 115 39.99 25.59 4.34
CA GLY C 115 40.19 24.90 3.08
C GLY C 115 40.20 23.40 3.27
N THR C 116 40.49 22.69 2.18
CA THR C 116 40.59 21.24 2.23
C THR C 116 42.02 20.79 1.97
N THR C 117 42.58 21.20 0.83
CA THR C 117 43.98 20.92 0.49
C THR C 117 44.61 22.23 0.01
N LEU C 118 45.11 23.00 0.97
CA LEU C 118 45.68 24.33 0.70
C LEU C 118 47.12 24.17 0.27
N ASP C 119 47.32 23.62 -0.93
CA ASP C 119 48.65 23.59 -1.51
C ASP C 119 48.72 24.42 -2.78
N SER C 120 47.93 24.03 -3.80
CA SER C 120 47.87 24.79 -5.04
C SER C 120 46.45 24.87 -5.58
N LYS C 121 45.60 23.93 -5.17
CA LYS C 121 44.31 23.73 -5.79
C LYS C 121 43.25 23.56 -4.71
N THR C 122 42.06 23.11 -5.12
CA THR C 122 40.90 23.04 -4.25
C THR C 122 40.59 24.43 -3.72
N GLN C 123 40.09 25.30 -4.60
CA GLN C 123 39.82 26.70 -4.34
C GLN C 123 39.14 26.90 -2.99
N SER C 124 39.79 27.66 -2.11
CA SER C 124 39.27 27.94 -0.77
C SER C 124 40.09 29.00 -0.07
N LEU C 125 39.42 29.94 0.58
CA LEU C 125 40.07 31.00 1.36
C LEU C 125 38.99 31.63 2.24
N LEU C 126 39.43 32.32 3.28
CA LEU C 126 38.47 32.79 4.28
C LEU C 126 38.96 34.12 4.86
N ILE C 127 38.43 34.47 6.03
CA ILE C 127 38.46 35.84 6.54
C ILE C 127 39.87 36.39 6.62
N VAL C 128 40.01 37.64 6.17
CA VAL C 128 41.16 38.48 6.49
C VAL C 128 40.61 39.81 6.99
N ASN C 129 41.10 40.24 8.15
CA ASN C 129 40.47 41.32 8.90
C ASN C 129 41.27 42.61 8.75
N ASN C 130 40.56 43.72 8.55
CA ASN C 130 41.15 45.05 8.57
C ASN C 130 41.34 45.49 10.02
N ALA C 131 41.63 46.78 10.20
CA ALA C 131 41.57 47.36 11.54
C ALA C 131 40.16 47.83 11.87
N THR C 132 39.37 48.20 10.85
CA THR C 132 37.99 48.62 11.05
C THR C 132 37.03 48.05 10.02
N ASN C 133 37.43 47.02 9.26
CA ASN C 133 36.57 46.45 8.22
C ASN C 133 36.80 44.95 8.14
N VAL C 134 35.95 44.26 7.40
CA VAL C 134 36.10 42.84 7.17
C VAL C 134 36.24 42.57 5.68
N VAL C 135 37.17 41.69 5.32
CA VAL C 135 37.41 41.33 3.93
C VAL C 135 37.29 39.83 3.80
N ILE C 136 36.39 39.39 2.93
CA ILE C 136 36.16 37.97 2.67
C ILE C 136 36.40 37.70 1.20
N LYS C 137 37.14 36.62 0.91
CA LYS C 137 37.38 36.19 -0.46
C LYS C 137 37.74 34.72 -0.43
N VAL C 138 37.18 33.97 -1.37
CA VAL C 138 37.38 32.52 -1.40
C VAL C 138 38.08 32.12 -2.69
N CYS C 139 38.93 33.01 -3.20
CA CYS C 139 39.71 32.71 -4.40
C CYS C 139 40.59 31.48 -4.19
N GLU C 140 40.99 30.87 -5.30
CA GLU C 140 41.98 29.80 -5.24
C GLU C 140 43.33 30.39 -4.88
N PHE C 141 43.88 29.97 -3.75
CA PHE C 141 45.07 30.56 -3.17
C PHE C 141 46.22 29.55 -3.14
N GLN C 142 47.41 30.02 -3.51
CA GLN C 142 48.64 29.28 -3.26
C GLN C 142 49.06 29.54 -1.82
N PHE C 143 48.80 28.57 -0.94
CA PHE C 143 48.95 28.79 0.48
C PHE C 143 50.41 29.02 0.85
N CYS C 144 50.60 29.82 1.90
CA CYS C 144 51.91 30.19 2.41
C CYS C 144 52.07 29.58 3.79
N ASN C 145 53.01 28.65 3.93
CA ASN C 145 53.22 27.97 5.21
C ASN C 145 53.51 28.99 6.30
N ASP C 146 52.81 28.83 7.42
CA ASP C 146 52.83 29.77 8.55
C ASP C 146 52.46 31.19 8.05
N PRO C 147 51.22 31.39 7.64
CA PRO C 147 50.83 32.71 7.12
C PRO C 147 50.62 33.71 8.24
N PHE C 148 50.76 34.99 7.90
CA PHE C 148 50.62 36.06 8.87
C PHE C 148 50.40 37.38 8.13
N LEU C 149 49.72 38.30 8.79
CA LEU C 149 49.51 39.64 8.26
C LEU C 149 50.57 40.57 8.82
N ASP C 150 51.36 41.16 7.94
CA ASP C 150 52.46 42.03 8.33
C ASP C 150 52.00 43.48 8.37
N VAL C 151 52.48 44.21 9.37
CA VAL C 151 52.18 45.61 9.56
C VAL C 151 53.47 46.38 9.30
N TYR C 152 53.59 46.99 8.13
CA TYR C 152 54.79 47.73 7.76
C TYR C 152 54.88 49.04 8.53
N GLU C 161 49.30 50.41 7.17
CA GLU C 161 50.51 49.64 6.91
C GLU C 161 50.18 48.16 6.70
N SER C 162 48.88 47.86 6.63
CA SER C 162 48.44 46.49 6.48
C SER C 162 48.82 45.95 5.10
N GLU C 163 49.26 44.69 5.07
CA GLU C 163 49.66 44.04 3.84
C GLU C 163 49.42 42.55 3.99
N PHE C 164 49.39 41.85 2.85
CA PHE C 164 49.16 40.41 2.82
C PHE C 164 50.42 39.69 2.36
N ARG C 165 50.53 38.42 2.71
CA ARG C 165 51.67 37.59 2.35
C ARG C 165 51.27 36.24 1.77
N VAL C 166 50.04 35.79 2.02
CA VAL C 166 49.63 34.47 1.57
C VAL C 166 49.04 34.55 0.16
N TYR C 167 48.68 35.74 -0.30
CA TYR C 167 48.05 35.90 -1.62
C TYR C 167 49.05 35.92 -2.77
N SER C 168 49.92 34.91 -2.85
CA SER C 168 50.91 34.87 -3.92
C SER C 168 50.26 34.73 -5.29
N SER C 169 49.11 34.07 -5.36
CA SER C 169 48.40 33.91 -6.63
C SER C 169 46.93 33.69 -6.33
N ALA C 170 46.11 34.69 -6.64
CA ALA C 170 44.66 34.62 -6.44
C ALA C 170 43.99 34.41 -7.80
N ASN C 171 43.59 33.18 -8.07
CA ASN C 171 42.97 32.82 -9.34
C ASN C 171 41.58 32.27 -9.08
N ASN C 172 40.73 32.36 -10.11
CA ASN C 172 39.37 31.83 -10.06
C ASN C 172 38.61 32.37 -8.86
N CYS C 173 38.65 33.69 -8.67
CA CYS C 173 38.01 34.30 -7.51
C CYS C 173 36.49 34.12 -7.56
N THR C 174 35.87 34.25 -6.40
CA THR C 174 34.42 34.09 -6.28
C THR C 174 33.95 34.79 -5.01
N PHE C 175 32.88 35.57 -5.15
CA PHE C 175 32.16 36.14 -4.02
C PHE C 175 33.06 36.91 -3.05
N GLU C 176 33.63 38.02 -3.50
CA GLU C 176 34.30 38.92 -2.58
C GLU C 176 33.27 39.62 -1.70
N TYR C 177 33.48 39.54 -0.39
CA TYR C 177 32.51 40.06 0.57
C TYR C 177 33.22 41.01 1.54
N VAL C 178 32.58 42.16 1.76
CA VAL C 178 33.10 43.19 2.67
C VAL C 178 31.97 43.63 3.58
N SER C 179 32.27 43.78 4.87
CA SER C 179 31.27 44.22 5.84
C SER C 179 31.99 44.85 7.03
N GLN C 180 31.20 45.32 7.98
CA GLN C 180 31.75 45.94 9.17
C GLN C 180 31.93 44.90 10.27
N PRO C 181 33.05 44.95 11.02
CA PRO C 181 33.29 44.01 12.13
C PRO C 181 32.45 44.30 13.36
N ASN C 195 37.81 41.97 27.45
CA ASN C 195 36.63 41.30 26.91
C ASN C 195 37.02 40.00 26.21
N LEU C 196 36.19 38.98 26.38
CA LEU C 196 36.42 37.67 25.77
C LEU C 196 35.49 37.51 24.57
N ARG C 197 36.04 37.02 23.47
CA ARG C 197 35.30 36.85 22.23
C ARG C 197 35.16 35.36 21.90
N GLU C 198 34.04 35.00 21.29
CA GLU C 198 33.76 33.61 20.93
C GLU C 198 33.28 33.54 19.50
N PHE C 199 33.62 32.45 18.82
CA PHE C 199 33.24 32.25 17.43
C PHE C 199 32.93 30.78 17.17
N VAL C 200 31.94 30.55 16.31
CA VAL C 200 31.53 29.21 15.91
C VAL C 200 31.40 29.19 14.39
N PHE C 201 31.95 28.15 13.77
CA PHE C 201 31.94 28.01 12.32
C PHE C 201 31.23 26.72 11.91
N LYS C 202 30.44 26.78 10.85
CA LYS C 202 29.71 25.64 10.34
C LYS C 202 29.64 25.71 8.82
N ASN C 203 29.71 24.55 8.18
CA ASN C 203 29.60 24.46 6.73
C ASN C 203 28.77 23.27 6.27
N ILE C 204 28.07 22.58 7.18
CA ILE C 204 27.43 21.30 6.83
C ILE C 204 26.23 21.43 5.90
N ASP C 205 25.66 22.62 5.76
CA ASP C 205 24.45 22.80 4.98
C ASP C 205 24.71 23.22 3.54
N GLY C 206 25.87 23.80 3.24
CA GLY C 206 26.14 24.34 1.92
C GLY C 206 26.54 25.80 2.00
N TYR C 207 26.19 26.43 3.11
CA TYR C 207 26.58 27.80 3.41
C TYR C 207 27.77 27.78 4.36
N PHE C 208 28.14 28.96 4.87
CA PHE C 208 29.18 29.08 5.88
C PHE C 208 28.63 29.93 7.03
N LYS C 209 28.32 29.28 8.15
CA LYS C 209 27.72 29.94 9.29
C LYS C 209 28.80 30.42 10.25
N ILE C 210 28.64 31.63 10.76
CA ILE C 210 29.55 32.21 11.74
C ILE C 210 28.71 32.86 12.84
N TYR C 211 28.99 32.48 14.09
CA TYR C 211 28.30 33.03 15.25
C TYR C 211 29.32 33.68 16.17
N SER C 212 28.95 34.81 16.75
CA SER C 212 29.87 35.57 17.59
C SER C 212 29.15 36.12 18.79
N LYS C 213 29.93 36.48 19.81
CA LYS C 213 29.41 37.07 21.03
C LYS C 213 30.55 37.73 21.79
N HIS C 214 30.30 38.92 22.31
CA HIS C 214 31.28 39.68 23.06
C HIS C 214 30.74 39.96 24.46
N THR C 215 31.44 39.43 25.47
CA THR C 215 31.04 39.56 26.86
C THR C 215 32.26 39.92 27.70
N PRO C 216 32.08 40.72 28.74
CA PRO C 216 33.20 41.01 29.63
C PRO C 216 33.49 39.85 30.57
N ILE C 217 34.76 39.75 30.96
CA ILE C 217 35.24 38.66 31.81
C ILE C 217 35.93 39.25 33.03
N ASN C 218 35.90 38.50 34.13
CA ASN C 218 36.58 38.89 35.36
C ASN C 218 37.79 38.03 35.69
N LEU C 219 37.89 36.85 35.09
CA LEU C 219 39.07 36.00 35.29
C LEU C 219 40.25 36.55 34.53
N GLU C 220 41.40 35.87 34.67
CA GLU C 220 42.61 36.33 33.99
C GLU C 220 42.62 35.90 32.53
N ARG C 221 42.70 34.60 32.26
CA ARG C 221 42.74 34.10 30.89
C ARG C 221 41.81 32.92 30.70
N ASP C 222 41.32 32.35 31.80
CA ASP C 222 40.47 31.17 31.72
C ASP C 222 39.10 31.52 31.16
N LEU C 223 38.40 30.50 30.67
CA LEU C 223 37.07 30.70 30.12
C LEU C 223 36.09 31.07 31.23
N PRO C 224 35.10 31.92 30.95
CA PRO C 224 34.18 32.34 32.02
C PRO C 224 33.25 31.20 32.44
N GLN C 225 33.00 31.13 33.74
CA GLN C 225 32.08 30.13 34.31
C GLN C 225 30.66 30.70 34.27
N GLY C 226 30.13 30.80 33.06
CA GLY C 226 28.79 31.33 32.89
C GLY C 226 28.15 30.82 31.63
N PHE C 227 27.20 31.59 31.13
CA PHE C 227 26.46 31.23 29.92
C PHE C 227 26.27 32.47 29.05
N SER C 228 26.43 32.29 27.74
CA SER C 228 26.23 33.37 26.78
C SER C 228 25.99 32.80 25.39
N ALA C 229 24.82 33.07 24.82
CA ALA C 229 24.46 32.54 23.52
C ALA C 229 25.10 33.36 22.40
N LEU C 230 25.55 32.66 21.36
CA LEU C 230 26.17 33.33 20.22
C LEU C 230 25.14 33.57 19.13
N GLU C 231 25.16 34.77 18.56
CA GLU C 231 24.20 35.19 17.54
C GLU C 231 24.83 35.12 16.15
N PRO C 232 24.07 34.67 15.14
CA PRO C 232 24.63 34.64 13.79
C PRO C 232 24.82 36.03 13.22
N LEU C 233 25.95 36.24 12.56
CA LEU C 233 26.25 37.56 12.01
C LEU C 233 26.82 37.52 10.59
N VAL C 234 27.04 36.34 10.02
CA VAL C 234 27.67 36.27 8.70
C VAL C 234 26.80 35.52 7.70
N ASP C 235 26.66 34.21 7.90
CA ASP C 235 25.82 33.34 7.06
C ASP C 235 26.11 33.57 5.57
N LEU C 236 27.34 33.21 5.15
CA LEU C 236 27.73 33.44 3.77
C LEU C 236 27.36 32.27 2.87
N PRO C 237 27.06 32.53 1.59
CA PRO C 237 26.69 31.46 0.66
C PRO C 237 27.87 30.72 0.05
N ILE C 238 29.04 30.81 0.67
CA ILE C 238 30.23 30.13 0.17
C ILE C 238 29.93 28.63 0.07
N GLY C 239 30.17 28.06 -1.10
CA GLY C 239 29.91 26.66 -1.36
C GLY C 239 31.12 25.76 -1.44
N ILE C 240 32.12 25.97 -0.58
CA ILE C 240 33.35 25.19 -0.65
C ILE C 240 33.35 24.12 0.44
N ASN C 241 33.80 22.93 0.08
CA ASN C 241 33.94 21.83 1.03
C ASN C 241 35.20 22.06 1.85
N ILE C 242 35.03 22.37 3.13
CA ILE C 242 36.12 22.77 4.01
C ILE C 242 36.49 21.58 4.89
N THR C 243 37.80 21.31 5.01
CA THR C 243 38.28 20.23 5.86
C THR C 243 39.51 20.61 6.68
N ARG C 244 40.01 21.83 6.57
CA ARG C 244 41.18 22.26 7.33
C ARG C 244 41.01 23.70 7.74
N PHE C 245 41.66 24.07 8.85
CA PHE C 245 41.50 25.40 9.43
C PHE C 245 42.82 25.85 10.02
N GLN C 246 43.11 27.15 9.87
CA GLN C 246 44.32 27.74 10.42
C GLN C 246 44.09 29.22 10.65
N THR C 247 44.55 29.73 11.79
CA THR C 247 44.33 31.11 12.14
C THR C 247 45.42 32.01 11.57
N LEU C 248 45.16 33.32 11.58
CA LEU C 248 46.09 34.33 11.09
C LEU C 248 46.45 35.26 12.22
N LEU C 249 47.75 35.46 12.44
CA LEU C 249 48.23 36.36 13.46
C LEU C 249 48.85 37.60 12.82
N ALA C 250 48.73 38.73 13.52
CA ALA C 250 49.27 40.00 13.03
C ALA C 250 50.68 40.18 13.57
N LEU C 251 51.67 40.10 12.67
CA LEU C 251 53.07 40.25 13.04
C LEU C 251 53.58 41.60 12.56
N HIS C 252 54.34 42.28 13.42
CA HIS C 252 54.89 43.58 13.07
C HIS C 252 56.26 43.43 12.41
N ARG C 253 56.30 42.76 11.27
CA ARG C 253 57.52 42.46 10.51
C ARG C 253 58.69 42.12 11.43
N SER C 254 58.47 41.11 12.28
CA SER C 254 59.45 40.67 13.27
C SER C 254 59.87 41.81 14.18
N GLY C 268 53.92 31.26 23.85
CA GLY C 268 53.95 32.27 24.89
C GLY C 268 53.19 33.54 24.52
N ALA C 269 52.62 33.55 23.32
CA ALA C 269 51.86 34.68 22.83
C ALA C 269 50.77 34.19 21.90
N ALA C 270 49.78 35.06 21.69
CA ALA C 270 48.63 34.79 20.82
C ALA C 270 47.91 33.51 21.25
N ALA C 271 47.40 33.55 22.47
CA ALA C 271 46.69 32.41 23.03
C ALA C 271 45.25 32.39 22.52
N TYR C 272 44.81 31.24 22.04
CA TYR C 272 43.45 31.06 21.57
C TYR C 272 42.99 29.65 21.84
N TYR C 273 41.68 29.47 22.00
CA TYR C 273 41.07 28.20 22.32
C TYR C 273 40.36 27.64 21.11
N VAL C 274 40.47 26.33 20.91
CA VAL C 274 39.86 25.64 19.77
C VAL C 274 39.06 24.45 20.29
N GLY C 275 37.79 24.39 19.89
CA GLY C 275 36.95 23.26 20.24
C GLY C 275 36.23 22.74 19.01
N TYR C 276 35.92 21.45 19.05
CA TYR C 276 35.29 20.76 17.93
C TYR C 276 33.85 20.43 18.25
N LEU C 277 32.97 20.57 17.27
CA LEU C 277 31.55 20.35 17.45
C LEU C 277 31.17 18.93 17.07
N GLN C 278 30.16 18.40 17.76
CA GLN C 278 29.65 17.06 17.54
C GLN C 278 28.12 17.10 17.56
N PRO C 279 27.46 16.18 16.85
CA PRO C 279 26.00 16.16 16.86
C PRO C 279 25.43 15.74 18.21
N ARG C 280 24.84 16.69 18.93
CA ARG C 280 24.32 16.46 20.27
C ARG C 280 22.93 17.03 20.38
N THR C 281 22.16 16.51 21.34
CA THR C 281 20.81 16.97 21.61
C THR C 281 20.83 17.87 22.83
N PHE C 282 20.38 19.11 22.66
CA PHE C 282 20.39 20.11 23.72
C PHE C 282 18.98 20.57 24.03
N LEU C 283 18.75 20.90 25.29
CA LEU C 283 17.49 21.48 25.76
C LEU C 283 17.73 22.95 26.07
N LEU C 284 17.25 23.82 25.18
CA LEU C 284 17.48 25.26 25.28
C LEU C 284 16.31 25.93 25.95
N LYS C 285 16.59 26.80 26.92
CA LYS C 285 15.56 27.58 27.59
C LYS C 285 15.58 29.00 27.02
N TYR C 286 14.43 29.43 26.50
CA TYR C 286 14.29 30.76 25.93
C TYR C 286 13.61 31.68 26.95
N ASN C 287 14.01 32.94 26.95
CA ASN C 287 13.42 33.91 27.85
C ASN C 287 12.13 34.48 27.25
N GLU C 288 11.55 35.44 27.96
CA GLU C 288 10.31 36.06 27.48
C GLU C 288 10.59 36.98 26.30
N ASN C 289 11.83 37.42 26.13
CA ASN C 289 12.21 38.27 25.02
C ASN C 289 12.85 37.51 23.87
N GLY C 290 13.07 36.20 24.02
CA GLY C 290 13.63 35.40 22.95
C GLY C 290 15.11 35.12 23.05
N THR C 291 15.72 35.33 24.21
CA THR C 291 17.14 35.08 24.40
C THR C 291 17.34 33.83 25.24
N ILE C 292 18.39 33.07 24.91
CA ILE C 292 18.67 31.83 25.61
C ILE C 292 19.41 32.15 26.90
N THR C 293 18.85 31.72 28.03
CA THR C 293 19.43 31.97 29.34
C THR C 293 20.28 30.82 29.85
N ASP C 294 19.91 29.58 29.54
CA ASP C 294 20.67 28.41 29.97
C ASP C 294 20.29 27.23 29.09
N ALA C 295 21.14 26.21 29.11
CA ALA C 295 20.95 25.03 28.29
C ALA C 295 21.38 23.80 29.05
N VAL C 296 21.02 22.64 28.52
CA VAL C 296 21.34 21.34 29.13
C VAL C 296 21.82 20.40 28.05
N ASP C 297 23.04 19.88 28.22
CA ASP C 297 23.57 18.85 27.33
C ASP C 297 23.04 17.51 27.80
N CYS C 298 22.04 16.99 27.09
CA CYS C 298 21.33 15.80 27.55
C CYS C 298 22.20 14.56 27.61
N ALA C 299 23.31 14.52 26.87
CA ALA C 299 24.19 13.36 26.88
C ALA C 299 25.33 13.48 27.88
N LEU C 300 25.25 14.42 28.83
CA LEU C 300 26.35 14.62 29.77
C LEU C 300 26.28 13.63 30.92
N ASP C 301 25.21 13.68 31.70
CA ASP C 301 25.08 12.85 32.89
C ASP C 301 23.63 12.38 32.98
N PRO C 302 23.35 11.34 33.78
CA PRO C 302 21.96 10.87 33.90
C PRO C 302 20.98 11.94 34.36
N LEU C 303 21.45 12.95 35.10
CA LEU C 303 20.55 14.03 35.51
C LEU C 303 20.10 14.85 34.31
N SER C 304 21.00 15.10 33.36
CA SER C 304 20.61 15.81 32.15
C SER C 304 19.68 14.95 31.29
N GLU C 305 19.91 13.64 31.27
CA GLU C 305 18.98 12.74 30.60
C GLU C 305 17.59 12.81 31.22
N THR C 306 17.53 13.02 32.53
CA THR C 306 16.24 13.15 33.20
C THR C 306 15.58 14.49 32.85
N LYS C 307 16.37 15.57 32.83
CA LYS C 307 15.83 16.87 32.46
C LYS C 307 15.44 16.90 30.99
N CYS C 308 15.97 15.97 30.19
CA CYS C 308 15.61 15.91 28.78
C CYS C 308 14.23 15.31 28.58
N THR C 309 13.95 14.19 29.25
CA THR C 309 12.65 13.54 29.11
C THR C 309 11.54 14.39 29.72
N LEU C 310 11.77 14.91 30.92
CA LEU C 310 10.79 15.77 31.58
C LEU C 310 10.66 17.14 30.92
N LYS C 311 11.65 17.55 30.13
CA LYS C 311 11.67 18.86 29.47
C LYS C 311 11.52 19.98 30.50
N SER C 312 12.34 19.90 31.55
CA SER C 312 12.33 20.89 32.61
C SER C 312 13.69 20.92 33.29
N PHE C 313 14.14 22.13 33.61
CA PHE C 313 15.41 22.32 34.29
C PHE C 313 15.36 21.93 35.76
N THR C 314 14.18 21.96 36.38
CA THR C 314 14.00 21.55 37.76
C THR C 314 13.26 20.23 37.81
N VAL C 315 13.89 19.23 38.43
CA VAL C 315 13.33 17.89 38.54
C VAL C 315 12.89 17.68 39.98
N GLU C 316 11.65 17.24 40.16
CA GLU C 316 11.13 16.96 41.49
C GLU C 316 11.64 15.62 41.99
N LYS C 317 11.55 15.42 43.30
CA LYS C 317 12.05 14.19 43.91
C LYS C 317 11.23 12.99 43.47
N GLY C 318 11.91 12.02 42.86
CA GLY C 318 11.23 10.82 42.42
C GLY C 318 12.15 9.99 41.54
N ILE C 319 11.57 8.92 41.00
CA ILE C 319 12.26 8.01 40.09
C ILE C 319 11.63 8.15 38.71
N TYR C 320 12.45 8.34 37.69
CA TYR C 320 11.99 8.64 36.34
C TYR C 320 12.62 7.68 35.35
N GLN C 321 11.78 6.96 34.60
CA GLN C 321 12.27 6.13 33.51
C GLN C 321 12.88 7.01 32.43
N THR C 322 14.12 6.74 32.08
CA THR C 322 14.83 7.65 31.17
C THR C 322 15.25 6.99 29.87
N SER C 323 15.91 5.83 29.93
CA SER C 323 16.41 5.19 28.72
C SER C 323 16.29 3.69 28.87
N ASN C 324 16.70 2.97 27.82
CA ASN C 324 16.61 1.52 27.76
C ASN C 324 18.01 0.92 27.67
N PHE C 325 18.32 0.02 28.60
CA PHE C 325 19.58 -0.69 28.58
C PHE C 325 19.42 -2.01 27.84
N ARG C 326 20.45 -2.38 27.08
CA ARG C 326 20.42 -3.63 26.33
C ARG C 326 21.84 -4.06 26.03
N VAL C 327 22.12 -5.35 26.25
CA VAL C 327 23.44 -5.90 25.98
C VAL C 327 23.50 -6.38 24.53
N GLN C 328 24.53 -5.97 23.81
CA GLN C 328 24.68 -6.34 22.42
C GLN C 328 25.44 -7.65 22.27
N PRO C 329 25.17 -8.41 21.20
CA PRO C 329 25.91 -9.66 20.96
C PRO C 329 27.40 -9.40 20.78
N THR C 330 28.24 -10.11 21.54
CA THR C 330 29.67 -9.88 21.51
C THR C 330 30.39 -10.72 20.47
N GLU C 331 30.03 -12.00 20.33
CA GLU C 331 30.73 -12.90 19.42
C GLU C 331 29.69 -13.61 18.56
N SER C 332 30.16 -14.61 17.80
CA SER C 332 29.30 -15.44 16.97
C SER C 332 29.73 -16.89 17.12
N ILE C 333 28.74 -17.79 17.16
CA ILE C 333 28.98 -19.21 17.36
C ILE C 333 28.33 -19.97 16.21
N VAL C 334 29.09 -20.86 15.58
CA VAL C 334 28.60 -21.72 14.51
C VAL C 334 28.91 -23.16 14.91
N ARG C 335 27.86 -23.99 14.96
CA ARG C 335 27.99 -25.37 15.39
C ARG C 335 27.33 -26.28 14.37
N PHE C 336 28.00 -27.37 14.03
CA PHE C 336 27.48 -28.35 13.07
C PHE C 336 28.03 -29.71 13.45
N PRO C 337 27.35 -30.79 13.05
CA PRO C 337 27.80 -32.14 13.41
C PRO C 337 29.19 -32.48 12.88
N ASN C 338 29.76 -33.58 13.38
CA ASN C 338 31.09 -34.00 12.96
C ASN C 338 31.08 -34.41 11.49
N ILE C 339 32.23 -34.28 10.85
CA ILE C 339 32.41 -34.72 9.47
C ILE C 339 32.54 -36.24 9.47
N THR C 340 31.76 -36.92 8.63
CA THR C 340 31.75 -38.38 8.63
C THR C 340 31.77 -38.89 7.19
N ASN C 341 32.14 -40.17 7.05
CA ASN C 341 32.14 -40.95 5.82
C ASN C 341 33.25 -40.53 4.87
N LEU C 342 33.93 -39.43 5.19
CA LEU C 342 35.22 -39.08 4.61
C LEU C 342 35.28 -39.01 3.09
N CYS C 343 34.14 -39.12 2.40
CA CYS C 343 34.10 -39.02 0.93
C CYS C 343 35.10 -39.95 0.27
N PRO C 344 34.78 -41.23 0.11
CA PRO C 344 35.81 -42.23 -0.22
C PRO C 344 36.43 -42.05 -1.61
N PHE C 345 36.28 -40.87 -2.20
CA PHE C 345 37.03 -40.50 -3.40
C PHE C 345 38.50 -40.91 -3.30
N HIS C 346 39.07 -40.86 -2.10
CA HIS C 346 40.47 -41.26 -1.91
C HIS C 346 40.70 -42.68 -2.42
N GLU C 347 39.75 -43.59 -2.16
CA GLU C 347 39.88 -44.94 -2.66
C GLU C 347 39.71 -45.05 -4.17
N VAL C 348 39.14 -44.01 -4.80
CA VAL C 348 38.96 -44.05 -6.25
C VAL C 348 40.27 -43.77 -6.97
N PHE C 349 41.08 -42.87 -6.43
CA PHE C 349 42.34 -42.48 -7.07
C PHE C 349 43.44 -43.52 -6.82
N ASN C 350 43.80 -43.73 -5.56
CA ASN C 350 44.86 -44.67 -5.21
C ASN C 350 44.35 -46.08 -4.93
N ALA C 351 43.60 -46.67 -5.86
CA ALA C 351 43.12 -48.02 -5.67
C ALA C 351 44.20 -49.06 -5.93
N THR C 352 45.27 -48.69 -6.63
CA THR C 352 46.42 -49.54 -6.95
C THR C 352 46.02 -50.67 -7.91
N THR C 353 44.74 -50.77 -8.23
CA THR C 353 44.26 -51.71 -9.24
C THR C 353 43.24 -50.98 -10.13
N PHE C 354 43.77 -50.35 -11.17
CA PHE C 354 42.92 -49.53 -12.04
C PHE C 354 42.30 -50.39 -13.13
N ALA C 355 41.06 -50.05 -13.49
CA ALA C 355 40.35 -50.77 -14.52
C ALA C 355 40.77 -50.27 -15.91
N SER C 356 40.22 -50.91 -16.93
CA SER C 356 40.49 -50.56 -18.31
C SER C 356 39.30 -49.81 -18.90
N VAL C 357 39.52 -49.18 -20.06
CA VAL C 357 38.52 -48.33 -20.67
C VAL C 357 37.30 -49.10 -21.15
N TYR C 358 37.43 -50.40 -21.39
CA TYR C 358 36.29 -51.16 -21.89
C TYR C 358 35.35 -51.56 -20.77
N ALA C 359 35.86 -51.67 -19.54
CA ALA C 359 35.08 -52.11 -18.38
C ALA C 359 35.35 -51.15 -17.21
N TRP C 360 35.24 -49.85 -17.49
CA TRP C 360 35.54 -48.84 -16.48
C TRP C 360 34.59 -48.96 -15.30
N ASN C 361 35.10 -48.66 -14.10
CA ASN C 361 34.30 -48.73 -12.89
C ASN C 361 33.40 -47.50 -12.77
N ARG C 362 32.28 -47.66 -12.08
CA ARG C 362 31.26 -46.62 -11.99
C ARG C 362 30.81 -46.48 -10.53
N LYS C 363 31.77 -46.36 -9.62
CA LYS C 363 31.45 -46.21 -8.20
C LYS C 363 30.63 -44.95 -7.95
N ARG C 364 29.54 -45.12 -7.21
CA ARG C 364 28.67 -44.02 -6.82
C ARG C 364 29.02 -43.59 -5.40
N ILE C 365 29.08 -42.28 -5.18
CA ILE C 365 29.47 -41.71 -3.89
C ILE C 365 28.36 -40.81 -3.39
N SER C 366 27.97 -41.01 -2.13
CA SER C 366 26.95 -40.18 -1.50
C SER C 366 27.15 -40.22 0.01
N ASN C 367 26.42 -39.35 0.71
CA ASN C 367 26.42 -39.27 2.17
C ASN C 367 27.82 -38.96 2.70
N CYS C 368 28.41 -37.89 2.16
CA CYS C 368 29.71 -37.39 2.60
C CYS C 368 29.79 -35.94 2.15
N VAL C 369 30.63 -35.15 2.82
CA VAL C 369 30.49 -33.71 2.58
C VAL C 369 31.26 -33.26 1.35
N ALA C 370 32.58 -33.04 1.48
CA ALA C 370 33.41 -32.98 0.28
C ALA C 370 34.82 -33.53 0.48
N ASP C 371 35.47 -33.08 1.56
CA ASP C 371 36.93 -33.14 1.74
C ASP C 371 37.65 -33.01 0.40
N TYR C 372 37.30 -31.97 -0.39
CA TYR C 372 37.87 -31.83 -1.73
C TYR C 372 39.36 -31.54 -1.71
N SER C 373 39.93 -31.25 -0.54
CA SER C 373 41.36 -30.98 -0.48
C SER C 373 42.18 -32.24 -0.74
N VAL C 374 41.58 -33.42 -0.56
CA VAL C 374 42.32 -34.66 -0.78
C VAL C 374 42.51 -34.91 -2.27
N ILE C 375 41.72 -34.25 -3.12
CA ILE C 375 41.86 -34.42 -4.57
C ILE C 375 43.12 -33.72 -5.06
N TYR C 376 43.28 -32.45 -4.69
CA TYR C 376 44.44 -31.69 -5.16
C TYR C 376 45.73 -32.20 -4.54
N ASN C 377 45.65 -32.73 -3.31
CA ASN C 377 46.86 -33.21 -2.63
C ASN C 377 47.23 -34.63 -3.03
N PHE C 378 46.58 -35.19 -4.05
CA PHE C 378 46.90 -36.56 -4.47
C PHE C 378 48.19 -36.60 -5.28
N ALA C 379 48.21 -35.92 -6.42
CA ALA C 379 49.37 -35.93 -7.30
C ALA C 379 49.28 -34.75 -8.25
N PRO C 380 50.42 -34.28 -8.78
CA PRO C 380 50.37 -33.18 -9.77
C PRO C 380 49.85 -33.67 -11.11
N PHE C 381 48.53 -33.68 -11.25
CA PHE C 381 47.89 -34.25 -12.43
C PHE C 381 48.32 -33.53 -13.70
N PHE C 382 48.34 -34.28 -14.80
CA PHE C 382 48.71 -33.71 -16.10
C PHE C 382 47.53 -32.99 -16.75
N ALA C 383 46.32 -33.49 -16.54
CA ALA C 383 45.13 -32.91 -17.14
C ALA C 383 44.07 -32.72 -16.07
N PHE C 384 43.54 -31.50 -15.99
CA PHE C 384 42.48 -31.18 -15.04
C PHE C 384 41.58 -30.12 -15.68
N LYS C 385 40.31 -30.47 -15.89
CA LYS C 385 39.38 -29.58 -16.54
C LYS C 385 37.96 -29.99 -16.20
N CYS C 386 37.12 -29.00 -15.89
CA CYS C 386 35.71 -29.23 -15.61
C CYS C 386 34.89 -28.72 -16.79
N TYR C 387 33.64 -29.19 -16.87
CA TYR C 387 32.79 -28.88 -18.01
C TYR C 387 31.39 -28.46 -17.59
N GLY C 388 31.28 -27.56 -16.61
CA GLY C 388 29.97 -27.07 -16.22
C GLY C 388 29.85 -26.69 -14.76
N VAL C 389 30.76 -27.20 -13.94
CA VAL C 389 30.82 -26.85 -12.52
C VAL C 389 32.15 -26.17 -12.26
N SER C 390 32.10 -24.95 -11.75
CA SER C 390 33.31 -24.20 -11.47
C SER C 390 34.09 -24.87 -10.35
N PRO C 391 35.31 -25.36 -10.60
CA PRO C 391 36.08 -26.00 -9.52
C PRO C 391 36.40 -25.05 -8.38
N THR C 392 36.47 -23.74 -8.65
CA THR C 392 36.64 -22.78 -7.58
C THR C 392 35.39 -22.66 -6.72
N LYS C 393 34.23 -23.04 -7.24
CA LYS C 393 32.98 -23.00 -6.51
C LYS C 393 32.41 -24.39 -6.26
N LEU C 394 33.24 -25.43 -6.20
CA LEU C 394 32.74 -26.78 -6.00
C LEU C 394 32.32 -27.00 -4.55
N ASN C 395 33.20 -26.63 -3.61
CA ASN C 395 32.91 -26.84 -2.18
C ASN C 395 31.77 -25.97 -1.68
N ASP C 396 31.30 -25.00 -2.46
CA ASP C 396 30.19 -24.15 -2.06
C ASP C 396 28.84 -24.68 -2.48
N LEU C 397 28.76 -25.31 -3.66
CA LEU C 397 27.50 -25.86 -4.14
C LEU C 397 27.24 -27.23 -3.50
N CYS C 398 26.11 -27.83 -3.86
CA CYS C 398 25.74 -29.13 -3.32
C CYS C 398 25.07 -29.95 -4.42
N PHE C 399 25.34 -31.26 -4.41
CA PHE C 399 24.83 -32.16 -5.43
C PHE C 399 24.18 -33.37 -4.76
N THR C 400 23.32 -34.05 -5.50
CA THR C 400 22.62 -35.22 -4.97
C THR C 400 23.44 -36.48 -5.12
N ASN C 401 24.04 -36.71 -6.29
CA ASN C 401 24.86 -37.90 -6.51
C ASN C 401 26.09 -37.50 -7.30
N VAL C 402 27.24 -38.02 -6.88
CA VAL C 402 28.50 -37.78 -7.55
C VAL C 402 29.08 -39.12 -7.99
N TYR C 403 29.24 -39.30 -9.30
CA TYR C 403 29.74 -40.53 -9.89
C TYR C 403 31.23 -40.40 -10.17
N ALA C 404 31.97 -41.46 -9.90
CA ALA C 404 33.41 -41.50 -10.13
C ALA C 404 33.74 -42.64 -11.08
N ASP C 405 34.27 -42.31 -12.25
CA ASP C 405 34.63 -43.28 -13.26
C ASP C 405 36.14 -43.33 -13.38
N SER C 406 36.71 -44.53 -13.36
CA SER C 406 38.15 -44.73 -13.39
C SER C 406 38.53 -45.69 -14.50
N PHE C 407 39.50 -45.30 -15.32
CA PHE C 407 39.99 -46.13 -16.41
C PHE C 407 41.33 -45.59 -16.88
N VAL C 408 42.00 -46.37 -17.73
CA VAL C 408 43.31 -46.03 -18.27
C VAL C 408 43.19 -45.95 -19.79
N ILE C 409 43.92 -44.99 -20.39
CA ILE C 409 43.94 -44.82 -21.84
C ILE C 409 45.36 -44.43 -22.26
N ARG C 410 45.54 -44.37 -23.58
CA ARG C 410 46.85 -44.02 -24.14
C ARG C 410 47.09 -42.52 -24.01
N GLY C 411 48.36 -42.12 -23.99
CA GLY C 411 48.71 -40.71 -23.84
C GLY C 411 48.11 -39.82 -24.89
N ASN C 412 48.02 -40.27 -26.14
CA ASN C 412 47.35 -39.49 -27.16
C ASN C 412 45.84 -39.48 -26.97
N GLU C 413 45.30 -40.43 -26.20
CA GLU C 413 43.86 -40.51 -25.98
C GLU C 413 43.40 -39.73 -24.75
N VAL C 414 44.30 -39.00 -24.08
CA VAL C 414 43.86 -38.16 -22.97
C VAL C 414 42.92 -37.06 -23.43
N SER C 415 42.95 -36.70 -24.71
CA SER C 415 42.00 -35.75 -25.26
C SER C 415 40.66 -36.44 -25.51
N GLN C 416 39.76 -35.70 -26.15
CA GLN C 416 38.44 -36.16 -26.60
C GLN C 416 37.64 -36.85 -25.50
N ILE C 417 38.06 -36.69 -24.24
CA ILE C 417 37.23 -37.04 -23.10
C ILE C 417 36.48 -35.79 -22.69
N ALA C 418 35.38 -35.51 -23.37
CA ALA C 418 34.65 -34.25 -23.26
C ALA C 418 33.37 -34.35 -24.06
N PRO C 419 32.44 -33.39 -23.93
CA PRO C 419 31.25 -33.41 -24.79
C PRO C 419 31.57 -33.44 -26.28
N GLY C 420 32.77 -33.03 -26.68
CA GLY C 420 33.18 -33.11 -28.07
C GLY C 420 33.33 -34.53 -28.56
N GLN C 421 32.44 -34.96 -29.44
CA GLN C 421 32.45 -36.33 -29.95
C GLN C 421 33.50 -36.48 -31.04
N THR C 422 33.43 -37.58 -31.80
CA THR C 422 34.37 -37.91 -32.87
C THR C 422 35.80 -38.05 -32.31
N GLY C 423 35.93 -39.01 -31.43
CA GLY C 423 37.23 -39.32 -30.84
C GLY C 423 37.59 -40.77 -31.10
N ASN C 424 38.89 -41.05 -30.98
CA ASN C 424 39.37 -42.42 -31.21
C ASN C 424 38.87 -43.39 -30.15
N ILE C 425 38.49 -42.90 -28.98
CA ILE C 425 37.96 -43.74 -27.91
C ILE C 425 36.53 -43.37 -27.55
N ALA C 426 36.21 -42.07 -27.55
CA ALA C 426 34.90 -41.62 -27.10
C ALA C 426 33.78 -42.19 -27.95
N ASP C 427 34.05 -42.48 -29.22
CA ASP C 427 33.04 -43.06 -30.10
C ASP C 427 32.83 -44.55 -29.84
N TYR C 428 33.65 -45.18 -29.01
CA TYR C 428 33.57 -46.63 -28.83
C TYR C 428 33.23 -47.01 -27.39
N ASN C 429 33.94 -46.43 -26.41
CA ASN C 429 33.83 -46.89 -25.04
C ASN C 429 33.19 -45.87 -24.12
N TYR C 430 33.79 -44.68 -24.00
CA TYR C 430 33.36 -43.70 -23.01
C TYR C 430 32.97 -42.40 -23.70
N LYS C 431 31.67 -42.28 -23.93
CA LYS C 431 31.12 -41.11 -24.62
C LYS C 431 30.52 -40.15 -23.60
N LEU C 432 31.01 -38.91 -23.58
CA LEU C 432 30.45 -37.90 -22.71
C LEU C 432 29.24 -37.23 -23.37
N PRO C 433 28.19 -36.95 -22.60
CA PRO C 433 27.00 -36.31 -23.18
C PRO C 433 27.29 -34.87 -23.58
N ASP C 434 26.35 -34.31 -24.35
CA ASP C 434 26.48 -32.93 -24.79
C ASP C 434 26.52 -31.97 -23.62
N ASP C 435 25.75 -32.24 -22.57
CA ASP C 435 25.74 -31.44 -21.35
C ASP C 435 26.26 -32.31 -20.21
N PHE C 436 27.58 -32.27 -19.99
CA PHE C 436 28.23 -33.10 -18.97
C PHE C 436 28.78 -32.17 -17.89
N THR C 437 27.99 -31.98 -16.82
CA THR C 437 28.41 -31.16 -15.69
C THR C 437 29.32 -31.98 -14.78
N GLY C 438 30.60 -31.96 -15.09
CA GLY C 438 31.56 -32.71 -14.32
C GLY C 438 32.97 -32.24 -14.58
N CYS C 439 33.92 -33.03 -14.10
CA CYS C 439 35.34 -32.74 -14.26
C CYS C 439 36.08 -34.01 -14.66
N VAL C 440 37.22 -33.83 -15.31
CA VAL C 440 38.07 -34.92 -15.76
C VAL C 440 39.46 -34.72 -15.20
N ILE C 441 40.01 -35.75 -14.58
CA ILE C 441 41.33 -35.71 -13.94
C ILE C 441 42.16 -36.86 -14.49
N ALA C 442 43.41 -36.59 -14.81
CA ALA C 442 44.31 -37.62 -15.33
C ALA C 442 45.75 -37.28 -14.95
N TRP C 443 46.52 -38.32 -14.64
CA TRP C 443 47.92 -38.14 -14.28
C TRP C 443 48.74 -39.25 -14.92
N ASN C 444 50.07 -39.07 -14.89
CA ASN C 444 50.97 -40.00 -15.57
C ASN C 444 50.94 -41.35 -14.88
N SER C 445 50.68 -42.40 -15.66
CA SER C 445 50.61 -43.76 -15.14
C SER C 445 51.71 -44.66 -15.68
N ASN C 446 52.83 -44.09 -16.14
CA ASN C 446 53.91 -44.91 -16.70
C ASN C 446 54.61 -45.70 -15.60
N LYS C 447 54.94 -45.04 -14.48
CA LYS C 447 55.68 -45.71 -13.42
C LYS C 447 54.83 -46.72 -12.66
N LEU C 448 53.51 -46.71 -12.83
CA LEU C 448 52.62 -47.65 -12.15
C LEU C 448 52.46 -48.96 -12.93
N ASP C 449 52.25 -48.87 -14.24
CA ASP C 449 52.07 -50.06 -15.06
C ASP C 449 53.33 -50.43 -15.85
N SER C 450 54.51 -50.21 -15.29
CA SER C 450 55.76 -50.50 -15.98
C SER C 450 56.06 -51.99 -15.98
N LYS C 451 55.31 -52.77 -16.77
CA LYS C 451 55.56 -54.20 -16.88
C LYS C 451 56.18 -54.48 -18.25
N PRO C 452 57.48 -54.78 -18.32
CA PRO C 452 58.09 -55.05 -19.63
C PRO C 452 57.52 -56.31 -20.27
N SER C 453 57.12 -56.18 -21.55
CA SER C 453 56.55 -57.27 -22.33
C SER C 453 55.28 -57.84 -21.70
N GLY C 454 54.63 -57.08 -20.84
CA GLY C 454 53.41 -57.54 -20.19
C GLY C 454 52.22 -57.61 -21.12
N ASN C 455 51.73 -56.43 -21.55
CA ASN C 455 50.64 -56.31 -22.50
C ASN C 455 49.33 -56.88 -21.96
N TYR C 456 49.32 -57.31 -20.70
CA TYR C 456 48.10 -57.84 -20.12
C TYR C 456 47.39 -56.77 -19.28
N ASN C 457 46.23 -57.16 -18.74
CA ASN C 457 45.39 -56.27 -17.93
C ASN C 457 45.00 -55.01 -18.69
N TYR C 458 44.79 -55.12 -19.99
CA TYR C 458 44.43 -53.99 -20.83
C TYR C 458 43.61 -54.45 -22.02
N LEU C 459 42.48 -53.77 -22.22
CA LEU C 459 41.65 -53.96 -23.41
C LEU C 459 41.19 -52.59 -23.88
N TYR C 460 41.00 -52.47 -25.20
CA TYR C 460 40.76 -51.14 -25.75
C TYR C 460 39.49 -51.02 -26.60
N ARG C 461 38.94 -52.12 -27.12
CA ARG C 461 37.74 -52.07 -27.94
C ARG C 461 37.93 -51.12 -29.12
N LEU C 462 38.82 -51.48 -30.04
CA LEU C 462 39.11 -50.64 -31.20
C LEU C 462 38.26 -51.04 -32.40
N LEU C 463 37.08 -51.60 -32.14
CA LEU C 463 36.18 -52.00 -33.21
C LEU C 463 34.76 -51.65 -32.80
N ARG C 464 33.79 -52.20 -33.54
CA ARG C 464 32.37 -51.94 -33.31
C ARG C 464 32.08 -50.45 -33.43
N LYS C 465 32.26 -49.89 -34.64
CA LYS C 465 32.07 -48.47 -34.87
C LYS C 465 30.66 -48.01 -34.55
N SER C 466 29.70 -48.92 -34.42
CA SER C 466 28.33 -48.57 -34.10
C SER C 466 28.27 -47.69 -32.86
N LYS C 467 27.60 -46.54 -32.99
CA LYS C 467 27.54 -45.57 -31.91
C LYS C 467 26.78 -46.15 -30.71
N LEU C 468 27.02 -45.56 -29.54
CA LEU C 468 26.43 -46.03 -28.30
C LEU C 468 26.00 -44.83 -27.46
N LYS C 469 25.10 -45.09 -26.52
CA LYS C 469 24.64 -44.05 -25.63
C LYS C 469 25.73 -43.70 -24.61
N PRO C 470 25.70 -42.48 -24.06
CA PRO C 470 26.68 -42.13 -23.02
C PRO C 470 26.53 -43.02 -21.79
N PHE C 471 27.68 -43.35 -21.19
CA PHE C 471 27.76 -44.18 -19.98
C PHE C 471 27.23 -45.59 -20.19
N GLU C 472 27.17 -46.07 -21.43
CA GLU C 472 26.71 -47.43 -21.70
C GLU C 472 27.91 -48.37 -21.73
N ARG C 473 27.94 -49.30 -20.78
CA ARG C 473 29.06 -50.23 -20.66
C ARG C 473 28.82 -51.45 -21.57
N ASP C 474 29.43 -51.39 -22.75
CA ASP C 474 29.40 -52.52 -23.67
C ASP C 474 30.54 -53.48 -23.34
N ILE C 475 30.48 -54.12 -22.17
CA ILE C 475 31.57 -54.94 -21.70
C ILE C 475 31.48 -56.36 -22.24
N SER C 476 30.27 -56.89 -22.34
CA SER C 476 30.08 -58.26 -22.78
C SER C 476 30.58 -58.44 -24.22
N THR C 477 31.50 -59.39 -24.40
CA THR C 477 32.01 -59.67 -25.73
C THR C 477 30.97 -60.41 -26.55
N GLU C 478 31.02 -60.21 -27.86
CA GLU C 478 30.06 -60.83 -28.78
C GLU C 478 30.64 -60.78 -30.18
N ILE C 479 30.38 -61.86 -30.94
CA ILE C 479 30.82 -61.92 -32.33
C ILE C 479 29.86 -61.10 -33.18
N TYR C 480 30.28 -59.87 -33.52
CA TYR C 480 29.43 -58.97 -34.28
C TYR C 480 29.55 -59.27 -35.77
N GLN C 481 29.00 -58.38 -36.58
CA GLN C 481 29.01 -58.54 -38.03
C GLN C 481 30.43 -58.57 -38.59
N ALA C 482 30.79 -59.67 -39.23
CA ALA C 482 32.11 -59.80 -39.84
C ALA C 482 32.01 -60.79 -41.00
N GLY C 483 32.24 -60.29 -42.20
CA GLY C 483 32.09 -61.13 -43.38
C GLY C 483 30.62 -61.43 -43.62
N ASN C 484 30.34 -62.66 -44.06
CA ASN C 484 28.97 -63.07 -44.31
C ASN C 484 28.56 -64.15 -43.31
N LYS C 485 29.33 -65.23 -43.25
CA LYS C 485 29.07 -66.30 -42.29
C LYS C 485 29.88 -66.05 -41.03
N PRO C 486 29.28 -66.14 -39.84
CA PRO C 486 30.03 -65.86 -38.61
C PRO C 486 30.93 -67.00 -38.17
N CYS C 487 31.66 -67.59 -39.12
CA CYS C 487 32.63 -68.66 -38.83
C CYS C 487 32.00 -69.79 -38.02
N ASN C 488 30.70 -70.05 -38.25
CA ASN C 488 29.95 -71.08 -37.54
C ASN C 488 29.92 -70.83 -36.03
N GLY C 489 30.18 -69.59 -35.61
CA GLY C 489 30.09 -69.22 -34.22
C GLY C 489 31.40 -69.14 -33.46
N VAL C 490 32.53 -69.05 -34.15
CA VAL C 490 33.84 -68.94 -33.50
C VAL C 490 34.58 -67.76 -34.08
N ALA C 491 35.67 -67.36 -33.43
CA ALA C 491 36.47 -66.26 -33.91
C ALA C 491 37.59 -66.76 -34.84
N GLY C 492 38.19 -65.82 -35.56
CA GLY C 492 39.27 -66.14 -36.47
C GLY C 492 39.23 -65.29 -37.72
N PRO C 493 39.75 -65.82 -38.83
CA PRO C 493 39.71 -65.09 -40.09
C PRO C 493 38.28 -64.85 -40.55
N ASN C 494 38.01 -63.64 -41.04
CA ASN C 494 36.69 -63.17 -41.46
C ASN C 494 35.71 -63.08 -40.30
N CYS C 495 36.15 -63.31 -39.07
CA CYS C 495 35.32 -63.14 -37.89
C CYS C 495 36.13 -62.38 -36.83
N TYR C 496 36.77 -61.29 -37.23
CA TYR C 496 37.59 -60.48 -36.35
C TYR C 496 36.78 -59.46 -35.56
N SER C 497 35.47 -59.67 -35.44
CA SER C 497 34.56 -58.75 -34.75
C SER C 497 34.87 -58.59 -33.25
N PRO C 498 35.42 -59.60 -32.53
CA PRO C 498 35.82 -59.36 -31.13
C PRO C 498 36.74 -58.16 -30.95
N LEU C 499 36.79 -57.64 -29.73
CA LEU C 499 37.54 -56.43 -29.45
C LEU C 499 39.04 -56.67 -29.57
N GLN C 500 39.80 -55.58 -29.51
CA GLN C 500 41.25 -55.65 -29.60
C GLN C 500 41.86 -55.93 -28.22
N SER C 501 43.17 -56.16 -28.22
CA SER C 501 43.93 -56.50 -27.03
C SER C 501 45.13 -55.57 -26.89
N TYR C 502 44.90 -54.27 -27.02
CA TYR C 502 45.97 -53.28 -26.87
C TYR C 502 46.64 -53.43 -25.50
N GLY C 503 47.96 -53.25 -25.50
CA GLY C 503 48.72 -53.38 -24.27
C GLY C 503 49.84 -52.36 -24.23
N PHE C 504 50.35 -52.14 -23.03
CA PHE C 504 51.42 -51.18 -22.82
C PHE C 504 52.69 -51.85 -22.33
N ARG C 505 53.64 -52.04 -23.23
CA ARG C 505 54.97 -52.43 -22.80
C ARG C 505 56.12 -51.71 -23.51
N PRO C 506 56.07 -50.38 -23.73
CA PRO C 506 57.31 -49.64 -23.93
C PRO C 506 57.78 -49.01 -22.63
N THR C 507 58.34 -49.81 -21.73
CA THR C 507 58.70 -49.33 -20.40
C THR C 507 59.74 -48.22 -20.48
N TYR C 508 59.32 -47.00 -20.13
CA TYR C 508 60.18 -45.80 -20.21
C TYR C 508 60.76 -45.62 -21.61
N GLY C 509 59.99 -45.98 -22.63
CA GLY C 509 60.47 -45.88 -23.99
C GLY C 509 59.43 -45.40 -24.99
N VAL C 510 58.44 -44.65 -24.52
CA VAL C 510 57.37 -44.16 -25.38
C VAL C 510 57.01 -42.75 -24.95
N GLY C 511 56.43 -41.99 -25.89
CA GLY C 511 55.98 -40.64 -25.61
C GLY C 511 54.55 -40.60 -25.13
N HIS C 512 53.68 -41.40 -25.74
CA HIS C 512 52.28 -41.50 -25.34
C HIS C 512 52.11 -42.53 -24.23
N GLN C 513 52.76 -42.23 -23.09
CA GLN C 513 52.66 -43.08 -21.91
C GLN C 513 51.21 -43.12 -21.42
N PRO C 514 50.82 -44.18 -20.72
CA PRO C 514 49.44 -44.27 -20.26
C PRO C 514 49.14 -43.29 -19.14
N TYR C 515 47.86 -42.91 -19.05
CA TYR C 515 47.40 -41.99 -18.02
C TYR C 515 46.14 -42.56 -17.36
N ARG C 516 46.16 -42.62 -16.02
CA ARG C 516 45.00 -43.05 -15.27
C ARG C 516 44.01 -41.89 -15.13
N VAL C 517 42.81 -42.07 -15.67
CA VAL C 517 41.79 -41.03 -15.72
C VAL C 517 40.74 -41.31 -14.67
N VAL C 518 40.38 -40.29 -13.91
CA VAL C 518 39.31 -40.35 -12.92
C VAL C 518 38.27 -39.29 -13.30
N VAL C 519 37.17 -39.73 -13.87
CA VAL C 519 36.11 -38.83 -14.34
C VAL C 519 35.08 -38.67 -13.24
N LEU C 520 34.83 -37.43 -12.84
CA LEU C 520 33.85 -37.10 -11.82
C LEU C 520 32.62 -36.51 -12.48
N SER C 521 31.45 -37.10 -12.20
CA SER C 521 30.19 -36.65 -12.75
C SER C 521 29.30 -36.15 -11.61
N PHE C 522 29.01 -34.85 -11.62
CA PHE C 522 28.16 -34.23 -10.61
C PHE C 522 26.76 -34.06 -11.20
N GLU C 523 25.77 -34.64 -10.53
CA GLU C 523 24.39 -34.59 -11.00
C GLU C 523 23.47 -34.29 -9.83
N LEU C 524 22.46 -33.47 -10.09
CA LEU C 524 21.45 -33.15 -9.10
C LEU C 524 20.07 -33.43 -9.67
N LEU C 525 19.19 -34.00 -8.85
CA LEU C 525 17.85 -34.38 -9.25
C LEU C 525 16.84 -33.65 -8.36
N HIS C 526 15.56 -34.01 -8.51
CA HIS C 526 14.53 -33.45 -7.64
C HIS C 526 14.68 -33.95 -6.21
N ALA C 527 15.38 -35.05 -6.01
CA ALA C 527 15.62 -35.55 -4.67
C ALA C 527 16.49 -34.56 -3.90
N PRO C 528 16.35 -34.46 -2.58
CA PRO C 528 17.18 -33.53 -1.81
C PRO C 528 18.65 -33.87 -1.90
N ALA C 529 19.47 -32.87 -2.20
CA ALA C 529 20.90 -33.08 -2.34
C ALA C 529 21.54 -33.37 -0.98
N THR C 530 22.37 -34.39 -0.93
CA THR C 530 23.03 -34.80 0.31
C THR C 530 24.52 -34.49 0.36
N VAL C 531 25.21 -34.45 -0.79
CA VAL C 531 26.64 -34.19 -0.80
C VAL C 531 26.88 -32.70 -0.87
N CYS C 532 26.82 -32.03 0.29
CA CYS C 532 27.04 -30.59 0.38
C CYS C 532 28.41 -30.32 0.98
N GLY C 533 28.84 -29.06 0.86
CA GLY C 533 30.13 -28.64 1.36
C GLY C 533 30.29 -28.91 2.84
N PRO C 534 31.52 -29.18 3.27
CA PRO C 534 31.77 -29.46 4.70
C PRO C 534 31.52 -28.21 5.53
N LYS C 535 30.59 -28.32 6.47
CA LYS C 535 30.17 -27.18 7.28
C LYS C 535 31.16 -27.00 8.43
N LYS C 536 31.78 -25.82 8.51
CA LYS C 536 32.76 -25.56 9.54
C LYS C 536 32.07 -25.31 10.88
N SER C 537 32.87 -25.31 11.95
CA SER C 537 32.36 -25.08 13.29
C SER C 537 33.43 -24.39 14.12
N THR C 538 33.00 -23.79 15.23
CA THR C 538 33.90 -23.05 16.11
C THR C 538 33.69 -23.51 17.54
N ASN C 539 34.36 -22.82 18.47
CA ASN C 539 34.31 -23.20 19.87
C ASN C 539 32.95 -22.84 20.47
N LEU C 540 32.70 -23.34 21.68
CA LEU C 540 31.43 -23.13 22.35
C LEU C 540 31.57 -22.16 23.51
N VAL C 541 31.14 -20.91 23.31
CA VAL C 541 31.12 -19.94 24.41
C VAL C 541 29.75 -20.00 25.08
N LYS C 542 29.75 -20.25 26.39
CA LYS C 542 28.50 -20.52 27.08
C LYS C 542 27.88 -19.28 27.71
N ASN C 543 28.58 -18.65 28.66
CA ASN C 543 27.98 -17.59 29.45
C ASN C 543 28.27 -16.21 28.90
N LYS C 544 27.90 -15.97 27.64
CA LYS C 544 28.07 -14.67 27.01
C LYS C 544 26.94 -14.43 26.01
N CYS C 545 26.50 -13.17 25.94
CA CYS C 545 25.50 -12.79 24.96
C CYS C 545 26.13 -12.79 23.58
N VAL C 546 25.92 -13.88 22.83
CA VAL C 546 26.56 -14.08 21.54
C VAL C 546 25.53 -14.59 20.54
N ASN C 547 25.82 -14.38 19.27
CA ASN C 547 25.01 -14.97 18.21
C ASN C 547 25.37 -16.43 18.01
N PHE C 548 24.36 -17.25 17.74
CA PHE C 548 24.58 -18.68 17.58
C PHE C 548 23.83 -19.19 16.35
N ASN C 549 24.40 -20.22 15.74
CA ASN C 549 23.82 -20.90 14.58
C ASN C 549 24.01 -22.39 14.80
N PHE C 550 23.04 -23.03 15.45
CA PHE C 550 23.10 -24.44 15.78
C PHE C 550 22.36 -25.24 14.71
N ASN C 551 23.13 -25.79 13.76
CA ASN C 551 22.57 -26.65 12.70
C ASN C 551 21.45 -25.95 11.94
N GLY C 552 21.63 -24.66 11.66
CA GLY C 552 20.63 -23.90 10.93
C GLY C 552 19.77 -22.99 11.79
N LEU C 553 19.52 -23.35 13.04
CA LEU C 553 18.71 -22.53 13.93
C LEU C 553 19.53 -21.34 14.40
N THR C 554 19.16 -20.14 13.96
CA THR C 554 19.89 -18.92 14.27
C THR C 554 19.15 -18.13 15.33
N GLY C 555 19.91 -17.37 16.11
CA GLY C 555 19.31 -16.55 17.15
C GLY C 555 20.38 -15.90 18.00
N THR C 556 19.93 -15.07 18.94
CA THR C 556 20.79 -14.38 19.88
C THR C 556 20.38 -14.71 21.30
N GLY C 557 21.36 -14.93 22.16
CA GLY C 557 21.07 -15.24 23.55
C GLY C 557 22.30 -15.72 24.27
N VAL C 558 22.10 -16.04 25.55
CA VAL C 558 23.15 -16.54 26.42
C VAL C 558 22.92 -18.03 26.65
N LEU C 559 23.97 -18.82 26.44
CA LEU C 559 23.88 -20.26 26.61
C LEU C 559 24.09 -20.64 28.07
N THR C 560 23.53 -21.80 28.45
CA THR C 560 23.65 -22.29 29.82
C THR C 560 23.35 -23.78 29.82
N GLU C 561 24.23 -24.55 30.46
CA GLU C 561 24.02 -25.99 30.57
C GLU C 561 22.79 -26.27 31.42
N SER C 562 21.92 -27.14 30.94
CA SER C 562 20.69 -27.49 31.62
C SER C 562 20.68 -28.95 32.05
N ASN C 563 19.68 -29.29 32.85
CA ASN C 563 19.49 -30.66 33.34
C ASN C 563 18.34 -31.37 32.65
N LYS C 564 17.94 -30.91 31.46
CA LYS C 564 16.81 -31.51 30.78
C LYS C 564 17.22 -32.74 29.98
N LYS C 565 16.30 -33.71 29.89
CA LYS C 565 16.44 -34.85 29.01
C LYS C 565 15.68 -34.54 27.73
N PHE C 566 16.31 -34.80 26.58
CA PHE C 566 15.85 -34.23 25.33
C PHE C 566 15.37 -35.26 24.31
N LEU C 567 15.14 -36.52 24.71
CA LEU C 567 14.63 -37.54 23.80
C LEU C 567 15.50 -37.62 22.55
N PRO C 568 16.66 -38.29 22.62
CA PRO C 568 17.77 -37.99 21.70
C PRO C 568 17.41 -37.95 20.22
N PHE C 569 16.21 -38.34 19.81
CA PHE C 569 15.77 -38.10 18.44
C PHE C 569 15.34 -36.65 18.21
N GLN C 570 15.31 -35.83 19.25
CA GLN C 570 14.93 -34.43 19.13
C GLN C 570 16.16 -33.53 19.14
N GLN C 571 16.00 -32.33 18.62
CA GLN C 571 17.11 -31.39 18.51
C GLN C 571 16.83 -30.04 19.16
N PHE C 572 15.61 -29.52 19.03
CA PHE C 572 15.26 -28.19 19.51
C PHE C 572 14.25 -28.29 20.64
N GLY C 573 14.14 -27.21 21.40
CA GLY C 573 13.16 -27.09 22.47
C GLY C 573 12.44 -25.76 22.37
N ARG C 574 11.16 -25.76 22.70
CA ARG C 574 10.32 -24.57 22.63
C ARG C 574 9.46 -24.45 23.87
N ASP C 575 9.09 -23.21 24.20
CA ASP C 575 8.22 -22.91 25.33
C ASP C 575 6.76 -22.83 24.85
N ILE C 576 5.91 -22.31 25.74
CA ILE C 576 4.50 -22.14 25.42
C ILE C 576 4.33 -21.20 24.23
N ALA C 577 5.08 -20.10 24.21
CA ALA C 577 4.97 -19.10 23.16
C ALA C 577 5.74 -19.46 21.89
N ASP C 578 6.10 -20.73 21.72
CA ASP C 578 6.85 -21.22 20.56
C ASP C 578 8.23 -20.59 20.43
N THR C 579 8.82 -20.13 21.54
CA THR C 579 10.15 -19.54 21.49
C THR C 579 11.20 -20.60 21.78
N THR C 580 12.25 -20.62 20.98
CA THR C 580 13.34 -21.58 21.14
C THR C 580 14.09 -21.27 22.44
N ASP C 581 13.90 -22.10 23.46
CA ASP C 581 14.53 -21.91 24.74
C ASP C 581 15.61 -22.93 25.05
N ALA C 582 15.69 -24.02 24.29
CA ALA C 582 16.70 -25.05 24.53
C ALA C 582 17.11 -25.65 23.20
N VAL C 583 18.41 -25.66 22.95
CA VAL C 583 18.98 -26.17 21.70
C VAL C 583 20.10 -27.13 22.05
N ARG C 584 20.15 -28.26 21.34
CA ARG C 584 21.19 -29.25 21.56
C ARG C 584 22.40 -28.98 20.67
N ASP C 585 23.59 -29.05 21.26
CA ASP C 585 24.82 -28.91 20.49
C ASP C 585 25.00 -30.11 19.58
N PRO C 586 25.10 -29.92 18.25
CA PRO C 586 25.16 -31.09 17.35
C PRO C 586 26.49 -31.81 17.36
N GLN C 587 27.45 -31.38 18.18
CA GLN C 587 28.77 -31.99 18.21
C GLN C 587 29.07 -32.75 19.49
N THR C 588 28.59 -32.28 20.63
CA THR C 588 28.83 -32.96 21.90
C THR C 588 27.57 -33.44 22.59
N LEU C 589 26.40 -33.26 21.96
CA LEU C 589 25.11 -33.82 22.38
C LEU C 589 24.56 -33.24 23.67
N GLU C 590 25.24 -32.27 24.29
CA GLU C 590 24.69 -31.68 25.50
C GLU C 590 23.62 -30.65 25.15
N ILE C 591 22.76 -30.36 26.11
CA ILE C 591 21.62 -29.48 25.92
C ILE C 591 21.94 -28.14 26.58
N LEU C 592 21.71 -27.06 25.85
CA LEU C 592 22.00 -25.71 26.32
C LEU C 592 20.72 -24.89 26.38
N ASP C 593 20.57 -24.08 27.43
CA ASP C 593 19.42 -23.20 27.53
C ASP C 593 19.65 -21.92 26.73
N ILE C 594 18.56 -21.36 26.22
CA ILE C 594 18.60 -20.13 25.44
C ILE C 594 17.84 -19.05 26.21
N THR C 595 18.58 -18.09 26.76
CA THR C 595 17.99 -16.98 27.48
C THR C 595 18.30 -15.67 26.76
N PRO C 596 17.30 -14.82 26.54
CA PRO C 596 17.56 -13.54 25.87
C PRO C 596 18.50 -12.67 26.67
N CYS C 597 19.30 -11.88 25.97
CA CYS C 597 20.25 -11.00 26.63
C CYS C 597 19.52 -9.93 27.43
N SER C 598 20.08 -9.55 28.56
CA SER C 598 19.39 -8.71 29.52
C SER C 598 19.04 -7.35 28.90
N PHE C 599 17.84 -6.87 29.23
CA PHE C 599 17.38 -5.57 28.78
C PHE C 599 16.39 -5.03 29.81
N GLY C 600 16.45 -3.72 30.02
CA GLY C 600 15.58 -3.09 30.99
C GLY C 600 15.75 -1.59 30.95
N GLY C 601 14.82 -0.91 31.60
CA GLY C 601 14.85 0.55 31.62
C GLY C 601 15.82 1.07 32.67
N VAL C 602 16.52 2.14 32.31
CA VAL C 602 17.45 2.82 33.21
C VAL C 602 16.69 3.98 33.84
N SER C 603 16.26 3.80 35.08
CA SER C 603 15.50 4.82 35.81
C SER C 603 16.45 5.58 36.72
N VAL C 604 16.34 6.91 36.68
CA VAL C 604 17.21 7.79 37.46
C VAL C 604 16.48 8.20 38.73
N ILE C 605 17.15 8.03 39.87
CA ILE C 605 16.61 8.40 41.17
C ILE C 605 17.29 9.68 41.63
N THR C 606 16.49 10.70 41.94
CA THR C 606 17.04 11.98 42.33
C THR C 606 16.24 12.56 43.49
N PRO C 607 16.91 13.15 44.49
CA PRO C 607 16.19 13.80 45.59
C PRO C 607 15.66 15.18 45.24
N GLY C 608 15.67 15.57 43.97
CA GLY C 608 15.23 16.89 43.57
C GLY C 608 16.38 17.81 43.24
N THR C 609 16.28 18.54 42.13
CA THR C 609 17.34 19.46 41.76
C THR C 609 17.46 20.61 42.76
N ASN C 610 16.36 20.93 43.46
CA ASN C 610 16.41 21.98 44.47
C ASN C 610 17.26 21.60 45.66
N THR C 611 17.46 20.30 45.90
CA THR C 611 18.24 19.83 47.04
C THR C 611 19.68 19.51 46.67
N SER C 612 19.90 18.63 45.68
CA SER C 612 21.25 18.26 45.29
C SER C 612 21.20 17.69 43.87
N ASN C 613 22.32 17.87 43.16
CA ASN C 613 22.44 17.35 41.80
C ASN C 613 22.86 15.89 41.77
N GLN C 614 23.19 15.30 42.92
CA GLN C 614 23.60 13.90 42.96
C GLN C 614 22.40 12.99 42.66
N VAL C 615 22.62 12.01 41.80
CA VAL C 615 21.58 11.10 41.36
C VAL C 615 22.08 9.66 41.47
N ALA C 616 21.15 8.72 41.27
CA ALA C 616 21.46 7.30 41.24
C ALA C 616 20.61 6.63 40.16
N VAL C 617 21.24 5.69 39.46
CA VAL C 617 20.61 5.00 38.34
C VAL C 617 20.20 3.60 38.79
N LEU C 618 19.10 3.10 38.23
CA LEU C 618 18.58 1.78 38.54
C LEU C 618 18.34 1.03 37.24
N TYR C 619 19.10 -0.04 37.03
CA TYR C 619 18.92 -0.90 35.86
C TYR C 619 17.89 -1.96 36.22
N GLN C 620 16.65 -1.75 35.80
CA GLN C 620 15.55 -2.63 36.19
C GLN C 620 15.74 -4.02 35.63
N GLY C 621 15.66 -5.02 36.50
CA GLY C 621 15.75 -6.41 36.10
C GLY C 621 17.10 -6.85 35.59
N VAL C 622 18.14 -6.05 35.75
CA VAL C 622 19.46 -6.40 35.25
C VAL C 622 20.38 -6.75 36.40
N ASN C 623 21.12 -7.85 36.24
CA ASN C 623 22.12 -8.28 37.20
C ASN C 623 23.29 -7.30 37.17
N CYS C 624 23.87 -7.03 38.35
CA CYS C 624 24.95 -6.05 38.44
C CYS C 624 26.18 -6.47 37.66
N THR C 625 26.36 -7.77 37.40
CA THR C 625 27.56 -8.22 36.70
C THR C 625 27.49 -7.96 35.20
N GLU C 626 26.41 -7.36 34.71
CA GLU C 626 26.24 -7.13 33.27
C GLU C 626 26.08 -5.66 32.92
N VAL C 627 26.44 -4.74 33.81
CA VAL C 627 26.35 -3.31 33.52
C VAL C 627 27.72 -2.75 33.17
N ASN C 648 28.90 0.83 46.37
CA ASN C 648 28.61 1.59 45.16
C ASN C 648 27.50 0.94 44.36
N VAL C 649 27.49 -0.39 44.33
CA VAL C 649 26.49 -1.16 43.60
C VAL C 649 25.77 -2.08 44.58
N PHE C 650 24.47 -2.26 44.37
CA PHE C 650 23.65 -3.13 45.21
C PHE C 650 22.62 -3.82 44.34
N GLN C 651 22.61 -5.15 44.36
CA GLN C 651 21.71 -5.94 43.54
C GLN C 651 20.46 -6.23 44.36
N THR C 652 19.44 -5.39 44.19
CA THR C 652 18.16 -5.64 44.82
C THR C 652 17.33 -6.59 43.98
N ARG C 653 16.12 -6.89 44.47
CA ARG C 653 15.23 -7.78 43.73
C ARG C 653 14.56 -7.10 42.55
N ALA C 654 14.85 -5.82 42.32
CA ALA C 654 14.29 -5.09 41.18
C ALA C 654 15.33 -4.74 40.14
N GLY C 655 16.62 -4.96 40.43
CA GLY C 655 17.67 -4.64 39.48
C GLY C 655 18.95 -4.21 40.16
N CYS C 656 19.83 -3.53 39.41
CA CYS C 656 21.10 -3.08 39.97
C CYS C 656 21.02 -1.58 40.25
N LEU C 657 21.35 -1.20 41.48
CA LEU C 657 21.33 0.20 41.90
C LEU C 657 22.77 0.69 41.99
N ILE C 658 23.10 1.69 41.18
CA ILE C 658 24.43 2.27 41.13
C ILE C 658 24.34 3.72 41.61
N GLY C 659 24.99 4.02 42.72
CA GLY C 659 25.02 5.35 43.27
C GLY C 659 24.36 5.49 44.63
N ALA C 660 23.81 4.42 45.20
CA ALA C 660 23.18 4.44 46.50
C ALA C 660 23.68 3.27 47.32
N GLU C 661 23.99 3.52 48.59
CA GLU C 661 24.47 2.50 49.50
C GLU C 661 23.32 1.94 50.33
N TYR C 662 23.39 0.64 50.62
CA TYR C 662 22.35 -0.03 51.38
C TYR C 662 22.59 0.15 52.87
N VAL C 663 21.53 0.45 53.61
CA VAL C 663 21.58 0.62 55.05
C VAL C 663 20.52 -0.27 55.68
N ASN C 664 20.81 -0.78 56.88
CA ASN C 664 19.87 -1.65 57.57
C ASN C 664 18.83 -0.87 58.38
N ASN C 665 19.11 0.39 58.72
CA ASN C 665 18.16 1.21 59.44
C ASN C 665 16.98 1.53 58.55
N SER C 666 15.81 1.00 58.89
CA SER C 666 14.62 1.17 58.07
C SER C 666 13.93 2.49 58.38
N TYR C 667 13.30 3.07 57.36
CA TYR C 667 12.56 4.31 57.49
C TYR C 667 11.32 4.24 56.61
N GLU C 668 10.57 5.34 56.57
CA GLU C 668 9.42 5.43 55.69
C GLU C 668 9.88 5.53 54.24
N CYS C 669 9.11 4.92 53.34
CA CYS C 669 9.48 4.93 51.93
C CYS C 669 9.34 6.33 51.35
N ASP C 670 10.44 6.85 50.81
CA ASP C 670 10.45 8.18 50.22
C ASP C 670 10.35 8.09 48.71
N ILE C 671 11.29 7.39 48.09
CA ILE C 671 11.32 7.21 46.63
C ILE C 671 11.14 5.73 46.35
N PRO C 672 10.02 5.31 45.75
CA PRO C 672 9.80 3.88 45.53
C PRO C 672 10.73 3.33 44.46
N ILE C 673 11.26 2.13 44.72
CA ILE C 673 12.14 1.43 43.79
C ILE C 673 11.55 0.09 43.38
N GLY C 674 11.12 -0.72 44.35
CA GLY C 674 10.56 -2.02 44.05
C GLY C 674 11.00 -3.08 45.03
N ALA C 675 10.15 -4.08 45.25
CA ALA C 675 10.44 -5.18 46.17
C ALA C 675 10.74 -4.68 47.58
N GLY C 676 9.97 -3.68 48.02
CA GLY C 676 10.12 -3.14 49.35
C GLY C 676 11.30 -2.23 49.57
N ILE C 677 12.12 -2.00 48.56
CA ILE C 677 13.29 -1.14 48.68
C ILE C 677 12.92 0.27 48.25
N CYS C 678 13.34 1.25 49.04
CA CYS C 678 13.12 2.65 48.73
C CYS C 678 14.39 3.44 49.01
N ALA C 679 14.53 4.59 48.34
CA ALA C 679 15.69 5.44 48.45
C ALA C 679 15.30 6.81 48.99
N SER C 680 16.27 7.49 49.58
CA SER C 680 16.03 8.82 50.13
C SER C 680 17.36 9.55 50.25
N TYR C 681 17.29 10.83 50.58
CA TYR C 681 18.46 11.68 50.76
C TYR C 681 18.66 11.93 52.25
N GLN C 682 19.74 11.37 52.80
CA GLN C 682 19.98 11.45 54.23
C GLN C 682 21.49 11.54 54.47
N THR C 683 21.85 12.13 55.61
CA THR C 683 23.25 12.29 55.99
C THR C 683 23.93 10.93 56.13
N GLN C 697 25.96 14.38 52.95
CA GLN C 697 24.72 13.66 52.64
C GLN C 697 24.86 12.84 51.37
N SER C 698 24.13 11.73 51.30
CA SER C 698 24.19 10.85 50.14
C SER C 698 22.88 10.10 50.02
N ILE C 699 22.63 9.56 48.84
CA ILE C 699 21.44 8.76 48.59
C ILE C 699 21.65 7.36 49.14
N ILE C 700 20.73 6.92 49.99
CA ILE C 700 20.82 5.61 50.63
C ILE C 700 19.58 4.80 50.26
N ALA C 701 19.75 3.50 50.11
CA ALA C 701 18.65 2.58 49.83
C ALA C 701 18.39 1.74 51.08
N TYR C 702 17.12 1.47 51.34
CA TYR C 702 16.74 0.76 52.57
C TYR C 702 15.41 0.06 52.36
N THR C 703 15.18 -0.96 53.18
CA THR C 703 13.87 -1.62 53.21
C THR C 703 12.88 -0.73 53.96
N MET C 704 11.77 -0.40 53.32
CA MET C 704 10.80 0.50 53.91
C MET C 704 10.17 -0.10 55.14
N SER C 705 9.94 0.74 56.15
CA SER C 705 9.29 0.35 57.39
C SER C 705 7.81 0.72 57.33
N LEU C 706 6.95 -0.25 57.62
CA LEU C 706 5.51 -0.03 57.54
C LEU C 706 4.98 0.86 58.65
N GLY C 707 5.73 1.05 59.72
CA GLY C 707 5.30 1.89 60.82
C GLY C 707 5.88 1.42 62.12
N ALA C 708 5.67 2.22 63.16
CA ALA C 708 6.17 1.90 64.48
C ALA C 708 5.28 0.85 65.14
N GLU C 709 5.92 -0.11 65.82
CA GLU C 709 5.18 -1.15 66.50
C GLU C 709 4.45 -0.60 67.72
N ASN C 710 3.24 -1.11 67.97
CA ASN C 710 2.41 -0.65 69.07
C ASN C 710 1.74 -1.88 69.69
N SER C 711 2.30 -2.37 70.78
CA SER C 711 1.74 -3.50 71.51
C SER C 711 0.69 -2.97 72.48
N VAL C 712 -0.57 -3.03 72.06
CA VAL C 712 -1.66 -2.54 72.90
C VAL C 712 -1.77 -3.40 74.15
N ALA C 713 -1.91 -2.76 75.30
CA ALA C 713 -1.95 -3.47 76.57
C ALA C 713 -3.28 -4.18 76.76
N TYR C 714 -3.46 -5.31 76.06
CA TYR C 714 -4.69 -6.07 76.18
C TYR C 714 -4.66 -6.96 77.43
N SER C 715 -5.82 -7.12 78.05
CA SER C 715 -5.98 -8.03 79.17
C SER C 715 -7.45 -8.38 79.30
N ASN C 716 -7.76 -9.16 80.34
CA ASN C 716 -9.15 -9.56 80.57
C ASN C 716 -10.04 -8.36 80.88
N ASN C 717 -9.54 -7.40 81.64
CA ASN C 717 -10.39 -6.33 82.15
C ASN C 717 -9.76 -4.94 82.10
N SER C 718 -8.93 -4.65 81.10
CA SER C 718 -8.35 -3.32 80.93
C SER C 718 -9.06 -2.59 79.80
N ILE C 719 -9.48 -1.36 80.07
CA ILE C 719 -10.17 -0.53 79.09
C ILE C 719 -9.54 0.86 79.10
N ALA C 720 -9.50 1.48 77.92
CA ALA C 720 -8.97 2.82 77.76
C ALA C 720 -10.08 3.75 77.27
N ILE C 721 -10.30 4.83 78.02
CA ILE C 721 -11.34 5.80 77.72
C ILE C 721 -10.67 7.15 77.50
N PRO C 722 -10.95 7.85 76.40
CA PRO C 722 -10.31 9.15 76.18
C PRO C 722 -10.82 10.19 77.16
N THR C 723 -9.89 10.95 77.75
CA THR C 723 -10.24 12.02 78.67
C THR C 723 -10.30 13.39 77.98
N ASN C 724 -9.86 13.48 76.73
CA ASN C 724 -9.85 14.73 76.00
C ASN C 724 -10.15 14.42 74.53
N PHE C 725 -10.10 15.47 73.70
CA PHE C 725 -10.36 15.31 72.27
C PHE C 725 -9.75 16.50 71.53
N THR C 726 -9.48 16.27 70.24
CA THR C 726 -8.91 17.29 69.36
C THR C 726 -9.70 17.31 68.06
N ILE C 727 -10.34 18.44 67.77
CA ILE C 727 -11.06 18.58 66.51
C ILE C 727 -10.06 18.81 65.39
N SER C 728 -10.16 18.01 64.33
CA SER C 728 -9.24 18.07 63.21
C SER C 728 -10.00 18.35 61.92
N VAL C 729 -9.32 19.03 60.99
CA VAL C 729 -9.88 19.34 59.68
C VAL C 729 -8.93 18.81 58.62
N THR C 730 -9.45 17.94 57.75
CA THR C 730 -8.67 17.32 56.68
C THR C 730 -9.26 17.70 55.34
N THR C 731 -8.40 17.84 54.34
CA THR C 731 -8.83 18.24 53.01
C THR C 731 -8.91 17.01 52.11
N GLU C 732 -9.85 17.05 51.16
CA GLU C 732 -10.01 15.99 50.16
C GLU C 732 -10.35 16.63 48.82
N ILE C 733 -9.47 16.44 47.84
CA ILE C 733 -9.61 17.05 46.53
C ILE C 733 -10.02 15.96 45.54
N LEU C 734 -11.10 16.20 44.80
CA LEU C 734 -11.62 15.25 43.84
C LEU C 734 -11.94 15.97 42.54
N PRO C 735 -11.43 15.49 41.41
CA PRO C 735 -11.81 16.08 40.12
C PRO C 735 -13.29 15.87 39.83
N VAL C 736 -13.91 16.86 39.20
CA VAL C 736 -15.34 16.80 38.91
C VAL C 736 -15.56 16.85 37.41
N SER C 737 -14.66 17.51 36.68
CA SER C 737 -14.83 17.69 35.25
C SER C 737 -13.48 17.94 34.62
N MET C 738 -13.50 18.03 33.28
CA MET C 738 -12.30 18.31 32.51
C MET C 738 -12.68 19.18 31.31
N THR C 739 -11.67 19.49 30.49
CA THR C 739 -11.86 20.39 29.36
C THR C 739 -12.79 19.77 28.32
N LYS C 740 -13.81 20.55 27.93
CA LYS C 740 -14.76 20.13 26.90
C LYS C 740 -14.16 20.44 25.53
N THR C 741 -13.57 19.42 24.91
CA THR C 741 -12.94 19.61 23.62
C THR C 741 -13.88 19.17 22.49
N SER C 742 -13.63 19.71 21.30
CA SER C 742 -14.38 19.35 20.11
C SER C 742 -13.47 19.48 18.90
N VAL C 743 -13.60 18.54 17.97
CA VAL C 743 -12.76 18.47 16.78
C VAL C 743 -13.64 18.43 15.55
N ASP C 744 -13.38 19.33 14.60
CA ASP C 744 -14.13 19.33 13.35
C ASP C 744 -13.80 18.11 12.50
N CYS C 745 -12.55 17.65 12.57
CA CYS C 745 -12.05 16.46 11.87
C CYS C 745 -11.88 16.72 10.38
N THR C 746 -12.44 17.83 9.89
CA THR C 746 -12.32 18.15 8.48
C THR C 746 -11.10 19.02 8.23
N MET C 747 -10.91 20.05 9.06
CA MET C 747 -9.68 20.81 9.00
C MET C 747 -8.51 20.03 9.59
N TYR C 748 -8.80 18.91 10.24
CA TYR C 748 -7.72 18.08 10.78
C TYR C 748 -7.28 17.03 9.77
N ILE C 749 -8.22 16.21 9.27
CA ILE C 749 -7.86 15.17 8.33
C ILE C 749 -7.46 15.78 6.98
N CYS C 750 -8.10 16.88 6.60
CA CYS C 750 -7.88 17.48 5.29
C CYS C 750 -7.33 18.90 5.34
N GLY C 751 -7.70 19.72 6.31
CA GLY C 751 -7.18 21.07 6.35
C GLY C 751 -7.89 21.97 5.35
N ASP C 752 -7.16 22.40 4.32
CA ASP C 752 -7.71 23.33 3.35
C ASP C 752 -7.84 22.72 1.96
N SER C 753 -7.20 21.57 1.72
CA SER C 753 -7.21 20.95 0.40
C SER C 753 -8.59 20.38 0.10
N THR C 754 -9.21 20.86 -0.97
CA THR C 754 -10.53 20.37 -1.34
C THR C 754 -10.45 18.96 -1.92
N GLU C 755 -9.32 18.61 -2.54
CA GLU C 755 -9.17 17.28 -3.11
C GLU C 755 -9.19 16.19 -2.04
N CYS C 756 -8.94 16.57 -0.78
CA CYS C 756 -9.00 15.61 0.31
C CYS C 756 -10.41 15.43 0.83
N SER C 757 -11.21 16.50 0.81
CA SER C 757 -12.56 16.44 1.39
C SER C 757 -13.42 15.41 0.68
N ASN C 758 -13.49 15.47 -0.65
CA ASN C 758 -14.23 14.46 -1.40
C ASN C 758 -13.55 13.10 -1.33
N LEU C 759 -12.25 13.07 -1.09
CA LEU C 759 -11.55 11.80 -0.93
C LEU C 759 -11.69 11.23 0.47
N LEU C 760 -12.16 12.03 1.43
CA LEU C 760 -12.38 11.52 2.78
C LEU C 760 -13.61 10.62 2.82
N LEU C 761 -14.57 10.87 1.94
CA LEU C 761 -15.82 10.10 1.95
C LEU C 761 -15.57 8.64 1.57
N GLN C 762 -14.63 8.39 0.66
CA GLN C 762 -14.35 7.02 0.25
C GLN C 762 -13.71 6.20 1.35
N TYR C 763 -13.15 6.83 2.37
CA TYR C 763 -12.56 6.09 3.48
C TYR C 763 -13.60 5.75 4.54
N GLY C 764 -14.56 6.63 4.74
CA GLY C 764 -15.63 6.39 5.69
C GLY C 764 -16.14 7.68 6.29
N SER C 765 -17.18 7.55 7.09
CA SER C 765 -17.78 8.67 7.81
C SER C 765 -17.32 8.76 9.26
N PHE C 766 -16.05 8.44 9.53
CA PHE C 766 -15.56 8.42 10.90
C PHE C 766 -15.62 9.79 11.56
N CYS C 767 -15.48 10.86 10.78
CA CYS C 767 -15.56 12.21 11.36
C CYS C 767 -16.92 12.46 12.01
N THR C 768 -17.97 11.76 11.55
CA THR C 768 -19.29 11.94 12.15
C THR C 768 -19.43 11.12 13.42
N GLN C 769 -18.91 9.89 13.42
CA GLN C 769 -18.98 9.06 14.61
C GLN C 769 -18.13 9.62 15.74
N LEU C 770 -16.99 10.22 15.40
CA LEU C 770 -16.10 10.75 16.43
C LEU C 770 -16.67 12.03 17.04
N LYS C 771 -17.28 12.89 16.21
CA LYS C 771 -17.80 14.14 16.73
C LYS C 771 -19.00 13.92 17.63
N ARG C 772 -19.73 12.82 17.44
CA ARG C 772 -20.84 12.51 18.33
C ARG C 772 -20.35 11.96 19.66
N ALA C 773 -19.17 11.34 19.67
CA ALA C 773 -18.61 10.83 20.93
C ALA C 773 -18.06 11.98 21.78
N LEU C 774 -17.48 12.99 21.14
CA LEU C 774 -16.94 14.12 21.88
C LEU C 774 -18.05 14.99 22.44
N THR C 775 -19.18 15.07 21.75
CA THR C 775 -20.32 15.82 22.28
C THR C 775 -20.90 15.15 23.52
N GLY C 776 -20.92 13.81 23.55
CA GLY C 776 -21.36 13.12 24.76
C GLY C 776 -20.43 13.39 25.93
N ILE C 777 -19.12 13.35 25.68
CA ILE C 777 -18.16 13.68 26.73
C ILE C 777 -18.33 15.14 27.17
N ALA C 778 -18.63 16.02 26.22
CA ALA C 778 -18.80 17.43 26.55
C ALA C 778 -20.02 17.66 27.42
N VAL C 779 -21.15 17.02 27.10
CA VAL C 779 -22.34 17.21 27.91
C VAL C 779 -22.24 16.45 29.22
N GLU C 780 -21.36 15.44 29.28
CA GLU C 780 -21.14 14.74 30.55
C GLU C 780 -20.49 15.65 31.58
N GLN C 781 -19.62 16.56 31.14
CA GLN C 781 -18.96 17.46 32.08
C GLN C 781 -19.95 18.44 32.71
N ASP C 782 -20.94 18.89 31.95
CA ASP C 782 -21.95 19.77 32.50
C ASP C 782 -22.86 19.02 33.46
N LYS C 783 -23.09 17.74 33.21
CA LYS C 783 -23.90 16.94 34.12
C LYS C 783 -23.13 16.60 35.39
N ASN C 784 -21.82 16.39 35.27
CA ASN C 784 -20.99 16.08 36.44
C ASN C 784 -20.99 17.24 37.42
N THR C 785 -20.92 18.47 36.91
CA THR C 785 -20.89 19.64 37.79
C THR C 785 -22.23 19.84 38.48
N GLN C 786 -23.33 19.60 37.76
CA GLN C 786 -24.66 19.80 38.33
C GLN C 786 -24.95 18.75 39.41
N GLU C 787 -24.41 17.54 39.24
CA GLU C 787 -24.66 16.51 40.24
C GLU C 787 -23.91 16.78 41.53
N VAL C 788 -22.91 17.67 41.51
CA VAL C 788 -22.12 17.93 42.70
C VAL C 788 -22.58 19.21 43.39
N PHE C 789 -22.70 20.30 42.63
CA PHE C 789 -22.97 21.61 43.21
C PHE C 789 -24.43 22.02 43.15
N ALA C 790 -25.21 21.48 42.23
CA ALA C 790 -26.59 21.92 42.06
C ALA C 790 -27.56 21.06 42.87
N GLN C 791 -27.09 20.53 44.00
CA GLN C 791 -27.94 19.71 44.84
C GLN C 791 -28.99 20.51 45.61
N VAL C 792 -28.79 21.82 45.76
CA VAL C 792 -29.74 22.68 46.46
C VAL C 792 -30.63 23.37 45.44
N LYS C 793 -31.90 23.58 45.81
CA LYS C 793 -32.85 24.28 44.96
C LYS C 793 -33.03 25.74 45.35
N GLN C 794 -32.41 26.17 46.45
CA GLN C 794 -32.49 27.56 46.89
C GLN C 794 -31.10 28.05 47.25
N ILE C 795 -30.83 29.32 46.93
CA ILE C 795 -29.53 29.93 47.20
C ILE C 795 -29.64 30.59 48.56
N TYR C 796 -29.12 29.91 49.58
CA TYR C 796 -29.15 30.44 50.94
C TYR C 796 -28.04 31.47 51.13
N LYS C 797 -28.38 32.57 51.80
CA LYS C 797 -27.44 33.66 52.03
C LYS C 797 -27.03 33.68 53.49
N THR C 798 -25.76 33.96 53.75
CA THR C 798 -25.27 34.02 55.11
C THR C 798 -25.86 35.25 55.81
N PRO C 799 -26.13 35.16 57.11
CA PRO C 799 -26.67 36.31 57.85
C PRO C 799 -25.70 37.46 57.86
N PRO C 800 -26.19 38.69 58.06
CA PRO C 800 -25.26 39.83 58.11
C PRO C 800 -24.32 39.79 59.32
N ILE C 801 -24.78 39.27 60.45
CA ILE C 801 -23.94 39.09 61.63
C ILE C 801 -23.27 37.73 61.52
N LYS C 802 -21.94 37.73 61.56
CA LYS C 802 -21.16 36.51 61.36
C LYS C 802 -20.80 35.81 62.67
N TYR C 803 -21.63 35.96 63.71
CA TYR C 803 -21.39 35.28 64.97
C TYR C 803 -22.08 33.92 64.95
N PHE C 804 -21.32 32.87 65.27
CA PHE C 804 -21.86 31.52 65.29
C PHE C 804 -21.40 30.78 66.54
N GLY C 805 -21.44 31.44 67.69
CA GLY C 805 -21.04 30.82 68.93
C GLY C 805 -19.55 30.65 69.11
N GLY C 806 -18.73 31.56 68.58
CA GLY C 806 -17.30 31.47 68.67
C GLY C 806 -16.62 30.91 67.44
N PHE C 807 -17.36 30.18 66.61
CA PHE C 807 -16.78 29.62 65.39
C PHE C 807 -16.56 30.71 64.35
N ASN C 808 -15.46 30.59 63.60
CA ASN C 808 -15.01 31.62 62.67
C ASN C 808 -14.92 30.98 61.29
N PHE C 809 -15.85 31.33 60.40
CA PHE C 809 -15.88 30.83 59.04
C PHE C 809 -15.37 31.83 58.01
N SER C 810 -14.49 32.76 58.41
CA SER C 810 -14.04 33.79 57.49
C SER C 810 -13.20 33.21 56.36
N GLN C 811 -12.50 32.10 56.61
CA GLN C 811 -11.65 31.51 55.59
C GLN C 811 -12.43 30.73 54.55
N ILE C 812 -13.69 30.41 54.82
CA ILE C 812 -14.50 29.64 53.87
C ILE C 812 -15.71 30.41 53.34
N LEU C 813 -16.20 31.42 54.07
CA LEU C 813 -17.31 32.22 53.57
C LEU C 813 -16.83 33.17 52.49
N PRO C 814 -17.71 33.54 51.56
CA PRO C 814 -17.30 34.44 50.47
C PRO C 814 -16.86 35.80 51.01
N ASP C 815 -15.82 36.35 50.40
CA ASP C 815 -15.30 37.65 50.76
C ASP C 815 -15.91 38.70 49.85
N PRO C 816 -16.74 39.61 50.35
CA PRO C 816 -17.36 40.62 49.47
C PRO C 816 -16.39 41.65 48.94
N SER C 817 -15.23 41.83 49.57
CA SER C 817 -14.26 42.81 49.08
C SER C 817 -13.42 42.27 47.93
N LYS C 818 -13.29 40.97 47.81
CA LYS C 818 -12.50 40.36 46.74
C LYS C 818 -13.35 40.12 45.51
N PRO C 819 -12.75 40.15 44.33
CA PRO C 819 -13.50 39.87 43.10
C PRO C 819 -13.93 38.41 43.03
N SER C 820 -14.96 38.17 42.21
CA SER C 820 -15.52 36.84 41.97
C SER C 820 -16.17 36.26 43.22
N LYS C 821 -16.21 37.04 44.30
CA LYS C 821 -16.85 36.64 45.56
C LYS C 821 -16.31 35.32 46.10
N ARG C 822 -15.02 35.07 45.87
CA ARG C 822 -14.42 33.83 46.35
C ARG C 822 -13.95 33.98 47.79
N SER C 823 -13.81 32.83 48.46
CA SER C 823 -13.25 32.80 49.79
C SER C 823 -11.73 32.73 49.70
N PRO C 824 -11.02 33.04 50.80
CA PRO C 824 -9.55 32.94 50.76
C PRO C 824 -9.03 31.56 50.36
N ILE C 825 -9.67 30.49 50.86
CA ILE C 825 -9.25 29.15 50.48
C ILE C 825 -9.51 28.92 49.00
N GLU C 826 -10.66 29.38 48.49
CA GLU C 826 -10.92 29.30 47.06
C GLU C 826 -9.95 30.16 46.26
N ASP C 827 -9.55 31.31 46.81
CA ASP C 827 -8.55 32.13 46.14
C ASP C 827 -7.23 31.38 46.02
N LEU C 828 -6.80 30.71 47.08
CA LEU C 828 -5.54 29.95 47.03
C LEU C 828 -5.67 28.78 46.06
N LEU C 829 -6.83 28.12 46.04
CA LEU C 829 -7.02 27.00 45.13
C LEU C 829 -7.00 27.46 43.68
N PHE C 830 -7.56 28.64 43.41
CA PHE C 830 -7.54 29.15 42.04
C PHE C 830 -6.16 29.64 41.64
N ASN C 831 -5.39 30.17 42.60
CA ASN C 831 -4.06 30.68 42.28
C ASN C 831 -3.05 29.56 42.13
N LYS C 832 -3.23 28.43 42.81
CA LYS C 832 -2.27 27.35 42.71
C LYS C 832 -2.49 26.48 41.48
N VAL C 833 -3.74 26.18 41.15
CA VAL C 833 -4.04 25.36 39.97
C VAL C 833 -3.82 26.17 38.70
N LYS C 861 -8.44 27.94 20.00
CA LYS C 861 -8.36 28.07 18.56
C LYS C 861 -7.06 27.49 18.02
N PHE C 862 -7.12 26.24 17.56
CA PHE C 862 -5.94 25.55 17.03
C PHE C 862 -6.24 24.95 15.67
N ASN C 863 -5.38 24.06 15.19
CA ASN C 863 -5.54 23.44 13.87
C ASN C 863 -6.64 22.38 13.91
N GLY C 864 -7.88 22.85 13.99
CA GLY C 864 -9.04 21.99 13.93
C GLY C 864 -9.64 21.62 15.25
N LEU C 865 -9.03 22.01 16.37
CA LEU C 865 -9.52 21.65 17.70
C LEU C 865 -10.00 22.90 18.42
N THR C 866 -11.16 22.82 19.04
CA THR C 866 -11.75 23.94 19.77
C THR C 866 -12.04 23.52 21.20
N VAL C 867 -12.00 24.49 22.10
CA VAL C 867 -12.29 24.28 23.52
C VAL C 867 -13.62 24.95 23.82
N LEU C 868 -14.59 24.16 24.26
CA LEU C 868 -15.92 24.69 24.56
C LEU C 868 -15.98 25.19 26.01
N PRO C 869 -16.66 26.30 26.25
CA PRO C 869 -16.74 26.82 27.61
C PRO C 869 -17.73 26.01 28.43
N PRO C 870 -17.50 25.86 29.73
CA PRO C 870 -18.45 25.13 30.58
C PRO C 870 -19.78 25.84 30.67
N LEU C 871 -20.85 25.06 30.90
CA LEU C 871 -22.17 25.66 31.05
C LEU C 871 -22.26 26.50 32.31
N LEU C 872 -21.66 26.03 33.40
CA LEU C 872 -21.64 26.75 34.66
C LEU C 872 -20.30 27.43 34.83
N THR C 873 -20.31 28.75 34.98
CA THR C 873 -19.09 29.51 35.15
C THR C 873 -18.54 29.33 36.56
N ASP C 874 -17.34 29.86 36.79
CA ASP C 874 -16.71 29.75 38.09
C ASP C 874 -17.48 30.55 39.14
N GLU C 875 -18.11 31.66 38.72
CA GLU C 875 -18.89 32.45 39.65
C GLU C 875 -20.17 31.74 40.07
N MET C 876 -20.72 30.89 39.20
CA MET C 876 -21.92 30.14 39.55
C MET C 876 -21.61 28.95 40.44
N ILE C 877 -20.49 28.27 40.18
CA ILE C 877 -20.06 27.19 41.07
C ILE C 877 -19.71 27.75 42.44
N ALA C 878 -19.09 28.92 42.48
CA ALA C 878 -18.81 29.56 43.76
C ALA C 878 -20.10 29.93 44.49
N GLN C 879 -21.13 30.34 43.74
CA GLN C 879 -22.40 30.67 44.37
C GLN C 879 -23.11 29.42 44.89
N TYR C 880 -23.02 28.30 44.16
CA TYR C 880 -23.54 27.04 44.68
C TYR C 880 -22.81 26.63 45.95
N THR C 881 -21.49 26.79 45.96
CA THR C 881 -20.72 26.45 47.16
C THR C 881 -21.11 27.34 48.34
N SER C 882 -21.32 28.63 48.08
CA SER C 882 -21.77 29.54 49.13
C SER C 882 -23.14 29.14 49.64
N ALA C 883 -24.03 28.70 48.75
CA ALA C 883 -25.36 28.27 49.18
C ALA C 883 -25.27 27.01 50.04
N LEU C 884 -24.40 26.07 49.67
CA LEU C 884 -24.21 24.87 50.47
C LEU C 884 -23.57 25.20 51.81
N LEU C 885 -22.70 26.20 51.84
CA LEU C 885 -22.00 26.54 53.08
C LEU C 885 -22.89 27.37 53.99
N ALA C 886 -23.62 28.34 53.43
CA ALA C 886 -24.50 29.16 54.24
C ALA C 886 -25.67 28.36 54.78
N GLY C 887 -26.04 27.28 54.09
CA GLY C 887 -27.16 26.46 54.56
C GLY C 887 -26.75 25.54 55.69
N THR C 888 -25.53 24.99 55.62
CA THR C 888 -25.12 24.02 56.63
C THR C 888 -24.72 24.70 57.93
N ILE C 889 -24.50 26.01 57.90
CA ILE C 889 -24.12 26.73 59.11
C ILE C 889 -25.35 27.34 59.78
N THR C 890 -26.42 27.55 59.03
CA THR C 890 -27.63 28.16 59.58
C THR C 890 -28.79 27.17 59.70
N SER C 891 -28.71 26.02 59.03
CA SER C 891 -29.81 25.07 59.07
C SER C 891 -29.38 23.64 59.36
N GLY C 892 -28.08 23.37 59.49
CA GLY C 892 -27.65 22.01 59.75
C GLY C 892 -27.83 21.11 58.54
N TRP C 893 -28.40 19.92 58.78
CA TRP C 893 -28.68 19.00 57.71
C TRP C 893 -30.13 19.03 57.26
N THR C 894 -30.92 19.97 57.76
CA THR C 894 -32.35 19.99 57.44
C THR C 894 -32.61 20.45 56.02
N PHE C 895 -31.73 21.28 55.45
CA PHE C 895 -31.96 21.78 54.10
C PHE C 895 -31.72 20.72 53.03
N GLY C 896 -31.09 19.60 53.38
CA GLY C 896 -30.87 18.53 52.43
C GLY C 896 -32.05 17.59 52.35
N ALA C 897 -32.81 17.48 53.44
CA ALA C 897 -33.97 16.60 53.47
C ALA C 897 -35.27 17.33 53.17
N GLY C 898 -35.28 18.66 53.26
CA GLY C 898 -36.47 19.42 53.01
C GLY C 898 -36.25 20.92 53.17
N PRO C 899 -37.18 21.60 53.84
CA PRO C 899 -37.04 23.03 54.06
C PRO C 899 -35.92 23.32 55.06
N ALA C 900 -35.30 24.49 54.90
CA ALA C 900 -34.20 24.89 55.75
C ALA C 900 -34.70 25.31 57.13
N LEU C 901 -34.56 24.41 58.11
CA LEU C 901 -34.98 24.71 59.47
C LEU C 901 -33.84 25.42 60.21
N GLN C 902 -34.08 26.66 60.62
CA GLN C 902 -33.05 27.44 61.31
C GLN C 902 -32.72 26.82 62.65
N ILE C 903 -31.45 26.88 63.02
CA ILE C 903 -30.97 26.29 64.27
C ILE C 903 -29.65 26.95 64.65
N PRO C 904 -29.44 27.31 65.92
CA PRO C 904 -28.15 27.88 66.33
C PRO C 904 -27.03 26.88 66.09
N PHE C 905 -25.84 27.42 65.81
CA PHE C 905 -24.71 26.54 65.49
C PHE C 905 -24.25 25.72 66.68
N PRO C 906 -24.14 26.25 67.90
CA PRO C 906 -23.85 25.36 69.04
C PRO C 906 -24.92 24.31 69.26
N MET C 907 -26.15 24.57 68.82
CA MET C 907 -27.21 23.56 68.95
C MET C 907 -27.01 22.42 67.97
N GLN C 908 -26.73 22.75 66.70
CA GLN C 908 -26.52 21.70 65.71
C GLN C 908 -25.21 20.97 65.93
N MET C 909 -24.22 21.63 66.53
CA MET C 909 -22.96 20.95 66.84
C MET C 909 -23.16 19.90 67.92
N ALA C 910 -24.08 20.14 68.86
CA ALA C 910 -24.36 19.15 69.89
C ALA C 910 -25.06 17.93 69.30
N TYR C 911 -25.86 18.13 68.25
CA TYR C 911 -26.50 17.01 67.60
C TYR C 911 -25.49 16.11 66.89
N ARG C 912 -24.44 16.72 66.31
CA ARG C 912 -23.39 15.94 65.68
C ARG C 912 -22.55 15.22 66.72
N PHE C 913 -22.31 15.85 67.87
CA PHE C 913 -21.66 15.17 68.98
C PHE C 913 -22.52 14.01 69.48
N ASN C 914 -23.84 14.24 69.57
CA ASN C 914 -24.74 13.15 69.96
C ASN C 914 -24.75 12.04 68.92
N GLY C 915 -24.43 12.37 67.67
CA GLY C 915 -24.38 11.36 66.62
C GLY C 915 -23.11 10.55 66.64
N ILE C 916 -21.97 11.19 66.94
CA ILE C 916 -20.70 10.46 67.00
C ILE C 916 -20.57 9.60 68.26
N GLY C 917 -21.42 9.82 69.26
CA GLY C 917 -21.42 8.95 70.42
C GLY C 917 -21.01 9.61 71.72
N VAL C 918 -21.08 10.92 71.81
CA VAL C 918 -20.79 11.65 73.05
C VAL C 918 -22.00 12.52 73.38
N THR C 919 -22.25 12.72 74.67
CA THR C 919 -23.43 13.45 75.10
C THR C 919 -23.33 14.92 74.72
N GLN C 920 -24.46 15.62 74.79
CA GLN C 920 -24.51 17.02 74.38
C GLN C 920 -23.79 17.92 75.37
N ASN C 921 -23.70 17.51 76.64
CA ASN C 921 -23.09 18.37 77.66
C ASN C 921 -21.60 18.50 77.45
N VAL C 922 -20.98 17.60 76.68
CA VAL C 922 -19.55 17.68 76.43
C VAL C 922 -19.21 18.91 75.60
N LEU C 923 -20.07 19.25 74.64
CA LEU C 923 -19.83 20.44 73.81
C LEU C 923 -20.08 21.72 74.60
N TYR C 924 -21.21 21.79 75.28
CA TYR C 924 -21.60 23.02 75.97
C TYR C 924 -20.61 23.37 77.08
N GLU C 925 -20.09 22.36 77.77
CA GLU C 925 -19.11 22.61 78.83
C GLU C 925 -17.72 22.90 78.29
N ASN C 926 -17.50 22.71 76.98
CA ASN C 926 -16.21 22.98 76.35
C ASN C 926 -16.37 23.74 75.05
N GLN C 927 -17.34 24.65 74.96
CA GLN C 927 -17.61 25.34 73.70
C GLN C 927 -16.45 26.23 73.30
N LYS C 928 -15.82 26.89 74.27
CA LYS C 928 -14.71 27.78 73.95
C LYS C 928 -13.50 27.00 73.44
N LEU C 929 -13.25 25.82 74.01
CA LEU C 929 -12.12 25.01 73.57
C LEU C 929 -12.36 24.45 72.17
N ILE C 930 -13.58 23.97 71.92
CA ILE C 930 -13.88 23.38 70.62
C ILE C 930 -13.89 24.46 69.54
N ALA C 931 -14.35 25.67 69.89
CA ALA C 931 -14.33 26.77 68.93
C ALA C 931 -12.90 27.15 68.56
N ASN C 932 -12.00 27.17 69.55
CA ASN C 932 -10.62 27.52 69.27
C ASN C 932 -9.92 26.43 68.46
N GLN C 933 -10.24 25.17 68.74
CA GLN C 933 -9.66 24.07 67.96
C GLN C 933 -10.15 24.09 66.53
N PHE C 934 -11.40 24.51 66.33
CA PHE C 934 -11.95 24.61 64.98
C PHE C 934 -11.31 25.78 64.23
N ASN C 935 -11.19 26.93 64.88
CA ASN C 935 -10.61 28.10 64.22
C ASN C 935 -9.13 27.88 63.92
N SER C 936 -8.41 27.22 64.82
CA SER C 936 -6.99 26.96 64.59
C SER C 936 -6.79 25.95 63.48
N ALA C 937 -7.69 24.97 63.36
CA ALA C 937 -7.55 23.95 62.33
C ALA C 937 -7.84 24.51 60.95
N ILE C 938 -8.85 25.38 60.84
CA ILE C 938 -9.16 25.99 59.56
C ILE C 938 -8.03 26.92 59.11
N GLY C 939 -7.41 27.61 60.06
CA GLY C 939 -6.30 28.49 59.71
C GLY C 939 -5.09 27.73 59.18
N LYS C 940 -4.90 26.50 59.65
CA LYS C 940 -3.78 25.69 59.18
C LYS C 940 -4.04 25.05 57.82
N ILE C 941 -5.29 25.07 57.34
CA ILE C 941 -5.59 24.46 56.05
C ILE C 941 -4.88 25.20 54.93
N GLN C 942 -4.85 26.53 55.00
CA GLN C 942 -4.16 27.32 53.98
C GLN C 942 -2.67 27.00 53.96
N ASP C 943 -2.05 26.93 55.14
CA ASP C 943 -0.63 26.60 55.21
C ASP C 943 -0.38 25.19 54.69
N SER C 944 -1.27 24.25 54.98
CA SER C 944 -1.10 22.88 54.53
C SER C 944 -1.19 22.78 53.02
N LEU C 945 -2.15 23.49 52.41
CA LEU C 945 -2.30 23.44 50.98
C LEU C 945 -1.28 24.31 50.24
N SER C 946 -0.63 25.25 50.92
CA SER C 946 0.37 26.07 50.27
C SER C 946 1.75 25.43 50.36
N SER C 947 2.13 24.95 51.54
CA SER C 947 3.46 24.38 51.72
C SER C 947 3.61 23.06 50.96
N THR C 948 2.62 22.18 51.07
CA THR C 948 2.69 20.90 50.37
C THR C 948 2.42 21.10 48.88
N PRO C 949 3.38 20.79 48.01
CA PRO C 949 3.17 21.00 46.57
C PRO C 949 2.32 19.89 45.94
N SER C 950 2.30 18.72 46.57
CA SER C 950 1.59 17.57 46.04
C SER C 950 0.15 17.48 46.53
N ALA C 951 -0.36 18.52 47.20
CA ALA C 951 -1.74 18.47 47.68
C ALA C 951 -2.73 18.61 46.54
N LEU C 952 -2.56 19.64 45.71
CA LEU C 952 -3.47 19.89 44.59
C LEU C 952 -3.04 19.21 43.31
N GLY C 953 -2.26 18.12 43.40
CA GLY C 953 -1.75 17.48 42.19
C GLY C 953 -2.79 16.68 41.45
N LYS C 954 -3.85 16.25 42.13
CA LYS C 954 -4.87 15.45 41.48
C LYS C 954 -5.59 16.23 40.39
N LEU C 955 -5.78 17.53 40.59
CA LEU C 955 -6.40 18.36 39.56
C LEU C 955 -5.39 18.77 38.49
N GLN C 956 -4.13 18.99 38.89
CA GLN C 956 -3.10 19.31 37.92
C GLN C 956 -2.85 18.15 36.97
N ASP C 957 -2.89 16.92 37.49
CA ASP C 957 -2.71 15.76 36.63
C ASP C 957 -3.85 15.60 35.63
N VAL C 958 -5.06 16.05 36.01
CA VAL C 958 -6.19 15.98 35.08
C VAL C 958 -6.08 17.07 34.03
N VAL C 959 -5.72 18.29 34.44
CA VAL C 959 -5.62 19.38 33.47
C VAL C 959 -4.38 19.22 32.60
N ASN C 960 -3.44 18.36 33.00
CA ASN C 960 -2.26 18.13 32.18
C ASN C 960 -2.47 17.01 31.18
N HIS C 961 -3.22 15.97 31.57
CA HIS C 961 -3.49 14.87 30.65
C HIS C 961 -4.34 15.35 29.47
N ASN C 962 -5.22 16.32 29.69
CA ASN C 962 -5.99 16.88 28.58
C ASN C 962 -5.10 17.73 27.68
N ALA C 963 -4.16 18.45 28.26
CA ALA C 963 -3.24 19.26 27.46
C ALA C 963 -2.24 18.37 26.74
N GLN C 964 -1.82 17.27 27.37
CA GLN C 964 -0.87 16.36 26.75
C GLN C 964 -1.49 15.64 25.55
N ALA C 965 -2.79 15.37 25.62
CA ALA C 965 -3.46 14.67 24.52
C ALA C 965 -3.59 15.59 23.31
N LEU C 966 -3.83 16.89 23.54
CA LEU C 966 -3.98 17.82 22.43
C LEU C 966 -2.64 18.08 21.76
N ASN C 967 -1.60 18.30 22.55
CA ASN C 967 -0.29 18.60 21.98
C ASN C 967 0.28 17.41 21.20
N THR C 968 -0.10 16.19 21.59
CA THR C 968 0.34 15.01 20.83
C THR C 968 -0.38 14.94 19.49
N LEU C 969 -1.64 15.36 19.44
CA LEU C 969 -2.37 15.34 18.18
C LEU C 969 -1.81 16.37 17.20
N VAL C 970 -1.54 17.59 17.69
CA VAL C 970 -0.95 18.61 16.83
C VAL C 970 0.44 18.19 16.37
N LYS C 971 1.17 17.45 17.22
CA LYS C 971 2.46 16.93 16.80
C LYS C 971 2.32 15.87 15.73
N GLN C 972 1.32 14.99 15.87
CA GLN C 972 1.05 13.97 14.87
C GLN C 972 0.46 14.54 13.59
N LEU C 973 0.01 15.79 13.60
CA LEU C 973 -0.43 16.43 12.37
C LEU C 973 0.71 16.50 11.36
N SER C 974 1.91 16.85 11.83
CA SER C 974 3.11 16.81 11.00
C SER C 974 3.83 15.46 11.07
N SER C 975 3.58 14.68 12.13
CA SER C 975 4.13 13.34 12.27
C SER C 975 3.27 12.34 11.51
N LYS C 976 3.42 11.05 11.83
CA LYS C 976 2.69 9.96 11.17
C LYS C 976 3.08 9.88 9.70
N PHE C 977 4.33 9.53 9.45
CA PHE C 977 4.87 9.30 8.11
C PHE C 977 4.05 8.19 7.45
N GLY C 978 4.24 8.00 6.14
CA GLY C 978 3.47 7.06 5.36
C GLY C 978 3.22 7.50 3.94
N ALA C 979 3.56 8.74 3.59
CA ALA C 979 3.45 9.23 2.22
C ALA C 979 4.80 9.80 1.81
N ILE C 980 4.82 10.46 0.65
CA ILE C 980 6.05 11.07 0.16
C ILE C 980 6.52 12.16 1.12
N SER C 981 5.57 12.92 1.66
CA SER C 981 5.90 13.98 2.60
C SER C 981 4.69 14.23 3.50
N SER C 982 4.95 14.85 4.66
CA SER C 982 3.87 15.14 5.59
C SER C 982 3.11 16.40 5.21
N VAL C 983 3.78 17.32 4.51
CA VAL C 983 3.13 18.56 4.08
C VAL C 983 2.09 18.20 3.00
N LEU C 984 0.83 18.52 3.27
CA LEU C 984 -0.24 18.14 2.35
C LEU C 984 -0.17 18.93 1.06
N ASN C 985 0.29 20.19 1.13
CA ASN C 985 0.40 21.00 -0.07
C ASN C 985 1.52 20.52 -0.98
N ASP C 986 2.54 19.86 -0.43
CA ASP C 986 3.64 19.36 -1.27
C ASP C 986 3.20 18.19 -2.14
N ILE C 987 2.43 17.25 -1.57
CA ILE C 987 1.98 16.09 -2.34
C ILE C 987 1.11 16.54 -3.51
N LEU C 988 0.35 17.61 -3.33
CA LEU C 988 -0.47 18.17 -4.40
C LEU C 988 0.32 19.06 -5.35
N SER C 989 1.64 19.12 -5.21
CA SER C 989 2.46 19.98 -6.06
C SER C 989 3.72 19.28 -6.54
N ARG C 990 4.05 18.13 -5.95
CA ARG C 990 5.28 17.43 -6.29
C ARG C 990 5.06 16.19 -7.15
N LEU C 991 3.82 15.86 -7.49
CA LEU C 991 3.56 14.70 -8.34
C LEU C 991 2.18 14.85 -8.96
N ASP C 992 1.80 13.84 -9.75
CA ASP C 992 0.57 13.88 -10.53
C ASP C 992 -0.65 13.66 -9.64
N PRO C 993 -1.76 14.31 -9.93
CA PRO C 993 -3.00 14.12 -9.15
C PRO C 993 -3.45 12.67 -9.11
N PRO C 994 -3.52 11.96 -10.24
CA PRO C 994 -3.98 10.56 -10.18
C PRO C 994 -3.00 9.64 -9.48
N GLU C 995 -1.74 10.04 -9.32
CA GLU C 995 -0.78 9.21 -8.62
C GLU C 995 -0.70 9.56 -7.14
N ALA C 996 -1.07 10.79 -6.78
CA ALA C 996 -0.96 11.23 -5.39
C ALA C 996 -2.12 10.73 -4.54
N GLU C 997 -3.13 10.09 -5.17
CA GLU C 997 -4.29 9.63 -4.42
C GLU C 997 -3.90 8.61 -3.36
N VAL C 998 -2.96 7.72 -3.68
CA VAL C 998 -2.52 6.74 -2.70
C VAL C 998 -1.79 7.41 -1.54
N GLN C 999 -1.02 8.46 -1.82
CA GLN C 999 -0.35 9.20 -0.75
C GLN C 999 -1.36 9.90 0.15
N ILE C 1000 -2.40 10.49 -0.45
CA ILE C 1000 -3.44 11.14 0.35
C ILE C 1000 -4.17 10.12 1.20
N ASP C 1001 -4.46 8.94 0.63
CA ASP C 1001 -5.12 7.89 1.41
C ASP C 1001 -4.23 7.42 2.55
N ARG C 1002 -2.91 7.40 2.34
CA ARG C 1002 -2.00 7.03 3.41
C ARG C 1002 -1.98 8.10 4.50
N LEU C 1003 -2.07 9.37 4.12
CA LEU C 1003 -2.10 10.43 5.12
C LEU C 1003 -3.45 10.47 5.84
N ILE C 1004 -4.54 10.24 5.12
CA ILE C 1004 -5.86 10.25 5.75
C ILE C 1004 -5.98 9.10 6.75
N THR C 1005 -5.54 7.92 6.35
CA THR C 1005 -5.62 6.76 7.24
C THR C 1005 -4.81 6.98 8.51
N GLY C 1006 -3.60 7.53 8.36
CA GLY C 1006 -2.75 7.74 9.53
C GLY C 1006 -3.31 8.78 10.48
N ARG C 1007 -3.89 9.86 9.93
CA ARG C 1007 -4.44 10.91 10.79
C ARG C 1007 -5.78 10.51 11.37
N LEU C 1008 -6.55 9.69 10.65
CA LEU C 1008 -7.84 9.24 11.16
C LEU C 1008 -7.67 8.29 12.33
N GLN C 1009 -6.68 7.39 12.26
CA GLN C 1009 -6.44 6.48 13.38
C GLN C 1009 -5.93 7.22 14.61
N SER C 1010 -5.21 8.32 14.41
CA SER C 1010 -4.76 9.11 15.55
C SER C 1010 -5.93 9.77 16.26
N LEU C 1011 -6.88 10.30 15.49
CA LEU C 1011 -8.07 10.89 16.10
C LEU C 1011 -8.91 9.84 16.81
N GLN C 1012 -8.97 8.62 16.26
CA GLN C 1012 -9.69 7.55 16.92
C GLN C 1012 -9.03 7.17 18.25
N THR C 1013 -7.70 7.11 18.27
CA THR C 1013 -7.00 6.82 19.53
C THR C 1013 -7.21 7.94 20.53
N TYR C 1014 -7.21 9.19 20.06
CA TYR C 1014 -7.49 10.31 20.95
C TYR C 1014 -8.89 10.21 21.53
N VAL C 1015 -9.87 9.84 20.71
CA VAL C 1015 -11.25 9.73 21.18
C VAL C 1015 -11.38 8.60 22.18
N THR C 1016 -10.68 7.49 21.95
CA THR C 1016 -10.73 6.37 22.90
C THR C 1016 -10.09 6.75 24.23
N GLN C 1017 -8.94 7.43 24.19
CA GLN C 1017 -8.30 7.87 25.42
C GLN C 1017 -9.18 8.88 26.15
N GLN C 1018 -9.86 9.75 25.40
CA GLN C 1018 -10.77 10.71 26.02
C GLN C 1018 -11.96 10.00 26.64
N LEU C 1019 -12.45 8.93 26.02
CA LEU C 1019 -13.53 8.16 26.62
C LEU C 1019 -13.10 7.51 27.91
N ILE C 1020 -11.89 6.95 27.94
CA ILE C 1020 -11.39 6.31 29.17
C ILE C 1020 -11.23 7.35 30.27
N ARG C 1021 -10.59 8.48 29.96
CA ARG C 1021 -10.41 9.53 30.95
C ARG C 1021 -11.74 10.12 31.39
N ALA C 1022 -12.73 10.17 30.49
CA ALA C 1022 -14.04 10.68 30.86
C ALA C 1022 -14.76 9.72 31.79
N ALA C 1023 -14.58 8.41 31.57
CA ALA C 1023 -15.12 7.44 32.52
C ALA C 1023 -14.47 7.59 33.89
N GLU C 1024 -13.16 7.80 33.92
CA GLU C 1024 -12.47 8.03 35.20
C GLU C 1024 -13.01 9.28 35.90
N ILE C 1025 -13.13 10.38 35.15
CA ILE C 1025 -13.59 11.63 35.74
C ILE C 1025 -15.06 11.51 36.16
N ARG C 1026 -15.84 10.70 35.45
CA ARG C 1026 -17.24 10.50 35.83
C ARG C 1026 -17.34 9.69 37.12
N ALA C 1027 -16.49 8.68 37.27
CA ALA C 1027 -16.44 7.95 38.54
C ALA C 1027 -16.04 8.89 39.67
N SER C 1028 -15.04 9.73 39.45
CA SER C 1028 -14.62 10.68 40.48
C SER C 1028 -15.74 11.68 40.80
N ALA C 1029 -16.49 12.10 39.79
CA ALA C 1029 -17.57 13.06 40.03
C ALA C 1029 -18.73 12.42 40.75
N ASN C 1030 -19.02 11.15 40.46
CA ASN C 1030 -20.04 10.44 41.22
C ASN C 1030 -19.61 10.27 42.68
N LEU C 1031 -18.33 9.98 42.90
CA LEU C 1031 -17.83 9.88 44.27
C LEU C 1031 -17.95 11.23 44.98
N ALA C 1032 -17.65 12.32 44.29
CA ALA C 1032 -17.74 13.65 44.89
C ALA C 1032 -19.19 14.02 45.18
N ALA C 1033 -20.11 13.63 44.30
CA ALA C 1033 -21.53 13.93 44.52
C ALA C 1033 -22.08 13.12 45.69
N THR C 1034 -21.67 11.85 45.81
CA THR C 1034 -22.04 11.07 46.97
C THR C 1034 -21.43 11.67 48.24
N LYS C 1035 -20.21 12.21 48.13
CA LYS C 1035 -19.56 12.83 49.27
C LYS C 1035 -20.18 14.17 49.62
N MET C 1036 -20.74 14.87 48.63
CA MET C 1036 -21.39 16.14 48.91
C MET C 1036 -22.70 15.94 49.66
N SER C 1037 -23.42 14.87 49.35
CA SER C 1037 -24.72 14.65 49.97
C SER C 1037 -24.57 13.97 51.33
N GLU C 1038 -23.56 13.12 51.51
CA GLU C 1038 -23.43 12.36 52.74
C GLU C 1038 -22.57 13.07 53.77
N CYS C 1039 -21.54 13.79 53.35
CA CYS C 1039 -20.64 14.47 54.28
C CYS C 1039 -21.03 15.92 54.53
N VAL C 1040 -21.48 16.64 53.50
CA VAL C 1040 -21.82 18.06 53.67
C VAL C 1040 -23.29 18.22 54.06
N LEU C 1041 -24.20 17.63 53.29
CA LEU C 1041 -25.63 17.74 53.56
C LEU C 1041 -26.10 16.87 54.72
N GLY C 1042 -25.18 16.21 55.41
CA GLY C 1042 -25.54 15.40 56.54
C GLY C 1042 -24.32 14.95 57.32
N GLN C 1043 -24.53 13.97 58.19
CA GLN C 1043 -23.46 13.40 58.99
C GLN C 1043 -23.39 11.91 58.72
N SER C 1044 -22.22 11.44 58.29
CA SER C 1044 -22.03 10.07 57.84
C SER C 1044 -21.43 9.23 58.96
N LYS C 1045 -22.07 8.08 59.23
CA LYS C 1045 -21.51 7.11 60.17
C LYS C 1045 -20.52 6.17 59.50
N ARG C 1046 -20.38 6.24 58.18
CA ARG C 1046 -19.43 5.40 57.44
C ARG C 1046 -18.02 5.79 57.85
N VAL C 1047 -17.23 4.80 58.27
CA VAL C 1047 -15.88 5.07 58.77
C VAL C 1047 -14.97 5.40 57.60
N ASP C 1048 -14.13 6.42 57.78
CA ASP C 1048 -13.12 6.86 56.84
C ASP C 1048 -13.70 7.30 55.50
N PHE C 1049 -14.98 7.68 55.47
CA PHE C 1049 -15.58 8.17 54.23
C PHE C 1049 -15.54 9.70 54.16
N CYS C 1050 -15.70 10.36 55.31
CA CYS C 1050 -15.65 11.82 55.36
C CYS C 1050 -14.47 12.27 56.21
N GLY C 1051 -13.31 11.65 56.01
CA GLY C 1051 -12.12 12.01 56.75
C GLY C 1051 -11.75 11.00 57.83
N LYS C 1052 -10.53 11.12 58.32
CA LYS C 1052 -10.03 10.24 59.36
C LYS C 1052 -10.60 10.64 60.71
N GLY C 1053 -11.29 9.71 61.36
CA GLY C 1053 -11.92 9.95 62.64
C GLY C 1053 -13.43 10.04 62.51
N TYR C 1054 -14.06 10.34 63.65
CA TYR C 1054 -15.51 10.48 63.72
C TYR C 1054 -15.94 11.76 63.04
N HIS C 1055 -16.69 11.63 61.95
CA HIS C 1055 -17.06 12.79 61.13
C HIS C 1055 -18.10 13.64 61.84
N LEU C 1056 -17.87 14.95 61.85
CA LEU C 1056 -18.83 15.91 62.40
C LEU C 1056 -19.54 16.69 61.29
N MET C 1057 -18.78 17.34 60.42
CA MET C 1057 -19.35 18.20 59.39
C MET C 1057 -18.28 18.46 58.34
N SER C 1058 -18.73 18.66 57.10
CA SER C 1058 -17.84 18.93 55.99
C SER C 1058 -18.27 20.23 55.31
N PHE C 1059 -17.29 20.93 54.74
CA PHE C 1059 -17.51 22.18 54.05
C PHE C 1059 -16.97 22.09 52.63
N PRO C 1060 -17.78 22.34 51.62
CA PRO C 1060 -17.28 22.29 50.24
C PRO C 1060 -16.55 23.57 49.86
N GLN C 1061 -15.61 23.43 48.92
CA GLN C 1061 -14.86 24.56 48.39
C GLN C 1061 -14.70 24.39 46.89
N SER C 1062 -14.92 25.47 46.16
CA SER C 1062 -14.80 25.44 44.71
C SER C 1062 -13.32 25.38 44.30
N ALA C 1063 -13.06 24.62 43.25
CA ALA C 1063 -11.71 24.45 42.73
C ALA C 1063 -11.80 24.29 41.22
N PRO C 1064 -10.75 24.67 40.49
CA PRO C 1064 -10.78 24.53 39.03
C PRO C 1064 -10.89 23.07 38.62
N HIS C 1065 -12.01 22.75 37.97
CA HIS C 1065 -12.32 21.39 37.51
C HIS C 1065 -12.32 20.38 38.65
N GLY C 1066 -12.72 20.79 39.85
CA GLY C 1066 -12.73 19.90 40.98
C GLY C 1066 -13.45 20.51 42.16
N VAL C 1067 -13.33 19.83 43.30
CA VAL C 1067 -13.95 20.26 44.54
C VAL C 1067 -13.06 19.84 45.70
N VAL C 1068 -13.03 20.66 46.74
CA VAL C 1068 -12.24 20.39 47.95
C VAL C 1068 -13.17 20.35 49.14
N PHE C 1069 -13.13 19.25 49.89
CA PHE C 1069 -13.95 19.07 51.08
C PHE C 1069 -13.09 19.27 52.31
N LEU C 1070 -13.55 20.14 53.22
CA LEU C 1070 -12.89 20.37 54.50
C LEU C 1070 -13.63 19.53 55.55
N HIS C 1071 -13.11 18.32 55.79
CA HIS C 1071 -13.76 17.38 56.70
C HIS C 1071 -13.39 17.70 58.14
N VAL C 1072 -14.36 18.16 58.92
CA VAL C 1072 -14.18 18.40 60.35
C VAL C 1072 -14.51 17.10 61.08
N THR C 1073 -13.52 16.53 61.75
CA THR C 1073 -13.66 15.23 62.39
C THR C 1073 -13.38 15.33 63.88
N TYR C 1074 -13.82 14.31 64.61
CA TYR C 1074 -13.61 14.22 66.05
C TYR C 1074 -12.54 13.17 66.33
N VAL C 1075 -11.40 13.61 66.82
CA VAL C 1075 -10.27 12.72 67.12
C VAL C 1075 -10.02 12.74 68.62
N PRO C 1076 -10.34 11.67 69.34
CA PRO C 1076 -10.09 11.65 70.78
C PRO C 1076 -8.61 11.53 71.10
N ALA C 1077 -8.25 12.00 72.29
CA ALA C 1077 -6.85 11.99 72.72
C ALA C 1077 -6.80 11.92 74.24
N GLN C 1078 -5.58 11.72 74.75
CA GLN C 1078 -5.33 11.66 76.19
C GLN C 1078 -6.17 10.57 76.86
N GLU C 1079 -5.93 9.33 76.45
CA GLU C 1079 -6.69 8.22 77.00
C GLU C 1079 -6.02 7.66 78.25
N LYS C 1080 -6.83 7.29 79.22
CA LYS C 1080 -6.35 6.68 80.47
C LYS C 1080 -6.92 5.27 80.60
N ASN C 1081 -6.10 4.35 81.10
CA ASN C 1081 -6.52 2.97 81.22
C ASN C 1081 -7.19 2.73 82.56
N PHE C 1082 -8.28 1.96 82.53
CA PHE C 1082 -9.06 1.68 83.74
C PHE C 1082 -9.41 0.19 83.76
N THR C 1083 -9.89 -0.25 84.92
CA THR C 1083 -10.38 -1.62 85.07
C THR C 1083 -11.88 -1.67 84.80
N THR C 1084 -12.28 -2.60 83.94
CA THR C 1084 -13.67 -2.70 83.52
C THR C 1084 -14.24 -4.03 83.97
N ALA C 1085 -15.57 -4.12 83.94
CA ALA C 1085 -16.29 -5.34 84.31
C ALA C 1085 -17.55 -5.40 83.46
N PRO C 1086 -17.95 -6.59 83.01
CA PRO C 1086 -19.17 -6.69 82.19
C PRO C 1086 -20.44 -6.28 82.90
N ALA C 1087 -20.61 -6.66 84.17
CA ALA C 1087 -21.84 -6.38 84.89
C ALA C 1087 -21.53 -6.10 86.35
N ILE C 1088 -22.57 -5.70 87.08
CA ILE C 1088 -22.48 -5.40 88.51
C ILE C 1088 -23.54 -6.23 89.23
N CYS C 1089 -23.14 -6.92 90.29
CA CYS C 1089 -24.05 -7.75 91.07
C CYS C 1089 -24.24 -7.13 92.45
N HIS C 1090 -25.43 -6.58 92.69
CA HIS C 1090 -25.71 -5.94 93.98
C HIS C 1090 -26.79 -6.75 94.70
N ASP C 1091 -27.99 -6.87 94.15
CA ASP C 1091 -29.05 -7.64 94.80
C ASP C 1091 -29.14 -9.04 94.22
N GLY C 1092 -28.05 -9.79 94.23
CA GLY C 1092 -28.04 -11.09 93.61
C GLY C 1092 -28.44 -11.13 92.15
N LYS C 1093 -28.51 -9.98 91.49
CA LYS C 1093 -28.94 -9.87 90.10
C LYS C 1093 -27.96 -9.00 89.33
N ALA C 1094 -27.65 -9.41 88.11
CA ALA C 1094 -26.64 -8.74 87.29
C ALA C 1094 -27.20 -7.45 86.71
N HIS C 1095 -26.45 -6.36 86.84
CA HIS C 1095 -26.82 -5.07 86.29
C HIS C 1095 -25.90 -4.73 85.12
N PHE C 1096 -26.50 -4.38 83.99
CA PHE C 1096 -25.74 -4.03 82.80
C PHE C 1096 -25.93 -2.55 82.48
N PRO C 1097 -24.89 -1.90 81.93
CA PRO C 1097 -25.02 -0.47 81.57
C PRO C 1097 -25.88 -0.32 80.33
N ARG C 1098 -26.93 0.49 80.43
CA ARG C 1098 -27.83 0.70 79.30
C ARG C 1098 -27.22 1.63 78.26
N GLU C 1099 -26.42 2.60 78.68
CA GLU C 1099 -25.67 3.44 77.76
C GLU C 1099 -24.35 3.87 78.39
N GLY C 1100 -23.28 3.13 78.13
CA GLY C 1100 -22.00 3.44 78.70
C GLY C 1100 -21.26 2.17 79.08
N VAL C 1101 -20.11 2.37 79.74
CA VAL C 1101 -19.25 1.28 80.16
C VAL C 1101 -18.95 1.43 81.64
N PHE C 1102 -18.53 0.33 82.26
CA PHE C 1102 -18.12 0.36 83.66
C PHE C 1102 -16.61 0.57 83.76
N VAL C 1103 -16.22 1.50 84.62
CA VAL C 1103 -14.81 1.83 84.82
C VAL C 1103 -14.51 1.84 86.31
N SER C 1104 -13.26 1.52 86.66
CA SER C 1104 -12.81 1.49 88.04
C SER C 1104 -11.43 2.12 88.13
N ASN C 1105 -11.28 3.08 89.05
CA ASN C 1105 -10.01 3.75 89.26
C ASN C 1105 -9.19 3.11 90.38
N GLY C 1106 -9.52 1.89 90.77
CA GLY C 1106 -8.81 1.18 91.82
C GLY C 1106 -9.59 1.00 93.10
N THR C 1107 -10.41 1.99 93.48
CA THR C 1107 -11.18 1.93 94.71
C THR C 1107 -12.68 2.08 94.53
N HIS C 1108 -13.14 2.71 93.45
CA HIS C 1108 -14.56 2.90 93.22
C HIS C 1108 -14.90 2.50 91.79
N TRP C 1109 -16.18 2.23 91.56
CA TRP C 1109 -16.68 1.86 90.25
C TRP C 1109 -17.63 2.95 89.73
N PHE C 1110 -17.42 3.36 88.49
CA PHE C 1110 -18.23 4.39 87.87
C PHE C 1110 -18.74 3.89 86.52
N VAL C 1111 -19.73 4.59 85.98
CA VAL C 1111 -20.24 4.36 84.64
C VAL C 1111 -20.05 5.63 83.83
N THR C 1112 -19.41 5.50 82.68
CA THR C 1112 -19.05 6.64 81.87
C THR C 1112 -19.39 6.38 80.41
N GLN C 1113 -19.32 7.43 79.60
CA GLN C 1113 -19.54 7.30 78.17
C GLN C 1113 -18.46 6.43 77.53
N ARG C 1114 -18.78 5.87 76.38
CA ARG C 1114 -17.84 4.98 75.70
C ARG C 1114 -16.73 5.74 74.98
N ASN C 1115 -16.96 7.01 74.63
CA ASN C 1115 -16.00 7.79 73.86
C ASN C 1115 -15.44 8.99 74.62
N PHE C 1116 -15.91 9.24 75.84
CA PHE C 1116 -15.41 10.37 76.63
C PHE C 1116 -15.51 10.01 78.10
N TYR C 1117 -14.49 10.37 78.87
CA TYR C 1117 -14.45 10.00 80.28
C TYR C 1117 -15.29 10.97 81.10
N GLU C 1118 -16.42 10.47 81.62
CA GLU C 1118 -17.27 11.26 82.50
C GLU C 1118 -17.80 10.34 83.59
N PRO C 1119 -17.08 10.23 84.71
CA PRO C 1119 -17.45 9.25 85.74
C PRO C 1119 -18.73 9.65 86.45
N GLN C 1120 -19.68 8.72 86.49
CA GLN C 1120 -20.94 8.90 87.20
C GLN C 1120 -21.19 7.71 88.11
N ILE C 1121 -21.88 7.94 89.22
CA ILE C 1121 -22.16 6.87 90.15
C ILE C 1121 -23.11 5.87 89.52
N ILE C 1122 -22.84 4.59 89.74
CA ILE C 1122 -23.68 3.52 89.20
C ILE C 1122 -25.01 3.51 89.93
N THR C 1123 -26.07 3.93 89.24
CA THR C 1123 -27.39 4.01 89.83
C THR C 1123 -28.35 3.14 89.03
N THR C 1124 -29.59 3.07 89.49
CA THR C 1124 -30.62 2.32 88.78
C THR C 1124 -31.13 3.05 87.54
N ASP C 1125 -30.78 4.31 87.37
CA ASP C 1125 -31.24 5.08 86.22
C ASP C 1125 -30.39 4.79 84.99
N ASN C 1126 -29.09 4.60 85.18
CA ASN C 1126 -28.16 4.37 84.08
C ASN C 1126 -27.76 2.91 83.92
N THR C 1127 -28.42 2.00 84.64
CA THR C 1127 -28.15 0.57 84.52
C THR C 1127 -29.46 -0.19 84.50
N PHE C 1128 -29.49 -1.28 83.72
CA PHE C 1128 -30.64 -2.16 83.66
C PHE C 1128 -30.24 -3.56 84.10
N VAL C 1129 -31.18 -4.26 84.73
CA VAL C 1129 -30.95 -5.57 85.32
C VAL C 1129 -31.59 -6.64 84.46
N SER C 1130 -30.88 -7.73 84.24
CA SER C 1130 -31.41 -8.85 83.48
C SER C 1130 -30.66 -10.11 83.84
N GLY C 1131 -31.34 -11.04 84.51
CA GLY C 1131 -30.77 -12.32 84.86
C GLY C 1131 -30.02 -12.31 86.18
N ASN C 1132 -29.52 -13.48 86.56
CA ASN C 1132 -28.78 -13.64 87.78
C ASN C 1132 -27.30 -13.33 87.57
N CYS C 1133 -26.50 -13.61 88.59
CA CYS C 1133 -25.06 -13.34 88.54
C CYS C 1133 -24.21 -14.59 88.33
N ASP C 1134 -24.83 -15.71 87.95
CA ASP C 1134 -24.09 -16.96 87.76
C ASP C 1134 -23.85 -17.28 86.28
N VAL C 1135 -24.35 -16.46 85.36
CA VAL C 1135 -24.18 -16.72 83.93
C VAL C 1135 -23.23 -15.74 83.24
N VAL C 1136 -22.72 -14.74 83.96
CA VAL C 1136 -21.85 -13.73 83.39
C VAL C 1136 -20.47 -13.90 84.01
N ILE C 1137 -19.44 -14.00 83.16
CA ILE C 1137 -18.07 -14.11 83.63
C ILE C 1137 -17.48 -12.70 83.79
N GLY C 1138 -16.53 -12.59 84.70
CA GLY C 1138 -15.89 -11.31 84.96
C GLY C 1138 -16.74 -10.31 85.72
N ILE C 1139 -17.93 -10.71 86.17
CA ILE C 1139 -18.78 -9.79 86.90
C ILE C 1139 -18.18 -9.54 88.30
N VAL C 1140 -18.28 -8.28 88.75
CA VAL C 1140 -17.75 -7.89 90.04
C VAL C 1140 -18.88 -7.40 90.92
N ASN C 1141 -18.60 -7.29 92.23
CA ASN C 1141 -19.58 -6.86 93.20
C ASN C 1141 -19.46 -5.35 93.44
N ASN C 1142 -20.59 -4.66 93.45
CA ASN C 1142 -20.63 -3.23 93.71
C ASN C 1142 -22.06 -2.83 94.00
N THR C 1143 -22.21 -1.76 94.79
CA THR C 1143 -23.55 -1.29 95.15
C THR C 1143 -24.13 -0.43 94.03
N VAL C 1144 -25.45 -0.53 93.85
CA VAL C 1144 -26.18 0.25 92.86
C VAL C 1144 -27.09 1.20 93.62
N TYR C 1145 -26.83 2.50 93.47
CA TYR C 1145 -27.57 3.51 94.22
C TYR C 1145 -29.00 3.64 93.68
N ASP C 1146 -29.97 3.51 94.58
CA ASP C 1146 -31.37 3.68 94.23
C ASP C 1146 -31.80 5.09 94.62
N PRO C 1147 -32.22 5.93 93.68
CA PRO C 1147 -32.56 7.32 94.04
C PRO C 1147 -33.71 7.44 95.03
N LEU C 1148 -34.73 6.60 94.92
CA LEU C 1148 -35.89 6.67 95.82
C LEU C 1148 -35.68 5.87 97.10
N GLN C 1149 -34.49 5.32 97.32
CA GLN C 1149 -34.21 4.56 98.53
C GLN C 1149 -34.01 5.47 99.74
N PRO C 1150 -33.16 6.52 99.68
CA PRO C 1150 -32.98 7.36 100.87
C PRO C 1150 -34.12 8.37 101.05
N GLU C 1151 -35.36 7.88 100.99
CA GLU C 1151 -36.57 8.69 101.20
C GLU C 1151 -36.76 9.75 100.11
N GLN D 25 9.80 -64.58 -12.55
CA GLN D 25 10.24 -65.69 -11.71
C GLN D 25 9.26 -65.94 -10.58
N CYS D 26 8.61 -64.88 -10.11
CA CYS D 26 7.67 -64.99 -9.01
C CYS D 26 6.42 -65.75 -9.45
N VAL D 27 5.72 -66.31 -8.48
CA VAL D 27 4.46 -66.99 -8.70
C VAL D 27 3.44 -66.50 -7.68
N ASN D 28 2.17 -66.58 -8.03
CA ASN D 28 1.08 -66.13 -7.16
C ASN D 28 0.72 -67.16 -6.11
N LEU D 29 1.49 -67.24 -5.02
CA LEU D 29 1.22 -68.25 -4.01
C LEU D 29 0.68 -67.68 -2.70
N ILE D 30 0.19 -66.45 -2.61
CA ILE D 30 -0.33 -65.93 -1.35
C ILE D 30 -1.81 -65.61 -1.47
N THR D 31 -2.15 -64.63 -2.31
CA THR D 31 -3.53 -64.17 -2.51
C THR D 31 -4.29 -64.06 -1.20
N ARG D 32 -3.81 -63.24 -0.28
CA ARG D 32 -4.39 -63.11 1.05
C ARG D 32 -5.70 -62.32 0.99
N THR D 33 -6.63 -62.67 1.86
CA THR D 33 -7.90 -61.98 1.93
C THR D 33 -7.76 -60.70 2.74
N GLN D 34 -8.88 -59.99 2.87
CA GLN D 34 -8.93 -58.73 3.62
C GLN D 34 -10.16 -58.70 4.50
N SER D 35 -10.10 -57.89 5.55
CA SER D 35 -11.21 -57.73 6.48
C SER D 35 -11.26 -56.27 6.92
N TYR D 36 -12.06 -56.00 7.96
CA TYR D 36 -12.20 -54.67 8.50
C TYR D 36 -12.23 -54.73 10.02
N THR D 37 -11.79 -53.65 10.65
CA THR D 37 -11.74 -53.57 12.11
C THR D 37 -11.76 -52.10 12.50
N ASN D 38 -11.87 -51.88 13.81
CA ASN D 38 -11.90 -50.53 14.37
C ASN D 38 -10.52 -50.20 14.93
N SER D 39 -9.93 -49.11 14.44
CA SER D 39 -8.62 -48.67 14.93
C SER D 39 -8.84 -47.65 16.04
N PHE D 40 -8.46 -48.02 17.26
CA PHE D 40 -8.61 -47.13 18.41
C PHE D 40 -7.53 -46.06 18.37
N THR D 41 -7.29 -45.39 19.50
CA THR D 41 -6.36 -44.27 19.47
C THR D 41 -4.94 -44.78 19.23
N ARG D 42 -4.56 -44.83 17.96
CA ARG D 42 -3.25 -45.33 17.53
C ARG D 42 -2.72 -44.42 16.45
N GLY D 43 -1.55 -44.78 15.91
CA GLY D 43 -1.00 -44.07 14.79
C GLY D 43 -0.57 -42.65 15.07
N VAL D 44 -0.37 -42.29 16.33
CA VAL D 44 0.10 -40.96 16.69
C VAL D 44 1.61 -40.96 16.72
N TYR D 45 2.22 -39.95 16.09
CA TYR D 45 3.66 -39.87 15.99
C TYR D 45 4.10 -38.44 16.32
N TYR D 46 5.40 -38.27 16.51
CA TYR D 46 5.96 -36.96 16.77
C TYR D 46 6.03 -36.17 15.47
N PRO D 47 5.31 -35.06 15.34
CA PRO D 47 5.35 -34.31 14.07
C PRO D 47 6.71 -33.70 13.78
N ASP D 48 7.47 -33.32 14.80
CA ASP D 48 8.77 -32.69 14.61
C ASP D 48 9.70 -33.09 15.76
N LYS D 49 10.95 -32.64 15.65
CA LYS D 49 11.96 -32.96 16.65
C LYS D 49 12.05 -31.86 17.69
N VAL D 50 10.95 -31.15 17.93
CA VAL D 50 10.91 -30.04 18.87
C VAL D 50 10.55 -30.59 20.25
N PHE D 51 11.39 -30.28 21.24
CA PHE D 51 11.12 -30.69 22.61
C PHE D 51 10.18 -29.69 23.27
N ARG D 52 9.21 -30.20 24.02
CA ARG D 52 8.28 -29.37 24.76
C ARG D 52 7.76 -30.15 25.95
N SER D 53 7.81 -29.55 27.13
CA SER D 53 7.52 -30.22 28.39
C SER D 53 6.28 -29.63 29.04
N SER D 54 5.33 -30.48 29.37
CA SER D 54 4.11 -30.10 30.08
C SER D 54 3.29 -29.07 29.30
N VAL D 55 3.29 -29.18 27.98
CA VAL D 55 2.50 -28.28 27.15
C VAL D 55 1.40 -29.06 26.44
N LEU D 56 0.46 -28.31 25.86
CA LEU D 56 -0.60 -28.86 25.03
C LEU D 56 -0.54 -28.19 23.67
N HIS D 57 0.19 -28.78 22.75
CA HIS D 57 0.48 -28.19 21.45
C HIS D 57 -0.49 -28.73 20.41
N SER D 58 -1.26 -27.84 19.79
CA SER D 58 -2.18 -28.20 18.72
C SER D 58 -1.44 -28.11 17.39
N THR D 59 -1.33 -29.24 16.70
CA THR D 59 -0.63 -29.31 15.42
C THR D 59 -1.57 -29.84 14.36
N HIS D 60 -1.41 -29.34 13.13
CA HIS D 60 -2.21 -29.76 11.99
C HIS D 60 -1.31 -30.47 11.00
N ASP D 61 -1.36 -31.80 11.01
CA ASP D 61 -0.51 -32.60 10.13
C ASP D 61 -1.27 -33.87 9.77
N LEU D 62 -0.64 -34.69 8.94
CA LEU D 62 -1.25 -35.94 8.49
C LEU D 62 -1.23 -36.95 9.63
N PHE D 63 -2.39 -37.18 10.25
CA PHE D 63 -2.54 -38.15 11.32
C PHE D 63 -3.63 -39.15 10.96
N LEU D 64 -3.57 -40.31 11.59
CA LEU D 64 -4.60 -41.31 11.43
C LEU D 64 -5.78 -40.95 12.31
N PRO D 65 -6.97 -40.73 11.74
CA PRO D 65 -8.12 -40.33 12.56
C PRO D 65 -8.47 -41.39 13.58
N PHE D 66 -8.87 -40.95 14.77
CA PHE D 66 -9.25 -41.87 15.84
C PHE D 66 -10.55 -42.58 15.49
N PHE D 67 -10.63 -43.85 15.89
CA PHE D 67 -11.78 -44.70 15.62
C PHE D 67 -12.06 -44.78 14.11
N SER D 68 -11.02 -45.06 13.34
CA SER D 68 -11.14 -45.13 11.90
C SER D 68 -11.41 -46.55 11.43
N ASN D 69 -11.68 -46.69 10.13
CA ASN D 69 -12.03 -47.97 9.53
C ASN D 69 -10.78 -48.56 8.87
N VAL D 70 -9.93 -49.15 9.71
CA VAL D 70 -8.68 -49.72 9.24
C VAL D 70 -8.94 -51.09 8.61
N THR D 71 -8.36 -51.32 7.43
CA THR D 71 -8.51 -52.58 6.72
C THR D 71 -7.53 -53.61 7.29
N TRP D 72 -8.05 -54.76 7.70
CA TRP D 72 -7.25 -55.84 8.27
C TRP D 72 -7.06 -56.91 7.21
N PHE D 73 -5.80 -57.17 6.86
CA PHE D 73 -5.44 -58.22 5.91
C PHE D 73 -4.99 -59.45 6.66
N HIS D 74 -5.44 -60.62 6.21
CA HIS D 74 -5.14 -61.87 6.87
C HIS D 74 -4.78 -62.96 5.88
N PRO D 90 -2.58 -58.32 -4.66
CA PRO D 90 -2.92 -56.98 -5.16
C PRO D 90 -2.16 -55.88 -4.41
N ALA D 91 -1.87 -54.78 -5.11
CA ALA D 91 -1.14 -53.68 -4.51
C ALA D 91 -2.10 -52.67 -3.89
N LEU D 92 -1.75 -52.18 -2.70
CA LEU D 92 -2.58 -51.22 -1.99
C LEU D 92 -2.16 -49.80 -2.34
N PRO D 93 -3.11 -48.87 -2.38
CA PRO D 93 -2.79 -47.48 -2.71
C PRO D 93 -2.09 -46.78 -1.56
N PHE D 94 -1.45 -45.65 -1.91
CA PHE D 94 -0.73 -44.80 -0.94
C PHE D 94 -1.24 -43.38 -1.16
N ASN D 95 -2.38 -43.06 -0.53
CA ASN D 95 -3.03 -41.78 -0.74
C ASN D 95 -2.14 -40.62 -0.29
N ASP D 96 -1.87 -40.56 1.03
CA ASP D 96 -0.99 -39.52 1.56
C ASP D 96 -0.17 -40.04 2.73
N GLY D 97 -0.18 -41.33 3.01
CA GLY D 97 0.52 -41.90 4.13
C GLY D 97 -0.22 -43.10 4.71
N VAL D 98 0.48 -44.20 4.95
CA VAL D 98 -0.13 -45.44 5.39
C VAL D 98 0.34 -45.77 6.80
N TYR D 99 -0.58 -46.22 7.64
CA TYR D 99 -0.25 -46.75 8.95
C TYR D 99 -0.19 -48.27 8.88
N PHE D 100 0.95 -48.83 9.25
CA PHE D 100 1.16 -50.27 9.16
C PHE D 100 1.44 -50.84 10.54
N ALA D 101 0.74 -51.91 10.87
CA ALA D 101 0.97 -52.63 12.12
C ALA D 101 0.71 -54.10 11.88
N SER D 102 1.53 -54.94 12.52
CA SER D 102 1.42 -56.39 12.33
C SER D 102 2.03 -57.08 13.53
N THR D 103 1.24 -57.92 14.20
CA THR D 103 1.73 -58.72 15.32
C THR D 103 2.22 -60.08 14.81
N GLU D 104 3.20 -60.02 13.92
CA GLU D 104 3.77 -61.22 13.33
C GLU D 104 4.44 -62.09 14.39
N LYS D 105 4.70 -63.35 14.04
CA LYS D 105 5.26 -64.27 15.02
C LYS D 105 6.72 -63.97 15.33
N SER D 106 7.61 -64.19 14.36
CA SER D 106 8.99 -63.75 14.56
C SER D 106 9.46 -62.78 13.49
N ASN D 107 9.48 -63.22 12.23
CA ASN D 107 10.03 -62.41 11.14
C ASN D 107 9.28 -62.58 9.83
N ILE D 108 7.97 -62.85 9.88
CA ILE D 108 7.25 -63.15 8.64
C ILE D 108 7.16 -61.90 7.76
N ILE D 109 7.30 -60.71 8.33
CA ILE D 109 7.33 -59.47 7.55
C ILE D 109 8.79 -59.07 7.34
N ARG D 110 9.17 -58.82 6.09
CA ARG D 110 10.54 -58.51 5.75
C ARG D 110 10.73 -57.15 5.09
N GLY D 111 9.67 -56.43 4.79
CA GLY D 111 9.80 -55.11 4.21
C GLY D 111 8.60 -54.78 3.35
N TRP D 112 8.74 -53.70 2.57
CA TRP D 112 7.65 -53.20 1.75
C TRP D 112 8.22 -52.71 0.42
N ILE D 113 7.31 -52.39 -0.50
CA ILE D 113 7.65 -51.85 -1.81
C ILE D 113 6.79 -50.61 -2.04
N PHE D 114 7.43 -49.53 -2.51
CA PHE D 114 6.74 -48.28 -2.74
C PHE D 114 7.02 -47.80 -4.16
N GLY D 115 6.18 -46.90 -4.64
CA GLY D 115 6.38 -46.32 -5.97
C GLY D 115 5.07 -45.89 -6.56
N THR D 116 5.14 -45.45 -7.82
CA THR D 116 3.93 -45.11 -8.56
C THR D 116 3.43 -46.30 -9.37
N THR D 117 4.27 -46.80 -10.28
CA THR D 117 3.96 -47.99 -11.05
C THR D 117 5.17 -48.92 -10.97
N LEU D 118 4.91 -50.22 -10.92
CA LEU D 118 5.97 -51.19 -10.68
C LEU D 118 6.57 -51.71 -11.99
N ASP D 119 6.52 -50.90 -13.05
CA ASP D 119 7.13 -51.27 -14.32
C ASP D 119 8.62 -50.93 -14.30
N SER D 120 9.27 -51.13 -15.45
CA SER D 120 10.70 -50.86 -15.55
C SER D 120 11.01 -49.39 -15.32
N LYS D 121 10.24 -48.48 -15.95
CA LYS D 121 10.42 -47.06 -15.75
C LYS D 121 9.77 -46.63 -14.44
N THR D 122 9.63 -45.32 -14.23
CA THR D 122 8.98 -44.79 -13.03
C THR D 122 9.69 -45.27 -11.77
N GLN D 123 10.91 -44.75 -11.56
CA GLN D 123 11.75 -45.16 -10.44
C GLN D 123 10.97 -45.28 -9.14
N SER D 124 11.29 -46.31 -8.37
CA SER D 124 10.53 -46.65 -7.17
C SER D 124 11.48 -46.94 -6.02
N LEU D 125 10.90 -47.26 -4.86
CA LEU D 125 11.63 -47.50 -3.63
C LEU D 125 11.39 -48.92 -3.15
N LEU D 126 12.42 -49.52 -2.57
CA LEU D 126 12.35 -50.88 -2.03
C LEU D 126 12.89 -50.90 -0.61
N ILE D 127 12.32 -51.78 0.22
CA ILE D 127 12.75 -51.95 1.60
C ILE D 127 12.78 -53.45 1.88
N VAL D 128 13.98 -53.97 2.16
CA VAL D 128 14.16 -55.39 2.47
C VAL D 128 15.04 -55.49 3.71
N ASN D 129 14.65 -56.33 4.65
CA ASN D 129 15.35 -56.49 5.92
C ASN D 129 15.98 -57.87 6.03
N ASN D 130 17.18 -57.92 6.59
CA ASN D 130 17.75 -59.19 7.03
C ASN D 130 17.13 -59.62 8.34
N ALA D 131 17.76 -60.62 8.97
CA ALA D 131 17.54 -60.85 10.39
C ALA D 131 18.52 -60.05 11.23
N THR D 132 19.48 -59.37 10.59
CA THR D 132 20.51 -58.62 11.28
C THR D 132 20.46 -57.13 10.96
N ASN D 133 20.44 -56.77 9.67
CA ASN D 133 20.51 -55.36 9.29
C ASN D 133 19.54 -55.10 8.14
N VAL D 134 19.03 -53.87 8.09
CA VAL D 134 18.08 -53.46 7.06
C VAL D 134 18.84 -52.92 5.86
N VAL D 135 18.28 -53.14 4.67
CA VAL D 135 18.86 -52.67 3.42
C VAL D 135 17.79 -51.91 2.65
N ILE D 136 18.10 -50.68 2.25
CA ILE D 136 17.19 -49.83 1.50
C ILE D 136 17.81 -49.52 0.15
N LYS D 137 16.99 -49.53 -0.90
CA LYS D 137 17.45 -49.18 -2.23
C LYS D 137 16.29 -48.54 -2.99
N VAL D 138 16.64 -47.57 -3.83
CA VAL D 138 15.65 -46.82 -4.60
C VAL D 138 15.86 -47.11 -6.08
N CYS D 139 16.33 -48.32 -6.39
CA CYS D 139 16.56 -48.72 -7.76
C CYS D 139 15.25 -48.79 -8.54
N GLU D 140 15.36 -48.74 -9.86
CA GLU D 140 14.20 -48.80 -10.74
C GLU D 140 14.28 -50.04 -11.61
N PHE D 141 13.18 -50.77 -11.70
CA PHE D 141 13.08 -52.00 -12.49
C PHE D 141 11.64 -52.50 -12.45
N GLN D 142 11.35 -53.46 -13.33
CA GLN D 142 10.05 -54.09 -13.35
C GLN D 142 9.89 -55.03 -12.17
N PHE D 143 8.79 -54.90 -11.44
CA PHE D 143 8.49 -55.79 -10.33
C PHE D 143 7.60 -56.93 -10.80
N CYS D 144 7.43 -57.91 -9.91
CA CYS D 144 6.49 -58.99 -10.17
C CYS D 144 5.25 -58.83 -9.31
N ASN D 145 4.14 -59.41 -9.78
CA ASN D 145 2.84 -59.19 -9.15
C ASN D 145 2.76 -59.73 -7.73
N ASP D 146 3.63 -60.66 -7.34
CA ASP D 146 3.62 -61.24 -5.99
C ASP D 146 5.05 -61.52 -5.57
N PRO D 147 5.76 -60.51 -5.07
CA PRO D 147 7.14 -60.72 -4.61
C PRO D 147 7.19 -61.49 -3.31
N PHE D 148 8.38 -62.02 -3.02
CA PHE D 148 8.60 -62.80 -1.80
C PHE D 148 10.09 -62.85 -1.54
N LEU D 149 10.45 -63.49 -0.43
CA LEU D 149 11.84 -63.68 -0.03
C LEU D 149 12.09 -65.16 0.24
N ASP D 150 13.03 -65.74 -0.50
CA ASP D 150 13.38 -67.14 -0.29
C ASP D 150 14.18 -67.28 1.00
N VAL D 151 13.67 -68.09 1.92
CA VAL D 151 14.30 -68.32 3.22
C VAL D 151 14.45 -69.81 3.44
N TYR D 152 15.65 -70.24 3.83
CA TYR D 152 15.92 -71.64 4.10
C TYR D 152 16.01 -71.90 5.59
N GLU D 161 20.68 -67.45 1.08
CA GLU D 161 19.39 -67.67 1.72
C GLU D 161 18.57 -66.39 1.76
N SER D 162 18.90 -65.45 0.87
CA SER D 162 18.19 -64.18 0.78
C SER D 162 18.01 -63.76 -0.67
N GLU D 163 18.04 -64.73 -1.59
CA GLU D 163 17.90 -64.44 -3.00
C GLU D 163 16.55 -63.80 -3.30
N PHE D 164 16.54 -62.54 -3.69
CA PHE D 164 15.29 -61.82 -3.91
C PHE D 164 14.62 -62.29 -5.20
N ARG D 165 15.28 -62.04 -6.34
CA ARG D 165 14.74 -62.41 -7.66
C ARG D 165 13.32 -61.88 -7.86
N VAL D 166 13.03 -60.72 -7.28
CA VAL D 166 11.71 -60.10 -7.45
C VAL D 166 11.72 -58.97 -8.45
N TYR D 167 12.85 -58.71 -9.09
CA TYR D 167 12.96 -57.63 -10.07
C TYR D 167 13.78 -58.09 -11.25
N SER D 168 13.62 -57.40 -12.38
CA SER D 168 14.32 -57.75 -13.61
C SER D 168 15.83 -57.59 -13.45
N SER D 169 16.30 -56.36 -13.23
CA SER D 169 17.73 -56.10 -13.11
C SER D 169 17.91 -54.67 -12.60
N ALA D 170 19.08 -54.44 -12.01
CA ALA D 170 19.44 -53.11 -11.49
C ALA D 170 19.68 -52.14 -12.64
N ASN D 171 18.84 -51.10 -12.74
CA ASN D 171 18.96 -50.15 -13.85
C ASN D 171 19.58 -48.82 -13.42
N ASN D 172 19.04 -48.16 -12.40
CA ASN D 172 19.57 -46.88 -11.97
C ASN D 172 20.24 -47.00 -10.60
N CYS D 173 19.48 -47.49 -9.61
CA CYS D 173 20.00 -47.78 -8.27
C CYS D 173 20.64 -46.54 -7.62
N THR D 174 19.79 -45.55 -7.35
CA THR D 174 20.24 -44.38 -6.63
C THR D 174 19.89 -44.49 -5.15
N PHE D 175 20.73 -43.90 -4.30
CA PHE D 175 20.51 -43.83 -2.86
C PHE D 175 20.37 -45.21 -2.23
N GLU D 176 21.43 -46.01 -2.24
CA GLU D 176 21.46 -47.23 -1.47
C GLU D 176 21.69 -46.88 -0.01
N TYR D 177 21.01 -47.60 0.87
CA TYR D 177 21.08 -47.29 2.30
C TYR D 177 21.02 -48.58 3.09
N VAL D 178 21.87 -48.66 4.12
CA VAL D 178 21.92 -49.80 5.03
C VAL D 178 22.09 -49.28 6.45
N SER D 179 21.45 -49.93 7.40
CA SER D 179 21.50 -49.53 8.80
C SER D 179 20.95 -50.65 9.66
N GLN D 180 20.76 -50.36 10.94
CA GLN D 180 20.17 -51.32 11.85
C GLN D 180 18.64 -51.23 11.77
N PRO D 181 17.94 -52.38 11.73
CA PRO D 181 16.47 -52.43 11.62
C PRO D 181 15.75 -51.68 12.74
N ASN D 195 4.98 -56.44 21.11
CA ASN D 195 5.21 -57.03 19.79
C ASN D 195 4.17 -56.55 18.79
N LEU D 196 3.75 -55.29 18.93
CA LEU D 196 2.78 -54.74 17.99
C LEU D 196 3.44 -54.34 16.67
N ARG D 197 4.61 -53.71 16.73
CA ARG D 197 5.38 -53.34 15.55
C ARG D 197 4.56 -52.45 14.61
N GLU D 198 4.19 -51.29 15.11
CA GLU D 198 3.40 -50.32 14.37
C GLU D 198 4.31 -49.31 13.68
N PHE D 199 4.02 -49.05 12.41
CA PHE D 199 4.82 -48.15 11.59
C PHE D 199 3.93 -47.08 10.96
N VAL D 200 4.55 -46.00 10.53
CA VAL D 200 3.89 -44.93 9.80
C VAL D 200 4.83 -44.44 8.70
N PHE D 201 4.32 -44.39 7.48
CA PHE D 201 5.09 -43.94 6.32
C PHE D 201 4.47 -42.67 5.77
N LYS D 202 5.31 -41.76 5.29
CA LYS D 202 4.83 -40.47 4.82
C LYS D 202 5.84 -39.88 3.84
N ASN D 203 5.32 -39.19 2.84
CA ASN D 203 6.14 -38.51 1.84
C ASN D 203 5.78 -37.03 1.81
N ILE D 204 6.78 -36.18 1.99
CA ILE D 204 6.59 -34.74 1.96
C ILE D 204 7.93 -34.10 1.64
N ASP D 205 7.91 -33.16 0.68
CA ASP D 205 9.11 -32.45 0.23
C ASP D 205 10.19 -33.44 -0.20
N GLY D 206 9.77 -34.54 -0.81
CA GLY D 206 10.68 -35.58 -1.26
C GLY D 206 11.09 -36.57 -0.19
N TYR D 207 11.35 -36.08 1.02
CA TYR D 207 11.82 -36.95 2.09
C TYR D 207 10.79 -38.03 2.41
N PHE D 208 11.28 -39.25 2.61
CA PHE D 208 10.46 -40.39 2.99
C PHE D 208 10.68 -40.66 4.46
N LYS D 209 9.71 -40.29 5.29
CA LYS D 209 9.82 -40.36 6.74
C LYS D 209 9.20 -41.65 7.24
N ILE D 210 9.85 -42.29 8.22
CA ILE D 210 9.41 -43.54 8.79
C ILE D 210 9.39 -43.41 10.31
N TYR D 211 8.29 -43.82 10.93
CA TYR D 211 8.14 -43.83 12.37
C TYR D 211 7.82 -45.25 12.83
N SER D 212 8.26 -45.60 14.03
CA SER D 212 8.09 -46.96 14.52
C SER D 212 8.09 -46.97 16.04
N LYS D 213 7.52 -48.04 16.59
CA LYS D 213 7.50 -48.26 18.03
C LYS D 213 7.08 -49.70 18.29
N HIS D 214 7.70 -50.31 19.30
CA HIS D 214 7.42 -51.68 19.69
C HIS D 214 6.88 -51.69 21.12
N THR D 215 5.65 -52.20 21.28
CA THR D 215 5.01 -52.28 22.58
C THR D 215 4.47 -53.69 22.80
N PRO D 216 4.71 -54.28 23.96
CA PRO D 216 4.19 -55.62 24.24
C PRO D 216 2.71 -55.57 24.58
N ILE D 217 1.92 -56.38 23.89
CA ILE D 217 0.48 -56.40 24.12
C ILE D 217 0.17 -57.27 25.33
N ASN D 218 -0.87 -56.90 26.08
CA ASN D 218 -1.24 -57.68 27.25
C ASN D 218 -2.06 -58.92 26.86
N LEU D 219 -2.95 -58.78 25.90
CA LEU D 219 -3.76 -59.90 25.43
C LEU D 219 -3.86 -59.83 23.92
N GLU D 220 -4.13 -60.99 23.30
CA GLU D 220 -4.19 -61.07 21.85
C GLU D 220 -5.45 -60.39 21.34
N ARG D 221 -5.26 -59.30 20.59
CA ARG D 221 -6.38 -58.57 20.00
C ARG D 221 -5.84 -57.68 18.88
N ASP D 222 -6.77 -57.12 18.12
CA ASP D 222 -6.42 -56.24 17.00
C ASP D 222 -6.45 -54.79 17.48
N LEU D 223 -5.32 -54.10 17.32
CA LEU D 223 -5.14 -52.71 17.73
C LEU D 223 -5.55 -52.51 19.19
N PRO D 224 -4.71 -52.94 20.13
CA PRO D 224 -5.08 -52.84 21.54
C PRO D 224 -5.19 -51.39 22.01
N GLN D 225 -5.81 -51.24 23.17
CA GLN D 225 -6.00 -49.92 23.76
C GLN D 225 -4.69 -49.34 24.27
N GLY D 226 -4.76 -48.14 24.82
CA GLY D 226 -3.58 -47.47 25.34
C GLY D 226 -2.94 -46.56 24.32
N PHE D 227 -2.10 -45.64 24.81
CA PHE D 227 -1.43 -44.70 23.93
C PHE D 227 0.06 -45.00 23.84
N SER D 228 0.61 -44.81 22.65
CA SER D 228 2.04 -45.00 22.42
C SER D 228 2.44 -44.19 21.19
N ALA D 229 3.23 -43.14 21.39
CA ALA D 229 3.66 -42.30 20.28
C ALA D 229 4.80 -42.97 19.52
N LEU D 230 4.78 -42.77 18.20
CA LEU D 230 5.78 -43.40 17.34
C LEU D 230 6.97 -42.46 17.16
N GLU D 231 8.17 -42.99 17.41
CA GLU D 231 9.39 -42.20 17.31
C GLU D 231 9.97 -42.28 15.90
N PRO D 232 10.53 -41.20 15.39
CA PRO D 232 11.13 -41.22 14.05
C PRO D 232 12.28 -42.22 13.99
N LEU D 233 12.28 -43.04 12.95
CA LEU D 233 13.29 -44.08 12.76
C LEU D 233 14.35 -43.68 11.74
N VAL D 234 13.93 -43.15 10.59
CA VAL D 234 14.87 -42.75 9.55
C VAL D 234 14.19 -41.70 8.68
N ASP D 235 14.99 -40.93 7.95
CA ASP D 235 14.49 -39.90 7.04
C ASP D 235 15.29 -40.01 5.75
N LEU D 236 14.65 -40.52 4.70
CA LEU D 236 15.34 -40.81 3.45
C LEU D 236 15.01 -39.75 2.41
N PRO D 237 16.01 -39.03 1.89
CA PRO D 237 15.75 -37.97 0.88
C PRO D 237 15.63 -38.52 -0.54
N ILE D 238 14.59 -39.31 -0.78
CA ILE D 238 14.30 -39.82 -2.12
C ILE D 238 13.53 -38.76 -2.90
N GLY D 239 13.35 -38.99 -4.20
CA GLY D 239 12.58 -38.08 -5.02
C GLY D 239 11.46 -38.76 -5.78
N ILE D 240 10.79 -39.72 -5.14
CA ILE D 240 9.80 -40.53 -5.83
C ILE D 240 8.39 -40.08 -5.46
N ASN D 241 7.50 -40.03 -6.45
CA ASN D 241 6.08 -39.77 -6.23
C ASN D 241 5.40 -41.10 -5.89
N ILE D 242 5.46 -41.45 -4.61
CA ILE D 242 4.96 -42.74 -4.17
C ILE D 242 3.44 -42.72 -4.11
N THR D 243 2.80 -43.57 -4.91
CA THR D 243 1.36 -43.73 -4.86
C THR D 243 0.91 -45.17 -4.77
N ARG D 244 1.82 -46.13 -4.69
CA ARG D 244 1.50 -47.54 -4.55
C ARG D 244 2.22 -48.12 -3.34
N PHE D 245 1.64 -49.17 -2.76
CA PHE D 245 2.18 -49.79 -1.57
C PHE D 245 1.93 -51.29 -1.62
N GLN D 246 2.94 -52.05 -1.21
CA GLN D 246 2.85 -53.51 -1.21
C GLN D 246 3.84 -54.06 -0.20
N THR D 247 3.43 -55.12 0.48
CA THR D 247 4.25 -55.74 1.51
C THR D 247 5.04 -56.92 0.96
N LEU D 248 6.08 -57.32 1.69
CA LEU D 248 6.94 -58.43 1.32
C LEU D 248 6.77 -59.56 2.32
N LEU D 249 6.37 -60.73 1.84
CA LEU D 249 6.18 -61.91 2.66
C LEU D 249 7.15 -63.00 2.24
N ALA D 250 8.01 -63.40 3.15
CA ALA D 250 8.96 -64.47 2.86
C ALA D 250 8.26 -65.82 2.90
N LEU D 251 8.33 -66.56 1.78
CA LEU D 251 7.66 -67.85 1.72
C LEU D 251 8.35 -68.91 2.56
N HIS D 252 9.61 -68.71 2.92
CA HIS D 252 10.36 -69.65 3.75
C HIS D 252 10.37 -71.06 3.16
N ALA D 269 -0.39 -66.78 5.15
CA ALA D 269 -0.16 -67.25 6.50
C ALA D 269 0.29 -66.11 7.41
N ALA D 270 -0.04 -64.88 7.02
CA ALA D 270 0.34 -63.70 7.77
C ALA D 270 -0.87 -62.78 7.93
N ALA D 271 -0.71 -61.79 8.81
CA ALA D 271 -1.77 -60.82 9.06
C ALA D 271 -1.14 -59.47 9.36
N TYR D 272 -1.72 -58.41 8.79
CA TYR D 272 -1.22 -57.06 9.01
C TYR D 272 -2.36 -56.07 8.84
N TYR D 273 -2.25 -54.94 9.52
CA TYR D 273 -3.26 -53.89 9.49
C TYR D 273 -2.75 -52.72 8.66
N VAL D 274 -3.66 -52.07 7.94
CA VAL D 274 -3.32 -50.96 7.07
C VAL D 274 -4.31 -49.82 7.31
N GLY D 275 -3.78 -48.62 7.52
CA GLY D 275 -4.61 -47.44 7.66
C GLY D 275 -4.15 -46.35 6.71
N TYR D 276 -4.98 -45.32 6.59
CA TYR D 276 -4.71 -44.21 5.69
C TYR D 276 -4.80 -42.90 6.46
N LEU D 277 -3.85 -42.00 6.21
CA LEU D 277 -3.79 -40.75 6.94
C LEU D 277 -4.60 -39.67 6.23
N GLN D 278 -4.98 -38.65 7.01
CA GLN D 278 -5.76 -37.52 6.51
C GLN D 278 -5.29 -36.26 7.23
N PRO D 279 -5.43 -35.09 6.61
CA PRO D 279 -5.08 -33.85 7.31
C PRO D 279 -6.04 -33.57 8.45
N ARG D 280 -5.53 -33.69 9.67
CA ARG D 280 -6.34 -33.53 10.87
C ARG D 280 -5.63 -32.62 11.84
N THR D 281 -6.40 -32.05 12.78
CA THR D 281 -5.87 -31.21 13.84
C THR D 281 -5.91 -32.00 15.14
N PHE D 282 -4.75 -32.13 15.79
CA PHE D 282 -4.62 -32.90 17.01
C PHE D 282 -4.05 -32.04 18.13
N LEU D 283 -4.54 -32.28 19.34
CA LEU D 283 -4.02 -31.65 20.54
C LEU D 283 -3.19 -32.69 21.30
N LEU D 284 -1.89 -32.45 21.40
CA LEU D 284 -0.95 -33.43 21.92
C LEU D 284 -0.55 -33.06 23.34
N LYS D 285 -0.64 -34.04 24.24
CA LYS D 285 -0.20 -33.88 25.62
C LYS D 285 1.25 -34.34 25.74
N TYR D 286 2.11 -33.47 26.26
CA TYR D 286 3.53 -33.77 26.42
C TYR D 286 3.87 -33.90 27.90
N ASN D 287 4.66 -34.91 28.24
CA ASN D 287 5.16 -35.04 29.59
C ASN D 287 6.25 -34.00 29.86
N GLU D 288 6.72 -33.98 31.10
CA GLU D 288 7.84 -33.10 31.44
C GLU D 288 9.14 -33.59 30.81
N ASN D 289 9.15 -34.84 30.34
CA ASN D 289 10.32 -35.40 29.66
C ASN D 289 10.16 -35.30 28.16
N GLY D 290 9.11 -34.63 27.70
CA GLY D 290 8.88 -34.44 26.28
C GLY D 290 8.21 -35.62 25.60
N THR D 291 7.74 -36.58 26.39
CA THR D 291 7.09 -37.77 25.87
C THR D 291 5.59 -37.52 25.76
N ILE D 292 5.02 -37.86 24.60
CA ILE D 292 3.59 -37.65 24.39
C ILE D 292 2.81 -38.73 25.14
N THR D 293 1.79 -38.30 25.88
CA THR D 293 0.98 -39.19 26.69
C THR D 293 -0.42 -39.44 26.15
N ASP D 294 -1.08 -38.42 25.60
CA ASP D 294 -2.42 -38.59 25.07
C ASP D 294 -2.64 -37.55 23.97
N ALA D 295 -3.57 -37.86 23.08
CA ALA D 295 -3.89 -36.98 21.97
C ALA D 295 -5.41 -36.82 21.87
N VAL D 296 -5.83 -35.74 21.25
CA VAL D 296 -7.24 -35.42 21.06
C VAL D 296 -7.47 -35.11 19.59
N ASP D 297 -8.35 -35.88 18.96
CA ASP D 297 -8.73 -35.65 17.56
C ASP D 297 -9.88 -34.65 17.56
N CYS D 298 -9.58 -33.39 17.22
CA CYS D 298 -10.55 -32.32 17.36
C CYS D 298 -11.79 -32.51 16.50
N ALA D 299 -11.71 -33.29 15.43
CA ALA D 299 -12.83 -33.50 14.55
C ALA D 299 -13.60 -34.79 14.84
N LEU D 300 -13.36 -35.43 15.99
CA LEU D 300 -14.02 -36.69 16.28
C LEU D 300 -15.44 -36.47 16.78
N ASP D 301 -15.58 -35.77 17.90
CA ASP D 301 -16.89 -35.52 18.51
C ASP D 301 -16.87 -34.10 19.07
N PRO D 302 -18.05 -33.55 19.39
CA PRO D 302 -18.08 -32.19 19.95
C PRO D 302 -17.26 -32.03 21.22
N LEU D 303 -17.12 -33.08 22.02
CA LEU D 303 -16.31 -32.97 23.23
C LEU D 303 -14.85 -32.73 22.90
N SER D 304 -14.33 -33.42 21.89
CA SER D 304 -12.93 -33.21 21.49
C SER D 304 -12.72 -31.83 20.91
N GLU D 305 -13.69 -31.32 20.16
CA GLU D 305 -13.57 -29.96 19.62
C GLU D 305 -13.64 -28.93 20.74
N THR D 306 -14.44 -29.18 21.78
CA THR D 306 -14.46 -28.31 22.93
C THR D 306 -13.12 -28.33 23.66
N LYS D 307 -12.53 -29.52 23.78
CA LYS D 307 -11.21 -29.63 24.39
C LYS D 307 -10.17 -28.86 23.61
N CYS D 308 -10.19 -28.99 22.27
CA CYS D 308 -9.24 -28.27 21.44
C CYS D 308 -9.47 -26.76 21.45
N THR D 309 -10.71 -26.32 21.64
CA THR D 309 -10.97 -24.89 21.74
C THR D 309 -10.43 -24.33 23.05
N LEU D 310 -10.64 -25.04 24.15
CA LEU D 310 -10.12 -24.63 25.45
C LEU D 310 -8.63 -24.95 25.61
N LYS D 311 -8.06 -25.75 24.70
CA LYS D 311 -6.67 -26.19 24.79
C LYS D 311 -6.40 -26.87 26.13
N SER D 312 -7.27 -27.80 26.48
CA SER D 312 -7.15 -28.54 27.74
C SER D 312 -7.86 -29.87 27.61
N PHE D 313 -7.33 -30.87 28.31
CA PHE D 313 -7.93 -32.20 28.31
C PHE D 313 -9.12 -32.30 29.26
N THR D 314 -9.15 -31.48 30.31
CA THR D 314 -10.28 -31.49 31.23
C THR D 314 -11.19 -30.29 30.99
N VAL D 315 -12.49 -30.52 31.17
CA VAL D 315 -13.51 -29.49 31.02
C VAL D 315 -14.32 -29.45 32.31
N GLU D 316 -14.52 -28.25 32.85
CA GLU D 316 -15.18 -28.12 34.15
C GLU D 316 -16.69 -28.29 34.04
N LYS D 317 -17.37 -27.32 33.42
CA LYS D 317 -18.82 -27.36 33.23
C LYS D 317 -19.20 -26.12 32.44
N GLY D 318 -20.42 -26.14 31.92
CA GLY D 318 -21.01 -24.97 31.30
C GLY D 318 -21.04 -25.07 29.78
N ILE D 319 -21.44 -23.97 29.17
CA ILE D 319 -21.53 -23.85 27.71
C ILE D 319 -20.20 -23.35 27.18
N TYR D 320 -19.86 -23.75 25.96
CA TYR D 320 -18.60 -23.37 25.32
C TYR D 320 -18.85 -23.16 23.84
N GLN D 321 -18.73 -21.91 23.40
CA GLN D 321 -18.82 -21.61 21.97
C GLN D 321 -17.67 -22.29 21.24
N THR D 322 -17.99 -23.21 20.34
CA THR D 322 -16.98 -24.07 19.74
C THR D 322 -16.78 -23.77 18.27
N SER D 323 -17.86 -23.77 17.49
CA SER D 323 -17.77 -23.57 16.05
C SER D 323 -18.94 -22.68 15.63
N ASN D 324 -19.08 -22.51 14.31
CA ASN D 324 -20.12 -21.68 13.73
C ASN D 324 -20.92 -22.52 12.73
N PHE D 325 -22.23 -22.62 12.96
CA PHE D 325 -23.11 -23.32 12.04
C PHE D 325 -23.53 -22.37 10.91
N ARG D 326 -23.66 -22.93 9.71
CA ARG D 326 -24.00 -22.12 8.54
C ARG D 326 -24.58 -23.04 7.47
N VAL D 327 -25.71 -22.64 6.90
CA VAL D 327 -26.36 -23.40 5.85
C VAL D 327 -25.96 -22.81 4.50
N GLN D 328 -25.33 -23.63 3.66
CA GLN D 328 -24.90 -23.18 2.35
C GLN D 328 -26.05 -23.28 1.35
N PRO D 329 -26.01 -22.48 0.28
CA PRO D 329 -27.09 -22.53 -0.72
C PRO D 329 -27.19 -23.91 -1.36
N THR D 330 -28.43 -24.31 -1.65
CA THR D 330 -28.66 -25.62 -2.24
C THR D 330 -28.49 -25.60 -3.76
N GLU D 331 -29.06 -24.60 -4.42
CA GLU D 331 -28.96 -24.45 -5.86
C GLU D 331 -29.02 -22.97 -6.21
N SER D 332 -29.20 -22.68 -7.50
CA SER D 332 -29.25 -21.31 -8.00
C SER D 332 -30.42 -21.16 -8.95
N ILE D 333 -31.05 -19.99 -8.92
CA ILE D 333 -32.18 -19.68 -9.79
C ILE D 333 -31.99 -18.30 -10.38
N VAL D 334 -32.55 -18.11 -11.57
CA VAL D 334 -32.53 -16.83 -12.28
C VAL D 334 -33.96 -16.50 -12.70
N ARG D 335 -34.31 -15.22 -12.63
CA ARG D 335 -35.65 -14.77 -12.97
C ARG D 335 -35.57 -13.50 -13.81
N PHE D 336 -36.39 -13.44 -14.86
CA PHE D 336 -36.42 -12.31 -15.77
C PHE D 336 -37.84 -12.19 -16.31
N PRO D 337 -38.22 -11.00 -16.81
CA PRO D 337 -39.60 -10.81 -17.30
C PRO D 337 -40.00 -11.76 -18.41
N ASN D 338 -41.29 -11.79 -18.71
CA ASN D 338 -41.81 -12.70 -19.73
C ASN D 338 -41.21 -12.40 -21.09
N ILE D 339 -41.15 -13.43 -21.93
CA ILE D 339 -40.68 -13.27 -23.30
C ILE D 339 -41.87 -12.96 -24.19
N THR D 340 -42.23 -11.68 -24.27
CA THR D 340 -43.34 -11.23 -25.11
C THR D 340 -42.79 -10.23 -26.12
N ASN D 341 -43.46 -10.16 -27.27
CA ASN D 341 -43.02 -9.32 -28.39
C ASN D 341 -41.58 -9.68 -28.79
N LEU D 342 -41.44 -10.90 -29.31
CA LEU D 342 -40.13 -11.46 -29.62
C LEU D 342 -39.34 -10.57 -30.56
N CYS D 343 -39.78 -10.46 -31.82
CA CYS D 343 -39.31 -9.50 -32.82
C CYS D 343 -40.14 -9.63 -34.09
N PRO D 344 -40.20 -8.59 -34.92
CA PRO D 344 -40.92 -8.70 -36.20
C PRO D 344 -40.12 -9.39 -37.28
N PHE D 345 -39.06 -10.10 -36.90
CA PHE D 345 -38.21 -10.78 -37.88
C PHE D 345 -39.00 -11.72 -38.77
N HIS D 346 -40.07 -12.30 -38.24
CA HIS D 346 -40.88 -13.22 -39.03
C HIS D 346 -41.55 -12.51 -40.19
N GLU D 347 -42.02 -11.28 -39.98
CA GLU D 347 -42.70 -10.55 -41.03
C GLU D 347 -41.74 -10.03 -42.10
N VAL D 348 -40.44 -10.04 -41.83
CA VAL D 348 -39.48 -9.54 -42.81
C VAL D 348 -39.16 -10.62 -43.84
N PHE D 349 -39.06 -11.88 -43.40
CA PHE D 349 -38.77 -12.97 -44.33
C PHE D 349 -40.05 -13.53 -44.95
N ASN D 350 -41.11 -13.63 -44.17
CA ASN D 350 -42.38 -14.21 -44.63
C ASN D 350 -43.35 -13.15 -45.14
N ALA D 351 -42.85 -12.02 -45.65
CA ALA D 351 -43.73 -10.96 -46.12
C ALA D 351 -44.57 -11.36 -47.32
N THR D 352 -44.10 -12.32 -48.13
CA THR D 352 -44.83 -12.86 -49.28
C THR D 352 -45.05 -11.79 -50.35
N THR D 353 -44.54 -10.59 -50.12
CA THR D 353 -44.61 -9.48 -51.08
C THR D 353 -43.36 -8.63 -50.88
N PHE D 354 -42.33 -8.90 -51.67
CA PHE D 354 -41.08 -8.17 -51.56
C PHE D 354 -41.04 -7.02 -52.56
N ALA D 355 -40.58 -5.87 -52.09
CA ALA D 355 -40.49 -4.69 -52.93
C ALA D 355 -39.34 -4.84 -53.92
N SER D 356 -39.30 -3.92 -54.89
CA SER D 356 -38.24 -3.94 -55.90
C SER D 356 -36.92 -3.50 -55.27
N VAL D 357 -35.83 -3.79 -55.98
CA VAL D 357 -34.50 -3.47 -55.46
C VAL D 357 -34.21 -1.98 -55.49
N TYR D 358 -34.88 -1.23 -56.38
CA TYR D 358 -34.63 0.21 -56.45
C TYR D 358 -35.42 0.96 -55.37
N ALA D 359 -36.41 0.31 -54.76
CA ALA D 359 -37.27 0.92 -53.76
C ALA D 359 -37.38 -0.03 -52.56
N TRP D 360 -36.22 -0.48 -52.08
CA TRP D 360 -36.18 -1.43 -50.97
C TRP D 360 -36.89 -0.88 -49.75
N ASN D 361 -37.41 -1.79 -48.92
CA ASN D 361 -38.24 -1.44 -47.78
C ASN D 361 -37.39 -1.54 -46.50
N ARG D 362 -37.06 -0.39 -45.94
CA ARG D 362 -36.36 -0.35 -44.66
C ARG D 362 -37.35 -0.53 -43.52
N LYS D 363 -36.93 -1.27 -42.50
CA LYS D 363 -37.74 -1.50 -41.30
C LYS D 363 -36.83 -1.35 -40.08
N ARG D 364 -37.11 -0.33 -39.27
CA ARG D 364 -36.34 -0.07 -38.06
C ARG D 364 -36.88 -0.97 -36.95
N ILE D 365 -36.30 -2.17 -36.85
CA ILE D 365 -36.73 -3.14 -35.86
C ILE D 365 -36.06 -2.85 -34.52
N SER D 366 -36.87 -2.65 -33.49
CA SER D 366 -36.38 -2.33 -32.17
C SER D 366 -37.44 -2.67 -31.12
N ASN D 367 -37.06 -2.52 -29.86
CA ASN D 367 -37.96 -2.77 -28.72
C ASN D 367 -38.46 -4.22 -28.70
N CYS D 368 -37.65 -5.11 -29.27
CA CYS D 368 -37.94 -6.53 -29.30
C CYS D 368 -36.63 -7.28 -29.03
N VAL D 369 -36.73 -8.45 -28.40
CA VAL D 369 -35.53 -8.98 -27.75
C VAL D 369 -34.61 -9.70 -28.73
N ALA D 370 -34.97 -10.91 -29.17
CA ALA D 370 -34.11 -11.58 -30.13
C ALA D 370 -34.84 -12.10 -31.37
N ASP D 371 -35.81 -12.98 -31.15
CA ASP D 371 -36.42 -13.81 -32.19
C ASP D 371 -35.38 -14.25 -33.23
N TYR D 372 -34.25 -14.75 -32.73
CA TYR D 372 -33.16 -15.15 -33.62
C TYR D 372 -33.29 -16.58 -34.11
N SER D 373 -34.10 -17.41 -33.44
CA SER D 373 -34.25 -18.80 -33.89
C SER D 373 -35.11 -18.90 -35.13
N VAL D 374 -35.97 -17.92 -35.37
CA VAL D 374 -36.86 -17.95 -36.53
C VAL D 374 -36.06 -17.79 -37.82
N ILE D 375 -34.91 -17.12 -37.74
CA ILE D 375 -34.07 -16.93 -38.92
C ILE D 375 -33.63 -18.29 -39.48
N TYR D 376 -33.08 -19.16 -38.63
CA TYR D 376 -32.69 -20.48 -39.08
C TYR D 376 -33.89 -21.37 -39.35
N ASN D 377 -35.04 -21.09 -38.71
CA ASN D 377 -36.23 -21.91 -38.92
C ASN D 377 -36.88 -21.61 -40.27
N PHE D 378 -36.38 -20.62 -41.00
CA PHE D 378 -36.92 -20.30 -42.30
C PHE D 378 -36.38 -21.26 -43.35
N ALA D 379 -36.60 -20.93 -44.62
CA ALA D 379 -36.16 -21.72 -45.76
C ALA D 379 -34.65 -21.90 -45.72
N PRO D 380 -34.12 -22.98 -46.32
CA PRO D 380 -32.67 -23.17 -46.32
C PRO D 380 -31.97 -22.04 -47.06
N PHE D 381 -30.88 -21.55 -46.48
CA PHE D 381 -30.20 -20.39 -47.02
C PHE D 381 -29.41 -20.74 -48.28
N PHE D 382 -29.62 -19.95 -49.33
CA PHE D 382 -28.82 -20.10 -50.54
C PHE D 382 -27.45 -19.47 -50.35
N ALA D 383 -27.41 -18.25 -49.82
CA ALA D 383 -26.16 -17.56 -49.53
C ALA D 383 -26.30 -16.81 -48.22
N PHE D 384 -25.60 -17.29 -47.20
CA PHE D 384 -25.65 -16.69 -45.87
C PHE D 384 -24.26 -16.20 -45.52
N LYS D 385 -24.03 -14.89 -45.70
CA LYS D 385 -22.75 -14.28 -45.38
C LYS D 385 -22.97 -13.18 -44.35
N CYS D 386 -22.21 -13.26 -43.26
CA CYS D 386 -22.26 -12.25 -42.21
C CYS D 386 -21.01 -11.39 -42.27
N TYR D 387 -20.91 -10.47 -41.31
CA TYR D 387 -19.84 -9.49 -41.29
C TYR D 387 -19.35 -9.24 -39.87
N GLY D 388 -18.72 -8.09 -39.63
CA GLY D 388 -17.95 -7.88 -38.42
C GLY D 388 -18.66 -8.09 -37.09
N VAL D 389 -19.95 -8.43 -37.14
CA VAL D 389 -20.68 -8.93 -35.99
C VAL D 389 -20.79 -10.44 -36.14
N SER D 390 -20.13 -11.18 -35.24
CA SER D 390 -20.07 -12.62 -35.37
C SER D 390 -21.46 -13.23 -35.25
N PRO D 391 -21.87 -14.11 -36.17
CA PRO D 391 -23.19 -14.71 -36.06
C PRO D 391 -23.34 -15.65 -34.88
N THR D 392 -22.26 -16.31 -34.47
CA THR D 392 -22.31 -17.17 -33.29
C THR D 392 -22.46 -16.36 -32.01
N LYS D 393 -22.18 -15.06 -32.05
CA LYS D 393 -22.30 -14.19 -30.88
C LYS D 393 -23.46 -13.22 -30.98
N LEU D 394 -24.28 -13.30 -32.03
CA LEU D 394 -25.43 -12.40 -32.14
C LEU D 394 -26.45 -12.68 -31.04
N ASN D 395 -26.62 -13.95 -30.67
CA ASN D 395 -27.56 -14.30 -29.62
C ASN D 395 -27.09 -13.87 -28.22
N ASP D 396 -25.85 -13.41 -28.09
CA ASP D 396 -25.32 -12.97 -26.81
C ASP D 396 -25.08 -11.47 -26.72
N LEU D 397 -24.63 -10.84 -27.80
CA LEU D 397 -24.40 -9.41 -27.79
C LEU D 397 -25.73 -8.65 -27.80
N CYS D 398 -25.65 -7.33 -27.72
CA CYS D 398 -26.83 -6.48 -27.68
C CYS D 398 -26.59 -5.24 -28.53
N PHE D 399 -27.59 -4.88 -29.34
CA PHE D 399 -27.51 -3.76 -30.25
C PHE D 399 -28.65 -2.79 -29.99
N THR D 400 -28.46 -1.55 -30.44
CA THR D 400 -29.49 -0.52 -30.22
C THR D 400 -30.60 -0.63 -31.25
N ASN D 401 -30.25 -0.81 -32.52
CA ASN D 401 -31.24 -0.94 -33.58
C ASN D 401 -30.80 -2.02 -34.55
N VAL D 402 -31.76 -2.76 -35.07
CA VAL D 402 -31.53 -3.80 -36.05
C VAL D 402 -32.29 -3.39 -37.32
N TYR D 403 -31.60 -2.71 -38.23
CA TYR D 403 -32.22 -2.22 -39.46
C TYR D 403 -32.32 -3.36 -40.46
N ALA D 404 -33.55 -3.81 -40.72
CA ALA D 404 -33.77 -4.84 -41.73
C ALA D 404 -34.03 -4.21 -43.09
N ASP D 405 -33.75 -4.98 -44.13
CA ASP D 405 -33.93 -4.49 -45.50
C ASP D 405 -34.15 -5.68 -46.41
N SER D 406 -35.20 -5.63 -47.23
CA SER D 406 -35.57 -6.73 -48.10
C SER D 406 -35.76 -6.24 -49.52
N PHE D 407 -35.31 -7.04 -50.48
CA PHE D 407 -35.44 -6.72 -51.90
C PHE D 407 -35.19 -7.99 -52.71
N VAL D 408 -35.37 -7.87 -54.02
CA VAL D 408 -35.20 -8.98 -54.95
C VAL D 408 -34.14 -8.59 -55.98
N ILE D 409 -33.29 -9.55 -56.33
CA ILE D 409 -32.25 -9.36 -57.34
C ILE D 409 -32.32 -10.51 -58.34
N ARG D 410 -31.38 -10.50 -59.28
CA ARG D 410 -31.38 -11.46 -60.38
C ARG D 410 -30.08 -12.27 -60.35
N GLY D 411 -30.20 -13.55 -60.00
CA GLY D 411 -29.11 -14.50 -60.12
C GLY D 411 -27.79 -14.08 -59.52
N ASN D 412 -26.79 -13.84 -60.38
CA ASN D 412 -25.45 -13.48 -59.93
C ASN D 412 -25.41 -12.14 -59.19
N GLU D 413 -26.52 -11.40 -59.16
CA GLU D 413 -26.59 -10.17 -58.38
C GLU D 413 -26.55 -10.40 -56.87
N VAL D 414 -26.57 -11.66 -56.42
CA VAL D 414 -26.36 -11.95 -55.02
C VAL D 414 -24.98 -11.52 -54.56
N SER D 415 -24.03 -11.40 -55.49
CA SER D 415 -22.70 -10.95 -55.15
C SER D 415 -22.69 -9.45 -54.87
N GLN D 416 -21.49 -8.92 -54.65
CA GLN D 416 -21.22 -7.51 -54.38
C GLN D 416 -22.16 -6.90 -53.35
N ILE D 417 -22.73 -7.73 -52.47
CA ILE D 417 -23.42 -7.22 -51.29
C ILE D 417 -22.40 -7.23 -50.15
N ALA D 418 -21.56 -6.21 -50.12
CA ALA D 418 -20.40 -6.14 -49.24
C ALA D 418 -19.74 -4.78 -49.37
N PRO D 419 -18.80 -4.42 -48.49
CA PRO D 419 -18.05 -3.18 -48.70
C PRO D 419 -17.30 -3.13 -50.03
N GLY D 420 -17.22 -4.23 -50.77
CA GLY D 420 -16.61 -4.24 -52.07
C GLY D 420 -17.54 -3.75 -53.16
N GLN D 421 -17.72 -2.43 -53.23
CA GLN D 421 -18.66 -1.83 -54.17
C GLN D 421 -18.17 -1.96 -55.60
N THR D 422 -18.53 -3.06 -56.26
CA THR D 422 -18.18 -3.27 -57.66
C THR D 422 -19.18 -4.23 -58.26
N GLY D 423 -20.07 -3.71 -59.10
CA GLY D 423 -21.11 -4.51 -59.72
C GLY D 423 -22.22 -3.62 -60.24
N ASN D 424 -23.18 -4.26 -60.94
CA ASN D 424 -24.29 -3.53 -61.51
C ASN D 424 -25.15 -2.88 -60.44
N ILE D 425 -25.51 -3.65 -59.41
CA ILE D 425 -26.31 -3.11 -58.31
C ILE D 425 -25.47 -2.18 -57.44
N ALA D 426 -24.20 -2.55 -57.21
CA ALA D 426 -23.34 -1.76 -56.35
C ALA D 426 -23.06 -0.36 -56.90
N ASP D 427 -23.06 -0.21 -58.22
CA ASP D 427 -22.71 1.08 -58.80
C ASP D 427 -23.92 1.95 -59.09
N TYR D 428 -25.12 1.35 -59.13
CA TYR D 428 -26.31 2.09 -59.54
C TYR D 428 -27.52 1.93 -58.63
N ASN D 429 -27.62 0.85 -57.86
CA ASN D 429 -28.87 0.59 -57.13
C ASN D 429 -28.68 0.58 -55.62
N TYR D 430 -27.77 -0.24 -55.11
CA TYR D 430 -27.65 -0.45 -53.68
C TYR D 430 -26.18 -0.57 -53.31
N LYS D 431 -25.79 0.08 -52.22
CA LYS D 431 -24.40 0.13 -51.79
C LYS D 431 -24.30 -0.09 -50.29
N LEU D 432 -23.35 -0.92 -49.87
CA LEU D 432 -23.03 -1.18 -48.48
C LEU D 432 -21.82 -0.33 -48.05
N PRO D 433 -21.81 0.15 -46.81
CA PRO D 433 -20.70 0.97 -46.35
C PRO D 433 -19.40 0.18 -46.27
N ASP D 434 -18.29 0.92 -46.19
CA ASP D 434 -16.98 0.29 -46.11
C ASP D 434 -16.82 -0.50 -44.82
N ASP D 435 -17.45 -0.04 -43.74
CA ASP D 435 -17.42 -0.74 -42.45
C ASP D 435 -18.87 -1.13 -42.13
N PHE D 436 -19.28 -2.29 -42.61
CA PHE D 436 -20.65 -2.78 -42.42
C PHE D 436 -20.65 -3.91 -41.41
N THR D 437 -21.60 -3.87 -40.49
CA THR D 437 -21.75 -4.88 -39.43
C THR D 437 -23.15 -5.47 -39.54
N GLY D 438 -23.26 -6.60 -40.23
CA GLY D 438 -24.53 -7.26 -40.38
C GLY D 438 -24.39 -8.59 -41.07
N CYS D 439 -25.52 -9.08 -41.59
CA CYS D 439 -25.56 -10.35 -42.30
C CYS D 439 -26.43 -10.19 -43.54
N VAL D 440 -26.27 -11.12 -44.47
CA VAL D 440 -27.04 -11.15 -45.71
C VAL D 440 -27.64 -12.54 -45.86
N ILE D 441 -28.95 -12.60 -46.11
CA ILE D 441 -29.68 -13.85 -46.26
C ILE D 441 -30.34 -13.86 -47.63
N ALA D 442 -30.06 -14.89 -48.41
CA ALA D 442 -30.63 -15.04 -49.75
C ALA D 442 -31.17 -16.45 -49.91
N TRP D 443 -32.27 -16.57 -50.66
CA TRP D 443 -32.89 -17.87 -50.91
C TRP D 443 -33.62 -17.82 -52.24
N ASN D 444 -33.87 -19.01 -52.80
CA ASN D 444 -34.45 -19.11 -54.14
C ASN D 444 -35.90 -18.66 -54.12
N SER D 445 -36.24 -17.70 -54.98
CA SER D 445 -37.58 -17.18 -55.09
C SER D 445 -38.25 -17.53 -56.42
N ASN D 446 -37.66 -18.44 -57.20
CA ASN D 446 -38.27 -18.83 -58.47
C ASN D 446 -39.55 -19.63 -58.24
N LYS D 447 -39.63 -20.32 -57.10
CA LYS D 447 -40.80 -21.14 -56.79
C LYS D 447 -42.03 -20.31 -56.42
N LEU D 448 -41.89 -18.99 -56.24
CA LEU D 448 -43.03 -18.16 -55.90
C LEU D 448 -43.33 -17.05 -56.90
N ASP D 449 -42.40 -16.72 -57.79
CA ASP D 449 -42.68 -15.76 -58.86
C ASP D 449 -43.36 -16.46 -60.03
N SER D 450 -44.56 -16.99 -59.80
CA SER D 450 -45.27 -17.76 -60.81
C SER D 450 -45.91 -16.85 -61.84
N LYS D 451 -45.09 -16.18 -62.64
CA LYS D 451 -45.56 -15.32 -63.74
C LYS D 451 -44.71 -15.61 -64.97
N PRO D 452 -45.18 -16.52 -65.84
CA PRO D 452 -44.42 -16.81 -67.07
C PRO D 452 -44.30 -15.59 -67.97
N SER D 453 -45.28 -14.69 -67.90
CA SER D 453 -45.22 -13.45 -68.67
C SER D 453 -44.32 -12.41 -68.03
N GLY D 454 -44.57 -12.05 -66.77
CA GLY D 454 -43.75 -11.08 -66.08
C GLY D 454 -43.73 -9.72 -66.75
N ASN D 455 -42.52 -9.27 -67.13
CA ASN D 455 -42.29 -8.06 -67.90
C ASN D 455 -42.64 -6.79 -67.12
N TYR D 456 -43.12 -6.93 -65.89
CA TYR D 456 -43.38 -5.77 -65.04
C TYR D 456 -43.36 -6.20 -63.58
N ASN D 457 -43.74 -5.28 -62.70
CA ASN D 457 -43.83 -5.50 -61.26
C ASN D 457 -42.45 -5.72 -60.63
N TYR D 458 -41.39 -5.40 -61.37
CA TYR D 458 -40.02 -5.50 -60.88
C TYR D 458 -39.13 -4.64 -61.75
N LEU D 459 -38.48 -3.65 -61.14
CA LEU D 459 -37.65 -2.71 -61.87
C LEU D 459 -36.35 -2.48 -61.11
N TYR D 460 -35.37 -1.90 -61.80
CA TYR D 460 -34.07 -1.59 -61.21
C TYR D 460 -33.42 -0.47 -61.99
N ARG D 461 -32.60 0.31 -61.28
CA ARG D 461 -31.98 1.51 -61.83
C ARG D 461 -30.63 1.16 -62.47
N LEU D 462 -30.27 1.93 -63.51
CA LEU D 462 -29.05 1.68 -64.26
C LEU D 462 -28.30 2.97 -64.58
N LEU D 463 -28.35 3.97 -63.71
CA LEU D 463 -27.67 5.24 -63.95
C LEU D 463 -27.39 5.91 -62.61
N ARG D 464 -26.92 7.15 -62.66
CA ARG D 464 -26.63 7.96 -61.47
C ARG D 464 -25.58 7.30 -60.58
N LYS D 465 -24.41 7.00 -61.15
CA LYS D 465 -23.34 6.41 -60.35
C LYS D 465 -22.40 7.46 -59.77
N SER D 466 -22.84 8.71 -59.69
CA SER D 466 -22.00 9.79 -59.19
C SER D 466 -21.60 9.59 -57.74
N LYS D 467 -22.55 9.58 -56.81
CA LYS D 467 -22.23 9.40 -55.40
C LYS D 467 -22.81 8.11 -54.85
N LEU D 468 -24.13 7.94 -54.96
CA LEU D 468 -24.84 6.76 -54.49
C LEU D 468 -24.47 6.44 -53.04
N LYS D 469 -24.85 7.32 -52.11
CA LYS D 469 -24.59 7.09 -50.71
C LYS D 469 -25.30 5.82 -50.24
N PRO D 470 -24.72 5.08 -49.30
CA PRO D 470 -25.35 3.84 -48.83
C PRO D 470 -26.69 4.09 -48.17
N PHE D 471 -27.62 3.18 -48.42
CA PHE D 471 -28.97 3.19 -47.86
C PHE D 471 -29.79 4.41 -48.28
N GLU D 472 -29.43 5.05 -49.39
CA GLU D 472 -30.19 6.18 -49.90
C GLU D 472 -30.89 5.77 -51.18
N ARG D 473 -32.20 5.53 -51.11
CA ARG D 473 -32.95 5.10 -52.26
C ARG D 473 -33.49 6.29 -53.04
N ASP D 474 -33.94 6.03 -54.26
CA ASP D 474 -34.46 7.08 -55.13
C ASP D 474 -35.66 6.52 -55.90
N ILE D 475 -36.77 7.26 -55.90
CA ILE D 475 -37.97 6.83 -56.59
C ILE D 475 -38.26 7.67 -57.84
N SER D 476 -37.75 8.90 -57.90
CA SER D 476 -38.00 9.75 -59.06
C SER D 476 -37.35 9.17 -60.30
N THR D 477 -38.18 8.77 -61.26
CA THR D 477 -37.69 8.20 -62.51
C THR D 477 -38.47 8.74 -63.70
N GLU D 478 -39.07 9.92 -63.54
CA GLU D 478 -39.86 10.49 -64.61
C GLU D 478 -38.99 10.94 -65.78
N ILE D 479 -38.02 11.82 -65.53
CA ILE D 479 -37.15 12.33 -66.57
C ILE D 479 -35.86 12.81 -65.91
N TYR D 480 -34.76 12.74 -66.66
CA TYR D 480 -33.46 13.18 -66.16
C TYR D 480 -32.64 13.65 -67.35
N GLN D 481 -31.63 14.48 -67.05
CA GLN D 481 -30.77 15.05 -68.08
C GLN D 481 -30.02 13.95 -68.84
N ALA D 482 -30.27 13.84 -70.14
CA ALA D 482 -29.60 12.85 -70.97
C ALA D 482 -29.56 13.37 -72.41
N GLY D 483 -28.43 13.13 -73.06
CA GLY D 483 -28.24 13.57 -74.42
C GLY D 483 -28.04 15.08 -74.51
N ASN D 484 -28.15 15.58 -75.75
CA ASN D 484 -27.99 17.01 -75.98
C ASN D 484 -29.17 17.80 -75.45
N LYS D 485 -30.39 17.28 -75.62
CA LYS D 485 -31.60 17.92 -75.13
C LYS D 485 -32.46 16.85 -74.47
N PRO D 486 -32.97 17.11 -73.26
CA PRO D 486 -33.73 16.07 -72.55
C PRO D 486 -35.16 15.92 -73.05
N CYS D 487 -35.33 15.90 -74.38
CA CYS D 487 -36.62 15.64 -75.02
C CYS D 487 -37.71 16.57 -74.50
N ASN D 488 -37.33 17.78 -74.07
CA ASN D 488 -38.26 18.78 -73.54
C ASN D 488 -39.03 18.24 -72.32
N GLY D 489 -38.45 17.28 -71.63
CA GLY D 489 -39.02 16.76 -70.40
C GLY D 489 -39.85 15.50 -70.52
N VAL D 490 -39.72 14.75 -71.62
CA VAL D 490 -40.45 13.50 -71.81
C VAL D 490 -39.46 12.41 -72.17
N ALA D 491 -39.98 11.19 -72.30
CA ALA D 491 -39.16 10.05 -72.65
C ALA D 491 -39.15 9.84 -74.17
N GLY D 492 -38.12 9.15 -74.64
CA GLY D 492 -37.97 8.86 -76.05
C GLY D 492 -36.53 8.65 -76.45
N PRO D 493 -36.22 8.87 -77.72
CA PRO D 493 -34.83 8.71 -78.18
C PRO D 493 -33.91 9.74 -77.57
N ASN D 494 -32.68 9.30 -77.26
CA ASN D 494 -31.63 10.14 -76.70
C ASN D 494 -31.99 10.67 -75.31
N CYS D 495 -33.10 10.21 -74.75
CA CYS D 495 -33.49 10.54 -73.38
C CYS D 495 -33.99 9.33 -72.60
N TYR D 496 -33.37 8.17 -72.76
CA TYR D 496 -33.76 6.98 -72.02
C TYR D 496 -33.19 7.00 -70.62
N SER D 497 -33.48 8.07 -69.87
CA SER D 497 -33.01 8.24 -68.50
C SER D 497 -33.76 7.39 -67.47
N PRO D 498 -35.07 7.13 -67.61
CA PRO D 498 -35.73 6.27 -66.63
C PRO D 498 -35.10 4.89 -66.55
N LEU D 499 -35.36 4.22 -65.43
CA LEU D 499 -34.76 2.92 -65.15
C LEU D 499 -35.39 1.83 -66.03
N GLN D 500 -34.90 0.61 -65.85
CA GLN D 500 -35.34 -0.53 -66.63
C GLN D 500 -36.05 -1.54 -65.74
N SER D 501 -37.07 -2.18 -66.28
CA SER D 501 -37.83 -3.19 -65.55
C SER D 501 -37.11 -4.53 -65.64
N TYR D 502 -37.14 -5.29 -64.53
CA TYR D 502 -36.48 -6.59 -64.51
C TYR D 502 -37.23 -7.60 -65.37
N GLY D 503 -38.50 -7.85 -65.04
CA GLY D 503 -39.32 -8.76 -65.83
C GLY D 503 -38.79 -10.18 -65.86
N PHE D 504 -38.90 -10.89 -64.74
CA PHE D 504 -38.37 -12.25 -64.66
C PHE D 504 -39.27 -13.21 -65.44
N ARG D 505 -39.04 -13.30 -66.75
CA ARG D 505 -39.80 -14.16 -67.65
C ARG D 505 -39.34 -15.62 -67.60
N PRO D 506 -38.01 -15.92 -67.61
CA PRO D 506 -37.60 -17.34 -67.62
C PRO D 506 -37.93 -18.07 -66.34
N THR D 507 -39.22 -18.34 -66.11
CA THR D 507 -39.63 -19.15 -64.98
C THR D 507 -39.12 -20.57 -65.15
N TYR D 508 -38.33 -21.04 -64.17
CA TYR D 508 -37.67 -22.34 -64.23
C TYR D 508 -36.78 -22.47 -65.48
N GLY D 509 -36.22 -21.36 -65.93
CA GLY D 509 -35.42 -21.32 -67.14
C GLY D 509 -33.93 -21.24 -66.86
N VAL D 510 -33.37 -20.06 -67.12
CA VAL D 510 -31.94 -19.86 -66.96
C VAL D 510 -31.56 -20.00 -65.50
N GLY D 511 -30.31 -20.39 -65.24
CA GLY D 511 -29.83 -20.56 -63.89
C GLY D 511 -29.77 -19.28 -63.09
N HIS D 512 -29.81 -18.13 -63.75
CA HIS D 512 -29.81 -16.85 -63.05
C HIS D 512 -31.20 -16.52 -62.53
N GLN D 513 -31.76 -17.42 -61.72
CA GLN D 513 -33.09 -17.23 -61.18
C GLN D 513 -33.09 -16.11 -60.13
N PRO D 514 -34.22 -15.46 -59.92
CA PRO D 514 -34.28 -14.40 -58.91
C PRO D 514 -34.23 -14.95 -57.49
N TYR D 515 -33.58 -14.19 -56.61
CA TYR D 515 -33.47 -14.55 -55.20
C TYR D 515 -33.98 -13.40 -54.34
N ARG D 516 -34.66 -13.75 -53.25
CA ARG D 516 -35.10 -12.77 -52.27
C ARG D 516 -34.03 -12.58 -51.21
N VAL D 517 -33.57 -11.34 -51.05
CA VAL D 517 -32.47 -11.01 -50.16
C VAL D 517 -33.00 -10.17 -49.00
N VAL D 518 -32.66 -10.57 -47.78
CA VAL D 518 -33.02 -9.83 -46.58
C VAL D 518 -31.72 -9.43 -45.89
N VAL D 519 -31.43 -8.13 -45.91
CA VAL D 519 -30.20 -7.58 -45.35
C VAL D 519 -30.49 -7.08 -43.95
N LEU D 520 -29.66 -7.49 -42.99
CA LEU D 520 -29.79 -7.09 -41.59
C LEU D 520 -28.63 -6.18 -41.25
N SER D 521 -28.94 -5.00 -40.71
CA SER D 521 -27.93 -4.03 -40.29
C SER D 521 -27.98 -3.87 -38.79
N PHE D 522 -26.99 -4.43 -38.10
CA PHE D 522 -26.88 -4.32 -36.65
C PHE D 522 -26.01 -3.13 -36.31
N GLU D 523 -26.60 -2.11 -35.68
CA GLU D 523 -25.89 -0.90 -35.35
C GLU D 523 -26.14 -0.54 -33.89
N LEU D 524 -25.13 0.02 -33.23
CA LEU D 524 -25.23 0.47 -31.86
C LEU D 524 -24.67 1.88 -31.76
N LEU D 525 -25.35 2.73 -30.99
CA LEU D 525 -24.98 4.12 -30.82
C LEU D 525 -24.72 4.40 -29.33
N HIS D 526 -24.53 5.68 -29.01
CA HIS D 526 -24.35 6.07 -27.62
C HIS D 526 -25.61 5.83 -26.80
N ALA D 527 -26.76 5.73 -27.46
CA ALA D 527 -28.00 5.45 -26.77
C ALA D 527 -27.94 4.04 -26.17
N PRO D 528 -28.59 3.80 -25.02
CA PRO D 528 -28.54 2.45 -24.43
C PRO D 528 -29.28 1.45 -25.30
N ALA D 529 -28.62 0.32 -25.54
CA ALA D 529 -29.19 -0.71 -26.39
C ALA D 529 -30.38 -1.39 -25.71
N THR D 530 -31.35 -1.78 -26.52
CA THR D 530 -32.57 -2.39 -26.01
C THR D 530 -32.79 -3.77 -26.62
N VAL D 531 -32.21 -4.02 -27.79
CA VAL D 531 -32.35 -5.30 -28.48
C VAL D 531 -31.24 -6.23 -28.01
N CYS D 532 -31.44 -6.88 -26.87
CA CYS D 532 -30.45 -7.78 -26.28
C CYS D 532 -30.89 -9.23 -26.46
N GLY D 533 -30.06 -10.14 -25.98
CA GLY D 533 -30.37 -11.55 -26.05
C GLY D 533 -31.56 -11.93 -25.19
N PRO D 534 -32.18 -13.06 -25.48
CA PRO D 534 -33.34 -13.50 -24.69
C PRO D 534 -32.89 -14.00 -23.33
N LYS D 535 -33.59 -13.54 -22.29
CA LYS D 535 -33.19 -13.89 -20.93
C LYS D 535 -33.88 -15.17 -20.49
N LYS D 536 -33.08 -16.12 -19.99
CA LYS D 536 -33.62 -17.37 -19.51
C LYS D 536 -34.29 -17.18 -18.15
N SER D 537 -35.03 -18.21 -17.73
CA SER D 537 -35.74 -18.15 -16.45
C SER D 537 -35.91 -19.56 -15.92
N THR D 538 -35.84 -19.68 -14.59
CA THR D 538 -36.01 -20.97 -13.91
C THR D 538 -37.17 -20.86 -12.93
N ASN D 539 -37.63 -22.02 -12.47
CA ASN D 539 -38.77 -22.06 -11.57
C ASN D 539 -38.40 -21.54 -10.18
N LEU D 540 -39.40 -21.04 -9.47
CA LEU D 540 -39.17 -20.52 -8.12
C LEU D 540 -39.03 -21.66 -7.12
N VAL D 541 -38.20 -21.44 -6.11
CA VAL D 541 -38.04 -22.39 -5.01
C VAL D 541 -38.20 -21.66 -3.69
N LYS D 542 -39.42 -21.65 -3.16
CA LYS D 542 -39.70 -20.96 -1.91
C LYS D 542 -39.28 -21.81 -0.72
N ASN D 543 -38.93 -21.14 0.37
CA ASN D 543 -38.54 -21.78 1.63
C ASN D 543 -37.33 -22.71 1.43
N LYS D 544 -36.35 -22.22 0.68
CA LYS D 544 -35.14 -22.99 0.43
C LYS D 544 -33.98 -22.03 0.20
N CYS D 545 -32.81 -22.39 0.74
CA CYS D 545 -31.63 -21.54 0.61
C CYS D 545 -31.00 -21.71 -0.76
N VAL D 546 -31.22 -20.73 -1.63
CA VAL D 546 -30.72 -20.76 -3.01
C VAL D 546 -30.14 -19.40 -3.35
N ASN D 547 -29.30 -19.40 -4.38
CA ASN D 547 -28.81 -18.15 -4.94
C ASN D 547 -29.77 -17.66 -6.02
N PHE D 548 -30.16 -16.39 -5.93
CA PHE D 548 -31.17 -15.86 -6.82
C PHE D 548 -30.60 -14.69 -7.61
N ASN D 549 -31.15 -14.50 -8.81
CA ASN D 549 -30.78 -13.38 -9.69
C ASN D 549 -32.08 -12.83 -10.27
N PHE D 550 -32.65 -11.84 -9.59
CA PHE D 550 -33.92 -11.25 -9.97
C PHE D 550 -33.66 -9.98 -10.79
N ASN D 551 -33.64 -10.13 -12.11
CA ASN D 551 -33.48 -9.01 -13.03
C ASN D 551 -32.23 -8.20 -12.71
N GLY D 552 -31.14 -8.91 -12.38
CA GLY D 552 -29.88 -8.29 -12.08
C GLY D 552 -29.51 -8.25 -10.60
N LEU D 553 -30.51 -8.14 -9.72
CA LEU D 553 -30.23 -8.10 -8.28
C LEU D 553 -29.88 -9.50 -7.80
N THR D 554 -28.59 -9.73 -7.56
CA THR D 554 -28.07 -11.04 -7.18
C THR D 554 -27.83 -11.07 -5.68
N GLY D 555 -28.33 -12.13 -5.03
CA GLY D 555 -28.16 -12.28 -3.61
C GLY D 555 -28.27 -13.73 -3.20
N THR D 556 -28.42 -13.94 -1.89
CA THR D 556 -28.55 -15.27 -1.31
C THR D 556 -29.41 -15.20 -0.06
N GLY D 557 -30.42 -16.05 0.01
CA GLY D 557 -31.29 -16.09 1.16
C GLY D 557 -32.50 -16.96 0.91
N VAL D 558 -33.40 -16.97 1.88
CA VAL D 558 -34.64 -17.74 1.83
C VAL D 558 -35.71 -16.86 1.21
N LEU D 559 -36.48 -17.44 0.29
CA LEU D 559 -37.57 -16.73 -0.38
C LEU D 559 -38.90 -17.20 0.18
N THR D 560 -39.65 -16.29 0.77
CA THR D 560 -40.95 -16.59 1.36
C THR D 560 -42.00 -15.65 0.81
N GLU D 561 -43.24 -16.13 0.76
CA GLU D 561 -44.35 -15.31 0.27
C GLU D 561 -44.68 -14.24 1.31
N SER D 562 -44.46 -12.98 0.96
CA SER D 562 -44.70 -11.89 1.88
C SER D 562 -46.12 -11.35 1.74
N ASN D 563 -46.53 -10.56 2.74
CA ASN D 563 -47.81 -9.89 2.74
C ASN D 563 -47.70 -8.41 2.44
N LYS D 564 -46.52 -7.94 2.03
CA LYS D 564 -46.33 -6.54 1.73
C LYS D 564 -47.09 -6.15 0.46
N LYS D 565 -47.23 -4.83 0.27
CA LYS D 565 -47.94 -4.27 -0.89
C LYS D 565 -47.05 -3.20 -1.50
N PHE D 566 -46.30 -3.58 -2.54
CA PHE D 566 -45.46 -2.62 -3.23
C PHE D 566 -46.30 -1.77 -4.19
N LEU D 567 -45.73 -0.63 -4.59
CA LEU D 567 -46.37 0.18 -5.60
C LEU D 567 -46.14 -0.43 -6.98
N PRO D 568 -47.04 -0.19 -7.93
CA PRO D 568 -46.93 -0.85 -9.23
C PRO D 568 -45.62 -0.61 -9.96
N PHE D 569 -44.90 0.46 -9.65
CA PHE D 569 -43.66 0.77 -10.33
C PHE D 569 -42.42 0.34 -9.55
N GLN D 570 -42.58 -0.11 -8.31
CA GLN D 570 -41.45 -0.50 -7.49
C GLN D 570 -41.09 -1.96 -7.73
N GLN D 571 -39.80 -2.26 -7.64
CA GLN D 571 -39.28 -3.61 -7.85
C GLN D 571 -38.54 -4.18 -6.66
N PHE D 572 -37.74 -3.36 -5.98
CA PHE D 572 -36.93 -3.82 -4.85
C PHE D 572 -37.50 -3.26 -3.56
N GLY D 573 -37.17 -3.93 -2.45
CA GLY D 573 -37.55 -3.48 -1.12
C GLY D 573 -36.35 -3.53 -0.19
N ARG D 574 -36.15 -2.44 0.56
CA ARG D 574 -35.01 -2.33 1.46
C ARG D 574 -35.48 -1.92 2.85
N ASP D 575 -34.70 -2.32 3.86
CA ASP D 575 -35.00 -1.99 5.24
C ASP D 575 -34.31 -0.69 5.65
N ILE D 576 -34.29 -0.42 6.96
CA ILE D 576 -33.68 0.80 7.46
C ILE D 576 -32.18 0.79 7.22
N ALA D 577 -31.54 -0.37 7.30
CA ALA D 577 -30.10 -0.47 7.15
C ALA D 577 -29.64 -0.45 5.70
N ASP D 578 -30.53 -0.11 4.76
CA ASP D 578 -30.20 -0.04 3.33
C ASP D 578 -29.69 -1.38 2.83
N THR D 579 -30.51 -2.41 2.98
CA THR D 579 -30.20 -3.76 2.51
C THR D 579 -31.44 -4.39 1.92
N THR D 580 -31.24 -5.22 0.89
CA THR D 580 -32.34 -5.86 0.20
C THR D 580 -33.12 -6.76 1.17
N ASP D 581 -34.43 -6.55 1.23
CA ASP D 581 -35.28 -7.31 2.14
C ASP D 581 -36.42 -8.01 1.40
N ALA D 582 -36.85 -7.42 0.28
CA ALA D 582 -37.92 -8.01 -0.51
C ALA D 582 -37.72 -7.63 -1.97
N VAL D 583 -38.10 -8.54 -2.86
CA VAL D 583 -37.94 -8.37 -4.30
C VAL D 583 -39.18 -8.88 -5.00
N ARG D 584 -39.69 -8.08 -5.94
CA ARG D 584 -40.84 -8.46 -6.74
C ARG D 584 -40.44 -9.48 -7.80
N ASP D 585 -41.25 -10.50 -7.99
CA ASP D 585 -41.00 -11.50 -9.01
C ASP D 585 -41.16 -10.88 -10.39
N PRO D 586 -40.26 -11.16 -11.34
CA PRO D 586 -40.38 -10.54 -12.67
C PRO D 586 -41.55 -11.09 -13.48
N GLN D 587 -41.73 -12.40 -13.53
CA GLN D 587 -42.79 -12.98 -14.34
C GLN D 587 -44.16 -12.72 -13.71
N THR D 588 -44.39 -13.20 -12.50
CA THR D 588 -45.63 -12.90 -11.79
C THR D 588 -45.53 -11.52 -11.14
N LEU D 589 -46.46 -11.20 -10.24
CA LEU D 589 -46.43 -9.94 -9.52
C LEU D 589 -46.32 -10.12 -8.01
N GLU D 590 -45.97 -11.32 -7.55
CA GLU D 590 -45.87 -11.57 -6.12
C GLU D 590 -44.63 -10.92 -5.53
N ILE D 591 -44.66 -10.71 -4.21
CA ILE D 591 -43.57 -10.10 -3.48
C ILE D 591 -42.97 -11.17 -2.57
N LEU D 592 -41.66 -11.37 -2.67
CA LEU D 592 -40.96 -12.43 -1.95
C LEU D 592 -40.00 -11.80 -0.95
N ASP D 593 -40.12 -12.20 0.31
CA ASP D 593 -39.20 -11.73 1.33
C ASP D 593 -37.84 -12.40 1.20
N ILE D 594 -36.79 -11.69 1.59
CA ILE D 594 -35.42 -12.18 1.54
C ILE D 594 -34.84 -12.07 2.94
N THR D 595 -34.52 -13.22 3.54
CA THR D 595 -33.96 -13.26 4.87
C THR D 595 -32.63 -14.02 4.88
N PRO D 596 -31.68 -13.63 5.73
CA PRO D 596 -30.44 -14.38 5.85
C PRO D 596 -30.71 -15.82 6.22
N CYS D 597 -30.02 -16.74 5.52
CA CYS D 597 -30.36 -18.15 5.59
C CYS D 597 -30.15 -18.75 6.97
N SER D 598 -28.91 -18.83 7.43
CA SER D 598 -28.63 -19.42 8.73
C SER D 598 -27.20 -19.18 9.16
N PHE D 599 -27.02 -18.77 10.42
CA PHE D 599 -25.69 -18.60 11.00
C PHE D 599 -25.84 -18.42 12.50
N GLY D 600 -25.00 -19.13 13.24
CA GLY D 600 -25.04 -19.06 14.69
C GLY D 600 -24.06 -20.04 15.28
N GLY D 601 -23.41 -19.60 16.35
CA GLY D 601 -22.42 -20.43 17.00
C GLY D 601 -23.04 -21.63 17.68
N VAL D 602 -22.43 -22.80 17.48
CA VAL D 602 -22.86 -24.03 18.11
C VAL D 602 -22.07 -24.22 19.40
N SER D 603 -22.79 -24.29 20.52
CA SER D 603 -22.17 -24.43 21.83
C SER D 603 -22.40 -25.84 22.35
N VAL D 604 -21.40 -26.38 23.05
CA VAL D 604 -21.43 -27.73 23.57
C VAL D 604 -21.69 -27.66 25.07
N ILE D 605 -22.71 -28.38 25.53
CA ILE D 605 -23.06 -28.46 26.94
C ILE D 605 -22.48 -29.74 27.51
N THR D 606 -21.68 -29.62 28.57
CA THR D 606 -21.05 -30.77 29.19
C THR D 606 -21.09 -30.63 30.70
N PRO D 607 -21.38 -31.71 31.42
CA PRO D 607 -21.35 -31.66 32.88
C PRO D 607 -19.95 -31.86 33.44
N GLY D 608 -18.96 -31.83 32.55
CA GLY D 608 -17.58 -32.05 32.94
C GLY D 608 -17.09 -33.44 32.63
N THR D 609 -15.89 -33.54 32.08
CA THR D 609 -15.31 -34.85 31.76
C THR D 609 -15.03 -35.67 33.01
N ASN D 610 -14.98 -35.03 34.19
CA ASN D 610 -14.79 -35.77 35.43
C ASN D 610 -16.04 -36.59 35.77
N THR D 611 -17.21 -36.11 35.36
CA THR D 611 -18.46 -36.81 35.67
C THR D 611 -18.86 -37.78 34.56
N SER D 612 -19.00 -37.28 33.33
CA SER D 612 -19.41 -38.12 32.22
C SER D 612 -18.95 -37.46 30.92
N ASN D 613 -18.81 -38.28 29.88
CA ASN D 613 -18.39 -37.80 28.57
C ASN D 613 -19.55 -37.41 27.67
N GLN D 614 -20.78 -37.60 28.12
CA GLN D 614 -21.93 -37.21 27.32
C GLN D 614 -22.00 -35.69 27.19
N VAL D 615 -22.33 -35.23 25.97
CA VAL D 615 -22.40 -33.80 25.67
C VAL D 615 -23.66 -33.54 24.86
N ALA D 616 -24.10 -32.29 24.91
CA ALA D 616 -25.22 -31.82 24.11
C ALA D 616 -24.82 -30.54 23.37
N VAL D 617 -25.23 -30.44 22.12
CA VAL D 617 -24.88 -29.30 21.27
C VAL D 617 -26.08 -28.39 21.15
N LEU D 618 -25.82 -27.08 21.19
CA LEU D 618 -26.86 -26.06 21.08
C LEU D 618 -26.54 -25.15 19.90
N TYR D 619 -27.36 -25.22 18.87
CA TYR D 619 -27.23 -24.35 17.70
C TYR D 619 -28.00 -23.07 18.01
N GLN D 620 -27.27 -22.00 18.33
CA GLN D 620 -27.90 -20.79 18.83
C GLN D 620 -28.69 -20.08 17.74
N GLY D 621 -29.95 -19.80 18.03
CA GLY D 621 -30.78 -18.98 17.17
C GLY D 621 -31.33 -19.66 15.93
N VAL D 622 -30.94 -20.90 15.66
CA VAL D 622 -31.40 -21.59 14.45
C VAL D 622 -32.67 -22.36 14.76
N ASN D 623 -33.39 -22.75 13.72
CA ASN D 623 -34.58 -23.59 13.82
C ASN D 623 -34.17 -25.05 13.67
N CYS D 624 -34.87 -25.93 14.39
CA CYS D 624 -34.52 -27.35 14.39
C CYS D 624 -34.63 -27.98 13.00
N THR D 625 -35.40 -27.39 12.09
CA THR D 625 -35.53 -27.95 10.75
C THR D 625 -34.36 -27.61 9.85
N GLU D 626 -33.47 -26.71 10.27
CA GLU D 626 -32.35 -26.31 9.44
C GLU D 626 -31.11 -27.17 9.65
N VAL D 627 -30.94 -27.74 10.83
CA VAL D 627 -29.76 -28.58 11.09
C VAL D 627 -29.95 -29.93 10.39
N PRO D 628 -28.88 -30.54 9.86
CA PRO D 628 -28.97 -31.85 9.19
C PRO D 628 -29.49 -32.95 10.10
N SER D 647 -30.89 -38.40 19.40
CA SER D 647 -32.22 -38.61 18.87
C SER D 647 -33.24 -37.70 19.57
N ASN D 648 -32.76 -36.87 20.47
CA ASN D 648 -33.59 -35.94 21.23
C ASN D 648 -33.34 -34.52 20.73
N VAL D 649 -34.39 -33.88 20.24
CA VAL D 649 -34.32 -32.50 19.75
C VAL D 649 -35.45 -31.70 20.37
N PHE D 650 -35.13 -30.48 20.81
CA PHE D 650 -36.10 -29.60 21.42
C PHE D 650 -35.79 -28.16 21.03
N GLN D 651 -36.78 -27.48 20.45
CA GLN D 651 -36.60 -26.12 19.97
C GLN D 651 -36.87 -25.16 21.12
N THR D 652 -35.80 -24.69 21.76
CA THR D 652 -35.92 -23.67 22.78
C THR D 652 -36.08 -22.30 22.14
N ARG D 653 -36.22 -21.28 23.00
CA ARG D 653 -36.28 -19.91 22.51
C ARG D 653 -34.90 -19.35 22.16
N ALA D 654 -33.84 -20.14 22.32
CA ALA D 654 -32.49 -19.71 22.01
C ALA D 654 -31.83 -20.56 20.93
N GLY D 655 -32.47 -21.63 20.49
CA GLY D 655 -31.93 -22.51 19.47
C GLY D 655 -32.36 -23.94 19.68
N CYS D 656 -31.83 -24.82 18.83
CA CYS D 656 -32.19 -26.23 18.86
C CYS D 656 -31.19 -27.00 19.73
N LEU D 657 -31.70 -27.68 20.74
CA LEU D 657 -30.87 -28.52 21.61
C LEU D 657 -30.90 -29.96 21.12
N ILE D 658 -29.71 -30.52 20.90
CA ILE D 658 -29.56 -31.89 20.45
C ILE D 658 -28.77 -32.66 21.50
N GLY D 659 -29.41 -33.63 22.14
CA GLY D 659 -28.78 -34.42 23.17
C GLY D 659 -29.33 -34.20 24.57
N ALA D 660 -30.26 -33.28 24.75
CA ALA D 660 -30.87 -33.02 26.05
C ALA D 660 -32.38 -33.22 25.96
N GLU D 661 -32.92 -33.96 26.93
CA GLU D 661 -34.36 -34.22 26.98
C GLU D 661 -35.03 -33.20 27.88
N TYR D 662 -36.17 -32.68 27.44
CA TYR D 662 -36.88 -31.66 28.19
C TYR D 662 -37.73 -32.30 29.28
N VAL D 663 -37.73 -31.67 30.45
CA VAL D 663 -38.52 -32.11 31.60
C VAL D 663 -39.31 -30.93 32.13
N ASN D 664 -40.48 -31.22 32.69
CA ASN D 664 -41.32 -30.15 33.23
C ASN D 664 -40.97 -29.83 34.68
N ASN D 665 -40.32 -30.76 35.38
CA ASN D 665 -39.93 -30.54 36.77
C ASN D 665 -38.81 -29.51 36.81
N SER D 666 -39.10 -28.34 37.39
CA SER D 666 -38.13 -27.25 37.42
C SER D 666 -37.16 -27.42 38.59
N TYR D 667 -35.94 -26.93 38.39
CA TYR D 667 -34.90 -26.96 39.41
C TYR D 667 -34.09 -25.67 39.32
N GLU D 668 -33.07 -25.58 40.16
CA GLU D 668 -32.15 -24.45 40.10
C GLU D 668 -31.28 -24.54 38.86
N CYS D 669 -30.97 -23.38 38.29
CA CYS D 669 -30.17 -23.34 37.06
C CYS D 669 -28.74 -23.80 37.33
N ASP D 670 -28.26 -24.73 36.50
CA ASP D 670 -26.91 -25.25 36.62
C ASP D 670 -26.05 -24.83 35.44
N ILE D 671 -26.47 -25.12 34.21
CA ILE D 671 -25.75 -24.73 33.01
C ILE D 671 -26.64 -23.78 32.21
N PRO D 672 -26.35 -22.48 32.18
CA PRO D 672 -27.24 -21.54 31.48
C PRO D 672 -27.25 -21.81 29.97
N ILE D 673 -28.45 -21.73 29.40
CA ILE D 673 -28.66 -21.90 27.97
C ILE D 673 -29.19 -20.62 27.33
N GLY D 674 -30.24 -20.06 27.91
CA GLY D 674 -30.84 -18.83 27.41
C GLY D 674 -32.35 -18.91 27.47
N ALA D 675 -32.97 -17.75 27.67
CA ALA D 675 -34.43 -17.62 27.73
C ALA D 675 -35.03 -18.52 28.81
N GLY D 676 -34.40 -18.51 29.98
CA GLY D 676 -34.89 -19.26 31.12
C GLY D 676 -34.59 -20.74 31.12
N ILE D 677 -34.07 -21.29 30.03
CA ILE D 677 -33.77 -22.71 29.96
C ILE D 677 -32.35 -22.95 30.48
N CYS D 678 -32.20 -23.98 31.31
CA CYS D 678 -30.90 -24.39 31.82
C CYS D 678 -30.77 -25.90 31.73
N ALA D 679 -29.53 -26.37 31.69
CA ALA D 679 -29.23 -27.78 31.54
C ALA D 679 -28.56 -28.31 32.80
N SER D 680 -28.69 -29.62 33.02
CA SER D 680 -28.10 -30.28 34.17
C SER D 680 -27.88 -31.74 33.83
N TYR D 681 -27.27 -32.46 34.76
CA TYR D 681 -26.95 -33.88 34.60
C TYR D 681 -27.45 -34.64 35.80
N GLN D 682 -28.53 -35.40 35.64
CA GLN D 682 -29.10 -36.19 36.72
C GLN D 682 -29.95 -37.30 36.10
N THR D 683 -30.52 -38.13 36.97
CA THR D 683 -31.36 -39.24 36.53
C THR D 683 -32.69 -39.25 37.28
N GLN D 697 -27.58 -41.90 33.99
CA GLN D 697 -27.98 -40.50 34.02
C GLN D 697 -27.88 -39.89 32.63
N SER D 698 -28.52 -38.75 32.43
CA SER D 698 -28.53 -38.09 31.13
C SER D 698 -28.66 -36.59 31.33
N ILE D 699 -28.22 -35.83 30.31
CA ILE D 699 -28.30 -34.38 30.34
C ILE D 699 -29.74 -33.99 30.03
N ILE D 700 -30.37 -33.23 30.92
CA ILE D 700 -31.74 -32.79 30.75
C ILE D 700 -31.77 -31.27 30.59
N ALA D 701 -32.92 -30.76 30.15
CA ALA D 701 -33.15 -29.33 29.99
C ALA D 701 -34.47 -28.97 30.65
N TYR D 702 -34.51 -27.81 31.30
CA TYR D 702 -35.69 -27.42 32.06
C TYR D 702 -35.71 -25.91 32.22
N THR D 703 -36.89 -25.40 32.55
CA THR D 703 -37.05 -23.99 32.89
C THR D 703 -36.60 -23.79 34.34
N MET D 704 -35.63 -22.88 34.53
CA MET D 704 -35.06 -22.69 35.86
C MET D 704 -36.10 -22.16 36.83
N SER D 705 -36.06 -22.67 38.05
CA SER D 705 -36.94 -22.23 39.12
C SER D 705 -36.23 -21.19 39.97
N LEU D 706 -36.87 -20.04 40.19
CA LEU D 706 -36.27 -18.95 40.93
C LEU D 706 -36.14 -19.26 42.42
N GLY D 707 -36.89 -20.23 42.92
CA GLY D 707 -36.82 -20.59 44.32
C GLY D 707 -38.13 -21.14 44.81
N ALA D 708 -38.10 -21.67 46.03
CA ALA D 708 -39.30 -22.23 46.63
C ALA D 708 -40.21 -21.11 47.15
N GLU D 709 -41.51 -21.31 46.96
CA GLU D 709 -42.48 -20.32 47.42
C GLU D 709 -42.52 -20.28 48.94
N ASN D 710 -42.56 -19.07 49.49
CA ASN D 710 -42.59 -18.85 50.94
C ASN D 710 -43.70 -17.84 51.22
N SER D 711 -44.91 -18.35 51.42
CA SER D 711 -46.04 -17.49 51.77
C SER D 711 -45.97 -17.09 53.23
N VAL D 712 -45.47 -15.87 53.51
CA VAL D 712 -45.34 -15.42 54.88
C VAL D 712 -46.72 -15.26 55.48
N ALA D 713 -46.90 -15.74 56.71
CA ALA D 713 -48.19 -15.69 57.38
C ALA D 713 -48.49 -14.28 57.87
N TYR D 714 -48.79 -13.37 56.94
CA TYR D 714 -49.12 -12.01 57.30
C TYR D 714 -50.50 -11.93 57.93
N SER D 715 -50.64 -11.07 58.93
CA SER D 715 -51.91 -10.86 59.60
C SER D 715 -51.92 -9.45 60.20
N ASN D 716 -53.11 -9.05 60.65
CA ASN D 716 -53.25 -7.71 61.24
C ASN D 716 -52.51 -7.59 62.56
N ASN D 717 -52.35 -8.69 63.29
CA ASN D 717 -51.72 -8.64 64.60
C ASN D 717 -50.76 -9.79 64.86
N SER D 718 -50.08 -10.29 63.83
CA SER D 718 -49.13 -11.38 63.99
C SER D 718 -47.70 -10.86 63.84
N ILE D 719 -46.85 -11.19 64.81
CA ILE D 719 -45.46 -10.79 64.81
C ILE D 719 -44.61 -12.04 65.03
N ALA D 720 -43.41 -12.04 64.47
CA ALA D 720 -42.47 -13.15 64.60
C ALA D 720 -41.16 -12.62 65.14
N ILE D 721 -40.80 -13.03 66.35
CA ILE D 721 -39.57 -12.60 67.02
C ILE D 721 -38.65 -13.81 67.13
N PRO D 722 -37.39 -13.70 66.70
CA PRO D 722 -36.48 -14.85 66.80
C PRO D 722 -36.14 -15.16 68.25
N THR D 723 -36.01 -16.45 68.55
CA THR D 723 -35.64 -16.90 69.88
C THR D 723 -34.19 -17.34 69.99
N ASN D 724 -33.49 -17.46 68.85
CA ASN D 724 -32.10 -17.90 68.84
C ASN D 724 -31.38 -17.12 67.76
N PHE D 725 -30.10 -17.45 67.55
CA PHE D 725 -29.29 -16.80 66.55
C PHE D 725 -28.19 -17.73 66.09
N THR D 726 -27.54 -17.34 64.98
CA THR D 726 -26.47 -18.13 64.38
C THR D 726 -25.40 -17.18 63.87
N ILE D 727 -24.19 -17.30 64.40
CA ILE D 727 -23.07 -16.48 63.94
C ILE D 727 -22.51 -17.12 62.67
N SER D 728 -22.68 -16.44 61.54
CA SER D 728 -22.26 -16.95 60.25
C SER D 728 -21.08 -16.13 59.74
N VAL D 729 -20.08 -16.82 59.18
CA VAL D 729 -18.90 -16.18 58.60
C VAL D 729 -18.88 -16.49 57.12
N THR D 730 -18.88 -15.45 56.29
CA THR D 730 -18.85 -15.59 54.84
C THR D 730 -17.61 -14.90 54.30
N THR D 731 -17.19 -15.31 53.10
CA THR D 731 -15.97 -14.80 52.49
C THR D 731 -16.33 -13.95 51.28
N GLU D 732 -15.60 -12.84 51.11
CA GLU D 732 -15.73 -11.97 49.95
C GLU D 732 -14.34 -11.68 49.39
N ILE D 733 -14.14 -12.00 48.12
CA ILE D 733 -12.83 -11.90 47.48
C ILE D 733 -12.92 -10.83 46.40
N LEU D 734 -11.98 -9.89 46.42
CA LEU D 734 -11.98 -8.76 45.48
C LEU D 734 -10.57 -8.57 44.94
N PRO D 735 -10.41 -8.44 43.63
CA PRO D 735 -9.08 -8.11 43.08
C PRO D 735 -8.65 -6.71 43.52
N VAL D 736 -7.35 -6.56 43.74
CA VAL D 736 -6.81 -5.30 44.23
C VAL D 736 -5.80 -4.73 43.23
N SER D 737 -5.12 -5.60 42.49
CA SER D 737 -4.08 -5.16 41.60
C SER D 737 -3.84 -6.21 40.52
N MET D 738 -3.14 -5.79 39.46
CA MET D 738 -2.72 -6.67 38.39
C MET D 738 -1.20 -6.64 38.28
N THR D 739 -0.66 -7.46 37.40
CA THR D 739 0.77 -7.50 37.18
C THR D 739 1.24 -6.26 36.43
N LYS D 740 2.18 -5.53 37.02
CA LYS D 740 2.73 -4.33 36.40
C LYS D 740 3.61 -4.73 35.23
N THR D 741 3.17 -4.40 34.02
CA THR D 741 3.91 -4.78 32.83
C THR D 741 4.50 -3.56 32.14
N SER D 742 5.60 -3.79 31.43
CA SER D 742 6.26 -2.76 30.64
C SER D 742 6.95 -3.43 29.46
N VAL D 743 6.76 -2.85 28.28
CA VAL D 743 7.27 -3.42 27.04
C VAL D 743 8.16 -2.39 26.36
N ASP D 744 9.29 -2.84 25.80
CA ASP D 744 10.19 -1.98 25.05
C ASP D 744 9.63 -1.80 23.65
N CYS D 745 9.50 -0.54 23.22
CA CYS D 745 8.90 -0.27 21.92
C CYS D 745 9.79 -0.73 20.78
N THR D 746 11.05 -0.29 20.77
CA THR D 746 11.94 -0.60 19.67
C THR D 746 12.26 -2.09 19.61
N MET D 747 12.40 -2.72 20.77
CA MET D 747 12.78 -4.13 20.79
C MET D 747 11.63 -5.02 20.32
N TYR D 748 10.40 -4.71 20.72
CA TYR D 748 9.27 -5.56 20.34
C TYR D 748 8.92 -5.38 18.87
N ILE D 749 8.91 -4.13 18.39
CA ILE D 749 8.46 -3.88 17.03
C ILE D 749 9.44 -4.45 16.01
N CYS D 750 10.69 -3.98 16.03
CA CYS D 750 11.66 -4.45 15.05
C CYS D 750 12.47 -5.62 15.56
N GLY D 751 13.27 -5.39 16.61
CA GLY D 751 14.05 -6.44 17.22
C GLY D 751 15.39 -6.64 16.55
N ASP D 752 16.48 -6.37 17.27
CA ASP D 752 17.84 -6.58 16.79
C ASP D 752 18.02 -6.08 15.35
N SER D 753 17.47 -4.90 15.06
CA SER D 753 17.51 -4.34 13.71
C SER D 753 17.70 -2.83 13.81
N THR D 754 18.78 -2.34 13.20
CA THR D 754 19.05 -0.91 13.21
C THR D 754 18.30 -0.17 12.11
N GLU D 755 18.18 -0.78 10.93
CA GLU D 755 17.49 -0.14 9.82
C GLU D 755 16.02 0.08 10.14
N CYS D 756 15.37 -0.92 10.72
CA CYS D 756 13.97 -0.78 11.10
C CYS D 756 13.81 0.19 12.27
N SER D 757 14.87 0.34 13.08
CA SER D 757 14.78 1.19 14.27
C SER D 757 14.60 2.65 13.88
N ASN D 758 15.42 3.14 12.93
CA ASN D 758 15.31 4.53 12.53
C ASN D 758 14.01 4.80 11.76
N LEU D 759 13.40 3.76 11.20
CA LEU D 759 12.13 3.95 10.51
C LEU D 759 11.01 4.26 11.49
N LEU D 760 11.16 3.84 12.75
CA LEU D 760 10.16 4.16 13.76
C LEU D 760 10.16 5.64 14.10
N LEU D 761 11.32 6.29 13.96
CA LEU D 761 11.43 7.70 14.32
C LEU D 761 10.58 8.58 13.42
N GLN D 762 10.35 8.15 12.17
CA GLN D 762 9.53 8.94 11.26
C GLN D 762 8.06 8.93 11.64
N TYR D 763 7.62 7.93 12.41
CA TYR D 763 6.25 7.90 12.89
C TYR D 763 6.03 8.75 14.14
N GLY D 764 7.05 9.47 14.59
CA GLY D 764 6.87 10.35 15.73
C GLY D 764 7.19 9.68 17.06
N SER D 765 6.62 10.25 18.11
CA SER D 765 6.86 9.76 19.47
C SER D 765 5.70 8.89 19.95
N PHE D 766 5.12 8.11 19.04
CA PHE D 766 4.01 7.23 19.40
C PHE D 766 4.44 6.20 20.45
N CYS D 767 5.73 5.88 20.52
CA CYS D 767 6.21 4.98 21.55
C CYS D 767 6.12 5.61 22.93
N THR D 768 6.25 6.93 23.02
CA THR D 768 6.23 7.60 24.32
C THR D 768 4.85 7.55 24.96
N GLN D 769 3.79 7.57 24.14
CA GLN D 769 2.44 7.45 24.68
C GLN D 769 2.23 6.11 25.36
N LEU D 770 2.65 5.02 24.70
CA LEU D 770 2.46 3.69 25.26
C LEU D 770 3.26 3.53 26.55
N LYS D 771 4.49 4.05 26.58
CA LYS D 771 5.33 3.93 27.76
C LYS D 771 4.73 4.67 28.95
N ARG D 772 4.27 5.90 28.72
CA ARG D 772 3.63 6.66 29.78
C ARG D 772 2.33 6.02 30.25
N ALA D 773 1.53 5.50 29.32
CA ALA D 773 0.29 4.81 29.73
C ALA D 773 0.59 3.59 30.58
N LEU D 774 1.60 2.80 30.18
CA LEU D 774 1.95 1.62 30.96
C LEU D 774 2.52 1.98 32.31
N THR D 775 3.32 3.05 32.40
CA THR D 775 3.83 3.48 33.70
C THR D 775 2.70 3.99 34.60
N GLY D 776 1.72 4.68 34.02
CA GLY D 776 0.55 5.07 34.80
C GLY D 776 -0.22 3.89 35.32
N ILE D 777 -0.45 2.89 34.47
CA ILE D 777 -1.12 1.67 34.90
C ILE D 777 -0.33 0.98 36.01
N ALA D 778 1.00 0.99 35.89
CA ALA D 778 1.84 0.32 36.89
C ALA D 778 1.75 1.02 38.24
N VAL D 779 1.91 2.35 38.25
CA VAL D 779 1.85 3.08 39.52
C VAL D 779 0.42 3.03 40.08
N GLU D 780 -0.58 2.84 39.23
CA GLU D 780 -1.95 2.72 39.71
C GLU D 780 -2.11 1.49 40.59
N GLN D 781 -1.42 0.40 40.28
CA GLN D 781 -1.54 -0.81 41.09
C GLN D 781 -0.91 -0.61 42.46
N ASP D 782 0.24 0.07 42.52
CA ASP D 782 0.85 0.39 43.80
C ASP D 782 -0.06 1.31 44.62
N LYS D 783 -0.68 2.29 43.97
CA LYS D 783 -1.62 3.16 44.67
C LYS D 783 -2.81 2.38 45.19
N ASN D 784 -3.32 1.42 44.42
CA ASN D 784 -4.43 0.60 44.86
C ASN D 784 -4.05 -0.23 46.08
N THR D 785 -2.90 -0.89 46.03
CA THR D 785 -2.47 -1.70 47.17
C THR D 785 -2.24 -0.84 48.40
N GLN D 786 -1.70 0.37 48.22
CA GLN D 786 -1.48 1.27 49.33
C GLN D 786 -2.81 1.73 49.94
N GLU D 787 -3.79 2.04 49.09
CA GLU D 787 -5.09 2.48 49.60
C GLU D 787 -5.86 1.35 50.26
N VAL D 788 -5.59 0.10 49.87
CA VAL D 788 -6.34 -1.01 50.44
C VAL D 788 -5.72 -1.48 51.75
N PHE D 789 -4.41 -1.73 51.75
CA PHE D 789 -3.79 -2.40 52.90
C PHE D 789 -3.06 -1.45 53.84
N ALA D 790 -2.71 -0.25 53.40
CA ALA D 790 -1.90 0.64 54.23
C ALA D 790 -2.74 1.68 54.94
N GLN D 791 -3.94 1.29 55.38
CA GLN D 791 -4.81 2.20 56.10
C GLN D 791 -4.42 2.38 57.56
N VAL D 792 -3.57 1.50 58.10
CA VAL D 792 -3.16 1.61 59.49
C VAL D 792 -2.03 2.61 59.62
N LYS D 793 -2.02 3.37 60.71
CA LYS D 793 -0.93 4.31 60.97
C LYS D 793 0.20 3.64 61.73
N GLN D 794 -0.09 2.63 62.54
CA GLN D 794 0.92 1.92 63.31
C GLN D 794 0.71 0.43 63.15
N ILE D 795 1.79 -0.32 63.31
CA ILE D 795 1.78 -1.77 63.17
C ILE D 795 1.49 -2.36 64.54
N TYR D 796 0.28 -2.88 64.72
CA TYR D 796 -0.10 -3.47 65.99
C TYR D 796 0.24 -4.96 66.02
N LYS D 797 0.72 -5.42 67.16
CA LYS D 797 1.09 -6.81 67.36
C LYS D 797 0.15 -7.48 68.35
N THR D 798 -0.16 -8.75 68.12
CA THR D 798 -1.02 -9.48 69.02
C THR D 798 -0.31 -9.75 70.35
N PRO D 799 -1.05 -9.77 71.45
CA PRO D 799 -0.43 -10.05 72.75
C PRO D 799 0.17 -11.45 72.79
N PRO D 800 1.11 -11.70 73.71
CA PRO D 800 1.69 -13.04 73.79
C PRO D 800 0.69 -14.12 74.17
N ILE D 801 -0.37 -13.76 74.90
CA ILE D 801 -1.44 -14.68 75.26
C ILE D 801 -2.54 -14.55 74.22
N LYS D 802 -3.13 -15.67 73.83
CA LYS D 802 -4.14 -15.70 72.78
C LYS D 802 -5.53 -16.00 73.30
N TYR D 803 -5.87 -15.53 74.49
CA TYR D 803 -7.20 -15.72 75.06
C TYR D 803 -8.02 -14.45 74.83
N PHE D 804 -9.17 -14.60 74.19
CA PHE D 804 -10.07 -13.50 73.90
C PHE D 804 -11.50 -13.84 74.31
N GLY D 805 -11.66 -14.40 75.49
CA GLY D 805 -12.97 -14.78 75.98
C GLY D 805 -13.57 -15.99 75.33
N GLY D 806 -12.74 -16.93 74.88
CA GLY D 806 -13.20 -18.13 74.20
C GLY D 806 -13.04 -18.10 72.70
N PHE D 807 -12.96 -16.91 72.11
CA PHE D 807 -12.79 -16.79 70.66
C PHE D 807 -11.39 -17.23 70.27
N ASN D 808 -11.30 -17.98 69.17
CA ASN D 808 -10.06 -18.59 68.71
C ASN D 808 -9.76 -18.04 67.32
N PHE D 809 -8.71 -17.22 67.22
CA PHE D 809 -8.31 -16.61 65.96
C PHE D 809 -7.08 -17.28 65.35
N SER D 810 -6.79 -18.53 65.70
CA SER D 810 -5.57 -19.18 65.22
C SER D 810 -5.56 -19.33 63.71
N GLN D 811 -6.74 -19.43 63.07
CA GLN D 811 -6.79 -19.60 61.63
C GLN D 811 -6.49 -18.32 60.87
N ILE D 812 -6.58 -17.16 61.51
CA ILE D 812 -6.38 -15.89 60.83
C ILE D 812 -5.14 -15.18 61.37
N LEU D 813 -4.78 -15.49 62.62
CA LEU D 813 -3.59 -14.90 63.20
C LEU D 813 -2.33 -15.48 62.54
N PRO D 814 -1.26 -14.69 62.45
CA PRO D 814 -0.04 -15.19 61.83
C PRO D 814 0.56 -16.35 62.61
N ASP D 815 1.01 -17.37 61.88
CA ASP D 815 1.61 -18.54 62.48
C ASP D 815 3.13 -18.38 62.47
N PRO D 816 3.78 -18.19 63.62
CA PRO D 816 5.24 -17.99 63.61
C PRO D 816 6.03 -19.25 63.31
N SER D 817 5.39 -20.42 63.25
CA SER D 817 6.09 -21.66 62.96
C SER D 817 6.34 -21.86 61.47
N LYS D 818 5.75 -21.03 60.62
CA LYS D 818 5.94 -21.12 59.18
C LYS D 818 6.58 -19.85 58.65
N PRO D 819 7.32 -19.93 57.54
CA PRO D 819 7.95 -18.73 56.99
C PRO D 819 6.92 -17.73 56.48
N SER D 820 7.40 -16.49 56.29
CA SER D 820 6.63 -15.35 55.81
C SER D 820 5.57 -14.89 56.80
N LYS D 821 5.52 -15.49 58.00
CA LYS D 821 4.56 -15.11 59.04
C LYS D 821 3.13 -15.14 58.51
N ARG D 822 2.81 -16.21 57.80
CA ARG D 822 1.52 -16.33 57.10
C ARG D 822 0.57 -17.22 57.88
N SER D 823 -0.71 -16.81 57.89
CA SER D 823 -1.74 -17.55 58.59
C SER D 823 -2.22 -18.74 57.74
N PRO D 824 -2.86 -19.72 58.37
CA PRO D 824 -3.33 -20.88 57.60
C PRO D 824 -4.28 -20.52 56.46
N ILE D 825 -5.21 -19.61 56.68
CA ILE D 825 -6.14 -19.23 55.62
C ILE D 825 -5.39 -18.55 54.48
N GLU D 826 -4.49 -17.62 54.81
CA GLU D 826 -3.67 -16.99 53.77
C GLU D 826 -2.76 -18.00 53.10
N ASP D 827 -2.28 -19.00 53.84
CA ASP D 827 -1.47 -20.05 53.24
C ASP D 827 -2.26 -20.82 52.19
N LEU D 828 -3.50 -21.18 52.53
CA LEU D 828 -4.35 -21.88 51.56
C LEU D 828 -4.66 -20.99 50.36
N LEU D 829 -4.89 -19.70 50.61
CA LEU D 829 -5.16 -18.78 49.52
C LEU D 829 -3.98 -18.69 48.57
N PHE D 830 -2.77 -18.65 49.11
CA PHE D 830 -1.57 -18.57 48.27
C PHE D 830 -1.31 -19.88 47.54
N ASN D 831 -1.61 -21.01 48.19
CA ASN D 831 -1.34 -22.30 47.56
C ASN D 831 -2.37 -22.62 46.49
N LYS D 832 -3.58 -22.06 46.61
CA LYS D 832 -4.63 -22.37 45.65
C LYS D 832 -4.56 -21.48 44.41
N VAL D 833 -4.29 -20.19 44.58
CA VAL D 833 -4.20 -19.28 43.45
C VAL D 833 -2.88 -19.48 42.72
N PHE D 862 8.82 -12.95 26.42
CA PHE D 862 9.92 -12.11 26.90
C PHE D 862 10.56 -11.36 25.74
N ASN D 863 9.79 -11.16 24.67
CA ASN D 863 10.27 -10.48 23.48
C ASN D 863 10.02 -8.97 23.59
N GLY D 864 10.77 -8.34 24.50
CA GLY D 864 10.68 -6.92 24.72
C GLY D 864 9.79 -6.52 25.88
N LEU D 865 8.89 -7.38 26.33
CA LEU D 865 8.03 -7.06 27.46
C LEU D 865 8.62 -7.60 28.75
N THR D 866 8.49 -6.82 29.82
CA THR D 866 9.01 -7.19 31.12
C THR D 866 7.94 -6.94 32.18
N VAL D 867 7.99 -7.72 33.25
CA VAL D 867 7.08 -7.59 34.37
C VAL D 867 7.81 -6.93 35.52
N LEU D 868 7.29 -5.80 35.99
CA LEU D 868 7.91 -5.08 37.08
C LEU D 868 7.48 -5.65 38.43
N PRO D 869 8.38 -5.66 39.41
CA PRO D 869 8.02 -6.19 40.72
C PRO D 869 7.17 -5.20 41.50
N PRO D 870 6.22 -5.68 42.29
CA PRO D 870 5.38 -4.78 43.09
C PRO D 870 6.21 -4.02 44.13
N LEU D 871 5.74 -2.82 44.47
CA LEU D 871 6.42 -2.04 45.49
C LEU D 871 6.32 -2.69 46.86
N LEU D 872 5.14 -3.22 47.19
CA LEU D 872 4.91 -3.91 48.45
C LEU D 872 5.01 -5.41 48.24
N THR D 873 5.93 -6.06 48.95
CA THR D 873 6.10 -7.49 48.83
C THR D 873 4.94 -8.22 49.52
N ASP D 874 4.91 -9.54 49.35
CA ASP D 874 3.88 -10.33 49.98
C ASP D 874 4.00 -10.33 51.50
N GLU D 875 5.21 -10.18 52.02
CA GLU D 875 5.40 -10.13 53.46
C GLU D 875 4.92 -8.81 54.05
N MET D 876 5.04 -7.72 53.29
CA MET D 876 4.59 -6.42 53.79
C MET D 876 3.07 -6.34 53.79
N ILE D 877 2.42 -6.88 52.77
CA ILE D 877 0.96 -6.97 52.78
C ILE D 877 0.51 -7.88 53.92
N ALA D 878 1.26 -8.95 54.17
CA ALA D 878 0.96 -9.80 55.32
C ALA D 878 1.11 -9.05 56.63
N GLN D 879 2.12 -8.18 56.73
CA GLN D 879 2.30 -7.40 57.94
C GLN D 879 1.16 -6.39 58.13
N TYR D 880 0.72 -5.78 57.02
CA TYR D 880 -0.42 -4.86 57.11
C TYR D 880 -1.68 -5.59 57.56
N THR D 881 -1.93 -6.78 56.99
CA THR D 881 -3.10 -7.55 57.38
C THR D 881 -3.02 -7.98 58.84
N SER D 882 -1.83 -8.39 59.29
CA SER D 882 -1.65 -8.78 60.69
C SER D 882 -1.85 -7.59 61.61
N ALA D 883 -1.39 -6.40 61.22
CA ALA D 883 -1.62 -5.21 62.03
C ALA D 883 -3.09 -4.87 62.11
N LEU D 884 -3.80 -4.94 60.98
CA LEU D 884 -5.24 -4.69 61.00
C LEU D 884 -5.96 -5.69 61.91
N LEU D 885 -5.60 -6.97 61.83
CA LEU D 885 -6.23 -7.98 62.66
C LEU D 885 -5.93 -7.75 64.13
N ALA D 886 -4.66 -7.50 64.47
CA ALA D 886 -4.30 -7.26 65.86
C ALA D 886 -4.99 -6.02 66.41
N GLY D 887 -5.20 -5.01 65.56
CA GLY D 887 -5.90 -3.82 66.02
C GLY D 887 -7.39 -4.07 66.23
N THR D 888 -7.99 -4.87 65.34
CA THR D 888 -9.42 -5.08 65.43
C THR D 888 -9.77 -6.11 66.52
N ILE D 889 -8.79 -6.89 66.97
CA ILE D 889 -9.09 -7.83 68.05
C ILE D 889 -8.82 -7.21 69.42
N THR D 890 -8.00 -6.16 69.48
CA THR D 890 -7.67 -5.56 70.77
C THR D 890 -8.24 -4.15 70.95
N SER D 891 -8.71 -3.52 69.88
CA SER D 891 -9.19 -2.14 69.98
C SER D 891 -10.56 -1.93 69.36
N GLY D 892 -11.10 -2.89 68.63
CA GLY D 892 -12.38 -2.68 67.98
C GLY D 892 -12.27 -1.69 66.84
N TRP D 893 -13.16 -0.70 66.85
CA TRP D 893 -13.14 0.34 65.82
C TRP D 893 -12.42 1.61 66.26
N THR D 894 -11.73 1.58 67.40
CA THR D 894 -11.12 2.79 67.92
C THR D 894 -9.85 3.16 67.17
N PHE D 895 -9.09 2.16 66.71
CA PHE D 895 -7.82 2.45 66.04
C PHE D 895 -8.00 2.97 64.62
N GLY D 896 -9.23 2.99 64.11
CA GLY D 896 -9.50 3.55 62.80
C GLY D 896 -9.85 5.02 62.86
N ALA D 897 -10.17 5.51 64.05
CA ALA D 897 -10.52 6.90 64.25
C ALA D 897 -9.46 7.69 65.02
N GLY D 898 -8.53 7.01 65.67
CA GLY D 898 -7.49 7.67 66.42
C GLY D 898 -6.61 6.69 67.18
N PRO D 899 -6.33 7.01 68.44
CA PRO D 899 -5.51 6.11 69.25
C PRO D 899 -6.19 4.77 69.47
N ALA D 900 -5.39 3.71 69.52
CA ALA D 900 -5.90 2.35 69.73
C ALA D 900 -6.28 2.20 71.19
N LEU D 901 -7.57 2.30 71.49
CA LEU D 901 -8.04 2.17 72.86
C LEU D 901 -8.17 0.71 73.24
N GLN D 902 -7.66 0.36 74.42
CA GLN D 902 -7.75 -0.99 74.92
C GLN D 902 -9.20 -1.33 75.26
N ILE D 903 -9.59 -2.56 74.94
CA ILE D 903 -10.95 -3.03 75.22
C ILE D 903 -10.95 -4.56 75.21
N PRO D 904 -11.52 -5.21 76.22
CA PRO D 904 -11.65 -6.67 76.18
C PRO D 904 -12.55 -7.09 75.03
N PHE D 905 -12.18 -8.21 74.40
CA PHE D 905 -12.95 -8.67 73.24
C PHE D 905 -14.38 -9.05 73.58
N PRO D 906 -14.70 -9.73 74.68
CA PRO D 906 -16.11 -9.93 75.03
C PRO D 906 -16.89 -8.63 75.16
N MET D 907 -16.29 -7.59 75.73
CA MET D 907 -16.98 -6.31 75.83
C MET D 907 -17.05 -5.62 74.47
N GLN D 908 -16.04 -5.85 73.62
CA GLN D 908 -16.09 -5.29 72.27
C GLN D 908 -17.23 -5.91 71.46
N MET D 909 -17.41 -7.22 71.58
CA MET D 909 -18.49 -7.89 70.85
C MET D 909 -19.86 -7.47 71.40
N ALA D 910 -19.90 -6.99 72.64
CA ALA D 910 -21.17 -6.53 73.20
C ALA D 910 -21.61 -5.22 72.55
N TYR D 911 -20.66 -4.32 72.29
CA TYR D 911 -21.00 -3.07 71.62
C TYR D 911 -21.47 -3.32 70.19
N ARG D 912 -20.90 -4.32 69.52
CA ARG D 912 -21.32 -4.66 68.17
C ARG D 912 -22.69 -5.33 68.17
N PHE D 913 -22.98 -6.11 69.21
CA PHE D 913 -24.33 -6.63 69.39
C PHE D 913 -25.32 -5.49 69.64
N ASN D 914 -24.85 -4.45 70.35
CA ASN D 914 -25.72 -3.31 70.61
C ASN D 914 -25.94 -2.47 69.36
N GLY D 915 -25.05 -2.60 68.38
CA GLY D 915 -25.21 -1.84 67.15
C GLY D 915 -26.27 -2.39 66.22
N ILE D 916 -26.52 -3.70 66.29
CA ILE D 916 -27.52 -4.34 65.44
C ILE D 916 -28.87 -4.35 66.16
N GLY D 917 -28.92 -3.76 67.35
CA GLY D 917 -30.16 -3.69 68.09
C GLY D 917 -30.41 -4.84 69.03
N VAL D 918 -29.36 -5.45 69.57
CA VAL D 918 -29.46 -6.55 70.51
C VAL D 918 -28.75 -6.14 71.79
N THR D 919 -29.40 -6.35 72.94
CA THR D 919 -28.83 -5.93 74.20
C THR D 919 -27.56 -6.71 74.51
N GLN D 920 -26.73 -6.13 75.40
CA GLN D 920 -25.50 -6.79 75.81
C GLN D 920 -25.77 -8.02 76.65
N ASN D 921 -26.96 -8.10 77.27
CA ASN D 921 -27.32 -9.26 78.08
C ASN D 921 -27.32 -10.52 77.24
N VAL D 922 -27.80 -10.44 75.99
CA VAL D 922 -27.86 -11.62 75.14
C VAL D 922 -26.48 -12.17 74.87
N LEU D 923 -25.48 -11.32 74.74
CA LEU D 923 -24.11 -11.79 74.51
C LEU D 923 -23.48 -12.30 75.81
N TYR D 924 -23.68 -11.56 76.91
CA TYR D 924 -23.02 -11.93 78.16
C TYR D 924 -23.61 -13.20 78.75
N GLU D 925 -24.86 -13.53 78.39
CA GLU D 925 -25.45 -14.77 78.89
C GLU D 925 -25.22 -15.94 77.94
N ASN D 926 -24.78 -15.68 76.71
CA ASN D 926 -24.52 -16.73 75.74
C ASN D 926 -23.12 -16.65 75.16
N GLN D 927 -22.14 -16.23 75.96
CA GLN D 927 -20.79 -16.03 75.44
C GLN D 927 -20.16 -17.35 74.99
N LYS D 928 -20.44 -18.43 75.72
CA LYS D 928 -19.87 -19.73 75.35
C LYS D 928 -20.45 -20.23 74.03
N LEU D 929 -21.73 -19.97 73.78
CA LEU D 929 -22.36 -20.41 72.54
C LEU D 929 -21.85 -19.59 71.36
N ILE D 930 -21.72 -18.27 71.54
CA ILE D 930 -21.23 -17.42 70.46
C ILE D 930 -19.78 -17.75 70.13
N ALA D 931 -19.00 -18.10 71.15
CA ALA D 931 -17.61 -18.49 70.92
C ALA D 931 -17.53 -19.79 70.13
N ASN D 932 -18.38 -20.77 70.48
CA ASN D 932 -18.38 -22.03 69.77
C ASN D 932 -18.88 -21.86 68.34
N GLN D 933 -19.85 -20.97 68.13
CA GLN D 933 -20.35 -20.71 66.79
C GLN D 933 -19.30 -20.00 65.94
N PHE D 934 -18.57 -19.05 66.54
CA PHE D 934 -17.54 -18.34 65.81
C PHE D 934 -16.37 -19.26 65.46
N ASN D 935 -15.99 -20.13 66.40
CA ASN D 935 -14.88 -21.05 66.15
C ASN D 935 -15.26 -22.10 65.12
N SER D 936 -16.51 -22.56 65.14
CA SER D 936 -16.95 -23.56 64.18
C SER D 936 -17.09 -22.94 62.79
N ALA D 937 -17.58 -21.70 62.71
CA ALA D 937 -17.76 -21.05 61.42
C ALA D 937 -16.42 -20.72 60.78
N ILE D 938 -15.46 -20.24 61.59
CA ILE D 938 -14.15 -19.91 61.05
C ILE D 938 -13.37 -21.16 60.67
N GLY D 939 -13.72 -22.32 61.25
CA GLY D 939 -13.05 -23.56 60.88
C GLY D 939 -13.55 -24.10 59.56
N LYS D 940 -14.82 -23.80 59.21
CA LYS D 940 -15.37 -24.26 57.95
C LYS D 940 -14.94 -23.38 56.77
N ILE D 941 -14.24 -22.28 57.02
CA ILE D 941 -13.79 -21.43 55.93
C ILE D 941 -12.73 -22.13 55.09
N GLN D 942 -11.90 -22.94 55.74
CA GLN D 942 -10.85 -23.65 55.02
C GLN D 942 -11.42 -24.69 54.06
N ASP D 943 -12.31 -25.54 54.56
CA ASP D 943 -12.87 -26.59 53.71
C ASP D 943 -13.82 -26.02 52.67
N SER D 944 -14.47 -24.89 52.95
CA SER D 944 -15.34 -24.28 51.96
C SER D 944 -14.54 -23.68 50.80
N LEU D 945 -13.41 -23.05 51.10
CA LEU D 945 -12.57 -22.48 50.05
C LEU D 945 -11.81 -23.58 49.30
N SER D 946 -11.51 -24.68 49.98
CA SER D 946 -10.77 -25.77 49.34
C SER D 946 -11.67 -26.59 48.43
N SER D 947 -12.87 -26.93 48.90
CA SER D 947 -13.77 -27.77 48.13
C SER D 947 -14.33 -27.04 46.93
N THR D 948 -14.85 -25.83 47.13
CA THR D 948 -15.44 -25.07 46.04
C THR D 948 -14.35 -24.52 45.13
N PRO D 949 -14.31 -24.93 43.86
CA PRO D 949 -13.26 -24.42 42.96
C PRO D 949 -13.49 -22.97 42.53
N SER D 950 -14.74 -22.55 42.42
CA SER D 950 -15.06 -21.21 41.94
C SER D 950 -14.94 -20.14 43.03
N ALA D 951 -14.39 -20.50 44.20
CA ALA D 951 -14.25 -19.52 45.27
C ALA D 951 -13.23 -18.45 44.90
N LEU D 952 -11.99 -18.86 44.61
CA LEU D 952 -10.93 -17.95 44.23
C LEU D 952 -10.86 -17.71 42.73
N GLY D 953 -11.98 -17.85 42.02
CA GLY D 953 -11.96 -17.71 40.58
C GLY D 953 -11.81 -16.28 40.12
N LYS D 954 -12.19 -15.31 40.96
CA LYS D 954 -12.11 -13.91 40.56
C LYS D 954 -10.66 -13.46 40.37
N LEU D 955 -9.73 -14.01 41.14
CA LEU D 955 -8.33 -13.66 41.00
C LEU D 955 -7.65 -14.48 39.90
N GLN D 956 -8.06 -15.74 39.76
CA GLN D 956 -7.55 -16.56 38.68
C GLN D 956 -7.94 -16.00 37.32
N ASP D 957 -9.17 -15.46 37.21
CA ASP D 957 -9.57 -14.83 35.96
C ASP D 957 -8.72 -13.60 35.65
N VAL D 958 -8.38 -12.82 36.68
CA VAL D 958 -7.54 -11.65 36.47
C VAL D 958 -6.15 -12.06 36.00
N VAL D 959 -5.55 -13.05 36.66
CA VAL D 959 -4.20 -13.46 36.26
C VAL D 959 -4.23 -14.12 34.89
N ASN D 960 -5.32 -14.80 34.54
CA ASN D 960 -5.41 -15.41 33.21
C ASN D 960 -5.60 -14.36 32.13
N HIS D 961 -6.34 -13.29 32.44
CA HIS D 961 -6.47 -12.19 31.48
C HIS D 961 -5.15 -11.45 31.32
N ASN D 962 -4.36 -11.34 32.39
CA ASN D 962 -3.04 -10.74 32.27
C ASN D 962 -2.10 -11.63 31.47
N ALA D 963 -2.24 -12.94 31.61
CA ALA D 963 -1.38 -13.86 30.87
C ALA D 963 -1.73 -13.90 29.39
N GLN D 964 -3.02 -14.00 29.08
CA GLN D 964 -3.44 -14.10 27.68
C GLN D 964 -3.24 -12.80 26.92
N ALA D 965 -3.12 -11.67 27.63
CA ALA D 965 -2.84 -10.41 26.95
C ALA D 965 -1.43 -10.39 26.38
N LEU D 966 -0.49 -11.08 27.07
CA LEU D 966 0.88 -11.13 26.57
C LEU D 966 1.06 -12.25 25.56
N ASN D 967 0.38 -13.39 25.76
CA ASN D 967 0.49 -14.48 24.81
C ASN D 967 -0.11 -14.12 23.46
N THR D 968 -1.17 -13.31 23.44
CA THR D 968 -1.70 -12.81 22.18
C THR D 968 -0.74 -11.81 21.55
N LEU D 969 -0.08 -11.00 22.37
CA LEU D 969 0.85 -10.01 21.85
C LEU D 969 2.07 -10.67 21.23
N VAL D 970 2.60 -11.71 21.89
CA VAL D 970 3.75 -12.43 21.35
C VAL D 970 3.36 -13.32 20.17
N LYS D 971 2.08 -13.67 20.03
CA LYS D 971 1.63 -14.47 18.90
C LYS D 971 1.53 -13.60 17.65
N GLN D 972 1.06 -12.36 17.80
CA GLN D 972 0.97 -11.44 16.66
C GLN D 972 2.34 -10.99 16.17
N LEU D 973 3.41 -11.26 16.93
CA LEU D 973 4.74 -10.96 16.44
C LEU D 973 5.08 -11.78 15.21
N SER D 974 4.58 -13.01 15.14
CA SER D 974 4.77 -13.88 13.99
C SER D 974 3.69 -13.72 12.94
N SER D 975 2.82 -12.71 13.06
CA SER D 975 1.77 -12.50 12.07
C SER D 975 2.35 -11.84 10.82
N LYS D 976 1.78 -12.18 9.67
CA LYS D 976 2.28 -11.66 8.40
C LYS D 976 1.82 -10.23 8.14
N PHE D 977 0.61 -9.87 8.60
CA PHE D 977 0.03 -8.55 8.38
C PHE D 977 -0.01 -8.20 6.89
N GLY D 978 -0.19 -9.20 6.03
CA GLY D 978 -0.23 -8.99 4.60
C GLY D 978 1.12 -8.80 3.95
N ALA D 979 2.21 -8.86 4.71
CA ALA D 979 3.53 -8.68 4.15
C ALA D 979 4.07 -10.00 3.60
N ILE D 980 5.34 -9.96 3.20
CA ILE D 980 5.98 -11.17 2.66
C ILE D 980 6.12 -12.23 3.75
N SER D 981 6.77 -11.87 4.86
CA SER D 981 6.94 -12.80 5.96
C SER D 981 7.12 -12.00 7.24
N SER D 982 6.81 -12.64 8.37
CA SER D 982 6.95 -12.00 9.67
C SER D 982 8.40 -11.88 10.12
N VAL D 983 9.29 -12.70 9.58
CA VAL D 983 10.70 -12.66 9.93
C VAL D 983 11.35 -11.44 9.29
N LEU D 984 11.74 -10.46 10.11
CA LEU D 984 12.33 -9.24 9.58
C LEU D 984 13.73 -9.48 9.03
N ASN D 985 14.44 -10.48 9.54
CA ASN D 985 15.77 -10.78 9.04
C ASN D 985 15.74 -11.29 7.60
N ASP D 986 14.66 -11.97 7.22
CA ASP D 986 14.55 -12.47 5.86
C ASP D 986 14.25 -11.33 4.88
N ILE D 987 13.42 -10.38 5.28
CA ILE D 987 13.12 -9.24 4.41
C ILE D 987 14.37 -8.43 4.15
N LEU D 988 15.26 -8.34 5.14
CA LEU D 988 16.54 -7.67 4.94
C LEU D 988 17.55 -8.54 4.21
N SER D 989 17.19 -9.78 3.85
CA SER D 989 18.11 -10.66 3.15
C SER D 989 17.47 -11.34 1.94
N ARG D 990 16.27 -10.94 1.53
CA ARG D 990 15.61 -11.51 0.37
C ARG D 990 15.17 -10.48 -0.65
N LEU D 991 14.82 -9.27 -0.25
CA LEU D 991 14.43 -8.21 -1.17
C LEU D 991 15.54 -7.17 -1.30
N ASP D 992 15.30 -6.19 -2.17
CA ASP D 992 16.28 -5.14 -2.38
C ASP D 992 16.15 -4.07 -1.30
N PRO D 993 17.26 -3.45 -0.92
CA PRO D 993 17.23 -2.41 0.13
C PRO D 993 16.27 -1.28 -0.19
N PRO D 994 16.30 -0.68 -1.41
CA PRO D 994 15.42 0.47 -1.65
C PRO D 994 13.94 0.11 -1.69
N GLU D 995 13.64 -1.15 -1.98
CA GLU D 995 12.23 -1.57 -2.05
C GLU D 995 11.76 -2.22 -0.76
N ALA D 996 12.69 -2.64 0.11
CA ALA D 996 12.30 -3.29 1.36
C ALA D 996 11.77 -2.29 2.37
N GLU D 997 12.00 -0.99 2.14
CA GLU D 997 11.51 0.03 3.07
C GLU D 997 10.00 0.03 3.13
N VAL D 998 9.33 -0.09 1.98
CA VAL D 998 7.88 -0.14 1.95
C VAL D 998 7.34 -1.42 2.56
N GLN D 999 8.08 -2.53 2.43
CA GLN D 999 7.63 -3.80 2.99
C GLN D 999 7.76 -3.82 4.52
N ILE D 1000 8.86 -3.26 5.04
CA ILE D 1000 9.06 -3.20 6.48
C ILE D 1000 8.00 -2.30 7.11
N ASP D 1001 7.58 -1.26 6.39
CA ASP D 1001 6.56 -0.35 6.91
C ASP D 1001 5.25 -1.09 7.19
N ARG D 1002 4.97 -2.14 6.42
CA ARG D 1002 3.75 -2.90 6.63
C ARG D 1002 3.78 -3.68 7.94
N LEU D 1003 4.95 -4.23 8.31
CA LEU D 1003 5.05 -4.96 9.57
C LEU D 1003 5.08 -4.01 10.75
N ILE D 1004 5.63 -2.81 10.57
CA ILE D 1004 5.68 -1.84 11.66
C ILE D 1004 4.28 -1.40 12.05
N THR D 1005 3.45 -1.04 11.07
CA THR D 1005 2.09 -0.62 11.36
C THR D 1005 1.28 -1.74 11.98
N GLY D 1006 1.51 -2.98 11.53
CA GLY D 1006 0.76 -4.11 12.08
C GLY D 1006 1.13 -4.38 13.53
N ARG D 1007 2.41 -4.24 13.87
CA ARG D 1007 2.85 -4.50 15.23
C ARG D 1007 2.59 -3.29 16.13
N LEU D 1008 2.54 -2.09 15.54
CA LEU D 1008 2.26 -0.89 16.33
C LEU D 1008 0.79 -0.83 16.74
N GLN D 1009 -0.11 -1.20 15.83
CA GLN D 1009 -1.53 -1.20 16.17
C GLN D 1009 -1.87 -2.33 17.15
N SER D 1010 -1.10 -3.41 17.12
CA SER D 1010 -1.31 -4.48 18.11
C SER D 1010 -0.90 -4.01 19.49
N LEU D 1011 0.21 -3.29 19.60
CA LEU D 1011 0.62 -2.74 20.88
C LEU D 1011 -0.40 -1.71 21.38
N GLN D 1012 -0.96 -0.92 20.46
CA GLN D 1012 -2.00 0.04 20.86
C GLN D 1012 -3.24 -0.66 21.38
N THR D 1013 -3.66 -1.74 20.73
CA THR D 1013 -4.80 -2.51 21.22
C THR D 1013 -4.50 -3.13 22.58
N TYR D 1014 -3.27 -3.63 22.76
CA TYR D 1014 -2.88 -4.17 24.05
C TYR D 1014 -2.94 -3.09 25.14
N VAL D 1015 -2.47 -1.88 24.82
CA VAL D 1015 -2.48 -0.80 25.80
C VAL D 1015 -3.91 -0.38 26.12
N THR D 1016 -4.79 -0.38 25.11
CA THR D 1016 -6.19 -0.03 25.36
C THR D 1016 -6.88 -1.07 26.24
N GLN D 1017 -6.67 -2.35 25.95
CA GLN D 1017 -7.24 -3.40 26.79
C GLN D 1017 -6.67 -3.33 28.21
N GLN D 1018 -5.38 -3.02 28.34
CA GLN D 1018 -4.79 -2.87 29.66
C GLN D 1018 -5.38 -1.69 30.41
N LEU D 1019 -5.65 -0.58 29.70
CA LEU D 1019 -6.29 0.56 30.34
C LEU D 1019 -7.68 0.21 30.83
N ILE D 1020 -8.46 -0.50 30.00
CA ILE D 1020 -9.82 -0.88 30.41
C ILE D 1020 -9.79 -1.80 31.62
N ARG D 1021 -8.95 -2.83 31.57
CA ARG D 1021 -8.87 -3.77 32.69
C ARG D 1021 -8.30 -3.11 33.93
N ALA D 1022 -7.40 -2.14 33.76
CA ALA D 1022 -6.87 -1.42 34.92
C ALA D 1022 -7.92 -0.52 35.54
N ALA D 1023 -8.79 0.07 34.72
CA ALA D 1023 -9.92 0.83 35.27
C ALA D 1023 -10.85 -0.09 36.05
N GLU D 1024 -11.14 -1.27 35.51
CA GLU D 1024 -11.98 -2.22 36.24
C GLU D 1024 -11.34 -2.65 37.56
N ILE D 1025 -10.05 -2.97 37.55
CA ILE D 1025 -9.39 -3.39 38.78
C ILE D 1025 -9.25 -2.23 39.75
N ARG D 1026 -9.16 -0.99 39.25
CA ARG D 1026 -9.14 0.16 40.13
C ARG D 1026 -10.48 0.37 40.80
N ALA D 1027 -11.58 0.17 40.06
CA ALA D 1027 -12.89 0.21 40.68
C ALA D 1027 -13.02 -0.88 41.74
N SER D 1028 -12.54 -2.08 41.44
CA SER D 1028 -12.58 -3.17 42.42
C SER D 1028 -11.74 -2.85 43.65
N ALA D 1029 -10.59 -2.19 43.45
CA ALA D 1029 -9.73 -1.86 44.58
C ALA D 1029 -10.31 -0.73 45.42
N ASN D 1030 -11.00 0.21 44.78
CA ASN D 1030 -11.73 1.23 45.54
C ASN D 1030 -12.84 0.61 46.36
N LEU D 1031 -13.58 -0.34 45.78
CA LEU D 1031 -14.59 -1.06 46.54
C LEU D 1031 -13.96 -1.83 47.69
N ALA D 1032 -12.80 -2.43 47.46
CA ALA D 1032 -12.12 -3.19 48.51
C ALA D 1032 -11.65 -2.29 49.64
N ALA D 1033 -11.13 -1.11 49.31
CA ALA D 1033 -10.72 -0.17 50.35
C ALA D 1033 -11.92 0.37 51.12
N THR D 1034 -13.03 0.63 50.43
CA THR D 1034 -14.25 1.05 51.11
C THR D 1034 -14.73 -0.04 52.06
N LYS D 1035 -14.73 -1.29 51.61
CA LYS D 1035 -15.14 -2.39 52.47
C LYS D 1035 -14.19 -2.56 53.65
N MET D 1036 -12.89 -2.40 53.44
CA MET D 1036 -11.93 -2.44 54.54
C MET D 1036 -12.28 -1.39 55.59
N SER D 1037 -12.43 -0.13 55.16
CA SER D 1037 -12.65 0.96 56.09
C SER D 1037 -14.02 0.85 56.77
N GLU D 1038 -15.00 0.24 56.11
CA GLU D 1038 -16.35 0.26 56.66
C GLU D 1038 -16.72 -1.03 57.38
N CYS D 1039 -15.95 -2.11 57.19
CA CYS D 1039 -16.22 -3.37 57.86
C CYS D 1039 -15.15 -3.79 58.86
N VAL D 1040 -13.88 -3.49 58.58
CA VAL D 1040 -12.80 -3.84 59.50
C VAL D 1040 -12.55 -2.72 60.50
N LEU D 1041 -12.41 -1.49 60.01
CA LEU D 1041 -12.19 -0.34 60.88
C LEU D 1041 -13.44 0.10 61.61
N GLY D 1042 -14.58 -0.54 61.36
CA GLY D 1042 -15.81 -0.17 62.04
C GLY D 1042 -16.92 -1.12 61.66
N GLN D 1043 -18.07 -0.92 62.29
CA GLN D 1043 -19.27 -1.73 62.04
C GLN D 1043 -20.21 -0.95 61.14
N SER D 1044 -20.59 -1.56 60.02
CA SER D 1044 -21.41 -0.91 59.00
C SER D 1044 -22.86 -1.30 59.17
N LYS D 1045 -23.75 -0.32 59.14
CA LYS D 1045 -25.19 -0.55 59.15
C LYS D 1045 -25.76 -0.75 57.76
N ARG D 1046 -24.93 -0.67 56.72
CA ARG D 1046 -25.37 -0.87 55.36
C ARG D 1046 -25.73 -2.34 55.14
N VAL D 1047 -26.92 -2.60 54.60
CA VAL D 1047 -27.38 -3.97 54.44
C VAL D 1047 -26.68 -4.61 53.26
N ASP D 1048 -26.26 -5.86 53.43
CA ASP D 1048 -25.60 -6.67 52.42
C ASP D 1048 -24.30 -6.04 51.90
N PHE D 1049 -23.67 -5.17 52.68
CA PHE D 1049 -22.39 -4.59 52.25
C PHE D 1049 -21.22 -5.29 52.90
N CYS D 1050 -21.34 -5.68 54.17
CA CYS D 1050 -20.29 -6.42 54.85
C CYS D 1050 -20.75 -7.83 55.17
N GLY D 1051 -21.43 -8.46 54.23
CA GLY D 1051 -21.91 -9.82 54.41
C GLY D 1051 -23.43 -9.90 54.46
N LYS D 1052 -23.92 -11.13 54.28
CA LYS D 1052 -25.35 -11.40 54.29
C LYS D 1052 -25.83 -11.51 55.73
N GLY D 1053 -26.52 -10.48 56.21
CA GLY D 1053 -27.00 -10.45 57.58
C GLY D 1053 -26.52 -9.23 58.33
N TYR D 1054 -26.81 -9.17 59.63
CA TYR D 1054 -26.38 -8.04 60.45
C TYR D 1054 -24.88 -8.15 60.71
N HIS D 1055 -24.13 -7.19 60.19
CA HIS D 1055 -22.68 -7.25 60.25
C HIS D 1055 -22.18 -6.98 61.67
N LEU D 1056 -21.33 -7.88 62.17
CA LEU D 1056 -20.69 -7.71 63.47
C LEU D 1056 -19.21 -7.37 63.32
N MET D 1057 -18.44 -8.20 62.64
CA MET D 1057 -17.01 -7.98 62.47
C MET D 1057 -16.60 -8.36 61.06
N SER D 1058 -15.34 -8.07 60.73
CA SER D 1058 -14.75 -8.46 59.46
C SER D 1058 -13.24 -8.53 59.62
N PHE D 1059 -12.65 -9.62 59.14
CA PHE D 1059 -11.22 -9.82 59.25
C PHE D 1059 -10.60 -9.92 57.86
N PRO D 1060 -9.65 -9.06 57.53
CA PRO D 1060 -9.01 -9.13 56.22
C PRO D 1060 -8.01 -10.28 56.13
N GLN D 1061 -7.80 -10.76 54.91
CA GLN D 1061 -6.83 -11.82 54.63
C GLN D 1061 -6.11 -11.48 53.33
N SER D 1062 -4.78 -11.50 53.37
CA SER D 1062 -4.00 -11.18 52.19
C SER D 1062 -4.07 -12.33 51.19
N ALA D 1063 -4.24 -11.97 49.92
CA ALA D 1063 -4.35 -12.92 48.83
C ALA D 1063 -3.55 -12.40 47.66
N PRO D 1064 -3.04 -13.29 46.78
CA PRO D 1064 -2.28 -12.83 45.63
C PRO D 1064 -3.09 -11.93 44.70
N HIS D 1065 -2.68 -10.67 44.59
CA HIS D 1065 -3.35 -9.66 43.77
C HIS D 1065 -4.81 -9.45 44.20
N GLY D 1066 -5.11 -9.66 45.47
CA GLY D 1066 -6.46 -9.49 45.94
C GLY D 1066 -6.53 -9.44 47.45
N VAL D 1067 -7.74 -9.53 47.97
CA VAL D 1067 -7.99 -9.52 49.42
C VAL D 1067 -9.26 -10.30 49.69
N VAL D 1068 -9.26 -11.00 50.82
CA VAL D 1068 -10.40 -11.81 51.26
C VAL D 1068 -10.89 -11.27 52.59
N PHE D 1069 -12.19 -11.00 52.67
CA PHE D 1069 -12.82 -10.50 53.89
C PHE D 1069 -13.66 -11.61 54.51
N LEU D 1070 -13.41 -11.91 55.78
CA LEU D 1070 -14.20 -12.88 56.52
C LEU D 1070 -15.27 -12.10 57.29
N HIS D 1071 -16.47 -12.06 56.74
CA HIS D 1071 -17.57 -11.25 57.28
C HIS D 1071 -18.30 -12.04 58.35
N VAL D 1072 -18.16 -11.62 59.60
CA VAL D 1072 -18.89 -12.23 60.71
C VAL D 1072 -20.23 -11.51 60.84
N THR D 1073 -21.32 -12.25 60.59
CA THR D 1073 -22.65 -11.66 60.55
C THR D 1073 -23.53 -12.30 61.61
N TYR D 1074 -24.62 -11.60 61.94
CA TYR D 1074 -25.60 -12.08 62.91
C TYR D 1074 -26.86 -12.48 62.16
N VAL D 1075 -27.16 -13.77 62.16
CA VAL D 1075 -28.30 -14.33 61.44
C VAL D 1075 -29.29 -14.87 62.47
N PRO D 1076 -30.47 -14.28 62.62
CA PRO D 1076 -31.45 -14.81 63.56
C PRO D 1076 -31.98 -16.16 63.11
N ALA D 1077 -32.46 -16.94 64.06
CA ALA D 1077 -32.99 -18.28 63.80
C ALA D 1077 -34.01 -18.65 64.87
N GLN D 1078 -34.80 -19.67 64.56
CA GLN D 1078 -35.80 -20.21 65.48
C GLN D 1078 -36.79 -19.14 65.92
N GLU D 1079 -37.55 -18.63 64.97
CA GLU D 1079 -38.53 -17.60 65.25
C GLU D 1079 -39.87 -18.22 65.61
N LYS D 1080 -40.58 -17.57 66.54
CA LYS D 1080 -41.90 -17.99 66.96
C LYS D 1080 -42.89 -16.85 66.76
N ASN D 1081 -44.12 -17.19 66.37
CA ASN D 1081 -45.13 -16.20 66.10
C ASN D 1081 -45.83 -15.79 67.40
N PHE D 1082 -46.19 -14.50 67.49
CA PHE D 1082 -46.86 -13.96 68.66
C PHE D 1082 -47.88 -12.92 68.21
N THR D 1083 -48.86 -12.68 69.07
CA THR D 1083 -49.85 -11.64 68.81
C THR D 1083 -49.33 -10.29 69.30
N THR D 1084 -49.38 -9.30 68.41
CA THR D 1084 -48.84 -7.99 68.70
C THR D 1084 -49.94 -6.95 68.65
N ALA D 1085 -49.68 -5.81 69.29
CA ALA D 1085 -50.61 -4.69 69.31
C ALA D 1085 -49.80 -3.39 69.25
N PRO D 1086 -50.30 -2.39 68.54
CA PRO D 1086 -49.56 -1.11 68.45
C PRO D 1086 -49.40 -0.41 69.79
N ALA D 1087 -50.44 -0.39 70.63
CA ALA D 1087 -50.37 0.32 71.89
C ALA D 1087 -51.12 -0.48 72.95
N ILE D 1088 -51.00 -0.01 74.20
CA ILE D 1088 -51.65 -0.62 75.34
C ILE D 1088 -52.33 0.47 76.16
N CYS D 1089 -53.60 0.24 76.50
CA CYS D 1089 -54.41 1.20 77.23
C CYS D 1089 -54.63 0.70 78.65
N HIS D 1090 -54.04 1.38 79.63
CA HIS D 1090 -54.23 1.00 81.03
C HIS D 1090 -54.99 2.06 81.81
N ASP D 1091 -54.45 3.27 81.86
CA ASP D 1091 -55.09 4.38 82.58
C ASP D 1091 -55.84 5.32 81.65
N GLY D 1092 -56.70 4.79 80.78
CA GLY D 1092 -57.35 5.62 79.78
C GLY D 1092 -56.43 6.38 78.86
N LYS D 1093 -55.15 6.01 78.82
CA LYS D 1093 -54.16 6.69 78.00
C LYS D 1093 -53.30 5.66 77.27
N ALA D 1094 -52.98 5.95 76.01
CA ALA D 1094 -52.27 5.02 75.16
C ALA D 1094 -50.80 4.96 75.55
N HIS D 1095 -50.26 3.74 75.62
CA HIS D 1095 -48.86 3.50 75.97
C HIS D 1095 -48.13 2.89 74.78
N PHE D 1096 -46.92 3.38 74.51
CA PHE D 1096 -46.13 2.91 73.39
C PHE D 1096 -44.76 2.44 73.88
N PRO D 1097 -44.24 1.33 73.35
CA PRO D 1097 -42.95 0.82 73.81
C PRO D 1097 -41.81 1.73 73.42
N ARG D 1098 -40.80 1.80 74.30
CA ARG D 1098 -39.66 2.68 74.04
C ARG D 1098 -38.69 2.05 73.06
N GLU D 1099 -38.12 0.90 73.39
CA GLU D 1099 -37.13 0.25 72.56
C GLU D 1099 -37.52 -1.22 72.35
N GLY D 1100 -38.77 -1.44 71.98
CA GLY D 1100 -39.23 -2.78 71.73
C GLY D 1100 -40.61 -2.78 71.13
N VAL D 1101 -41.26 -3.94 71.19
CA VAL D 1101 -42.63 -4.11 70.71
C VAL D 1101 -43.39 -5.02 71.67
N PHE D 1102 -44.71 -4.91 71.65
CA PHE D 1102 -45.55 -5.70 72.52
C PHE D 1102 -45.84 -7.05 71.90
N VAL D 1103 -45.65 -8.11 72.68
CA VAL D 1103 -45.90 -9.48 72.24
C VAL D 1103 -46.83 -10.14 73.25
N SER D 1104 -47.59 -11.12 72.77
CA SER D 1104 -48.53 -11.86 73.60
C SER D 1104 -48.39 -13.35 73.32
N ASN D 1105 -48.30 -14.14 74.39
CA ASN D 1105 -48.20 -15.59 74.30
C ASN D 1105 -49.58 -16.25 74.40
N GLY D 1106 -50.62 -15.53 73.99
CA GLY D 1106 -51.98 -16.02 74.10
C GLY D 1106 -52.70 -15.55 75.33
N THR D 1107 -52.12 -15.75 76.51
CA THR D 1107 -52.79 -15.37 77.75
C THR D 1107 -52.36 -13.99 78.22
N HIS D 1108 -51.05 -13.76 78.33
CA HIS D 1108 -50.52 -12.52 78.88
C HIS D 1108 -49.76 -11.76 77.79
N TRP D 1109 -49.32 -10.56 78.15
CA TRP D 1109 -48.58 -9.68 77.25
C TRP D 1109 -47.19 -9.42 77.81
N PHE D 1110 -46.24 -9.13 76.92
CA PHE D 1110 -44.87 -8.85 77.30
C PHE D 1110 -44.29 -7.81 76.35
N VAL D 1111 -42.99 -7.54 76.51
CA VAL D 1111 -42.25 -6.65 75.63
C VAL D 1111 -40.92 -7.31 75.30
N THR D 1112 -40.49 -7.18 74.05
CA THR D 1112 -39.28 -7.85 73.58
C THR D 1112 -38.34 -6.82 72.97
N GLN D 1113 -37.29 -7.32 72.33
CA GLN D 1113 -36.21 -6.49 71.76
C GLN D 1113 -36.27 -6.37 70.25
N ARG D 1114 -37.28 -6.92 69.57
CA ARG D 1114 -37.46 -6.84 68.13
C ARG D 1114 -36.45 -7.70 67.37
N ASN D 1115 -35.50 -8.31 68.09
CA ASN D 1115 -34.48 -9.14 67.46
C ASN D 1115 -34.17 -10.39 68.26
N PHE D 1116 -34.56 -10.45 69.53
CA PHE D 1116 -34.32 -11.62 70.36
C PHE D 1116 -35.44 -11.70 71.39
N TYR D 1117 -36.12 -12.84 71.45
CA TYR D 1117 -37.29 -12.98 72.30
C TYR D 1117 -36.86 -13.04 73.76
N GLU D 1118 -36.90 -11.89 74.41
CA GLU D 1118 -36.67 -11.79 75.85
C GLU D 1118 -37.87 -11.11 76.49
N PRO D 1119 -38.88 -11.87 76.92
CA PRO D 1119 -40.11 -11.23 77.42
C PRO D 1119 -39.90 -10.54 78.76
N GLN D 1120 -40.51 -9.36 78.89
CA GLN D 1120 -40.43 -8.58 80.11
C GLN D 1120 -41.81 -7.99 80.41
N ILE D 1121 -42.03 -7.70 81.68
CA ILE D 1121 -43.29 -7.11 82.11
C ILE D 1121 -43.38 -5.68 81.60
N ILE D 1122 -44.58 -5.28 81.16
CA ILE D 1122 -44.79 -3.93 80.64
C ILE D 1122 -44.88 -2.97 81.82
N THR D 1123 -43.75 -2.38 82.20
CA THR D 1123 -43.72 -1.46 83.31
C THR D 1123 -43.73 -0.02 82.81
N THR D 1124 -43.62 0.92 83.76
CA THR D 1124 -43.65 2.33 83.42
C THR D 1124 -42.35 2.80 82.77
N ASP D 1125 -41.22 2.14 83.06
CA ASP D 1125 -39.95 2.53 82.48
C ASP D 1125 -39.71 1.92 81.10
N ASN D 1126 -40.37 0.82 80.77
CA ASN D 1126 -40.26 0.20 79.45
C ASN D 1126 -41.28 0.74 78.46
N THR D 1127 -42.10 1.71 78.85
CA THR D 1127 -43.18 2.19 78.01
C THR D 1127 -43.39 3.68 78.26
N PHE D 1128 -43.70 4.42 77.20
CA PHE D 1128 -44.00 5.84 77.30
C PHE D 1128 -45.41 6.10 76.80
N VAL D 1129 -46.06 7.09 77.41
CA VAL D 1129 -47.46 7.38 77.17
C VAL D 1129 -47.57 8.66 76.34
N SER D 1130 -48.49 8.65 75.37
CA SER D 1130 -48.74 9.82 74.54
C SER D 1130 -50.16 9.74 74.01
N GLY D 1131 -51.02 10.64 74.47
CA GLY D 1131 -52.39 10.69 74.00
C GLY D 1131 -53.29 9.68 74.70
N ASN D 1132 -54.56 9.72 74.31
CA ASN D 1132 -55.57 8.83 74.85
C ASN D 1132 -55.85 7.68 73.90
N CYS D 1133 -56.74 6.78 74.32
CA CYS D 1133 -57.03 5.54 73.59
C CYS D 1133 -58.19 5.67 72.63
N ASP D 1134 -58.17 6.66 71.73
CA ASP D 1134 -59.23 6.80 70.74
C ASP D 1134 -58.72 7.10 69.34
N VAL D 1135 -57.41 7.27 69.15
CA VAL D 1135 -56.87 7.56 67.82
C VAL D 1135 -55.98 6.45 67.30
N VAL D 1136 -55.68 5.43 68.09
CA VAL D 1136 -54.84 4.32 67.69
C VAL D 1136 -55.71 3.10 67.46
N ILE D 1137 -55.62 2.52 66.27
CA ILE D 1137 -56.37 1.32 65.92
C ILE D 1137 -55.51 0.09 66.23
N GLY D 1138 -56.13 -0.91 66.83
CA GLY D 1138 -55.43 -2.11 67.24
C GLY D 1138 -54.96 -2.11 68.67
N ILE D 1139 -55.27 -1.06 69.45
CA ILE D 1139 -54.84 -1.00 70.84
C ILE D 1139 -55.64 -1.99 71.66
N VAL D 1140 -54.99 -2.60 72.66
CA VAL D 1140 -55.58 -3.64 73.48
C VAL D 1140 -55.55 -3.21 74.94
N ASN D 1141 -56.48 -3.73 75.72
CA ASN D 1141 -56.49 -3.45 77.16
C ASN D 1141 -55.44 -4.31 77.85
N ASN D 1142 -54.60 -3.67 78.67
CA ASN D 1142 -53.62 -4.38 79.47
C ASN D 1142 -53.10 -3.43 80.54
N THR D 1143 -52.69 -4.01 81.67
CA THR D 1143 -52.21 -3.20 82.79
C THR D 1143 -50.73 -2.87 82.59
N VAL D 1144 -50.36 -1.68 83.04
CA VAL D 1144 -48.97 -1.20 82.98
C VAL D 1144 -48.47 -1.14 84.42
N TYR D 1145 -47.46 -1.94 84.72
CA TYR D 1145 -46.94 -2.01 86.08
C TYR D 1145 -46.21 -0.73 86.46
N ASP D 1146 -46.38 -0.31 87.70
CA ASP D 1146 -45.71 0.89 88.22
C ASP D 1146 -44.90 0.51 89.45
N PRO D 1147 -43.58 0.65 89.43
CA PRO D 1147 -42.76 0.25 90.59
C PRO D 1147 -43.03 1.05 91.85
N LEU D 1148 -43.69 2.20 91.76
CA LEU D 1148 -43.96 3.01 92.94
C LEU D 1148 -45.24 2.61 93.66
N GLN D 1149 -46.18 1.97 92.97
CA GLN D 1149 -47.45 1.57 93.54
C GLN D 1149 -47.33 0.59 94.71
N PRO D 1150 -46.44 -0.42 94.64
CA PRO D 1150 -46.30 -1.32 95.81
C PRO D 1150 -45.94 -0.61 97.10
N GLU D 1151 -44.92 0.24 97.09
CA GLU D 1151 -44.54 0.96 98.29
C GLU D 1151 -43.74 2.22 97.93
N CYS E 26 -43.67 27.55 -41.70
CA CYS E 26 -43.43 28.06 -40.36
C CYS E 26 -43.88 29.51 -40.23
N VAL E 27 -44.70 29.77 -39.21
CA VAL E 27 -45.16 31.12 -38.90
C VAL E 27 -45.04 31.33 -37.39
N ASN E 28 -44.86 32.59 -37.00
CA ASN E 28 -44.68 32.97 -35.61
C ASN E 28 -45.95 33.63 -35.09
N LEU E 29 -46.54 33.04 -34.05
CA LEU E 29 -47.78 33.55 -33.48
C LEU E 29 -47.79 33.64 -31.96
N ILE E 30 -46.89 32.97 -31.25
CA ILE E 30 -46.95 32.85 -29.79
C ILE E 30 -45.68 33.43 -29.20
N THR E 31 -45.69 34.73 -28.90
CA THR E 31 -44.67 35.37 -28.08
C THR E 31 -45.21 36.66 -27.49
N ARG E 32 -45.65 36.64 -26.23
CA ARG E 32 -46.20 37.86 -25.66
C ARG E 32 -45.49 38.34 -24.40
N THR E 33 -45.36 37.46 -23.40
CA THR E 33 -44.91 37.89 -22.08
C THR E 33 -44.57 36.68 -21.22
N GLN E 34 -44.25 36.96 -19.95
CA GLN E 34 -43.96 35.94 -18.95
C GLN E 34 -44.23 36.53 -17.58
N SER E 35 -44.25 35.66 -16.57
CA SER E 35 -44.52 36.08 -15.20
C SER E 35 -43.65 35.27 -14.25
N TYR E 36 -43.79 35.56 -12.95
CA TYR E 36 -43.05 34.88 -11.91
C TYR E 36 -43.98 34.60 -10.72
N THR E 37 -43.64 33.55 -9.98
CA THR E 37 -44.42 33.17 -8.81
C THR E 37 -43.57 32.26 -7.92
N ASN E 38 -43.87 32.28 -6.62
CA ASN E 38 -43.17 31.41 -5.69
C ASN E 38 -43.79 30.03 -5.67
N SER E 39 -42.97 29.03 -5.37
CA SER E 39 -43.44 27.66 -5.34
C SER E 39 -43.61 27.18 -3.91
N PHE E 40 -44.48 26.17 -3.74
CA PHE E 40 -44.64 25.48 -2.47
C PHE E 40 -43.72 24.27 -2.44
N THR E 41 -44.02 23.31 -1.56
CA THR E 41 -43.22 22.09 -1.42
C THR E 41 -43.40 21.13 -2.60
N ARG E 42 -44.07 21.56 -3.65
CA ARG E 42 -44.26 20.75 -4.84
C ARG E 42 -42.93 20.41 -5.51
N GLY E 43 -42.97 19.46 -6.43
CA GLY E 43 -41.78 19.08 -7.17
C GLY E 43 -40.99 17.95 -6.58
N VAL E 44 -41.64 17.04 -5.86
CA VAL E 44 -40.97 15.89 -5.24
C VAL E 44 -41.40 14.63 -5.97
N TYR E 45 -40.43 13.80 -6.31
CA TYR E 45 -40.68 12.56 -7.05
C TYR E 45 -39.91 11.42 -6.40
N TYR E 46 -40.19 10.21 -6.85
CA TYR E 46 -39.47 9.03 -6.38
C TYR E 46 -38.11 8.94 -7.03
N PRO E 47 -37.00 9.07 -6.30
CA PRO E 47 -35.69 9.02 -6.95
C PRO E 47 -35.31 7.63 -7.42
N ASP E 48 -35.85 6.59 -6.81
CA ASP E 48 -35.51 5.23 -7.19
C ASP E 48 -36.76 4.36 -7.12
N LYS E 49 -36.63 3.13 -7.60
CA LYS E 49 -37.72 2.16 -7.62
C LYS E 49 -37.73 1.26 -6.39
N VAL E 50 -37.10 1.68 -5.30
CA VAL E 50 -36.93 0.86 -4.11
C VAL E 50 -38.10 1.10 -3.17
N PHE E 51 -38.70 0.02 -2.67
CA PHE E 51 -39.76 0.13 -1.68
C PHE E 51 -39.16 0.39 -0.30
N ARG E 52 -39.76 1.32 0.43
CA ARG E 52 -39.35 1.64 1.79
C ARG E 52 -40.59 1.86 2.63
N SER E 53 -40.62 1.25 3.81
CA SER E 53 -41.80 1.27 4.68
C SER E 53 -41.43 1.93 6.01
N SER E 54 -42.01 3.08 6.28
CA SER E 54 -41.89 3.81 7.54
C SER E 54 -40.45 4.21 7.84
N VAL E 55 -39.63 4.49 6.83
CA VAL E 55 -38.27 4.92 7.07
C VAL E 55 -38.08 6.36 6.58
N LEU E 56 -37.00 6.98 7.04
CA LEU E 56 -36.63 8.32 6.63
C LEU E 56 -35.32 8.24 5.86
N HIS E 57 -35.42 8.19 4.53
CA HIS E 57 -34.28 7.99 3.67
C HIS E 57 -33.82 9.34 3.12
N SER E 58 -32.51 9.61 3.26
CA SER E 58 -31.91 10.84 2.74
C SER E 58 -31.24 10.55 1.41
N THR E 59 -31.71 11.21 0.36
CA THR E 59 -31.19 11.02 -0.99
C THR E 59 -30.65 12.34 -1.51
N HIS E 60 -29.63 12.25 -2.36
CA HIS E 60 -29.01 13.42 -2.97
C HIS E 60 -29.18 13.30 -4.49
N ASP E 61 -30.30 13.80 -5.01
CA ASP E 61 -30.58 13.74 -6.43
C ASP E 61 -31.08 15.10 -6.89
N LEU E 62 -31.34 15.21 -8.19
CA LEU E 62 -31.85 16.45 -8.76
C LEU E 62 -33.30 16.65 -8.33
N PHE E 63 -33.52 17.56 -7.40
CA PHE E 63 -34.86 17.90 -6.93
C PHE E 63 -35.11 19.39 -7.12
N LEU E 64 -36.38 19.76 -7.12
CA LEU E 64 -36.76 21.16 -7.19
C LEU E 64 -36.64 21.79 -5.80
N PRO E 65 -35.84 22.83 -5.62
CA PRO E 65 -35.70 23.44 -4.29
C PRO E 65 -37.02 23.97 -3.78
N PHE E 66 -37.27 23.79 -2.48
CA PHE E 66 -38.50 24.25 -1.87
C PHE E 66 -38.55 25.78 -1.87
N PHE E 67 -39.73 26.31 -2.14
CA PHE E 67 -39.96 27.76 -2.21
C PHE E 67 -39.04 28.42 -3.23
N SER E 68 -38.93 27.82 -4.41
CA SER E 68 -38.09 28.36 -5.47
C SER E 68 -38.87 29.37 -6.30
N ASN E 69 -38.16 29.97 -7.26
CA ASN E 69 -38.73 31.01 -8.12
C ASN E 69 -39.17 30.36 -9.44
N VAL E 70 -40.38 29.81 -9.41
CA VAL E 70 -40.92 29.14 -10.60
C VAL E 70 -41.45 30.18 -11.57
N THR E 71 -41.01 30.10 -12.82
CA THR E 71 -41.42 31.05 -13.85
C THR E 71 -42.81 30.68 -14.36
N TRP E 72 -43.77 31.58 -14.17
CA TRP E 72 -45.14 31.39 -14.63
C TRP E 72 -45.26 31.94 -16.04
N PHE E 73 -45.82 31.15 -16.94
CA PHE E 73 -45.97 31.52 -18.35
C PHE E 73 -47.45 31.53 -18.70
N HIS E 74 -47.98 32.71 -18.98
CA HIS E 74 -49.40 32.85 -19.34
C HIS E 74 -49.60 34.02 -20.28
N LYS E 85 -51.10 33.44 -30.70
CA LYS E 85 -51.86 33.73 -29.49
C LYS E 85 -50.91 33.88 -28.29
N ARG E 86 -51.30 34.69 -27.32
CA ARG E 86 -50.46 35.05 -26.19
C ARG E 86 -50.40 33.91 -25.18
N PHE E 87 -49.33 33.12 -25.24
CA PHE E 87 -49.10 32.10 -24.22
C PHE E 87 -47.81 32.33 -23.46
N ASP E 88 -46.69 32.45 -24.19
CA ASP E 88 -45.37 32.45 -23.58
C ASP E 88 -44.32 32.77 -24.63
N ASN E 89 -43.17 33.24 -24.17
CA ASN E 89 -42.02 33.44 -25.03
C ASN E 89 -41.34 32.11 -25.35
N PRO E 90 -40.75 31.98 -26.53
CA PRO E 90 -40.15 30.71 -26.92
C PRO E 90 -38.74 30.54 -26.38
N ALA E 91 -38.11 29.44 -26.80
CA ALA E 91 -36.73 29.13 -26.47
C ALA E 91 -36.48 29.05 -24.97
N LEU E 92 -37.12 28.10 -24.31
CA LEU E 92 -36.86 27.87 -22.89
C LEU E 92 -35.66 26.95 -22.71
N PRO E 93 -34.73 27.32 -21.84
CA PRO E 93 -33.54 26.48 -21.65
C PRO E 93 -33.86 25.22 -20.86
N PHE E 94 -32.96 24.24 -20.99
CA PHE E 94 -33.09 22.96 -20.31
C PHE E 94 -31.86 22.74 -19.45
N ASN E 95 -32.00 22.97 -18.15
CA ASN E 95 -30.93 22.73 -17.20
C ASN E 95 -30.87 21.24 -16.86
N ASP E 96 -30.14 20.88 -15.80
CA ASP E 96 -30.03 19.49 -15.38
C ASP E 96 -31.38 18.80 -15.24
N GLY E 97 -32.46 19.56 -15.07
CA GLY E 97 -33.79 19.00 -15.01
C GLY E 97 -34.85 20.09 -14.95
N VAL E 98 -35.96 19.91 -15.67
CA VAL E 98 -37.00 20.93 -15.75
C VAL E 98 -38.26 20.41 -15.07
N TYR E 99 -38.99 21.32 -14.46
CA TYR E 99 -40.27 21.01 -13.83
C TYR E 99 -41.40 21.64 -14.64
N PHE E 100 -42.49 20.90 -14.78
CA PHE E 100 -43.63 21.36 -15.58
C PHE E 100 -44.92 21.08 -14.85
N ALA E 101 -45.80 22.08 -14.80
CA ALA E 101 -47.10 21.94 -14.17
C ALA E 101 -48.07 22.90 -14.85
N SER E 102 -49.33 22.48 -14.97
CA SER E 102 -50.36 23.29 -15.59
C SER E 102 -51.73 22.86 -15.07
N THR E 103 -52.68 23.77 -15.20
CA THR E 103 -54.07 23.51 -14.78
C THR E 103 -54.99 24.18 -15.79
N GLU E 104 -55.46 23.38 -16.75
CA GLU E 104 -56.31 23.89 -17.83
C GLU E 104 -57.25 22.77 -18.25
N LYS E 105 -57.87 22.92 -19.42
CA LYS E 105 -58.89 22.00 -19.91
C LYS E 105 -58.33 20.64 -20.32
N SER E 106 -57.05 20.36 -20.04
CA SER E 106 -56.38 19.09 -20.32
C SER E 106 -56.34 18.75 -21.80
N ASN E 107 -56.55 19.73 -22.68
CA ASN E 107 -56.48 19.50 -24.12
C ASN E 107 -55.69 20.55 -24.88
N ILE E 108 -55.39 21.71 -24.29
CA ILE E 108 -54.62 22.72 -25.00
C ILE E 108 -53.15 22.35 -25.06
N ILE E 109 -52.66 21.64 -24.04
CA ILE E 109 -51.29 21.15 -24.01
C ILE E 109 -51.26 19.78 -24.67
N ARG E 110 -50.41 19.62 -25.68
CA ARG E 110 -50.32 18.37 -26.43
C ARG E 110 -48.95 17.72 -26.40
N GLY E 111 -47.98 18.32 -25.73
CA GLY E 111 -46.67 17.72 -25.62
C GLY E 111 -45.59 18.78 -25.62
N TRP E 112 -44.35 18.32 -25.78
CA TRP E 112 -43.19 19.19 -25.76
C TRP E 112 -42.20 18.74 -26.81
N ILE E 113 -41.15 19.52 -26.99
CA ILE E 113 -40.04 19.18 -27.87
C ILE E 113 -38.74 19.39 -27.12
N PHE E 114 -37.75 18.54 -27.39
CA PHE E 114 -36.48 18.57 -26.69
C PHE E 114 -35.35 18.39 -27.70
N GLY E 115 -34.26 19.12 -27.49
CA GLY E 115 -33.11 19.00 -28.36
C GLY E 115 -32.04 19.99 -27.97
N THR E 116 -30.87 19.83 -28.59
CA THR E 116 -29.76 20.74 -28.33
C THR E 116 -29.91 22.03 -29.13
N THR E 117 -30.15 21.93 -30.43
CA THR E 117 -30.30 23.11 -31.28
C THR E 117 -31.62 23.18 -32.03
N LEU E 118 -32.33 22.07 -32.22
CA LEU E 118 -33.63 22.05 -32.89
C LEU E 118 -33.59 22.59 -34.31
N ASP E 119 -32.48 22.36 -35.02
CA ASP E 119 -32.37 22.84 -36.40
C ASP E 119 -31.79 21.77 -37.33
N SER E 120 -32.18 20.51 -37.17
CA SER E 120 -31.74 19.36 -37.96
C SER E 120 -30.25 19.09 -37.84
N LYS E 121 -29.54 19.75 -36.93
CA LYS E 121 -28.11 19.49 -36.77
C LYS E 121 -27.85 18.23 -35.94
N THR E 122 -28.62 18.01 -34.88
CA THR E 122 -28.49 16.82 -34.07
C THR E 122 -29.86 16.21 -33.87
N GLN E 123 -29.89 15.05 -33.21
CA GLN E 123 -31.15 14.39 -32.92
C GLN E 123 -31.96 15.18 -31.91
N SER E 124 -33.28 15.05 -31.98
CA SER E 124 -34.17 15.78 -31.10
C SER E 124 -35.35 14.89 -30.72
N LEU E 125 -36.02 15.25 -29.63
CA LEU E 125 -37.14 14.50 -29.09
C LEU E 125 -38.44 15.25 -29.35
N LEU E 126 -39.47 14.50 -29.76
CA LEU E 126 -40.78 15.07 -30.03
C LEU E 126 -41.81 14.32 -29.19
N ILE E 127 -42.62 15.08 -28.45
CA ILE E 127 -43.69 14.52 -27.63
C ILE E 127 -45.01 15.06 -28.16
N VAL E 128 -45.88 14.16 -28.62
CA VAL E 128 -47.19 14.54 -29.14
C VAL E 128 -48.24 13.70 -28.42
N ASN E 129 -49.49 14.16 -28.49
CA ASN E 129 -50.59 13.53 -27.78
C ASN E 129 -51.85 13.57 -28.63
N ASN E 130 -52.50 12.42 -28.78
CA ASN E 130 -53.84 12.39 -29.35
C ASN E 130 -54.85 12.78 -28.26
N ALA E 131 -56.13 12.55 -28.53
CA ALA E 131 -57.12 12.62 -27.47
C ALA E 131 -57.19 11.31 -26.70
N THR E 132 -56.56 10.25 -27.22
CA THR E 132 -56.60 8.93 -26.59
C THR E 132 -55.24 8.23 -26.55
N ASN E 133 -54.25 8.68 -27.32
CA ASN E 133 -52.96 8.02 -27.37
C ASN E 133 -51.84 9.04 -27.42
N VAL E 134 -50.62 8.56 -27.22
CA VAL E 134 -49.41 9.39 -27.28
C VAL E 134 -48.42 8.74 -28.22
N VAL E 135 -47.62 9.57 -28.88
CA VAL E 135 -46.58 9.12 -29.79
C VAL E 135 -45.29 9.87 -29.46
N ILE E 136 -44.26 9.12 -29.11
CA ILE E 136 -42.95 9.68 -28.78
C ILE E 136 -41.96 9.23 -29.84
N LYS E 137 -41.44 10.18 -30.60
CA LYS E 137 -40.53 9.87 -31.69
C LYS E 137 -39.29 10.74 -31.58
N VAL E 138 -38.15 10.14 -31.93
CA VAL E 138 -36.87 10.83 -31.97
C VAL E 138 -36.38 10.86 -33.41
N CYS E 139 -35.87 12.00 -33.84
CA CYS E 139 -35.43 12.17 -35.21
C CYS E 139 -34.44 13.32 -35.28
N GLU E 140 -33.80 13.47 -36.45
CA GLU E 140 -32.89 14.57 -36.69
C GLU E 140 -33.54 15.69 -37.52
N PHE E 141 -34.83 15.91 -37.33
CA PHE E 141 -35.55 16.94 -38.06
C PHE E 141 -35.39 18.30 -37.40
N GLN E 142 -35.80 19.33 -38.14
CA GLN E 142 -35.73 20.72 -37.68
C GLN E 142 -37.14 21.23 -37.44
N PHE E 143 -37.35 21.89 -36.29
CA PHE E 143 -38.65 22.42 -35.93
C PHE E 143 -38.80 23.85 -36.43
N CYS E 144 -40.04 24.32 -36.45
CA CYS E 144 -40.31 25.72 -36.72
C CYS E 144 -39.93 26.56 -35.50
N ASN E 145 -39.88 27.88 -35.71
CA ASN E 145 -39.60 28.79 -34.61
C ASN E 145 -40.78 28.92 -33.64
N ASP E 146 -41.96 28.42 -34.01
CA ASP E 146 -43.14 28.47 -33.15
C ASP E 146 -44.11 27.38 -33.58
N PRO E 147 -43.83 26.13 -33.23
CA PRO E 147 -44.75 25.04 -33.58
C PRO E 147 -46.01 25.09 -32.72
N PHE E 148 -47.15 24.76 -33.35
CA PHE E 148 -48.42 24.85 -32.63
C PHE E 148 -49.35 23.68 -32.90
N LEU E 149 -48.94 22.69 -33.71
CA LEU E 149 -49.74 21.49 -33.94
C LEU E 149 -51.15 21.81 -34.40
N ASP E 150 -51.30 22.37 -35.59
CA ASP E 150 -52.61 22.72 -36.13
C ASP E 150 -53.56 21.52 -36.11
N VAL E 151 -54.86 21.83 -36.03
CA VAL E 151 -55.91 20.83 -36.05
C VAL E 151 -56.89 21.20 -37.14
N TYR E 152 -57.58 20.19 -37.67
CA TYR E 152 -58.54 20.36 -38.76
C TYR E 152 -57.89 21.01 -39.98
N MET E 160 -57.77 15.26 -35.87
CA MET E 160 -57.54 16.00 -37.10
C MET E 160 -56.22 16.76 -37.04
N GLU E 161 -55.43 16.47 -36.01
CA GLU E 161 -54.14 17.13 -35.82
C GLU E 161 -53.16 16.72 -36.92
N SER E 162 -52.21 17.59 -37.19
CA SER E 162 -51.21 17.34 -38.22
C SER E 162 -49.94 18.13 -37.90
N GLU E 163 -48.81 17.54 -38.26
CA GLU E 163 -47.50 18.17 -38.04
C GLU E 163 -47.03 18.96 -39.26
N PHE E 164 -47.96 19.48 -40.07
CA PHE E 164 -47.58 20.20 -41.28
C PHE E 164 -46.79 21.48 -40.96
N ARG E 165 -47.02 22.09 -39.81
CA ARG E 165 -46.33 23.30 -39.41
C ARG E 165 -45.57 23.09 -38.11
N VAL E 166 -44.89 21.95 -37.99
CA VAL E 166 -44.07 21.65 -36.82
C VAL E 166 -42.64 21.41 -37.27
N TYR E 167 -42.45 20.41 -38.14
CA TYR E 167 -41.13 20.13 -38.69
C TYR E 167 -41.26 19.95 -40.20
N SER E 168 -40.14 20.15 -40.89
CA SER E 168 -40.15 20.09 -42.36
C SER E 168 -40.06 18.64 -42.84
N SER E 169 -38.98 17.95 -42.53
CA SER E 169 -38.77 16.58 -42.98
C SER E 169 -38.07 15.79 -41.88
N ALA E 170 -38.62 14.61 -41.59
CA ALA E 170 -38.12 13.76 -40.51
C ALA E 170 -37.05 12.82 -41.07
N ASN E 171 -35.80 13.21 -40.88
CA ASN E 171 -34.67 12.42 -41.34
C ASN E 171 -33.93 11.81 -40.15
N ASN E 172 -33.49 10.56 -40.33
CA ASN E 172 -32.79 9.81 -39.29
C ASN E 172 -33.67 9.66 -38.05
N CYS E 173 -34.80 8.96 -38.23
CA CYS E 173 -35.77 8.73 -37.16
C CYS E 173 -35.46 7.42 -36.42
N THR E 174 -34.89 7.58 -35.23
CA THR E 174 -34.61 6.41 -34.39
C THR E 174 -35.48 6.45 -33.14
N PHE E 175 -35.69 5.28 -32.53
CA PHE E 175 -36.41 5.17 -31.27
C PHE E 175 -37.83 5.74 -31.37
N GLU E 176 -38.68 5.14 -32.19
CA GLU E 176 -40.08 5.51 -32.21
C GLU E 176 -40.79 4.76 -31.09
N TYR E 177 -41.71 5.45 -30.42
CA TYR E 177 -42.35 4.90 -29.24
C TYR E 177 -43.79 5.39 -29.16
N VAL E 178 -44.70 4.44 -28.95
CA VAL E 178 -46.12 4.72 -28.81
C VAL E 178 -46.64 3.99 -27.57
N SER E 179 -47.45 4.67 -26.78
CA SER E 179 -47.97 4.10 -25.54
C SER E 179 -49.29 4.77 -25.20
N GLN E 180 -49.75 4.54 -23.97
CA GLN E 180 -51.00 5.12 -23.52
C GLN E 180 -50.71 6.36 -22.66
N PRO E 181 -51.49 7.44 -22.82
CA PRO E 181 -51.34 8.67 -22.04
C PRO E 181 -51.38 8.44 -20.53
N ASN E 195 -57.59 19.29 -11.11
CA ASN E 195 -57.09 18.87 -12.42
C ASN E 195 -55.66 19.34 -12.63
N LEU E 196 -54.89 19.39 -11.55
CA LEU E 196 -53.49 19.80 -11.63
C LEU E 196 -52.65 18.68 -12.23
N ARG E 197 -52.03 18.94 -13.38
CA ARG E 197 -51.16 18.00 -14.06
C ARG E 197 -49.72 18.42 -13.83
N GLU E 198 -48.97 17.59 -13.13
CA GLU E 198 -47.61 17.92 -12.71
C GLU E 198 -46.63 16.95 -13.36
N PHE E 199 -45.56 17.49 -13.93
CA PHE E 199 -44.58 16.69 -14.66
C PHE E 199 -43.17 17.09 -14.25
N VAL E 200 -42.25 16.12 -14.33
CA VAL E 200 -40.83 16.34 -14.06
C VAL E 200 -40.04 15.60 -15.11
N PHE E 201 -39.16 16.32 -15.81
CA PHE E 201 -38.34 15.75 -16.87
C PHE E 201 -36.89 15.74 -16.45
N LYS E 202 -36.19 14.67 -16.82
CA LYS E 202 -34.78 14.50 -16.47
C LYS E 202 -34.10 13.71 -17.58
N ASN E 203 -32.82 13.99 -17.80
CA ASN E 203 -32.03 13.33 -18.83
C ASN E 203 -30.61 13.13 -18.28
N ILE E 204 -30.35 11.94 -17.76
CA ILE E 204 -29.05 11.61 -17.18
C ILE E 204 -28.74 10.15 -17.49
N ASP E 205 -27.46 9.88 -17.72
CA ASP E 205 -26.98 8.54 -18.04
C ASP E 205 -27.72 7.97 -19.26
N GLY E 206 -27.95 8.82 -20.25
CA GLY E 206 -28.62 8.41 -21.46
C GLY E 206 -30.13 8.46 -21.36
N TYR E 207 -30.68 7.68 -20.44
CA TYR E 207 -32.13 7.56 -20.33
C TYR E 207 -32.79 8.91 -20.03
N PHE E 208 -33.91 9.16 -20.70
CA PHE E 208 -34.71 10.36 -20.48
C PHE E 208 -35.92 9.99 -19.66
N LYS E 209 -35.88 10.29 -18.36
CA LYS E 209 -36.89 9.87 -17.41
C LYS E 209 -37.94 10.95 -17.24
N ILE E 210 -39.20 10.55 -17.13
CA ILE E 210 -40.33 11.46 -16.93
C ILE E 210 -41.13 10.98 -15.74
N TYR E 211 -41.59 11.92 -14.91
CA TYR E 211 -42.44 11.63 -13.77
C TYR E 211 -43.71 12.46 -13.88
N SER E 212 -44.84 11.89 -13.48
CA SER E 212 -46.12 12.56 -13.64
C SER E 212 -47.00 12.27 -12.44
N LYS E 213 -47.99 13.15 -12.23
CA LYS E 213 -48.95 13.01 -11.15
C LYS E 213 -50.12 13.95 -11.42
N HIS E 214 -51.31 13.49 -11.06
CA HIS E 214 -52.53 14.26 -11.25
C HIS E 214 -53.26 14.37 -9.93
N THR E 215 -53.55 15.60 -9.52
CA THR E 215 -54.24 15.87 -8.26
C THR E 215 -55.33 16.91 -8.53
N PRO E 216 -56.49 16.80 -7.88
CA PRO E 216 -57.55 17.79 -8.07
C PRO E 216 -57.26 19.05 -7.28
N ILE E 217 -57.48 20.20 -7.90
CA ILE E 217 -57.24 21.48 -7.25
C ILE E 217 -58.38 21.79 -6.27
N LEU E 223 -49.78 27.48 -8.45
CA LEU E 223 -49.39 26.16 -7.94
C LEU E 223 -49.97 25.92 -6.55
N PRO E 224 -50.89 24.97 -6.44
CA PRO E 224 -51.52 24.69 -5.15
C PRO E 224 -50.51 24.17 -4.14
N GLN E 225 -50.83 24.36 -2.87
CA GLN E 225 -49.97 23.90 -1.78
C GLN E 225 -50.22 22.42 -1.53
N GLY E 226 -49.65 21.90 -0.44
CA GLY E 226 -49.77 20.50 -0.13
C GLY E 226 -48.55 19.71 -0.53
N PHE E 227 -48.75 18.40 -0.66
CA PHE E 227 -47.67 17.50 -1.04
C PHE E 227 -48.25 16.36 -1.88
N SER E 228 -47.49 15.98 -2.91
CA SER E 228 -47.89 14.87 -3.77
C SER E 228 -46.66 14.40 -4.54
N ALA E 229 -46.32 13.12 -4.38
CA ALA E 229 -45.15 12.56 -5.05
C ALA E 229 -45.46 12.20 -6.49
N LEU E 230 -44.46 12.32 -7.35
CA LEU E 230 -44.61 12.02 -8.77
C LEU E 230 -44.02 10.66 -9.06
N GLU E 231 -44.72 9.86 -9.88
CA GLU E 231 -44.34 8.49 -10.20
C GLU E 231 -43.81 8.39 -11.62
N PRO E 232 -42.82 7.53 -11.84
CA PRO E 232 -42.29 7.37 -13.21
C PRO E 232 -43.32 6.69 -14.10
N LEU E 233 -43.32 7.08 -15.38
CA LEU E 233 -44.27 6.51 -16.31
C LEU E 233 -43.68 6.06 -17.65
N VAL E 234 -42.50 6.55 -18.04
CA VAL E 234 -41.92 6.12 -19.32
C VAL E 234 -40.53 5.53 -19.13
N ASP E 235 -39.58 6.37 -18.70
CA ASP E 235 -38.17 6.00 -18.59
C ASP E 235 -37.64 5.47 -19.92
N LEU E 236 -37.58 6.38 -20.88
CA LEU E 236 -37.22 6.18 -22.28
C LEU E 236 -35.70 6.05 -22.45
N PRO E 237 -35.25 5.06 -23.22
CA PRO E 237 -33.81 4.93 -23.48
C PRO E 237 -33.32 5.73 -24.67
N ILE E 238 -33.50 7.06 -24.63
CA ILE E 238 -32.99 7.94 -25.67
C ILE E 238 -31.49 8.14 -25.44
N GLY E 239 -30.80 8.72 -26.42
CA GLY E 239 -29.37 8.94 -26.30
C GLY E 239 -28.92 10.36 -26.59
N ILE E 240 -29.81 11.33 -26.41
CA ILE E 240 -29.46 12.71 -26.71
C ILE E 240 -29.17 13.45 -25.40
N ASN E 241 -28.38 14.53 -25.50
CA ASN E 241 -28.13 15.43 -24.37
C ASN E 241 -28.86 16.73 -24.69
N ILE E 242 -29.95 16.97 -23.96
CA ILE E 242 -30.83 18.10 -24.27
C ILE E 242 -30.27 19.39 -23.70
N THR E 243 -30.52 20.49 -24.41
CA THR E 243 -30.03 21.80 -23.99
C THR E 243 -31.18 22.81 -23.87
N ARG E 244 -32.17 22.70 -24.74
CA ARG E 244 -33.33 23.58 -24.71
C ARG E 244 -34.59 22.76 -24.92
N PHE E 245 -35.74 23.38 -24.63
CA PHE E 245 -37.02 22.71 -24.82
C PHE E 245 -38.11 23.75 -25.01
N GLN E 246 -39.21 23.32 -25.61
CA GLN E 246 -40.38 24.16 -25.82
C GLN E 246 -41.62 23.34 -25.53
N THR E 247 -42.77 24.03 -25.52
CA THR E 247 -44.05 23.41 -25.25
C THR E 247 -44.92 23.44 -26.50
N LEU E 248 -45.46 22.30 -26.87
CA LEU E 248 -46.32 22.18 -28.06
C LEU E 248 -47.76 22.46 -27.65
N LEU E 249 -48.23 23.67 -27.95
CA LEU E 249 -49.61 24.03 -27.66
C LEU E 249 -50.52 23.53 -28.79
N ALA E 250 -51.82 23.83 -28.65
CA ALA E 250 -52.81 23.44 -29.63
C ALA E 250 -53.36 24.68 -30.32
N LEU E 251 -53.16 24.77 -31.64
CA LEU E 251 -53.68 25.89 -32.43
C LEU E 251 -55.07 25.55 -32.97
N HIS E 252 -56.00 25.41 -32.05
CA HIS E 252 -57.39 25.07 -32.40
C HIS E 252 -58.19 26.33 -32.74
N ALA E 269 -54.30 31.87 -23.92
CA ALA E 269 -55.24 31.75 -22.81
C ALA E 269 -54.77 30.73 -21.79
N ALA E 270 -54.03 29.72 -22.26
CA ALA E 270 -53.52 28.69 -21.39
C ALA E 270 -52.34 29.21 -20.56
N ALA E 271 -51.95 28.42 -19.57
CA ALA E 271 -50.87 28.77 -18.67
C ALA E 271 -50.17 27.51 -18.19
N TYR E 272 -48.86 27.64 -17.94
CA TYR E 272 -48.08 26.51 -17.43
C TYR E 272 -46.88 27.05 -16.66
N TYR E 273 -46.49 26.32 -15.62
CA TYR E 273 -45.39 26.70 -14.76
C TYR E 273 -44.14 25.91 -15.13
N VAL E 274 -42.99 26.57 -15.04
CA VAL E 274 -41.71 25.97 -15.39
C VAL E 274 -40.73 26.20 -14.25
N GLY E 275 -40.10 25.12 -13.78
CA GLY E 275 -39.08 25.21 -12.77
C GLY E 275 -37.86 24.40 -13.18
N TYR E 276 -36.73 24.77 -12.60
CA TYR E 276 -35.44 24.15 -12.92
C TYR E 276 -34.91 23.41 -11.70
N LEU E 277 -34.31 22.24 -11.94
CA LEU E 277 -33.85 21.39 -10.85
C LEU E 277 -32.39 21.66 -10.52
N GLN E 278 -32.01 21.33 -9.29
CA GLN E 278 -30.67 21.51 -8.77
C GLN E 278 -30.31 20.34 -7.87
N PRO E 279 -29.02 20.02 -7.74
CA PRO E 279 -28.61 18.95 -6.82
C PRO E 279 -28.87 19.36 -5.38
N ARG E 280 -29.83 18.70 -4.75
CA ARG E 280 -30.25 19.03 -3.39
C ARG E 280 -30.39 17.76 -2.57
N THR E 281 -30.06 17.86 -1.28
CA THR E 281 -30.22 16.74 -0.35
C THR E 281 -31.59 16.83 0.30
N PHE E 282 -32.37 15.76 0.17
CA PHE E 282 -33.73 15.72 0.68
C PHE E 282 -33.90 14.57 1.66
N LEU E 283 -34.77 14.79 2.65
CA LEU E 283 -35.15 13.77 3.61
C LEU E 283 -36.60 13.37 3.33
N LEU E 284 -36.79 12.15 2.84
CA LEU E 284 -38.09 11.68 2.39
C LEU E 284 -38.69 10.75 3.46
N LYS E 285 -39.96 10.96 3.76
CA LYS E 285 -40.69 10.11 4.69
C LYS E 285 -41.61 9.18 3.91
N TYR E 286 -41.43 7.88 4.10
CA TYR E 286 -42.24 6.87 3.43
C TYR E 286 -43.32 6.35 4.36
N ASN E 287 -44.50 6.09 3.80
CA ASN E 287 -45.58 5.50 4.57
C ASN E 287 -45.34 4.00 4.77
N GLU E 288 -46.27 3.36 5.47
CA GLU E 288 -46.20 1.91 5.65
C GLU E 288 -46.43 1.17 4.34
N ASN E 289 -47.02 1.84 3.34
CA ASN E 289 -47.29 1.24 2.04
C ASN E 289 -46.24 1.64 1.00
N GLY E 290 -45.28 2.48 1.36
CA GLY E 290 -44.24 2.88 0.43
C GLY E 290 -44.47 4.20 -0.27
N THR E 291 -45.47 4.98 0.16
CA THR E 291 -45.77 6.25 -0.48
C THR E 291 -45.16 7.39 0.32
N ILE E 292 -44.64 8.41 -0.37
CA ILE E 292 -44.05 9.56 0.30
C ILE E 292 -45.16 10.53 0.68
N THR E 293 -45.17 10.92 1.96
CA THR E 293 -46.18 11.85 2.47
C THR E 293 -45.66 13.27 2.67
N ASP E 294 -44.36 13.45 2.91
CA ASP E 294 -43.78 14.78 3.04
C ASP E 294 -42.27 14.66 2.89
N ALA E 295 -41.63 15.79 2.65
CA ALA E 295 -40.19 15.84 2.43
C ALA E 295 -39.62 17.08 3.12
N VAL E 296 -38.29 17.10 3.22
CA VAL E 296 -37.57 18.20 3.85
C VAL E 296 -36.39 18.57 2.98
N ASP E 297 -36.30 19.84 2.60
CA ASP E 297 -35.16 20.36 1.84
C ASP E 297 -34.11 20.83 2.84
N CYS E 298 -33.02 20.07 2.95
CA CYS E 298 -32.03 20.31 4.00
C CYS E 298 -31.36 21.68 3.88
N ALA E 299 -31.30 22.25 2.68
CA ALA E 299 -30.65 23.54 2.48
C ALA E 299 -31.61 24.71 2.49
N LEU E 300 -32.81 24.55 3.03
CA LEU E 300 -33.79 25.64 3.02
C LEU E 300 -33.54 26.60 4.18
N ASP E 301 -33.61 26.10 5.41
CA ASP E 301 -33.46 26.94 6.59
C ASP E 301 -32.74 26.11 7.65
N PRO E 302 -32.20 26.76 8.69
CA PRO E 302 -31.49 25.99 9.73
C PRO E 302 -32.33 24.91 10.39
N LEU E 303 -33.65 25.09 10.47
CA LEU E 303 -34.50 24.05 11.05
C LEU E 303 -34.48 22.79 10.19
N SER E 304 -34.52 22.94 8.87
CA SER E 304 -34.45 21.78 8.00
C SER E 304 -33.07 21.12 8.07
N GLU E 305 -32.01 21.92 8.21
CA GLU E 305 -30.69 21.34 8.37
C GLU E 305 -30.57 20.58 9.68
N THR E 306 -31.24 21.05 10.72
CA THR E 306 -31.27 20.30 11.98
C THR E 306 -32.05 19.00 11.83
N LYS E 307 -33.18 19.06 11.12
CA LYS E 307 -33.98 17.86 10.90
C LYS E 307 -33.23 16.85 10.04
N CYS E 308 -32.36 17.31 9.15
CA CYS E 308 -31.55 16.41 8.34
C CYS E 308 -30.30 15.92 9.03
N THR E 309 -29.75 16.68 9.98
CA THR E 309 -28.65 16.18 10.79
C THR E 309 -29.08 14.96 11.58
N LEU E 310 -30.25 15.04 12.19
CA LEU E 310 -30.91 13.86 12.75
C LEU E 310 -31.71 13.18 11.64
N LYS E 311 -32.54 12.22 12.01
CA LYS E 311 -33.50 11.61 11.08
C LYS E 311 -34.86 11.65 11.76
N SER E 312 -35.55 12.78 11.63
CA SER E 312 -36.85 12.98 12.25
C SER E 312 -37.45 14.28 11.73
N PHE E 313 -38.78 14.30 11.65
CA PHE E 313 -39.50 15.50 11.27
C PHE E 313 -39.85 16.36 12.48
N THR E 314 -39.89 15.76 13.66
CA THR E 314 -40.07 16.53 14.89
C THR E 314 -38.76 16.62 15.66
N VAL E 315 -38.48 17.80 16.19
CA VAL E 315 -37.25 18.08 16.91
C VAL E 315 -37.60 18.50 18.33
N GLU E 316 -36.90 17.94 19.31
CA GLU E 316 -37.13 18.30 20.70
C GLU E 316 -36.36 19.57 21.05
N LYS E 317 -36.61 20.07 22.26
CA LYS E 317 -35.94 21.28 22.73
C LYS E 317 -34.46 21.01 22.99
N GLY E 318 -33.62 21.93 22.53
CA GLY E 318 -32.20 21.83 22.80
C GLY E 318 -31.39 22.40 21.66
N ILE E 319 -30.07 22.33 21.83
CA ILE E 319 -29.11 22.77 20.83
C ILE E 319 -28.66 21.54 20.05
N TYR E 320 -28.37 21.72 18.77
CA TYR E 320 -27.97 20.64 17.88
C TYR E 320 -26.86 21.12 16.96
N GLN E 321 -25.70 20.47 17.03
CA GLN E 321 -24.60 20.77 16.13
C GLN E 321 -24.98 20.28 14.73
N THR E 322 -25.08 21.21 13.79
CA THR E 322 -25.57 20.90 12.44
C THR E 322 -24.53 21.07 11.35
N SER E 323 -23.69 22.10 11.43
CA SER E 323 -22.72 22.36 10.39
C SER E 323 -21.47 22.98 11.00
N ASN E 324 -20.53 23.34 10.13
CA ASN E 324 -19.27 23.95 10.53
C ASN E 324 -19.08 25.26 9.78
N PHE E 325 -18.72 26.30 10.51
CA PHE E 325 -18.52 27.63 9.94
C PHE E 325 -17.02 27.91 9.82
N ARG E 326 -16.57 28.20 8.61
CA ARG E 326 -15.18 28.53 8.34
C ARG E 326 -15.13 29.73 7.41
N VAL E 327 -14.34 30.74 7.79
CA VAL E 327 -14.15 31.90 6.93
C VAL E 327 -13.07 31.59 5.91
N GLN E 328 -13.29 32.04 4.67
CA GLN E 328 -12.35 31.79 3.59
C GLN E 328 -11.44 32.98 3.37
N PRO E 329 -10.18 32.76 2.96
CA PRO E 329 -9.27 33.88 2.70
C PRO E 329 -9.77 34.71 1.51
N THR E 330 -9.81 36.03 1.71
CA THR E 330 -10.32 36.93 0.68
C THR E 330 -9.34 37.12 -0.47
N GLU E 331 -8.07 37.41 -0.18
CA GLU E 331 -7.06 37.56 -1.23
C GLU E 331 -5.72 37.11 -0.67
N SER E 332 -4.71 37.15 -1.54
CA SER E 332 -3.36 36.78 -1.15
C SER E 332 -2.48 38.02 -1.01
N ILE E 333 -1.38 37.86 -0.29
CA ILE E 333 -0.43 38.93 -0.05
C ILE E 333 0.97 38.32 0.02
N VAL E 334 1.94 38.98 -0.63
CA VAL E 334 3.32 38.54 -0.64
C VAL E 334 4.18 39.65 -0.05
N ARG E 335 5.34 39.27 0.49
CA ARG E 335 6.26 40.24 1.08
C ARG E 335 7.68 39.72 0.94
N PHE E 336 8.57 40.61 0.53
CA PHE E 336 9.97 40.29 0.32
C PHE E 336 10.81 41.51 0.67
N PRO E 337 12.10 41.32 0.96
CA PRO E 337 12.94 42.45 1.35
C PRO E 337 12.99 43.55 0.29
N ASN E 338 13.51 44.71 0.69
CA ASN E 338 13.58 45.86 -0.20
C ASN E 338 14.40 45.55 -1.44
N ILE E 339 14.01 46.15 -2.56
CA ILE E 339 14.75 46.01 -3.81
C ILE E 339 15.80 47.10 -3.86
N THR E 340 16.93 46.87 -3.20
CA THR E 340 18.02 47.84 -3.17
C THR E 340 19.31 47.15 -3.59
N ASN E 341 20.28 47.96 -4.04
CA ASN E 341 21.53 47.47 -4.58
C ASN E 341 21.27 46.49 -5.73
N LEU E 342 20.72 47.06 -6.81
CA LEU E 342 20.24 46.26 -7.93
C LEU E 342 21.38 45.47 -8.57
N CYS E 343 22.29 46.16 -9.24
CA CYS E 343 23.49 45.57 -9.83
C CYS E 343 24.30 46.68 -10.48
N PRO E 344 25.61 46.46 -10.66
CA PRO E 344 26.43 47.40 -11.43
C PRO E 344 26.34 47.22 -12.94
N PHE E 345 25.32 46.54 -13.45
CA PHE E 345 25.17 46.34 -14.89
C PHE E 345 25.13 47.68 -15.63
N HIS E 346 24.52 48.70 -15.02
CA HIS E 346 24.45 50.00 -15.67
C HIS E 346 25.83 50.61 -15.84
N GLU E 347 26.76 50.28 -14.92
CA GLU E 347 28.11 50.80 -15.03
C GLU E 347 28.92 50.10 -16.11
N VAL E 348 28.44 48.97 -16.62
CA VAL E 348 29.17 48.25 -17.66
C VAL E 348 28.82 48.78 -19.05
N PHE E 349 27.56 49.11 -19.28
CA PHE E 349 27.15 49.63 -20.58
C PHE E 349 27.40 51.13 -20.67
N ASN E 350 27.16 51.87 -19.59
CA ASN E 350 27.30 53.32 -19.57
C ASN E 350 28.62 53.77 -18.97
N ALA E 351 29.70 53.01 -19.15
CA ALA E 351 30.98 53.40 -18.59
C ALA E 351 31.58 54.61 -19.29
N THR E 352 31.33 54.75 -20.61
CA THR E 352 31.75 55.88 -21.42
C THR E 352 33.26 55.87 -21.64
N THR E 353 33.96 54.96 -20.97
CA THR E 353 35.39 54.75 -21.20
C THR E 353 35.63 53.25 -21.37
N PHE E 354 35.45 52.79 -22.61
CA PHE E 354 35.60 51.37 -22.90
C PHE E 354 37.07 51.00 -23.05
N ALA E 355 37.38 49.76 -22.71
CA ALA E 355 38.74 49.26 -22.83
C ALA E 355 38.98 48.72 -24.23
N SER E 356 40.23 48.31 -24.47
CA SER E 356 40.64 47.75 -25.76
C SER E 356 40.39 46.25 -25.75
N VAL E 357 40.32 45.66 -26.95
CA VAL E 357 39.99 44.25 -27.06
C VAL E 357 41.12 43.36 -26.57
N TYR E 358 42.37 43.81 -26.71
CA TYR E 358 43.49 42.97 -26.26
C TYR E 358 43.55 42.85 -24.75
N ALA E 359 43.03 43.85 -24.01
CA ALA E 359 42.97 43.83 -22.56
C ALA E 359 41.54 44.15 -22.15
N TRP E 360 40.71 43.10 -22.07
CA TRP E 360 39.30 43.30 -21.75
C TRP E 360 39.10 43.33 -20.24
N ASN E 361 38.18 44.19 -19.80
CA ASN E 361 37.92 44.38 -18.37
C ASN E 361 36.77 43.49 -17.91
N ARG E 362 37.11 42.26 -17.55
CA ARG E 362 36.12 41.30 -17.05
C ARG E 362 35.73 41.64 -15.62
N LYS E 363 34.49 42.06 -15.42
CA LYS E 363 33.97 42.42 -14.11
C LYS E 363 33.04 41.34 -13.61
N ARG E 364 33.17 40.98 -12.33
CA ARG E 364 32.40 39.90 -11.73
C ARG E 364 31.23 40.49 -10.93
N ILE E 365 30.07 39.87 -11.06
CA ILE E 365 28.86 40.29 -10.35
C ILE E 365 28.44 39.15 -9.42
N SER E 366 28.13 39.50 -8.18
CA SER E 366 27.70 38.52 -7.20
C SER E 366 26.76 39.18 -6.20
N ASN E 367 25.69 38.47 -5.84
CA ASN E 367 24.70 38.92 -4.86
C ASN E 367 24.09 40.26 -5.27
N CYS E 368 23.39 40.23 -6.40
CA CYS E 368 22.73 41.41 -6.94
C CYS E 368 21.39 41.01 -7.57
N VAL E 369 20.56 42.03 -7.85
CA VAL E 369 19.26 41.80 -8.48
C VAL E 369 19.35 41.72 -9.99
N ALA E 370 20.35 42.37 -10.60
CA ALA E 370 20.71 42.29 -12.01
C ALA E 370 19.73 43.02 -12.93
N ASP E 371 18.56 43.40 -12.43
CA ASP E 371 17.61 44.27 -13.12
C ASP E 371 17.56 44.01 -14.62
N TYR E 372 17.23 42.77 -14.97
CA TYR E 372 17.30 42.34 -16.37
C TYR E 372 16.41 43.15 -17.29
N SER E 373 15.59 44.07 -16.76
CA SER E 373 14.79 44.93 -17.61
C SER E 373 15.51 46.22 -17.97
N VAL E 374 16.73 46.41 -17.49
CA VAL E 374 17.44 47.67 -17.75
C VAL E 374 18.46 47.49 -18.87
N ILE E 375 18.74 46.25 -19.26
CA ILE E 375 19.76 46.02 -20.28
C ILE E 375 19.26 46.45 -21.65
N TYR E 376 18.05 46.03 -22.02
CA TYR E 376 17.52 46.38 -23.34
C TYR E 376 16.91 47.77 -23.38
N ASN E 377 16.88 48.48 -22.26
CA ASN E 377 16.42 49.87 -22.25
C ASN E 377 17.56 50.87 -22.39
N PHE E 378 18.77 50.41 -22.69
CA PHE E 378 19.90 51.32 -22.81
C PHE E 378 19.94 51.99 -24.18
N ALA E 379 20.03 51.20 -25.24
CA ALA E 379 20.13 51.73 -26.59
C ALA E 379 19.78 50.61 -27.57
N PRO E 380 19.36 50.94 -28.78
CA PRO E 380 19.12 49.91 -29.80
C PRO E 380 20.39 49.14 -30.11
N PHE E 381 20.33 47.82 -29.97
CA PHE E 381 21.49 46.96 -30.11
C PHE E 381 21.57 46.43 -31.53
N PHE E 382 22.79 46.46 -32.10
CA PHE E 382 22.99 45.89 -33.43
C PHE E 382 23.07 44.37 -33.40
N ALA E 383 23.67 43.81 -32.36
CA ALA E 383 23.77 42.36 -32.20
C ALA E 383 23.30 41.97 -30.80
N PHE E 384 22.22 41.21 -30.74
CA PHE E 384 21.64 40.78 -29.47
C PHE E 384 21.52 39.26 -29.48
N LYS E 385 22.59 38.59 -29.90
CA LYS E 385 22.61 37.14 -29.91
C LYS E 385 22.84 36.59 -28.50
N CYS E 386 22.03 35.61 -28.13
CA CYS E 386 22.15 34.95 -26.84
C CYS E 386 22.46 33.47 -27.08
N TYR E 387 22.54 32.72 -25.98
CA TYR E 387 22.96 31.32 -26.03
C TYR E 387 22.16 30.48 -25.05
N GLY E 388 22.69 29.32 -24.68
CA GLY E 388 21.93 28.27 -24.01
C GLY E 388 21.20 28.65 -22.74
N VAL E 389 21.33 29.91 -22.31
CA VAL E 389 20.50 30.46 -21.25
C VAL E 389 19.39 31.27 -21.91
N SER E 390 18.15 30.89 -21.65
CA SER E 390 17.00 31.51 -22.33
C SER E 390 16.89 32.98 -21.95
N PRO E 391 16.96 33.89 -22.92
CA PRO E 391 16.82 35.32 -22.58
C PRO E 391 15.41 35.69 -22.13
N THR E 392 14.38 35.10 -22.73
CA THR E 392 13.02 35.36 -22.29
C THR E 392 12.77 34.82 -20.88
N LYS E 393 13.53 33.82 -20.45
CA LYS E 393 13.41 33.26 -19.12
C LYS E 393 14.61 33.57 -18.24
N LEU E 394 15.41 34.57 -18.60
CA LEU E 394 16.57 34.92 -17.78
C LEU E 394 16.15 35.57 -16.47
N ASN E 395 15.10 36.39 -16.51
CA ASN E 395 14.64 37.08 -15.31
C ASN E 395 14.06 36.13 -14.27
N ASP E 396 13.72 34.91 -14.66
CA ASP E 396 13.16 33.93 -13.72
C ASP E 396 14.21 33.01 -13.13
N LEU E 397 15.29 32.72 -13.86
CA LEU E 397 16.34 31.85 -13.35
C LEU E 397 17.21 32.62 -12.35
N CYS E 398 18.18 31.90 -11.77
CA CYS E 398 19.12 32.49 -10.83
C CYS E 398 20.48 31.82 -10.99
N PHE E 399 21.54 32.61 -10.91
CA PHE E 399 22.90 32.13 -11.10
C PHE E 399 23.78 32.56 -9.95
N THR E 400 24.90 31.85 -9.77
CA THR E 400 25.83 32.18 -8.71
C THR E 400 26.64 33.42 -9.06
N ASN E 401 27.30 33.41 -10.22
CA ASN E 401 28.14 34.53 -10.64
C ASN E 401 27.82 34.88 -12.09
N VAL E 402 27.65 36.17 -12.34
CA VAL E 402 27.41 36.69 -13.69
C VAL E 402 28.63 37.53 -14.07
N TYR E 403 29.42 37.02 -15.00
CA TYR E 403 30.66 37.68 -15.41
C TYR E 403 30.37 38.59 -16.61
N ALA E 404 30.64 39.89 -16.43
CA ALA E 404 30.46 40.87 -17.48
C ALA E 404 31.81 41.20 -18.10
N ASP E 405 31.85 41.27 -19.44
CA ASP E 405 33.10 41.53 -20.15
C ASP E 405 32.80 42.56 -21.24
N SER E 406 33.62 43.60 -21.31
CA SER E 406 33.41 44.70 -22.25
C SER E 406 34.68 44.96 -23.04
N PHE E 407 34.50 45.23 -24.34
CA PHE E 407 35.60 45.54 -25.24
C PHE E 407 35.01 46.12 -26.52
N VAL E 408 35.91 46.58 -27.39
CA VAL E 408 35.54 47.16 -28.68
C VAL E 408 36.25 46.39 -29.79
N ILE E 409 35.54 46.15 -30.88
CA ILE E 409 36.09 45.41 -32.02
C ILE E 409 35.65 46.07 -33.32
N ARG E 410 36.12 45.50 -34.43
CA ARG E 410 35.77 46.01 -35.75
C ARG E 410 34.35 45.57 -36.10
N GLY E 411 33.70 46.34 -36.99
CA GLY E 411 32.34 46.01 -37.41
C GLY E 411 32.20 44.64 -38.02
N ASN E 412 33.26 44.09 -38.61
CA ASN E 412 33.19 42.74 -39.15
C ASN E 412 33.42 41.69 -38.07
N GLU E 413 33.81 42.11 -36.88
CA GLU E 413 34.12 41.19 -35.79
C GLU E 413 32.93 40.96 -34.87
N VAL E 414 31.78 41.58 -35.13
CA VAL E 414 30.61 41.33 -34.30
C VAL E 414 30.10 39.91 -34.49
N SER E 415 30.32 39.32 -35.66
CA SER E 415 29.98 37.92 -35.88
C SER E 415 31.08 36.97 -35.43
N GLN E 416 32.14 37.49 -34.80
CA GLN E 416 33.25 36.67 -34.36
C GLN E 416 33.14 36.24 -32.90
N ILE E 417 32.27 36.89 -32.12
CA ILE E 417 32.12 36.56 -30.70
C ILE E 417 31.03 35.48 -30.63
N ALA E 418 31.47 34.23 -30.69
CA ALA E 418 30.57 33.09 -30.70
C ALA E 418 31.37 31.85 -30.32
N PRO E 419 30.71 30.78 -29.88
CA PRO E 419 31.45 29.54 -29.58
C PRO E 419 32.11 28.93 -30.81
N GLY E 420 31.36 28.78 -31.90
CA GLY E 420 31.93 28.26 -33.12
C GLY E 420 32.60 29.33 -33.95
N GLN E 421 33.59 30.00 -33.36
CA GLN E 421 34.21 31.15 -34.00
C GLN E 421 35.49 30.73 -34.72
N THR E 422 35.88 31.56 -35.69
CA THR E 422 37.14 31.42 -36.40
C THR E 422 37.53 32.74 -37.06
N GLY E 423 38.63 33.33 -36.62
CA GLY E 423 39.06 34.60 -37.15
C GLY E 423 40.19 35.19 -36.34
N ASN E 424 40.56 36.42 -36.70
CA ASN E 424 41.67 37.09 -36.04
C ASN E 424 41.35 37.39 -34.58
N ILE E 425 40.28 38.14 -34.34
CA ILE E 425 39.85 38.40 -32.97
C ILE E 425 39.52 37.11 -32.23
N ALA E 426 38.99 36.12 -32.94
CA ALA E 426 38.60 34.85 -32.32
C ALA E 426 39.79 34.09 -31.77
N ASP E 427 40.74 33.73 -32.63
CA ASP E 427 41.82 32.85 -32.22
C ASP E 427 42.93 33.60 -31.50
N TYR E 428 43.14 34.88 -31.83
CA TYR E 428 44.29 35.62 -31.33
C TYR E 428 43.97 36.54 -30.17
N ASN E 429 42.72 36.95 -29.98
CA ASN E 429 42.42 37.96 -28.98
C ASN E 429 41.47 37.45 -27.90
N TYR E 430 40.34 36.88 -28.29
CA TYR E 430 39.30 36.53 -27.32
C TYR E 430 38.52 35.33 -27.84
N LYS E 431 38.38 34.31 -27.00
CA LYS E 431 37.76 33.04 -27.39
C LYS E 431 36.70 32.64 -26.39
N LEU E 432 35.50 32.32 -26.89
CA LEU E 432 34.44 31.78 -26.06
C LEU E 432 34.53 30.26 -26.03
N PRO E 433 34.16 29.63 -24.92
CA PRO E 433 34.24 28.17 -24.84
C PRO E 433 33.21 27.50 -25.73
N ASP E 434 33.41 26.20 -25.94
CA ASP E 434 32.49 25.42 -26.77
C ASP E 434 31.09 25.37 -26.17
N ASP E 435 30.97 25.40 -24.85
CA ASP E 435 29.70 25.42 -24.16
C ASP E 435 29.59 26.73 -23.40
N PHE E 436 29.04 27.75 -24.05
CA PHE E 436 28.95 29.10 -23.48
C PHE E 436 27.48 29.40 -23.19
N THR E 437 27.20 29.79 -21.94
CA THR E 437 25.84 30.12 -21.52
C THR E 437 25.79 31.60 -21.16
N GLY E 438 25.49 32.41 -22.17
CA GLY E 438 25.42 33.84 -21.98
C GLY E 438 24.83 34.54 -23.19
N CYS E 439 25.09 35.84 -23.27
CA CYS E 439 24.62 36.66 -24.38
C CYS E 439 25.76 37.57 -24.84
N VAL E 440 25.58 38.13 -26.03
CA VAL E 440 26.54 39.06 -26.62
C VAL E 440 25.75 40.28 -27.09
N ILE E 441 26.04 41.44 -26.51
CA ILE E 441 25.34 42.69 -26.83
C ILE E 441 26.35 43.64 -27.45
N ALA E 442 26.00 44.19 -28.63
CA ALA E 442 26.87 45.12 -29.33
C ALA E 442 26.02 46.19 -30.00
N TRP E 443 26.54 47.42 -29.99
CA TRP E 443 25.87 48.54 -30.63
C TRP E 443 26.90 49.43 -31.30
N ASN E 444 26.42 50.36 -32.12
CA ASN E 444 27.28 51.22 -32.91
C ASN E 444 28.08 52.13 -32.00
N SER E 445 29.41 52.14 -32.19
CA SER E 445 30.30 52.96 -31.38
C SER E 445 31.01 54.04 -32.19
N ASN E 446 30.60 54.28 -33.43
CA ASN E 446 31.25 55.30 -34.24
C ASN E 446 31.00 56.70 -33.69
N LYS E 447 29.81 56.93 -33.12
CA LYS E 447 29.50 58.23 -32.57
C LYS E 447 30.32 58.53 -31.32
N LEU E 448 30.66 57.50 -30.55
CA LEU E 448 31.41 57.68 -29.32
C LEU E 448 32.89 57.94 -29.59
N ASP E 449 33.51 57.19 -30.50
CA ASP E 449 34.90 57.37 -30.85
C ASP E 449 35.10 58.44 -31.91
N SER E 450 34.63 59.66 -31.67
CA SER E 450 34.70 60.75 -32.64
C SER E 450 36.11 61.36 -32.61
N LYS E 451 37.00 60.77 -33.40
CA LYS E 451 38.38 61.26 -33.52
C LYS E 451 38.90 60.88 -34.89
N PRO E 452 39.09 61.86 -35.78
CA PRO E 452 39.59 61.55 -37.12
C PRO E 452 41.00 60.96 -37.12
N SER E 453 41.75 61.23 -36.05
CA SER E 453 43.10 60.68 -35.94
C SER E 453 43.11 59.18 -35.70
N GLY E 454 42.22 58.68 -34.85
CA GLY E 454 42.14 57.26 -34.59
C GLY E 454 43.39 56.72 -33.91
N ASN E 455 43.46 55.38 -33.89
CA ASN E 455 44.61 54.62 -33.39
C ASN E 455 44.86 54.86 -31.91
N TYR E 456 44.00 55.63 -31.25
CA TYR E 456 44.19 55.95 -29.85
C TYR E 456 43.40 55.00 -28.96
N ASN E 457 44.08 54.48 -27.94
CA ASN E 457 43.44 53.67 -26.90
C ASN E 457 42.75 52.44 -27.46
N TYR E 458 43.16 51.95 -28.61
CA TYR E 458 42.60 50.76 -29.22
C TYR E 458 43.71 49.94 -29.88
N LEU E 459 43.93 48.73 -29.39
CA LEU E 459 44.94 47.84 -29.92
C LEU E 459 44.40 46.41 -29.89
N TYR E 460 45.03 45.53 -30.66
CA TYR E 460 44.58 44.16 -30.78
C TYR E 460 45.76 43.23 -31.04
N ARG E 461 45.45 41.94 -31.20
CA ARG E 461 46.48 40.92 -31.40
C ARG E 461 46.40 40.37 -32.82
N LEU E 462 47.53 39.89 -33.32
CA LEU E 462 47.63 39.42 -34.70
C LEU E 462 48.24 38.03 -34.81
N LEU E 463 49.10 37.67 -33.87
CA LEU E 463 49.90 36.45 -33.95
C LEU E 463 50.17 35.95 -32.54
N ARG E 464 51.22 35.15 -32.39
CA ARG E 464 51.69 34.72 -31.07
C ARG E 464 50.70 33.82 -30.34
N LYS E 465 50.61 32.56 -30.79
CA LYS E 465 49.79 31.53 -30.13
C LYS E 465 48.30 31.82 -30.25
N SER E 466 47.83 31.75 -31.50
CA SER E 466 46.40 31.78 -31.78
C SER E 466 45.67 30.66 -31.04
N LYS E 467 44.34 30.74 -31.03
CA LYS E 467 43.49 29.82 -30.26
C LYS E 467 43.81 29.92 -28.77
N LEU E 468 43.79 31.17 -28.28
CA LEU E 468 44.05 31.44 -26.88
C LEU E 468 42.98 30.79 -26.01
N LYS E 469 43.40 30.31 -24.84
CA LYS E 469 42.47 29.65 -23.93
C LYS E 469 41.37 30.62 -23.51
N PRO E 470 40.13 30.13 -23.33
CA PRO E 470 39.00 31.02 -23.03
C PRO E 470 39.16 31.79 -21.73
N PHE E 471 38.81 33.08 -21.77
CA PHE E 471 38.81 33.98 -20.62
C PHE E 471 40.19 34.15 -20.00
N GLU E 472 41.26 33.93 -20.76
CA GLU E 472 42.62 34.14 -20.28
C GLU E 472 43.20 35.36 -20.98
N ARG E 473 43.61 36.36 -20.21
CA ARG E 473 44.12 37.62 -20.76
C ARG E 473 45.62 37.52 -20.94
N ASP E 474 46.05 37.51 -22.20
CA ASP E 474 47.47 37.53 -22.53
C ASP E 474 47.92 38.96 -22.81
N ILE E 475 47.91 39.81 -21.78
CA ILE E 475 48.24 41.21 -21.98
C ILE E 475 49.75 41.41 -21.95
N SER E 476 50.51 40.35 -21.69
CA SER E 476 51.96 40.44 -21.66
C SER E 476 52.49 40.91 -23.01
N THR E 477 53.05 42.11 -23.04
CA THR E 477 53.54 42.69 -24.28
C THR E 477 54.95 42.18 -24.59
N GLU E 478 55.13 41.67 -25.81
CA GLU E 478 56.41 41.17 -26.25
C GLU E 478 56.48 41.27 -27.77
N ILE E 479 57.57 40.76 -28.33
CA ILE E 479 57.76 40.71 -29.77
C ILE E 479 57.84 39.25 -30.20
N TYR E 480 57.07 38.88 -31.22
CA TYR E 480 57.08 37.52 -31.71
C TYR E 480 58.43 37.18 -32.31
N GLN E 481 58.82 35.90 -32.21
CA GLN E 481 60.11 35.44 -32.71
C GLN E 481 60.06 35.31 -34.24
N ALA E 482 60.00 36.46 -34.90
CA ALA E 482 60.05 36.51 -36.36
C ALA E 482 61.51 36.47 -36.81
N GLY E 483 61.94 35.30 -37.29
CA GLY E 483 63.33 35.10 -37.61
C GLY E 483 64.06 34.34 -36.51
N ASN E 484 65.36 34.09 -36.71
CA ASN E 484 66.12 33.33 -35.72
C ASN E 484 66.66 34.21 -34.61
N LYS E 485 67.02 35.45 -34.91
CA LYS E 485 67.57 36.33 -33.88
C LYS E 485 66.48 36.79 -32.93
N PRO E 486 66.71 36.71 -31.62
CA PRO E 486 65.70 37.18 -30.65
C PRO E 486 65.53 38.69 -30.65
N CYS E 487 66.41 39.45 -31.29
CA CYS E 487 66.33 40.89 -31.41
C CYS E 487 66.36 41.60 -30.05
N ASN E 488 66.94 40.94 -29.03
CA ASN E 488 67.09 41.51 -27.70
C ASN E 488 65.75 41.95 -27.11
N GLY E 489 64.68 41.26 -27.48
CA GLY E 489 63.37 41.58 -26.96
C GLY E 489 62.77 42.88 -27.45
N VAL E 490 63.40 43.54 -28.43
CA VAL E 490 62.90 44.78 -28.98
C VAL E 490 62.82 44.66 -30.49
N ALA E 491 62.38 45.74 -31.13
CA ALA E 491 62.26 45.75 -32.59
C ALA E 491 63.63 45.74 -33.25
N GLY E 492 63.66 45.24 -34.47
CA GLY E 492 64.89 45.17 -35.24
C GLY E 492 64.67 44.54 -36.60
N PRO E 493 65.73 43.94 -37.16
CA PRO E 493 65.62 43.36 -38.51
C PRO E 493 64.65 42.19 -38.54
N ASN E 494 63.54 42.39 -39.27
CA ASN E 494 62.58 41.35 -39.61
C ASN E 494 61.74 40.91 -38.41
N CYS E 495 62.08 41.39 -37.21
CA CYS E 495 61.29 41.10 -36.03
C CYS E 495 60.30 42.22 -35.76
N TYR E 496 59.53 42.61 -36.78
CA TYR E 496 58.51 43.64 -36.64
C TYR E 496 57.14 43.03 -36.37
N SER E 497 57.00 42.33 -35.24
CA SER E 497 55.76 41.64 -34.89
C SER E 497 55.30 42.01 -33.48
N PRO E 498 54.84 43.24 -33.27
CA PRO E 498 54.20 43.58 -32.01
C PRO E 498 52.68 43.41 -32.11
N LEU E 499 52.01 43.67 -31.00
CA LEU E 499 50.55 43.73 -31.03
C LEU E 499 50.10 45.05 -31.66
N GLN E 500 49.23 44.93 -32.67
CA GLN E 500 48.88 46.04 -33.53
C GLN E 500 47.76 46.87 -32.93
N SER E 501 47.63 48.10 -33.42
CA SER E 501 46.59 49.01 -32.99
C SER E 501 45.47 49.08 -34.03
N TYR E 502 44.29 49.47 -33.56
CA TYR E 502 43.12 49.58 -34.43
C TYR E 502 43.04 50.98 -35.01
N GLY E 503 43.00 51.06 -36.35
CA GLY E 503 42.94 52.33 -37.03
C GLY E 503 41.54 52.85 -37.24
N PHE E 504 40.91 53.35 -36.17
CA PHE E 504 39.57 53.92 -36.28
C PHE E 504 39.63 55.34 -36.82
N ARG E 505 40.31 55.52 -37.96
CA ARG E 505 40.41 56.86 -38.55
C ARG E 505 39.15 57.25 -39.31
N PRO E 506 38.58 56.41 -40.20
CA PRO E 506 37.45 56.89 -41.02
C PRO E 506 36.17 57.08 -40.24
N THR E 507 36.07 58.19 -39.53
CA THR E 507 34.84 58.54 -38.81
C THR E 507 33.76 58.88 -39.82
N TYR E 508 32.66 58.13 -39.80
CA TYR E 508 31.56 58.26 -40.74
C TYR E 508 32.01 58.10 -42.20
N GLY E 509 33.07 57.32 -42.43
CA GLY E 509 33.62 57.15 -43.75
C GLY E 509 33.72 55.73 -44.25
N VAL E 510 33.32 54.74 -43.45
CA VAL E 510 33.40 53.34 -43.84
C VAL E 510 32.29 52.58 -43.13
N GLY E 511 31.91 51.43 -43.68
CA GLY E 511 30.91 50.60 -43.04
C GLY E 511 31.47 49.75 -41.92
N HIS E 512 32.80 49.65 -41.82
CA HIS E 512 33.44 48.88 -40.77
C HIS E 512 33.63 49.74 -39.53
N GLN E 513 32.54 50.34 -39.05
CA GLN E 513 32.59 51.20 -37.88
C GLN E 513 32.85 50.37 -36.62
N PRO E 514 33.41 50.98 -35.58
CA PRO E 514 33.63 50.24 -34.33
C PRO E 514 32.33 49.97 -33.60
N TYR E 515 32.30 48.86 -32.87
CA TYR E 515 31.15 48.46 -32.07
C TYR E 515 31.61 48.07 -30.67
N ARG E 516 30.91 48.56 -29.66
CA ARG E 516 31.20 48.22 -28.27
C ARG E 516 30.42 46.97 -27.88
N VAL E 517 31.15 45.95 -27.46
CA VAL E 517 30.57 44.65 -27.13
C VAL E 517 30.60 44.44 -25.62
N VAL E 518 29.48 44.00 -25.07
CA VAL E 518 29.37 43.66 -23.65
C VAL E 518 28.96 42.20 -23.55
N VAL E 519 29.91 41.33 -23.21
CA VAL E 519 29.68 39.90 -23.13
C VAL E 519 29.28 39.54 -21.70
N LEU E 520 28.18 38.80 -21.57
CA LEU E 520 27.68 38.34 -20.28
C LEU E 520 27.89 36.85 -20.19
N SER E 521 28.49 36.41 -19.09
CA SER E 521 28.76 34.99 -18.84
C SER E 521 28.01 34.57 -17.58
N PHE E 522 26.89 33.88 -17.76
CA PHE E 522 26.10 33.37 -16.66
C PHE E 522 26.59 31.97 -16.31
N GLU E 523 27.01 31.78 -15.07
CA GLU E 523 27.54 30.50 -14.61
C GLU E 523 26.88 30.12 -13.29
N LEU E 524 26.56 28.83 -13.17
CA LEU E 524 25.90 28.28 -11.98
C LEU E 524 26.75 27.14 -11.45
N LEU E 525 27.56 27.43 -10.44
CA LEU E 525 28.41 26.41 -9.84
C LEU E 525 27.66 25.69 -8.73
N HIS E 526 28.35 24.74 -8.09
CA HIS E 526 27.77 24.01 -6.97
C HIS E 526 27.84 24.85 -5.70
N ALA E 527 27.08 25.94 -5.67
CA ALA E 527 27.06 26.86 -4.54
C ALA E 527 25.71 27.55 -4.52
N PRO E 528 25.23 27.99 -3.35
CA PRO E 528 23.96 28.72 -3.30
C PRO E 528 23.95 29.96 -4.17
N ALA E 529 23.09 29.97 -5.19
CA ALA E 529 23.04 31.09 -6.12
C ALA E 529 22.45 32.32 -5.43
N THR E 530 23.10 33.46 -5.65
CA THR E 530 22.66 34.71 -5.04
C THR E 530 22.20 35.76 -6.03
N VAL E 531 22.60 35.71 -7.30
CA VAL E 531 22.16 36.69 -8.29
C VAL E 531 20.85 36.21 -8.90
N CYS E 532 19.75 36.48 -8.22
CA CYS E 532 18.43 36.06 -8.70
C CYS E 532 17.67 37.27 -9.24
N GLY E 533 16.47 37.00 -9.75
CA GLY E 533 15.62 38.03 -10.29
C GLY E 533 14.94 38.84 -9.20
N PRO E 534 14.34 39.96 -9.57
CA PRO E 534 13.63 40.77 -8.58
C PRO E 534 12.36 40.10 -8.11
N LYS E 535 12.06 40.29 -6.82
CA LYS E 535 10.90 39.69 -6.18
C LYS E 535 9.88 40.78 -5.88
N LYS E 536 8.70 40.69 -6.50
CA LYS E 536 7.65 41.67 -6.27
C LYS E 536 7.05 41.51 -4.88
N SER E 537 6.41 42.58 -4.41
CA SER E 537 5.78 42.60 -3.09
C SER E 537 4.49 43.40 -3.17
N THR E 538 3.42 42.85 -2.61
CA THR E 538 2.12 43.51 -2.60
C THR E 538 1.92 44.29 -1.31
N ASN E 539 0.84 45.07 -1.27
CA ASN E 539 0.55 45.90 -0.11
C ASN E 539 0.11 45.04 1.07
N LEU E 540 0.49 45.47 2.27
CA LEU E 540 0.13 44.71 3.47
C LEU E 540 -1.31 44.98 3.86
N VAL E 541 -2.00 43.92 4.28
CA VAL E 541 -3.38 44.00 4.76
C VAL E 541 -3.43 43.40 6.16
N LYS E 542 -4.32 43.94 6.99
CA LYS E 542 -4.47 43.50 8.37
C LYS E 542 -5.93 43.24 8.69
N ASN E 543 -6.15 42.44 9.73
CA ASN E 543 -7.47 42.16 10.28
C ASN E 543 -8.38 41.49 9.24
N LYS E 544 -7.84 40.52 8.49
CA LYS E 544 -8.63 39.77 7.53
C LYS E 544 -7.86 38.51 7.14
N CYS E 545 -8.61 37.43 6.92
CA CYS E 545 -8.00 36.17 6.52
C CYS E 545 -7.43 36.29 5.12
N VAL E 546 -6.11 36.11 4.99
CA VAL E 546 -5.42 36.22 3.71
C VAL E 546 -4.40 35.11 3.60
N ASN E 547 -4.09 34.74 2.36
CA ASN E 547 -3.07 33.74 2.08
C ASN E 547 -1.73 34.48 1.94
N PHE E 548 -0.98 34.54 3.04
CA PHE E 548 0.25 35.32 3.08
C PHE E 548 1.46 34.46 2.67
N ASN E 549 2.53 35.16 2.30
CA ASN E 549 3.80 34.51 1.97
C ASN E 549 4.90 35.49 2.30
N PHE E 550 5.51 35.34 3.48
CA PHE E 550 6.54 36.24 3.97
C PHE E 550 7.91 35.60 3.73
N ASN E 551 8.60 36.06 2.70
CA ASN E 551 9.97 35.63 2.39
C ASN E 551 10.04 34.11 2.26
N GLY E 552 9.02 33.50 1.64
CA GLY E 552 8.98 32.07 1.43
C GLY E 552 8.16 31.31 2.45
N LEU E 553 7.76 31.95 3.55
CA LEU E 553 6.96 31.30 4.57
C LEU E 553 5.49 31.42 4.21
N THR E 554 4.93 30.38 3.64
CA THR E 554 3.54 30.37 3.20
C THR E 554 2.62 29.97 4.34
N GLY E 555 1.41 30.51 4.31
CA GLY E 555 0.43 30.20 5.33
C GLY E 555 -0.86 30.94 5.09
N THR E 556 -1.82 30.73 5.99
CA THR E 556 -3.13 31.36 5.92
C THR E 556 -3.56 31.76 7.32
N GLY E 557 -3.97 33.01 7.47
CA GLY E 557 -4.42 33.50 8.76
C GLY E 557 -4.71 34.99 8.71
N VAL E 558 -4.94 35.55 9.89
CA VAL E 558 -5.23 36.97 10.06
C VAL E 558 -3.97 37.65 10.57
N LEU E 559 -3.55 38.70 9.87
CA LEU E 559 -2.36 39.46 10.26
C LEU E 559 -2.76 40.62 11.14
N THR E 560 -2.20 40.67 12.35
CA THR E 560 -2.47 41.75 13.29
C THR E 560 -1.15 42.22 13.89
N GLU E 561 -1.11 43.49 14.30
CA GLU E 561 0.08 44.02 14.94
C GLU E 561 0.28 43.37 16.29
N SER E 562 1.54 43.08 16.63
CA SER E 562 1.88 42.38 17.85
C SER E 562 2.78 43.24 18.72
N ASN E 563 2.68 43.02 20.03
CA ASN E 563 3.53 43.71 20.99
C ASN E 563 4.83 42.96 21.28
N LYS E 564 4.97 41.74 20.76
CA LYS E 564 6.20 40.97 20.98
C LYS E 564 7.36 41.63 20.26
N LYS E 565 8.53 41.61 20.90
CA LYS E 565 9.75 42.18 20.35
C LYS E 565 10.74 41.04 20.08
N PHE E 566 11.28 41.02 18.87
CA PHE E 566 12.22 39.99 18.47
C PHE E 566 13.65 40.51 18.60
N LEU E 567 14.60 39.59 18.40
CA LEU E 567 15.99 39.99 18.30
C LEU E 567 16.30 40.41 16.87
N PRO E 568 17.33 41.25 16.67
CA PRO E 568 17.58 41.80 15.33
C PRO E 568 17.78 40.76 14.24
N PHE E 569 18.11 39.52 14.59
CA PHE E 569 18.29 38.48 13.59
C PHE E 569 17.10 37.53 13.47
N GLN E 570 16.02 37.79 14.20
CA GLN E 570 14.85 36.93 14.13
C GLN E 570 13.94 37.34 12.98
N GLN E 571 13.58 36.35 12.15
CA GLN E 571 12.63 36.55 11.07
C GLN E 571 11.51 35.52 11.08
N PHE E 572 11.23 34.91 12.23
CA PHE E 572 10.29 33.80 12.32
C PHE E 572 9.88 33.66 13.77
N GLY E 573 8.57 33.68 14.02
CA GLY E 573 8.03 33.54 15.36
C GLY E 573 7.24 32.25 15.49
N ARG E 574 7.60 31.46 16.51
CA ARG E 574 6.93 30.20 16.76
C ARG E 574 6.50 30.14 18.22
N ASP E 575 5.62 29.19 18.52
CA ASP E 575 5.13 28.91 19.85
C ASP E 575 5.28 27.40 20.12
N ILE E 576 4.67 26.96 21.22
CA ILE E 576 4.67 25.53 21.53
C ILE E 576 3.96 24.76 20.42
N ALA E 577 4.28 23.47 20.30
CA ALA E 577 3.75 22.57 19.28
C ALA E 577 4.16 22.99 17.88
N ASP E 578 5.22 23.79 17.76
CA ASP E 578 5.82 24.16 16.48
C ASP E 578 4.84 24.85 15.54
N THR E 579 4.02 25.76 16.04
CA THR E 579 3.12 26.52 15.18
C THR E 579 3.72 27.88 14.87
N THR E 580 3.38 28.41 13.70
CA THR E 580 3.88 29.71 13.24
C THR E 580 2.90 30.82 13.66
N ASP E 581 3.27 31.54 14.71
CA ASP E 581 2.39 32.55 15.29
C ASP E 581 2.89 33.98 15.11
N ALA E 582 4.03 34.18 14.44
CA ALA E 582 4.55 35.53 14.26
C ALA E 582 5.54 35.52 13.09
N VAL E 583 5.68 36.70 12.47
CA VAL E 583 6.57 36.89 11.34
C VAL E 583 7.25 38.25 11.46
N ARG E 584 8.28 38.44 10.63
CA ARG E 584 9.04 39.69 10.61
C ARG E 584 8.43 40.74 9.70
N ASP E 585 7.70 40.34 8.67
CA ASP E 585 7.09 41.24 7.71
C ASP E 585 8.13 42.20 7.13
N PRO E 586 9.01 41.71 6.25
CA PRO E 586 10.04 42.59 5.68
C PRO E 586 9.44 43.74 4.91
N GLN E 587 10.30 44.69 4.55
CA GLN E 587 9.98 45.96 3.90
C GLN E 587 9.33 46.94 4.88
N THR E 588 9.06 46.53 6.11
CA THR E 588 8.49 47.43 7.12
C THR E 588 9.16 47.16 8.47
N LEU E 589 9.68 45.95 8.64
CA LEU E 589 10.41 45.54 9.84
C LEU E 589 9.51 45.52 11.08
N GLU E 590 8.20 45.55 10.89
CA GLU E 590 7.26 45.47 11.99
C GLU E 590 6.81 44.04 12.21
N ILE E 591 6.69 43.64 13.47
CA ILE E 591 6.35 42.28 13.83
C ILE E 591 4.83 42.11 13.81
N LEU E 592 4.36 41.09 13.11
CA LEU E 592 2.94 40.81 12.95
C LEU E 592 2.59 39.50 13.62
N ASP E 593 1.41 39.46 14.23
CA ASP E 593 0.90 38.26 14.90
C ASP E 593 0.01 37.49 13.93
N ILE E 594 0.21 36.18 13.86
CA ILE E 594 -0.53 35.31 12.96
C ILE E 594 -1.48 34.46 13.78
N THR E 595 -2.78 34.71 13.63
CA THR E 595 -3.81 33.90 14.23
C THR E 595 -4.57 33.13 13.17
N PRO E 596 -4.95 31.88 13.43
CA PRO E 596 -5.67 31.10 12.41
C PRO E 596 -7.02 31.73 12.09
N CYS E 597 -7.45 31.53 10.85
CA CYS E 597 -8.70 32.12 10.39
C CYS E 597 -9.87 31.55 11.20
N SER E 598 -10.91 32.36 11.35
CA SER E 598 -12.01 32.01 12.24
C SER E 598 -12.71 30.75 11.76
N PHE E 599 -12.95 29.83 12.68
CA PHE E 599 -13.67 28.60 12.39
C PHE E 599 -14.38 28.14 13.66
N GLY E 600 -15.49 27.45 13.46
CA GLY E 600 -16.27 26.96 14.59
C GLY E 600 -17.50 26.22 14.10
N GLY E 601 -18.19 25.62 15.06
CA GLY E 601 -19.40 24.87 14.74
C GLY E 601 -20.65 25.73 14.88
N VAL E 602 -21.65 25.41 14.06
CA VAL E 602 -22.93 26.11 14.08
C VAL E 602 -23.95 25.20 14.74
N SER E 603 -24.61 25.73 15.79
CA SER E 603 -25.64 24.99 16.50
C SER E 603 -26.95 25.75 16.42
N VAL E 604 -28.04 25.01 16.26
CA VAL E 604 -29.38 25.59 16.10
C VAL E 604 -30.14 25.40 17.40
N ILE E 605 -30.72 26.49 17.90
CA ILE E 605 -31.50 26.48 19.13
C ILE E 605 -32.97 26.50 18.74
N THR E 606 -33.68 25.41 19.06
CA THR E 606 -35.09 25.29 18.71
C THR E 606 -35.90 24.94 19.95
N PRO E 607 -37.05 25.59 20.13
CA PRO E 607 -37.91 25.26 21.28
C PRO E 607 -38.82 24.08 21.00
N GLY E 608 -38.52 23.34 19.94
CA GLY E 608 -39.33 22.20 19.56
C GLY E 608 -40.30 22.52 18.43
N THR E 609 -40.37 21.64 17.44
CA THR E 609 -41.28 21.87 16.32
C THR E 609 -42.75 21.79 16.74
N ASN E 610 -43.04 21.14 17.86
CA ASN E 610 -44.42 21.09 18.34
C ASN E 610 -44.88 22.45 18.86
N THR E 611 -43.96 23.30 19.29
CA THR E 611 -44.30 24.62 19.82
C THR E 611 -44.27 25.69 18.74
N SER E 612 -43.14 25.83 18.04
CA SER E 612 -43.00 26.85 17.01
C SER E 612 -41.87 26.45 16.07
N ASN E 613 -41.85 27.08 14.91
CA ASN E 613 -40.83 26.83 13.90
C ASN E 613 -39.68 27.81 13.97
N GLN E 614 -39.71 28.78 14.89
CA GLN E 614 -38.62 29.73 15.02
C GLN E 614 -37.37 29.02 15.57
N VAL E 615 -36.21 29.41 15.04
CA VAL E 615 -34.94 28.83 15.46
C VAL E 615 -33.92 29.95 15.57
N ALA E 616 -32.90 29.71 16.39
CA ALA E 616 -31.78 30.64 16.55
C ALA E 616 -30.47 29.89 16.35
N VAL E 617 -29.61 30.45 15.53
CA VAL E 617 -28.32 29.84 15.19
C VAL E 617 -27.26 30.40 16.12
N LEU E 618 -26.38 29.53 16.60
CA LEU E 618 -25.29 29.89 17.49
C LEU E 618 -23.97 29.52 16.83
N TYR E 619 -23.19 30.55 16.48
CA TYR E 619 -21.86 30.34 15.91
C TYR E 619 -20.87 30.26 17.07
N GLN E 620 -20.41 29.05 17.38
CA GLN E 620 -19.63 28.82 18.58
C GLN E 620 -18.22 29.37 18.44
N GLY E 621 -17.82 30.21 19.40
CA GLY E 621 -16.44 30.64 19.49
C GLY E 621 -16.02 31.72 18.52
N VAL E 622 -16.92 32.25 17.71
CA VAL E 622 -16.56 33.27 16.73
C VAL E 622 -17.11 34.62 17.16
N ASN E 623 -16.66 35.68 16.50
CA ASN E 623 -17.10 37.04 16.76
C ASN E 623 -18.31 37.34 15.90
N CYS E 624 -19.18 38.22 16.37
CA CYS E 624 -20.38 38.58 15.60
C CYS E 624 -20.04 39.43 14.38
N THR E 625 -18.83 39.97 14.29
CA THR E 625 -18.49 40.83 13.16
C THR E 625 -17.97 40.05 11.95
N GLU E 626 -17.56 38.79 12.15
CA GLU E 626 -16.98 38.00 11.07
C GLU E 626 -17.97 37.00 10.47
N VAL E 627 -19.24 37.04 10.86
CA VAL E 627 -20.26 36.18 10.27
C VAL E 627 -20.93 36.94 9.13
N PRO E 628 -21.36 36.27 8.06
CA PRO E 628 -22.04 36.91 6.93
C PRO E 628 -23.35 37.60 7.33
N ASN E 648 -30.97 41.62 17.28
CA ASN E 648 -30.97 40.41 16.45
C ASN E 648 -29.72 39.57 16.71
N VAL E 649 -28.59 40.24 16.94
CA VAL E 649 -27.33 39.59 17.21
C VAL E 649 -26.84 39.97 18.60
N PHE E 650 -26.23 39.02 19.30
CA PHE E 650 -25.71 39.25 20.64
C PHE E 650 -24.44 38.45 20.81
N GLN E 651 -23.33 39.14 21.09
CA GLN E 651 -22.03 38.48 21.25
C GLN E 651 -21.98 37.83 22.62
N THR E 652 -22.49 36.60 22.68
CA THR E 652 -22.39 35.81 23.90
C THR E 652 -20.96 35.36 24.12
N ARG E 653 -20.59 35.15 25.38
CA ARG E 653 -19.25 34.72 25.72
C ARG E 653 -18.90 33.36 25.11
N ALA E 654 -19.89 32.59 24.67
CA ALA E 654 -19.64 31.31 24.01
C ALA E 654 -19.70 31.39 22.49
N GLY E 655 -20.05 32.54 21.94
CA GLY E 655 -20.13 32.69 20.50
C GLY E 655 -21.19 33.71 20.13
N CYS E 656 -21.40 33.86 18.82
CA CYS E 656 -22.39 34.79 18.32
C CYS E 656 -23.75 34.12 18.23
N LEU E 657 -24.76 34.77 18.79
CA LEU E 657 -26.13 34.25 18.81
C LEU E 657 -26.99 35.13 17.91
N ILE E 658 -27.56 34.53 16.87
CA ILE E 658 -28.42 35.22 15.92
C ILE E 658 -29.82 34.65 16.03
N GLY E 659 -30.80 35.51 16.25
CA GLY E 659 -32.19 35.10 16.35
C GLY E 659 -32.75 35.05 17.75
N ALA E 660 -32.03 35.56 18.74
CA ALA E 660 -32.51 35.58 20.12
C ALA E 660 -32.02 36.85 20.81
N GLU E 661 -32.96 37.62 21.34
CA GLU E 661 -32.63 38.87 22.01
C GLU E 661 -32.26 38.62 23.46
N TYR E 662 -31.32 39.40 23.97
CA TYR E 662 -30.87 39.25 25.35
C TYR E 662 -31.80 40.00 26.30
N VAL E 663 -32.06 39.39 27.46
CA VAL E 663 -32.90 39.98 28.49
C VAL E 663 -32.17 39.90 29.81
N ASN E 664 -32.38 40.91 30.66
CA ASN E 664 -31.74 40.92 31.97
C ASN E 664 -32.52 40.14 33.02
N ASN E 665 -33.79 39.87 32.77
CA ASN E 665 -34.60 39.09 33.71
C ASN E 665 -34.15 37.63 33.71
N SER E 666 -33.50 37.21 34.80
CA SER E 666 -32.95 35.86 34.85
C SER E 666 -34.03 34.84 35.19
N TYR E 667 -33.86 33.63 34.66
CA TYR E 667 -34.75 32.52 34.93
C TYR E 667 -33.94 31.25 35.05
N GLU E 668 -34.64 30.13 35.24
CA GLU E 668 -33.98 28.84 35.24
C GLU E 668 -33.55 28.45 33.83
N CYS E 669 -32.42 27.77 33.72
CA CYS E 669 -31.90 27.38 32.43
C CYS E 669 -32.81 26.37 31.74
N ASP E 670 -33.10 26.63 30.47
CA ASP E 670 -33.97 25.76 29.69
C ASP E 670 -33.18 25.07 28.59
N ILE E 671 -32.52 25.86 27.75
CA ILE E 671 -31.71 25.34 26.65
C ILE E 671 -30.27 25.80 26.89
N PRO E 672 -29.36 24.91 27.26
CA PRO E 672 -27.98 25.33 27.55
C PRO E 672 -27.28 25.87 26.30
N ILE E 673 -26.47 26.89 26.51
CA ILE E 673 -25.70 27.50 25.43
C ILE E 673 -24.22 27.47 25.82
N GLY E 674 -23.90 28.02 26.98
CA GLY E 674 -22.55 28.07 27.48
C GLY E 674 -22.26 29.38 28.17
N ALA E 675 -21.25 29.35 29.05
CA ALA E 675 -20.81 30.53 29.79
C ALA E 675 -21.95 31.16 30.59
N GLY E 676 -22.78 30.31 31.18
CA GLY E 676 -23.86 30.76 32.04
C GLY E 676 -25.07 31.34 31.32
N ILE E 677 -25.12 31.25 29.99
CA ILE E 677 -26.22 31.78 29.21
C ILE E 677 -27.07 30.62 28.71
N CYS E 678 -28.39 30.77 28.80
CA CYS E 678 -29.33 29.77 28.31
C CYS E 678 -30.44 30.47 27.53
N ALA E 679 -31.09 29.69 26.66
CA ALA E 679 -32.15 30.19 25.81
C ALA E 679 -33.48 29.56 26.20
N SER E 680 -34.56 30.26 25.86
CA SER E 680 -35.90 29.78 26.18
C SER E 680 -36.90 30.43 25.23
N TYR E 681 -38.13 29.93 25.26
CA TYR E 681 -39.21 30.42 24.42
C TYR E 681 -40.35 30.88 25.32
N GLN E 682 -40.50 32.19 25.48
CA GLN E 682 -41.54 32.73 26.33
C GLN E 682 -41.89 34.13 25.85
N THR E 683 -43.03 34.63 26.33
CA THR E 683 -43.50 35.97 25.97
C THR E 683 -43.92 36.76 27.20
N GLN E 697 -43.64 34.72 22.03
CA GLN E 697 -43.55 34.26 20.65
C GLN E 697 -42.17 34.54 20.08
N SER E 698 -41.16 34.55 20.94
CA SER E 698 -39.79 34.81 20.51
C SER E 698 -38.82 34.10 21.44
N ILE E 699 -37.67 33.74 20.91
CA ILE E 699 -36.63 33.10 21.69
C ILE E 699 -35.78 34.17 22.36
N ILE E 700 -35.55 34.02 23.67
CA ILE E 700 -34.80 34.99 24.45
C ILE E 700 -33.61 34.29 25.10
N ALA E 701 -32.50 35.00 25.20
CA ALA E 701 -31.30 34.52 25.86
C ALA E 701 -31.10 35.30 27.16
N TYR E 702 -30.69 34.60 28.21
CA TYR E 702 -30.58 35.20 29.53
C TYR E 702 -29.53 34.47 30.34
N THR E 703 -29.00 35.17 31.35
CA THR E 703 -28.11 34.53 32.32
C THR E 703 -28.93 33.68 33.27
N MET E 704 -28.58 32.41 33.38
CA MET E 704 -29.37 31.49 34.19
C MET E 704 -29.27 31.84 35.67
N SER E 705 -30.39 31.69 36.37
CA SER E 705 -30.45 31.93 37.81
C SER E 705 -30.39 30.59 38.53
N LEU E 706 -29.51 30.49 39.53
CA LEU E 706 -29.30 29.24 40.22
C LEU E 706 -30.46 28.88 41.15
N GLY E 707 -31.34 29.81 41.46
CA GLY E 707 -32.47 29.51 42.31
C GLY E 707 -32.93 30.75 43.06
N ALA E 708 -34.03 30.58 43.78
CA ALA E 708 -34.59 31.68 44.55
C ALA E 708 -33.76 31.92 45.81
N GLU E 709 -33.55 33.20 46.13
CA GLU E 709 -32.78 33.57 47.31
C GLU E 709 -33.62 33.32 48.57
N ASN E 710 -33.01 32.64 49.54
CA ASN E 710 -33.69 32.29 50.78
C ASN E 710 -32.75 32.61 51.94
N SER E 711 -32.94 33.79 52.54
CA SER E 711 -32.15 34.17 53.70
C SER E 711 -32.76 33.58 54.97
N VAL E 712 -32.18 32.47 55.45
CA VAL E 712 -32.69 31.82 56.64
C VAL E 712 -32.52 32.74 57.84
N ALA E 713 -33.59 32.91 58.62
CA ALA E 713 -33.56 33.82 59.75
C ALA E 713 -32.76 33.21 60.90
N TYR E 714 -31.44 33.22 60.79
CA TYR E 714 -30.59 32.68 61.84
C TYR E 714 -30.55 33.63 63.03
N SER E 715 -30.47 33.06 64.22
CA SER E 715 -30.33 33.84 65.44
C SER E 715 -29.61 33.00 66.47
N ASN E 716 -29.28 33.62 67.60
CA ASN E 716 -28.58 32.91 68.66
C ASN E 716 -29.46 31.87 69.33
N ASN E 717 -30.79 32.08 69.32
CA ASN E 717 -31.68 31.17 70.02
C ASN E 717 -32.97 30.87 69.25
N SER E 718 -32.92 30.84 67.92
CA SER E 718 -34.09 30.57 67.09
C SER E 718 -34.00 29.15 66.54
N ILE E 719 -34.99 28.33 66.87
CA ILE E 719 -35.07 26.95 66.39
C ILE E 719 -36.35 26.79 65.59
N ALA E 720 -36.27 26.07 64.48
CA ALA E 720 -37.42 25.79 63.63
C ALA E 720 -37.74 24.31 63.69
N ILE E 721 -38.94 23.99 64.18
CA ILE E 721 -39.41 22.61 64.33
C ILE E 721 -40.63 22.44 63.42
N PRO E 722 -40.65 21.44 62.54
CA PRO E 722 -41.80 21.26 61.66
C PRO E 722 -42.99 20.71 62.43
N THR E 723 -44.17 21.26 62.16
CA THR E 723 -45.39 20.83 62.81
C THR E 723 -46.18 19.80 62.00
N ASN E 724 -45.81 19.58 60.74
CA ASN E 724 -46.49 18.63 59.88
C ASN E 724 -45.45 17.91 59.04
N PHE E 725 -45.94 17.10 58.09
CA PHE E 725 -45.06 16.35 57.21
C PHE E 725 -45.83 15.90 55.99
N THR E 726 -45.10 15.47 54.97
CA THR E 726 -45.69 14.97 53.73
C THR E 726 -44.87 13.78 53.25
N ILE E 727 -45.56 12.71 52.86
CA ILE E 727 -44.90 11.52 52.33
C ILE E 727 -44.82 11.65 50.81
N SER E 728 -43.61 11.59 50.28
CA SER E 728 -43.38 11.73 48.85
C SER E 728 -42.72 10.48 48.29
N VAL E 729 -43.01 10.20 47.02
CA VAL E 729 -42.44 9.07 46.30
C VAL E 729 -41.70 9.60 45.07
N THR E 730 -40.41 9.28 44.99
CA THR E 730 -39.56 9.73 43.89
C THR E 730 -39.05 8.52 43.12
N THR E 731 -39.10 8.59 41.79
CA THR E 731 -38.65 7.48 40.97
C THR E 731 -37.18 7.64 40.61
N GLU E 732 -36.47 6.52 40.52
CA GLU E 732 -35.07 6.49 40.13
C GLU E 732 -34.85 5.34 39.16
N ILE E 733 -34.52 5.66 37.91
CA ILE E 733 -34.33 4.68 36.86
C ILE E 733 -32.83 4.45 36.68
N LEU E 734 -32.42 3.19 36.61
CA LEU E 734 -31.02 2.83 36.48
C LEU E 734 -30.88 1.71 35.45
N PRO E 735 -30.05 1.88 34.42
CA PRO E 735 -29.79 0.78 33.51
C PRO E 735 -29.06 -0.36 34.21
N VAL E 736 -29.44 -1.59 33.90
CA VAL E 736 -28.86 -2.76 34.56
C VAL E 736 -28.09 -3.59 33.55
N SER E 737 -28.55 -3.60 32.29
CA SER E 737 -27.94 -4.45 31.29
C SER E 737 -28.22 -3.88 29.90
N MET E 738 -27.58 -4.49 28.90
CA MET E 738 -27.79 -4.13 27.51
C MET E 738 -27.86 -5.39 26.68
N THR E 739 -28.14 -5.22 25.39
CA THR E 739 -28.30 -6.35 24.49
C THR E 739 -27.00 -7.11 24.34
N LYS E 740 -27.07 -8.44 24.47
CA LYS E 740 -25.90 -9.31 24.33
C LYS E 740 -25.70 -9.62 22.86
N THR E 741 -24.78 -8.87 22.24
CA THR E 741 -24.52 -9.06 20.82
C THR E 741 -23.36 -10.02 20.60
N SER E 742 -23.33 -10.62 19.41
CA SER E 742 -22.26 -11.49 19.00
C SER E 742 -22.02 -11.30 17.51
N VAL E 743 -20.75 -11.31 17.12
CA VAL E 743 -20.35 -11.01 15.75
C VAL E 743 -19.63 -12.22 15.17
N ASP E 744 -20.06 -12.65 13.99
CA ASP E 744 -19.38 -13.70 13.24
C ASP E 744 -18.26 -13.05 12.44
N CYS E 745 -17.02 -13.47 12.71
CA CYS E 745 -15.87 -12.82 12.09
C CYS E 745 -15.83 -13.06 10.58
N THR E 746 -15.83 -14.33 10.17
CA THR E 746 -15.67 -14.65 8.76
C THR E 746 -16.85 -14.15 7.94
N MET E 747 -18.07 -14.27 8.48
CA MET E 747 -19.24 -13.85 7.72
C MET E 747 -19.28 -12.34 7.55
N TYR E 748 -18.86 -11.59 8.57
CA TYR E 748 -18.88 -10.14 8.46
C TYR E 748 -17.76 -9.63 7.57
N ILE E 749 -16.54 -10.12 7.79
CA ILE E 749 -15.39 -9.60 7.04
C ILE E 749 -15.41 -10.10 5.59
N CYS E 750 -15.81 -11.35 5.39
CA CYS E 750 -15.78 -11.96 4.07
C CYS E 750 -17.16 -12.20 3.46
N GLY E 751 -18.05 -12.90 4.14
CA GLY E 751 -19.36 -13.16 3.57
C GLY E 751 -19.37 -14.31 2.58
N ASP E 752 -19.05 -15.51 3.05
CA ASP E 752 -19.08 -16.74 2.25
C ASP E 752 -18.10 -16.71 1.07
N SER E 753 -16.97 -16.03 1.24
CA SER E 753 -15.94 -16.02 0.21
C SER E 753 -14.79 -16.95 0.62
N THR E 754 -14.51 -17.95 -0.22
CA THR E 754 -13.46 -18.91 0.12
C THR E 754 -12.07 -18.27 0.08
N GLU E 755 -11.81 -17.43 -0.92
CA GLU E 755 -10.50 -16.79 -1.02
C GLU E 755 -10.26 -15.84 0.14
N CYS E 756 -11.30 -15.08 0.52
CA CYS E 756 -11.17 -14.14 1.63
C CYS E 756 -10.98 -14.87 2.95
N SER E 757 -11.68 -15.98 3.15
CA SER E 757 -11.60 -16.70 4.41
C SER E 757 -10.20 -17.22 4.68
N ASN E 758 -9.50 -17.67 3.63
CA ASN E 758 -8.13 -18.15 3.81
C ASN E 758 -7.17 -16.98 4.00
N LEU E 759 -7.57 -15.78 3.60
CA LEU E 759 -6.69 -14.62 3.73
C LEU E 759 -6.74 -14.04 5.14
N LEU E 760 -7.76 -14.38 5.93
CA LEU E 760 -7.85 -13.87 7.29
C LEU E 760 -6.76 -14.46 8.19
N LEU E 761 -6.26 -15.64 7.83
CA LEU E 761 -5.27 -16.31 8.67
C LEU E 761 -3.95 -15.55 8.69
N GLN E 762 -3.66 -14.77 7.65
CA GLN E 762 -2.41 -14.02 7.61
C GLN E 762 -2.37 -12.90 8.64
N TYR E 763 -3.52 -12.46 9.14
CA TYR E 763 -3.58 -11.41 10.15
C TYR E 763 -3.62 -11.96 11.57
N GLY E 764 -3.38 -13.25 11.76
CA GLY E 764 -3.36 -13.81 13.09
C GLY E 764 -4.73 -14.29 13.55
N SER E 765 -4.88 -14.40 14.87
CA SER E 765 -6.11 -14.85 15.49
C SER E 765 -6.96 -13.71 16.04
N PHE E 766 -7.00 -12.56 15.34
CA PHE E 766 -7.77 -11.42 15.83
C PHE E 766 -9.25 -11.76 15.97
N CYS E 767 -9.72 -12.75 15.21
CA CYS E 767 -11.12 -13.17 15.34
C CYS E 767 -11.39 -13.78 16.70
N THR E 768 -10.43 -14.51 17.27
CA THR E 768 -10.64 -15.14 18.55
C THR E 768 -10.68 -14.11 19.68
N GLN E 769 -9.86 -13.06 19.58
CA GLN E 769 -9.87 -12.03 20.62
C GLN E 769 -11.19 -11.30 20.66
N LEU E 770 -11.75 -10.95 19.50
CA LEU E 770 -13.04 -10.27 19.46
C LEU E 770 -14.15 -11.17 20.00
N LYS E 771 -14.10 -12.46 19.66
CA LYS E 771 -15.10 -13.40 20.14
C LYS E 771 -15.04 -13.53 21.66
N ARG E 772 -13.83 -13.67 22.21
CA ARG E 772 -13.69 -13.80 23.65
C ARG E 772 -14.08 -12.50 24.36
N ALA E 773 -13.86 -11.37 23.70
CA ALA E 773 -14.24 -10.08 24.30
C ALA E 773 -15.76 -9.92 24.32
N LEU E 774 -16.42 -10.31 23.23
CA LEU E 774 -17.87 -10.15 23.17
C LEU E 774 -18.59 -11.17 24.05
N THR E 775 -18.04 -12.38 24.16
CA THR E 775 -18.64 -13.37 25.04
C THR E 775 -18.46 -12.99 26.51
N GLY E 776 -17.37 -12.29 26.83
CA GLY E 776 -17.19 -11.83 28.20
C GLY E 776 -18.19 -10.75 28.56
N ILE E 777 -18.58 -9.93 27.59
CA ILE E 777 -19.59 -8.91 27.83
C ILE E 777 -20.96 -9.55 27.99
N ALA E 778 -21.26 -10.56 27.17
CA ALA E 778 -22.56 -11.20 27.22
C ALA E 778 -22.79 -11.88 28.58
N VAL E 779 -21.79 -12.63 29.05
CA VAL E 779 -21.93 -13.28 30.34
C VAL E 779 -21.92 -12.27 31.47
N GLU E 780 -21.38 -11.07 31.22
CA GLU E 780 -21.37 -10.03 32.25
C GLU E 780 -22.75 -9.41 32.43
N GLN E 781 -23.54 -9.34 31.35
CA GLN E 781 -24.89 -8.78 31.47
C GLN E 781 -25.79 -9.71 32.27
N ASP E 782 -25.59 -11.02 32.15
CA ASP E 782 -26.40 -11.96 32.92
C ASP E 782 -26.06 -11.88 34.40
N LYS E 783 -24.81 -11.53 34.73
CA LYS E 783 -24.44 -11.37 36.13
C LYS E 783 -24.95 -10.04 36.68
N ASN E 784 -25.04 -9.02 35.82
CA ASN E 784 -25.60 -7.74 36.26
C ASN E 784 -27.05 -7.89 36.70
N THR E 785 -27.86 -8.58 35.89
CA THR E 785 -29.25 -8.82 36.25
C THR E 785 -29.34 -9.74 37.46
N GLN E 786 -28.40 -10.68 37.58
CA GLN E 786 -28.41 -11.61 38.71
C GLN E 786 -28.08 -10.90 40.02
N GLU E 787 -27.14 -9.96 39.97
CA GLU E 787 -26.73 -9.29 41.20
C GLU E 787 -27.75 -8.24 41.65
N VAL E 788 -28.62 -7.80 40.74
CA VAL E 788 -29.57 -6.74 41.09
C VAL E 788 -30.88 -7.33 41.59
N PHE E 789 -31.45 -8.27 40.84
CA PHE E 789 -32.77 -8.80 41.15
C PHE E 789 -32.72 -10.10 41.97
N ALA E 790 -31.82 -11.02 41.63
CA ALA E 790 -31.74 -12.30 42.32
C ALA E 790 -31.04 -12.21 43.67
N GLN E 791 -31.59 -11.43 44.60
CA GLN E 791 -31.00 -11.33 45.93
C GLN E 791 -31.78 -12.13 46.97
N VAL E 792 -33.05 -12.41 46.70
CA VAL E 792 -33.86 -13.18 47.63
C VAL E 792 -33.59 -14.66 47.44
N LYS E 793 -33.54 -15.40 48.55
CA LYS E 793 -33.36 -16.85 48.48
C LYS E 793 -34.68 -17.58 48.26
N GLN E 794 -35.79 -17.01 48.71
CA GLN E 794 -37.10 -17.60 48.55
C GLN E 794 -38.03 -16.63 47.85
N ILE E 795 -38.94 -17.18 47.05
CA ILE E 795 -39.92 -16.38 46.30
C ILE E 795 -41.10 -16.18 47.23
N TYR E 796 -41.17 -14.98 47.83
CA TYR E 796 -42.25 -14.67 48.76
C TYR E 796 -43.51 -14.32 47.99
N LYS E 797 -44.65 -14.82 48.46
CA LYS E 797 -45.93 -14.62 47.82
C LYS E 797 -46.79 -13.68 48.66
N THR E 798 -47.54 -12.81 48.00
CA THR E 798 -48.41 -11.89 48.71
C THR E 798 -49.63 -12.62 49.26
N PRO E 799 -50.14 -12.21 50.42
CA PRO E 799 -51.32 -12.86 50.99
C PRO E 799 -52.53 -12.68 50.09
N PRO E 800 -53.55 -13.54 50.24
CA PRO E 800 -54.75 -13.38 49.41
C PRO E 800 -55.53 -12.11 49.72
N ILE E 801 -55.47 -11.63 50.95
CA ILE E 801 -56.09 -10.36 51.34
C ILE E 801 -55.08 -9.25 51.08
N LYS E 802 -55.56 -8.06 50.74
CA LYS E 802 -54.71 -6.94 50.40
C LYS E 802 -54.91 -5.73 51.30
N TYR E 803 -55.14 -5.95 52.59
CA TYR E 803 -55.27 -4.86 53.55
C TYR E 803 -53.97 -4.78 54.36
N PHE E 804 -53.31 -3.63 54.29
CA PHE E 804 -52.06 -3.39 54.98
C PHE E 804 -52.14 -2.15 55.86
N GLY E 805 -53.28 -1.95 56.51
CA GLY E 805 -53.46 -0.81 57.38
C GLY E 805 -53.87 0.46 56.68
N GLY E 806 -54.48 0.37 55.50
CA GLY E 806 -54.87 1.52 54.72
C GLY E 806 -54.00 1.77 53.51
N PHE E 807 -52.79 1.24 53.48
CA PHE E 807 -51.90 1.44 52.35
C PHE E 807 -52.38 0.61 51.16
N ASN E 808 -52.23 1.16 49.96
CA ASN E 808 -52.75 0.56 48.74
C ASN E 808 -51.58 0.32 47.78
N PHE E 809 -51.19 -0.94 47.63
CA PHE E 809 -50.09 -1.31 46.75
C PHE E 809 -50.56 -1.88 45.41
N SER E 810 -51.77 -1.55 44.97
CA SER E 810 -52.30 -2.14 43.75
C SER E 810 -51.50 -1.73 42.53
N GLN E 811 -50.86 -0.56 42.57
CA GLN E 811 -50.10 -0.07 41.42
C GLN E 811 -48.74 -0.73 41.29
N ILE E 812 -48.26 -1.43 42.32
CA ILE E 812 -46.94 -2.02 42.28
C ILE E 812 -47.03 -3.54 42.38
N LEU E 813 -48.10 -4.04 43.00
CA LEU E 813 -48.30 -5.48 43.11
C LEU E 813 -48.69 -6.06 41.76
N PRO E 814 -48.34 -7.32 41.51
CA PRO E 814 -48.69 -7.94 40.23
C PRO E 814 -50.20 -8.04 40.03
N ASP E 815 -50.65 -7.72 38.82
CA ASP E 815 -52.07 -7.79 38.49
C ASP E 815 -52.34 -9.14 37.84
N PRO E 816 -53.04 -10.07 38.50
CA PRO E 816 -53.32 -11.37 37.89
C PRO E 816 -54.35 -11.31 36.78
N SER E 817 -55.03 -10.17 36.58
CA SER E 817 -56.03 -10.06 35.53
C SER E 817 -55.41 -9.95 34.14
N LYS E 818 -54.09 -9.75 34.05
CA LYS E 818 -53.42 -9.63 32.77
C LYS E 818 -52.50 -10.81 32.53
N PRO E 819 -52.34 -11.25 31.28
CA PRO E 819 -51.48 -12.41 31.00
C PRO E 819 -50.00 -12.17 31.27
N SER E 820 -49.57 -10.91 31.31
CA SER E 820 -48.16 -10.61 31.56
C SER E 820 -47.79 -10.73 33.03
N LYS E 821 -48.77 -10.76 33.93
CA LYS E 821 -48.54 -10.89 35.37
C LYS E 821 -47.67 -9.77 35.91
N ARG E 822 -47.81 -8.57 35.34
CA ARG E 822 -47.02 -7.43 35.79
C ARG E 822 -47.93 -6.35 36.36
N SER E 823 -47.32 -5.43 37.12
CA SER E 823 -48.05 -4.35 37.74
C SER E 823 -48.34 -3.25 36.72
N PRO E 824 -49.31 -2.38 37.01
CA PRO E 824 -49.59 -1.27 36.07
C PRO E 824 -48.37 -0.39 35.80
N ILE E 825 -47.57 -0.12 36.82
CA ILE E 825 -46.37 0.69 36.62
C ILE E 825 -45.38 -0.03 35.70
N GLU E 826 -45.21 -1.34 35.90
CA GLU E 826 -44.35 -2.11 35.00
C GLU E 826 -44.92 -2.14 33.59
N ASP E 827 -46.26 -2.19 33.47
CA ASP E 827 -46.87 -2.14 32.15
C ASP E 827 -46.58 -0.82 31.46
N LEU E 828 -46.68 0.30 32.18
CA LEU E 828 -46.37 1.59 31.58
C LEU E 828 -44.89 1.70 31.22
N LEU E 829 -44.01 1.15 32.07
CA LEU E 829 -42.59 1.17 31.75
C LEU E 829 -42.29 0.35 30.50
N PHE E 830 -42.98 -0.78 30.32
CA PHE E 830 -42.76 -1.60 29.14
C PHE E 830 -43.34 -0.94 27.90
N ASN E 831 -44.48 -0.26 28.03
CA ASN E 831 -45.11 0.36 26.87
C ASN E 831 -44.39 1.63 26.44
N LYS E 832 -43.75 2.34 27.38
CA LYS E 832 -43.09 3.59 27.05
C LYS E 832 -41.70 3.38 26.45
N VAL E 833 -40.96 2.40 26.96
CA VAL E 833 -39.62 2.12 26.44
C VAL E 833 -39.71 1.36 25.13
N LYS E 861 -30.36 -11.05 13.68
CA LYS E 861 -29.34 -11.68 12.86
C LYS E 861 -29.53 -11.36 11.38
N PHE E 862 -28.73 -10.43 10.86
CA PHE E 862 -28.87 -10.02 9.47
C PHE E 862 -27.56 -10.15 8.71
N ASN E 863 -26.47 -9.63 9.27
CA ASN E 863 -25.20 -9.61 8.56
C ASN E 863 -24.07 -10.16 9.42
N GLY E 864 -24.28 -11.32 10.02
CA GLY E 864 -23.27 -11.92 10.87
C GLY E 864 -23.40 -11.49 12.31
N LEU E 865 -24.01 -10.34 12.54
CA LEU E 865 -24.25 -9.86 13.89
C LEU E 865 -25.48 -10.55 14.47
N THR E 866 -25.28 -11.25 15.58
CA THR E 866 -26.37 -11.96 16.24
C THR E 866 -26.62 -11.35 17.61
N VAL E 867 -27.88 -11.37 18.02
CA VAL E 867 -28.31 -10.84 19.31
C VAL E 867 -28.72 -12.03 20.17
N LEU E 868 -27.94 -12.31 21.21
CA LEU E 868 -28.24 -13.43 22.08
C LEU E 868 -29.35 -13.07 23.06
N PRO E 869 -30.23 -14.02 23.38
CA PRO E 869 -31.33 -13.74 24.30
C PRO E 869 -30.83 -13.73 25.74
N PRO E 870 -31.39 -12.88 26.59
CA PRO E 870 -30.99 -12.86 27.99
C PRO E 870 -31.31 -14.18 28.69
N LEU E 871 -30.50 -14.51 29.69
CA LEU E 871 -30.74 -15.73 30.45
C LEU E 871 -32.04 -15.64 31.24
N LEU E 872 -32.22 -14.55 31.98
CA LEU E 872 -33.44 -14.34 32.74
C LEU E 872 -34.47 -13.61 31.88
N THR E 873 -35.62 -14.24 31.64
CA THR E 873 -36.67 -13.62 30.85
C THR E 873 -37.32 -12.48 31.63
N ASP E 874 -38.16 -11.73 30.94
CA ASP E 874 -38.86 -10.62 31.58
C ASP E 874 -39.86 -11.11 32.63
N GLU E 875 -40.37 -12.33 32.45
CA GLU E 875 -41.29 -12.87 33.45
C GLU E 875 -40.57 -13.29 34.72
N MET E 876 -39.29 -13.66 34.62
CA MET E 876 -38.54 -14.04 35.81
C MET E 876 -38.10 -12.81 36.59
N ILE E 877 -37.73 -11.73 35.90
CA ILE E 877 -37.44 -10.47 36.58
C ILE E 877 -38.70 -9.96 37.27
N ALA E 878 -39.86 -10.15 36.64
CA ALA E 878 -41.12 -9.78 37.29
C ALA E 878 -41.36 -10.62 38.55
N GLN E 879 -41.00 -11.91 38.50
CA GLN E 879 -41.17 -12.74 39.68
C GLN E 879 -40.23 -12.32 40.80
N TYR E 880 -39.00 -11.95 40.45
CA TYR E 880 -38.06 -11.45 41.45
C TYR E 880 -38.57 -10.16 42.08
N THR E 881 -39.09 -9.25 41.26
CA THR E 881 -39.65 -8.00 41.78
C THR E 881 -40.85 -8.27 42.68
N SER E 882 -41.71 -9.20 42.28
CA SER E 882 -42.87 -9.54 43.11
C SER E 882 -42.44 -10.15 44.43
N ALA E 883 -41.41 -10.99 44.42
CA ALA E 883 -40.90 -11.57 45.66
C ALA E 883 -40.33 -10.50 46.57
N LEU E 884 -39.55 -9.56 46.00
CA LEU E 884 -39.01 -8.47 46.80
C LEU E 884 -40.12 -7.62 47.41
N LEU E 885 -41.16 -7.32 46.63
CA LEU E 885 -42.27 -6.53 47.14
C LEU E 885 -43.02 -7.27 48.25
N ALA E 886 -43.34 -8.55 48.01
CA ALA E 886 -44.07 -9.32 49.00
C ALA E 886 -43.24 -9.49 50.28
N GLY E 887 -41.92 -9.50 50.15
CA GLY E 887 -41.08 -9.58 51.34
C GLY E 887 -41.02 -8.26 52.09
N THR E 888 -41.01 -7.15 51.36
CA THR E 888 -40.84 -5.85 52.02
C THR E 888 -42.17 -5.33 52.58
N ILE E 889 -43.29 -5.89 52.11
CA ILE E 889 -44.58 -5.42 52.62
C ILE E 889 -45.07 -6.32 53.76
N THR E 890 -44.59 -7.56 53.81
CA THR E 890 -45.04 -8.51 54.82
C THR E 890 -43.99 -8.83 55.86
N SER E 891 -42.71 -8.57 55.57
CA SER E 891 -41.64 -8.91 56.49
C SER E 891 -40.69 -7.77 56.81
N GLY E 892 -40.89 -6.59 56.22
CA GLY E 892 -39.98 -5.48 56.49
C GLY E 892 -38.61 -5.72 55.89
N TRP E 893 -37.58 -5.43 56.68
CA TRP E 893 -36.21 -5.66 56.25
C TRP E 893 -35.64 -6.96 56.80
N THR E 894 -36.47 -7.81 57.41
CA THR E 894 -35.95 -9.01 58.06
C THR E 894 -35.55 -10.08 57.06
N PHE E 895 -36.22 -10.15 55.90
CA PHE E 895 -35.92 -11.18 54.92
C PHE E 895 -34.59 -10.94 54.20
N GLY E 896 -34.00 -9.76 54.34
CA GLY E 896 -32.71 -9.48 53.75
C GLY E 896 -31.56 -9.92 54.63
N ALA E 897 -31.80 -9.97 55.94
CA ALA E 897 -30.78 -10.40 56.89
C ALA E 897 -30.90 -11.88 57.25
N GLY E 898 -32.04 -12.50 56.99
CA GLY E 898 -32.23 -13.90 57.31
C GLY E 898 -33.65 -14.37 57.03
N PRO E 899 -34.23 -15.09 57.99
CA PRO E 899 -35.61 -15.56 57.82
C PRO E 899 -36.59 -14.41 57.72
N ALA E 900 -37.71 -14.66 57.04
CA ALA E 900 -38.74 -13.66 56.84
C ALA E 900 -39.61 -13.60 58.09
N LEU E 901 -39.37 -12.58 58.91
CA LEU E 901 -40.14 -12.42 60.14
C LEU E 901 -41.43 -11.66 59.86
N GLN E 902 -42.55 -12.22 60.31
CA GLN E 902 -43.84 -11.58 60.12
C GLN E 902 -43.93 -10.30 60.93
N ILE E 903 -44.54 -9.27 60.35
CA ILE E 903 -44.70 -7.98 61.00
C ILE E 903 -45.83 -7.22 60.32
N PRO E 904 -46.81 -6.71 61.07
CA PRO E 904 -47.85 -5.89 60.45
C PRO E 904 -47.27 -4.63 59.83
N PHE E 905 -47.81 -4.25 58.67
CA PHE E 905 -47.27 -3.09 57.96
C PHE E 905 -47.41 -1.79 58.75
N PRO E 906 -48.52 -1.51 59.44
CA PRO E 906 -48.53 -0.31 60.31
C PRO E 906 -47.48 -0.36 61.41
N MET E 907 -46.98 -1.55 61.76
CA MET E 907 -45.96 -1.64 62.80
C MET E 907 -44.55 -1.53 62.22
N GLN E 908 -44.33 -2.09 61.02
CA GLN E 908 -43.02 -1.95 60.40
C GLN E 908 -42.78 -0.52 59.92
N MET E 909 -43.86 0.23 59.64
CA MET E 909 -43.70 1.64 59.34
C MET E 909 -43.30 2.42 60.58
N ALA E 910 -43.64 1.92 61.77
CA ALA E 910 -43.20 2.57 63.00
C ALA E 910 -41.70 2.37 63.21
N TYR E 911 -41.17 1.22 62.81
CA TYR E 911 -39.73 1.02 62.83
C TYR E 911 -39.03 2.06 61.95
N ARG E 912 -39.60 2.31 60.76
CA ARG E 912 -38.97 3.23 59.82
C ARG E 912 -39.15 4.69 60.25
N PHE E 913 -40.26 5.00 60.91
CA PHE E 913 -40.41 6.32 61.51
C PHE E 913 -39.44 6.50 62.66
N ASN E 914 -39.21 5.44 63.43
CA ASN E 914 -38.25 5.52 64.53
C ASN E 914 -36.82 5.58 64.01
N GLY E 915 -36.60 5.14 62.77
CA GLY E 915 -35.26 5.19 62.21
C GLY E 915 -34.84 6.58 61.77
N ILE E 916 -35.81 7.44 61.44
CA ILE E 916 -35.52 8.79 61.00
C ILE E 916 -35.63 9.74 62.20
N GLY E 917 -35.73 9.18 63.39
CA GLY E 917 -35.80 9.99 64.59
C GLY E 917 -37.18 10.56 64.89
N VAL E 918 -38.24 9.84 64.54
CA VAL E 918 -39.61 10.27 64.80
C VAL E 918 -40.29 9.18 65.62
N THR E 919 -41.00 9.58 66.67
CA THR E 919 -41.65 8.62 67.55
C THR E 919 -42.75 7.86 66.82
N GLN E 920 -43.14 6.73 67.40
CA GLN E 920 -44.20 5.92 66.83
C GLN E 920 -45.56 6.59 66.98
N ASN E 921 -45.67 7.56 67.89
CA ASN E 921 -46.93 8.26 68.10
C ASN E 921 -47.36 8.99 66.84
N VAL E 922 -46.41 9.61 66.14
CA VAL E 922 -46.74 10.38 64.94
C VAL E 922 -47.35 9.50 63.87
N LEU E 923 -46.96 8.23 63.77
CA LEU E 923 -47.56 7.32 62.81
C LEU E 923 -48.88 6.76 63.33
N TYR E 924 -48.90 6.31 64.59
CA TYR E 924 -50.08 5.64 65.11
C TYR E 924 -51.25 6.59 65.32
N GLU E 925 -50.98 7.91 65.37
CA GLU E 925 -52.06 8.87 65.52
C GLU E 925 -52.45 9.52 64.20
N ASN E 926 -51.64 9.36 63.15
CA ASN E 926 -51.93 9.92 61.84
C ASN E 926 -51.91 8.85 60.75
N GLN E 927 -52.28 7.61 61.08
CA GLN E 927 -52.20 6.53 60.10
C GLN E 927 -53.13 6.77 58.92
N LYS E 928 -54.28 7.37 59.16
CA LYS E 928 -55.22 7.66 58.07
C LYS E 928 -54.63 8.70 57.12
N LEU E 929 -53.94 9.70 57.67
CA LEU E 929 -53.36 10.74 56.82
C LEU E 929 -52.15 10.21 56.05
N ILE E 930 -51.31 9.42 56.71
CA ILE E 930 -50.12 8.89 56.05
C ILE E 930 -50.49 7.88 54.97
N ALA E 931 -51.55 7.11 55.21
CA ALA E 931 -52.01 6.17 54.19
C ALA E 931 -52.53 6.90 52.97
N ASN E 932 -53.25 8.01 53.19
CA ASN E 932 -53.76 8.78 52.06
C ASN E 932 -52.64 9.45 51.29
N GLN E 933 -51.61 9.92 52.01
CA GLN E 933 -50.47 10.53 51.33
C GLN E 933 -49.69 9.50 50.52
N PHE E 934 -49.55 8.29 51.05
CA PHE E 934 -48.84 7.24 50.33
C PHE E 934 -49.62 6.82 49.08
N ASN E 935 -50.93 6.65 49.21
CA ASN E 935 -51.74 6.24 48.06
C ASN E 935 -51.79 7.34 47.01
N SER E 936 -51.87 8.60 47.43
CA SER E 936 -51.93 9.69 46.47
C SER E 936 -50.59 9.87 45.76
N ALA E 937 -49.48 9.66 46.47
CA ALA E 937 -48.17 9.82 45.85
C ALA E 937 -47.90 8.72 44.83
N ILE E 938 -48.32 7.49 45.14
CA ILE E 938 -48.15 6.39 44.18
C ILE E 938 -49.03 6.61 42.96
N GLY E 939 -50.22 7.15 43.15
CA GLY E 939 -51.09 7.43 42.03
C GLY E 939 -50.53 8.46 41.06
N LYS E 940 -49.71 9.37 41.57
CA LYS E 940 -49.09 10.39 40.72
C LYS E 940 -47.84 9.89 40.01
N ILE E 941 -47.34 8.70 40.35
CA ILE E 941 -46.15 8.17 39.69
C ILE E 941 -46.44 7.88 38.22
N GLN E 942 -47.62 7.34 37.93
CA GLN E 942 -47.97 7.06 36.54
C GLN E 942 -48.08 8.34 35.73
N ASP E 943 -48.75 9.35 36.28
CA ASP E 943 -48.88 10.63 35.58
C ASP E 943 -47.52 11.31 35.43
N SER E 944 -46.61 11.06 36.37
CA SER E 944 -45.29 11.67 36.29
C SER E 944 -44.45 11.02 35.20
N LEU E 945 -44.38 9.69 35.20
CA LEU E 945 -43.58 8.99 34.20
C LEU E 945 -44.23 8.95 32.83
N SER E 946 -45.52 9.27 32.73
CA SER E 946 -46.19 9.26 31.43
C SER E 946 -46.11 10.62 30.75
N SER E 947 -46.35 11.70 31.52
CA SER E 947 -46.34 13.03 30.93
C SER E 947 -44.93 13.50 30.62
N THR E 948 -43.99 13.29 31.55
CA THR E 948 -42.62 13.71 31.33
C THR E 948 -41.94 12.79 30.30
N PRO E 949 -41.47 13.35 29.18
CA PRO E 949 -40.83 12.49 28.16
C PRO E 949 -39.42 12.06 28.56
N SER E 950 -38.75 12.89 29.37
CA SER E 950 -37.38 12.60 29.79
C SER E 950 -37.33 11.70 31.02
N ALA E 951 -38.42 11.00 31.36
CA ALA E 951 -38.41 10.13 32.53
C ALA E 951 -37.59 8.88 32.28
N LEU E 952 -37.88 8.17 31.20
CA LEU E 952 -37.20 6.92 30.87
C LEU E 952 -36.16 7.08 29.77
N GLY E 953 -35.45 8.21 29.74
CA GLY E 953 -34.50 8.44 28.67
C GLY E 953 -33.21 7.65 28.83
N LYS E 954 -32.81 7.35 30.06
CA LYS E 954 -31.52 6.69 30.30
C LYS E 954 -31.50 5.28 29.74
N LEU E 955 -32.66 4.61 29.69
CA LEU E 955 -32.73 3.29 29.08
C LEU E 955 -32.87 3.40 27.57
N GLN E 956 -33.68 4.35 27.11
CA GLN E 956 -33.79 4.62 25.69
C GLN E 956 -32.45 5.05 25.12
N ASP E 957 -31.67 5.81 25.89
CA ASP E 957 -30.34 6.20 25.43
C ASP E 957 -29.44 4.99 25.25
N VAL E 958 -29.49 4.02 26.16
CA VAL E 958 -28.65 2.83 26.03
C VAL E 958 -29.07 2.01 24.82
N VAL E 959 -30.37 1.79 24.65
CA VAL E 959 -30.81 0.99 23.52
C VAL E 959 -30.53 1.70 22.20
N ASN E 960 -30.62 3.03 22.18
CA ASN E 960 -30.32 3.78 20.96
C ASN E 960 -28.82 3.75 20.66
N HIS E 961 -27.98 3.80 21.70
CA HIS E 961 -26.55 3.67 21.48
C HIS E 961 -26.20 2.30 20.92
N ASN E 962 -26.83 1.24 21.44
CA ASN E 962 -26.58 -0.09 20.90
C ASN E 962 -27.02 -0.19 19.45
N ALA E 963 -28.23 0.31 19.15
CA ALA E 963 -28.73 0.26 17.78
C ALA E 963 -27.85 1.06 16.83
N GLN E 964 -27.38 2.23 17.27
CA GLN E 964 -26.54 3.05 16.41
C GLN E 964 -25.16 2.44 16.21
N ALA E 965 -24.63 1.77 17.23
CA ALA E 965 -23.37 1.05 17.05
C ALA E 965 -23.53 -0.07 16.03
N LEU E 966 -24.63 -0.82 16.13
CA LEU E 966 -24.87 -1.89 15.17
C LEU E 966 -25.03 -1.33 13.75
N ASN E 967 -25.75 -0.21 13.62
CA ASN E 967 -25.95 0.38 12.30
C ASN E 967 -24.65 0.94 11.72
N THR E 968 -23.81 1.53 12.57
CA THR E 968 -22.51 2.02 12.10
C THR E 968 -21.61 0.87 11.68
N LEU E 969 -21.70 -0.26 12.40
CA LEU E 969 -20.89 -1.42 12.03
C LEU E 969 -21.37 -2.03 10.73
N VAL E 970 -22.69 -2.07 10.51
CA VAL E 970 -23.22 -2.63 9.27
C VAL E 970 -23.11 -1.64 8.11
N LYS E 971 -22.87 -0.37 8.40
CA LYS E 971 -22.73 0.63 7.34
C LYS E 971 -21.31 0.65 6.78
N GLN E 972 -20.32 0.33 7.60
CA GLN E 972 -18.94 0.29 7.13
C GLN E 972 -18.71 -0.86 6.16
N LEU E 973 -19.65 -1.81 6.10
CA LEU E 973 -19.54 -2.90 5.13
C LEU E 973 -19.60 -2.37 3.71
N SER E 974 -20.38 -1.31 3.48
CA SER E 974 -20.48 -0.69 2.17
C SER E 974 -19.33 0.26 1.88
N SER E 975 -18.44 0.49 2.83
CA SER E 975 -17.30 1.34 2.58
C SER E 975 -16.17 0.56 1.92
N LYS E 976 -15.52 1.18 0.94
CA LYS E 976 -14.43 0.54 0.21
C LYS E 976 -13.06 0.80 0.81
N PHE E 977 -12.94 1.80 1.70
CA PHE E 977 -11.68 2.10 2.38
C PHE E 977 -10.56 2.38 1.38
N GLY E 978 -10.88 3.16 0.36
CA GLY E 978 -9.91 3.52 -0.66
C GLY E 978 -9.72 2.51 -1.77
N ALA E 979 -10.37 1.35 -1.70
CA ALA E 979 -10.24 0.35 -2.74
C ALA E 979 -11.06 0.75 -3.97
N ILE E 980 -11.10 -0.16 -4.94
CA ILE E 980 -11.84 0.10 -6.17
C ILE E 980 -13.34 0.06 -5.91
N SER E 981 -13.77 -0.79 -4.97
CA SER E 981 -15.18 -0.92 -4.63
C SER E 981 -15.30 -1.67 -3.31
N SER E 982 -16.53 -1.81 -2.84
CA SER E 982 -16.81 -2.51 -1.60
C SER E 982 -17.41 -3.89 -1.79
N VAL E 983 -17.99 -4.15 -2.97
CA VAL E 983 -18.61 -5.45 -3.26
C VAL E 983 -17.47 -6.45 -3.49
N LEU E 984 -17.39 -7.47 -2.64
CA LEU E 984 -16.31 -8.44 -2.74
C LEU E 984 -16.42 -9.27 -4.00
N ASN E 985 -17.65 -9.58 -4.43
CA ASN E 985 -17.83 -10.38 -5.63
C ASN E 985 -17.33 -9.66 -6.87
N ASP E 986 -17.50 -8.33 -6.93
CA ASP E 986 -17.02 -7.59 -8.09
C ASP E 986 -15.49 -7.55 -8.12
N ILE E 987 -14.85 -7.34 -6.96
CA ILE E 987 -13.39 -7.33 -6.92
C ILE E 987 -12.84 -8.72 -7.25
N LEU E 988 -13.57 -9.76 -6.86
CA LEU E 988 -13.18 -11.12 -7.22
C LEU E 988 -13.52 -11.47 -8.67
N SER E 989 -14.11 -10.54 -9.42
CA SER E 989 -14.46 -10.80 -10.81
C SER E 989 -14.13 -9.64 -11.74
N ARG E 990 -13.25 -8.72 -11.34
CA ARG E 990 -12.87 -7.59 -12.18
C ARG E 990 -11.37 -7.35 -12.19
N LEU E 991 -10.59 -8.15 -11.46
CA LEU E 991 -9.15 -7.99 -11.41
C LEU E 991 -8.47 -9.34 -11.59
N ASP E 992 -7.14 -9.31 -11.61
CA ASP E 992 -6.36 -10.53 -11.73
C ASP E 992 -6.35 -11.26 -10.41
N PRO E 993 -6.74 -12.53 -10.36
CA PRO E 993 -6.77 -13.28 -9.08
C PRO E 993 -5.43 -13.27 -8.37
N PRO E 994 -4.30 -13.51 -9.06
CA PRO E 994 -3.01 -13.44 -8.33
C PRO E 994 -2.61 -12.02 -7.95
N GLU E 995 -3.17 -11.00 -8.59
CA GLU E 995 -2.81 -9.62 -8.29
C GLU E 995 -3.77 -8.94 -7.33
N ALA E 996 -5.03 -9.39 -7.29
CA ALA E 996 -6.02 -8.73 -6.45
C ALA E 996 -5.88 -9.10 -4.98
N GLU E 997 -4.87 -9.88 -4.61
CA GLU E 997 -4.68 -10.24 -3.20
C GLU E 997 -4.38 -8.99 -2.36
N VAL E 998 -3.48 -8.14 -2.85
CA VAL E 998 -3.17 -6.90 -2.14
C VAL E 998 -4.35 -5.94 -2.10
N GLN E 999 -5.27 -6.05 -3.05
CA GLN E 999 -6.49 -5.24 -3.00
C GLN E 999 -7.47 -5.78 -1.98
N ILE E 1000 -7.60 -7.11 -1.89
CA ILE E 1000 -8.47 -7.71 -0.88
C ILE E 1000 -7.93 -7.46 0.51
N ASP E 1001 -6.60 -7.35 0.64
CA ASP E 1001 -5.99 -7.06 1.93
C ASP E 1001 -6.47 -5.73 2.48
N ARG E 1002 -6.78 -4.78 1.60
CA ARG E 1002 -7.23 -3.47 2.05
C ARG E 1002 -8.65 -3.52 2.61
N LEU E 1003 -9.51 -4.36 2.05
CA LEU E 1003 -10.87 -4.47 2.57
C LEU E 1003 -10.89 -5.18 3.93
N ILE E 1004 -10.01 -6.16 4.12
CA ILE E 1004 -9.98 -6.88 5.38
C ILE E 1004 -9.56 -5.96 6.51
N THR E 1005 -8.50 -5.17 6.30
CA THR E 1005 -8.05 -4.25 7.33
C THR E 1005 -9.09 -3.19 7.63
N GLY E 1006 -9.85 -2.78 6.61
CA GLY E 1006 -10.89 -1.78 6.85
C GLY E 1006 -12.03 -2.31 7.67
N ARG E 1007 -12.34 -3.61 7.53
CA ARG E 1007 -13.46 -4.19 8.25
C ARG E 1007 -13.01 -4.75 9.61
N LEU E 1008 -11.77 -5.26 9.67
CA LEU E 1008 -11.27 -5.80 10.93
C LEU E 1008 -11.04 -4.70 11.96
N GLN E 1009 -10.48 -3.58 11.53
CA GLN E 1009 -10.27 -2.46 12.45
C GLN E 1009 -11.57 -1.80 12.87
N SER E 1010 -12.60 -1.83 12.01
CA SER E 1010 -13.90 -1.33 12.42
C SER E 1010 -14.52 -2.23 13.48
N LEU E 1011 -14.37 -3.55 13.33
CA LEU E 1011 -14.83 -4.47 14.36
C LEU E 1011 -14.08 -4.26 15.67
N GLN E 1012 -12.79 -3.94 15.59
CA GLN E 1012 -12.02 -3.66 16.80
C GLN E 1012 -12.53 -2.41 17.51
N THR E 1013 -12.82 -1.35 16.74
CA THR E 1013 -13.37 -0.14 17.35
C THR E 1013 -14.75 -0.41 17.96
N TYR E 1014 -15.56 -1.22 17.28
CA TYR E 1014 -16.86 -1.59 17.83
C TYR E 1014 -16.70 -2.35 19.14
N VAL E 1015 -15.74 -3.27 19.20
CA VAL E 1015 -15.53 -4.06 20.41
C VAL E 1015 -15.02 -3.17 21.55
N THR E 1016 -14.15 -2.21 21.23
CA THR E 1016 -13.65 -1.29 22.25
C THR E 1016 -14.77 -0.41 22.80
N GLN E 1017 -15.59 0.14 21.91
CA GLN E 1017 -16.72 0.96 22.36
C GLN E 1017 -17.73 0.12 23.16
N GLN E 1018 -17.92 -1.15 22.77
CA GLN E 1018 -18.78 -2.03 23.55
C GLN E 1018 -18.20 -2.32 24.91
N LEU E 1019 -16.87 -2.46 25.01
CA LEU E 1019 -16.24 -2.64 26.32
C LEU E 1019 -16.45 -1.42 27.19
N ILE E 1020 -16.33 -0.22 26.62
CA ILE E 1020 -16.52 1.00 27.39
C ILE E 1020 -17.96 1.11 27.87
N ARG E 1021 -18.92 0.86 26.98
CA ARG E 1021 -20.33 0.90 27.37
C ARG E 1021 -20.65 -0.19 28.37
N ALA E 1022 -19.99 -1.35 28.28
CA ALA E 1022 -20.22 -2.42 29.24
C ALA E 1022 -19.67 -2.04 30.61
N ALA E 1023 -18.53 -1.35 30.64
CA ALA E 1023 -18.02 -0.84 31.92
C ALA E 1023 -19.00 0.15 32.54
N GLU E 1024 -19.54 1.06 31.73
CA GLU E 1024 -20.52 2.02 32.24
C GLU E 1024 -21.77 1.32 32.76
N ILE E 1025 -22.28 0.36 32.00
CA ILE E 1025 -23.49 -0.36 32.40
C ILE E 1025 -23.23 -1.20 33.64
N ARG E 1026 -22.02 -1.73 33.79
CA ARG E 1026 -21.70 -2.51 34.98
C ARG E 1026 -21.58 -1.62 36.21
N ALA E 1027 -21.03 -0.41 36.04
CA ALA E 1027 -21.05 0.54 37.14
C ALA E 1027 -22.49 0.88 37.55
N SER E 1028 -23.34 1.12 36.56
CA SER E 1028 -24.75 1.42 36.85
C SER E 1028 -25.43 0.23 37.53
N ALA E 1029 -25.08 -0.99 37.13
CA ALA E 1029 -25.72 -2.18 37.71
C ALA E 1029 -25.22 -2.42 39.12
N ASN E 1030 -23.95 -2.14 39.39
CA ASN E 1030 -23.45 -2.22 40.76
C ASN E 1030 -24.14 -1.19 41.64
N LEU E 1031 -24.34 0.03 41.12
CA LEU E 1031 -25.08 1.04 41.88
C LEU E 1031 -26.50 0.58 42.12
N ALA E 1032 -27.14 -0.05 41.12
CA ALA E 1032 -28.51 -0.52 41.29
C ALA E 1032 -28.59 -1.65 42.30
N ALA E 1033 -27.59 -2.53 42.32
CA ALA E 1033 -27.58 -3.61 43.30
C ALA E 1033 -27.37 -3.07 44.70
N THR E 1034 -26.47 -2.10 44.86
CA THR E 1034 -26.28 -1.46 46.15
C THR E 1034 -27.56 -0.77 46.61
N LYS E 1035 -28.27 -0.12 45.69
CA LYS E 1035 -29.52 0.55 46.02
C LYS E 1035 -30.62 -0.45 46.39
N MET E 1036 -30.63 -1.61 45.73
CA MET E 1036 -31.61 -2.64 46.07
C MET E 1036 -31.32 -3.24 47.45
N SER E 1037 -30.03 -3.42 47.76
CA SER E 1037 -29.68 -4.02 49.04
C SER E 1037 -29.84 -3.03 50.20
N GLU E 1038 -29.66 -1.74 49.93
CA GLU E 1038 -29.67 -0.75 51.02
C GLU E 1038 -31.00 -0.03 51.14
N CYS E 1039 -31.65 0.30 50.02
CA CYS E 1039 -32.91 1.04 50.07
C CYS E 1039 -34.13 0.14 50.13
N VAL E 1040 -34.10 -1.02 49.48
CA VAL E 1040 -35.24 -1.93 49.48
C VAL E 1040 -35.15 -2.94 50.62
N LEU E 1041 -34.01 -3.61 50.75
CA LEU E 1041 -33.82 -4.60 51.80
C LEU E 1041 -33.56 -3.99 53.17
N GLY E 1042 -33.62 -2.67 53.28
CA GLY E 1042 -33.39 -2.01 54.54
C GLY E 1042 -33.79 -0.56 54.49
N GLN E 1043 -33.34 0.19 55.49
CA GLN E 1043 -33.62 1.62 55.59
C GLN E 1043 -32.28 2.35 55.72
N SER E 1044 -31.81 2.91 54.61
CA SER E 1044 -30.50 3.54 54.60
C SER E 1044 -30.54 4.90 55.28
N LYS E 1045 -29.53 5.19 56.09
CA LYS E 1045 -29.36 6.48 56.73
C LYS E 1045 -28.54 7.45 55.89
N ARG E 1046 -28.13 7.03 54.68
CA ARG E 1046 -27.34 7.89 53.80
C ARG E 1046 -28.25 8.95 53.19
N VAL E 1047 -27.78 10.19 53.17
CA VAL E 1047 -28.59 11.29 52.66
C VAL E 1047 -28.56 11.29 51.14
N ASP E 1048 -29.73 11.51 50.53
CA ASP E 1048 -29.91 11.61 49.08
C ASP E 1048 -29.50 10.34 48.34
N PHE E 1049 -29.34 9.22 49.04
CA PHE E 1049 -29.01 7.97 48.36
C PHE E 1049 -30.26 7.19 47.98
N CYS E 1050 -31.29 7.24 48.82
CA CYS E 1050 -32.54 6.56 48.53
C CYS E 1050 -33.67 7.58 48.34
N GLY E 1051 -33.39 8.67 47.64
CA GLY E 1051 -34.38 9.69 47.39
C GLY E 1051 -34.17 10.93 48.24
N LYS E 1052 -34.83 12.01 47.82
CA LYS E 1052 -34.74 13.28 48.52
C LYS E 1052 -35.56 13.24 49.80
N GLY E 1053 -34.90 13.52 50.92
CA GLY E 1053 -35.55 13.48 52.21
C GLY E 1053 -35.17 12.24 53.01
N TYR E 1054 -35.77 12.12 54.19
CA TYR E 1054 -35.52 11.00 55.07
C TYR E 1054 -36.17 9.75 54.49
N HIS E 1055 -35.34 8.79 54.08
CA HIS E 1055 -35.83 7.60 53.40
C HIS E 1055 -36.57 6.69 54.37
N LEU E 1056 -37.77 6.25 53.97
CA LEU E 1056 -38.55 5.28 54.75
C LEU E 1056 -38.41 3.88 54.18
N MET E 1057 -38.78 3.69 52.91
CA MET E 1057 -38.70 2.39 52.26
C MET E 1057 -38.75 2.62 50.76
N SER E 1058 -38.38 1.58 50.00
CA SER E 1058 -38.34 1.63 48.55
C SER E 1058 -38.97 0.37 47.97
N PHE E 1059 -39.50 0.51 46.76
CA PHE E 1059 -40.12 -0.60 46.04
C PHE E 1059 -39.54 -0.70 44.64
N PRO E 1060 -38.89 -1.81 44.30
CA PRO E 1060 -38.34 -1.95 42.95
C PRO E 1060 -39.44 -2.23 41.92
N GLN E 1061 -39.14 -1.88 40.68
CA GLN E 1061 -40.03 -2.12 39.55
C GLN E 1061 -39.23 -2.60 38.36
N SER E 1062 -39.69 -3.67 37.72
CA SER E 1062 -39.01 -4.20 36.55
C SER E 1062 -39.16 -3.26 35.36
N ALA E 1063 -38.07 -3.11 34.61
CA ALA E 1063 -38.04 -2.24 33.44
C ALA E 1063 -37.16 -2.88 32.38
N PRO E 1064 -37.44 -2.63 31.10
CA PRO E 1064 -36.60 -3.20 30.03
C PRO E 1064 -35.16 -2.77 30.13
N HIS E 1065 -34.27 -3.72 30.39
CA HIS E 1065 -32.83 -3.49 30.54
C HIS E 1065 -32.52 -2.49 31.66
N GLY E 1066 -33.32 -2.48 32.72
CA GLY E 1066 -33.10 -1.57 33.81
C GLY E 1066 -33.99 -1.88 34.99
N VAL E 1067 -33.95 -0.99 35.97
CA VAL E 1067 -34.75 -1.13 37.19
C VAL E 1067 -35.19 0.26 37.64
N VAL E 1068 -36.39 0.34 38.21
CA VAL E 1068 -36.96 1.59 38.70
C VAL E 1068 -37.26 1.42 40.18
N PHE E 1069 -36.76 2.35 40.99
CA PHE E 1069 -36.98 2.36 42.43
C PHE E 1069 -37.97 3.45 42.79
N LEU E 1070 -39.00 3.09 43.56
CA LEU E 1070 -39.97 4.06 44.06
C LEU E 1070 -39.57 4.41 45.50
N HIS E 1071 -38.87 5.52 45.67
CA HIS E 1071 -38.33 5.90 46.96
C HIS E 1071 -39.39 6.64 47.77
N VAL E 1072 -39.90 5.99 48.81
CA VAL E 1072 -40.84 6.60 49.75
C VAL E 1072 -40.04 7.29 50.83
N THR E 1073 -40.13 8.61 50.89
CA THR E 1073 -39.32 9.40 51.82
C THR E 1073 -40.21 10.22 52.72
N TYR E 1074 -39.60 10.78 53.77
CA TYR E 1074 -40.30 11.60 54.75
C TYR E 1074 -39.81 13.04 54.62
N VAL E 1075 -40.71 13.94 54.26
CA VAL E 1075 -40.40 15.34 54.05
C VAL E 1075 -41.18 16.17 55.07
N PRO E 1076 -40.52 16.87 55.98
CA PRO E 1076 -41.24 17.71 56.92
C PRO E 1076 -41.75 18.98 56.27
N ALA E 1077 -42.85 19.51 56.80
CA ALA E 1077 -43.46 20.71 56.26
C ALA E 1077 -44.18 21.45 57.37
N GLN E 1078 -44.63 22.67 57.05
CA GLN E 1078 -45.36 23.52 57.98
C GLN E 1078 -44.56 23.75 59.26
N GLU E 1079 -43.41 24.40 59.11
CA GLU E 1079 -42.52 24.61 60.24
C GLU E 1079 -42.80 25.95 60.91
N LYS E 1080 -42.69 25.99 62.23
CA LYS E 1080 -42.78 27.20 63.01
C LYS E 1080 -41.53 27.35 63.87
N ASN E 1081 -41.10 28.58 64.08
CA ASN E 1081 -39.87 28.86 64.82
C ASN E 1081 -40.19 29.25 66.26
N PHE E 1082 -39.31 28.84 67.16
CA PHE E 1082 -39.46 29.10 68.58
C PHE E 1082 -38.10 29.48 69.16
N THR E 1083 -38.11 29.90 70.42
CA THR E 1083 -36.87 30.23 71.11
C THR E 1083 -36.33 29.01 71.84
N THR E 1084 -35.04 28.75 71.68
CA THR E 1084 -34.41 27.58 72.26
C THR E 1084 -33.34 28.01 73.26
N ALA E 1085 -32.84 27.03 74.01
CA ALA E 1085 -31.78 27.23 74.99
C ALA E 1085 -31.00 25.92 75.13
N PRO E 1086 -29.67 26.00 75.25
CA PRO E 1086 -28.88 24.77 75.39
C PRO E 1086 -29.21 23.98 76.65
N ALA E 1087 -29.46 24.65 77.77
CA ALA E 1087 -29.73 23.96 79.03
C ALA E 1087 -30.73 24.77 79.83
N ILE E 1088 -31.16 24.18 80.96
CA ILE E 1088 -32.12 24.80 81.86
C ILE E 1088 -31.63 24.61 83.29
N CYS E 1089 -31.59 25.71 84.03
CA CYS E 1089 -31.10 25.70 85.41
C CYS E 1089 -32.28 25.82 86.38
N HIS E 1090 -32.57 24.73 87.09
CA HIS E 1090 -33.66 24.75 88.04
C HIS E 1090 -33.17 24.59 89.48
N ASP E 1091 -32.49 23.49 89.76
CA ASP E 1091 -31.98 23.25 91.11
C ASP E 1091 -30.50 23.59 91.19
N GLY E 1092 -30.13 24.79 90.73
CA GLY E 1092 -28.74 25.16 90.65
C GLY E 1092 -27.88 24.26 89.79
N LYS E 1093 -28.48 23.37 89.01
CA LYS E 1093 -27.76 22.44 88.16
C LYS E 1093 -28.34 22.49 86.76
N ALA E 1094 -27.46 22.41 85.76
CA ALA E 1094 -27.87 22.50 84.36
C ALA E 1094 -28.51 21.19 83.91
N HIS E 1095 -29.66 21.29 83.25
CA HIS E 1095 -30.37 20.14 82.71
C HIS E 1095 -30.31 20.15 81.20
N PHE E 1096 -30.02 18.99 80.61
CA PHE E 1096 -29.94 18.83 79.18
C PHE E 1096 -30.95 17.81 78.70
N PRO E 1097 -31.57 18.03 77.54
CA PRO E 1097 -32.57 17.08 77.06
C PRO E 1097 -31.94 15.76 76.62
N ARG E 1098 -32.58 14.66 77.02
CA ARG E 1098 -32.08 13.34 76.64
C ARG E 1098 -32.26 13.09 75.15
N GLU E 1099 -33.49 13.25 74.65
CA GLU E 1099 -33.75 13.12 73.23
C GLU E 1099 -34.78 14.17 72.80
N GLY E 1100 -34.30 15.32 72.35
CA GLY E 1100 -35.19 16.38 71.96
C GLY E 1100 -34.51 17.73 72.03
N VAL E 1101 -35.31 18.78 72.00
CA VAL E 1101 -34.82 20.15 72.01
C VAL E 1101 -35.80 21.01 72.80
N PHE E 1102 -35.25 21.93 73.60
CA PHE E 1102 -36.07 22.86 74.36
C PHE E 1102 -36.65 23.93 73.44
N VAL E 1103 -37.96 24.14 73.53
CA VAL E 1103 -38.65 25.13 72.72
C VAL E 1103 -39.38 26.09 73.64
N SER E 1104 -39.80 27.23 73.10
CA SER E 1104 -40.46 28.27 73.87
C SER E 1104 -41.92 28.37 73.44
N ASN E 1105 -42.81 28.44 74.42
CA ASN E 1105 -44.24 28.60 74.21
C ASN E 1105 -44.58 30.08 74.11
N GLY E 1106 -43.55 30.93 74.18
CA GLY E 1106 -43.75 32.35 74.32
C GLY E 1106 -43.70 32.77 75.77
N THR E 1107 -44.44 32.04 76.62
CA THR E 1107 -44.42 32.24 78.06
C THR E 1107 -44.06 30.98 78.83
N HIS E 1108 -43.90 29.86 78.16
CA HIS E 1108 -43.53 28.60 78.80
C HIS E 1108 -42.43 27.92 78.00
N TRP E 1109 -41.89 26.85 78.58
CA TRP E 1109 -40.84 26.06 77.95
C TRP E 1109 -41.26 24.61 77.87
N PHE E 1110 -40.99 23.98 76.73
CA PHE E 1110 -41.32 22.58 76.50
C PHE E 1110 -40.12 21.86 75.90
N VAL E 1111 -40.19 20.54 75.92
CA VAL E 1111 -39.19 19.68 75.29
C VAL E 1111 -39.89 18.80 74.27
N THR E 1112 -39.37 18.79 73.04
CA THR E 1112 -39.99 18.05 71.96
C THR E 1112 -38.91 17.46 71.06
N GLN E 1113 -39.27 16.41 70.33
CA GLN E 1113 -38.36 15.80 69.38
C GLN E 1113 -38.00 16.78 68.28
N ARG E 1114 -36.80 16.61 67.72
CA ARG E 1114 -36.24 17.57 66.79
C ARG E 1114 -36.80 17.45 65.38
N ASN E 1115 -37.65 16.45 65.11
CA ASN E 1115 -38.20 16.25 63.77
C ASN E 1115 -39.71 16.41 63.71
N PHE E 1116 -40.37 16.69 64.83
CA PHE E 1116 -41.82 16.86 64.85
C PHE E 1116 -42.19 17.63 66.11
N TYR E 1117 -43.06 18.63 65.95
CA TYR E 1117 -43.46 19.47 67.07
C TYR E 1117 -44.47 18.74 67.93
N GLU E 1118 -44.02 18.26 69.09
CA GLU E 1118 -44.90 17.59 70.05
C GLU E 1118 -44.48 18.02 71.45
N PRO E 1119 -45.06 19.11 71.96
CA PRO E 1119 -44.61 19.65 73.24
C PRO E 1119 -44.92 18.72 74.40
N GLN E 1120 -43.96 18.61 75.31
CA GLN E 1120 -44.12 17.84 76.53
C GLN E 1120 -43.58 18.63 77.71
N ILE E 1121 -44.18 18.42 78.88
CA ILE E 1121 -43.73 19.08 80.09
C ILE E 1121 -42.30 18.62 80.42
N ILE E 1122 -41.45 19.56 80.77
CA ILE E 1122 -40.03 19.28 81.00
C ILE E 1122 -39.88 18.65 82.38
N THR E 1123 -39.90 17.32 82.43
CA THR E 1123 -39.77 16.59 83.67
C THR E 1123 -38.35 16.04 83.83
N THR E 1124 -38.14 15.29 84.90
CA THR E 1124 -36.85 14.66 85.14
C THR E 1124 -36.61 13.45 84.24
N ASP E 1125 -37.66 12.92 83.60
CA ASP E 1125 -37.49 11.79 82.70
C ASP E 1125 -37.06 12.23 81.30
N ASN E 1126 -37.39 13.45 80.91
CA ASN E 1126 -37.01 13.96 79.59
C ASN E 1126 -35.63 14.62 79.58
N THR E 1127 -35.08 14.95 80.74
CA THR E 1127 -33.80 15.65 80.82
C THR E 1127 -32.86 14.91 81.76
N PHE E 1128 -31.57 15.12 81.54
CA PHE E 1128 -30.53 14.59 82.42
C PHE E 1128 -29.65 15.74 82.91
N VAL E 1129 -29.25 15.65 84.17
CA VAL E 1129 -28.50 16.70 84.85
C VAL E 1129 -27.01 16.40 84.70
N SER E 1130 -26.23 17.44 84.40
CA SER E 1130 -24.79 17.29 84.25
C SER E 1130 -24.13 18.63 84.50
N GLY E 1131 -23.42 18.75 85.62
CA GLY E 1131 -22.66 19.95 85.92
C GLY E 1131 -23.52 21.08 86.47
N ASN E 1132 -22.86 22.21 86.72
CA ASN E 1132 -23.51 23.39 87.26
C ASN E 1132 -23.99 24.30 86.12
N CYS E 1133 -24.41 25.50 86.49
CA CYS E 1133 -25.03 26.41 85.54
C CYS E 1133 -24.12 27.55 85.09
N ASP E 1134 -22.97 27.75 85.74
CA ASP E 1134 -22.09 28.84 85.37
C ASP E 1134 -21.11 28.48 84.27
N VAL E 1135 -21.27 27.33 83.62
CA VAL E 1135 -20.35 26.91 82.56
C VAL E 1135 -21.02 26.74 81.21
N VAL E 1136 -22.31 27.03 81.10
CA VAL E 1136 -23.07 26.87 79.86
C VAL E 1136 -23.52 28.24 79.38
N ILE E 1137 -23.29 28.52 78.10
CA ILE E 1137 -23.70 29.79 77.51
C ILE E 1137 -25.11 29.66 76.97
N GLY E 1138 -25.96 30.64 77.29
CA GLY E 1138 -27.32 30.65 76.83
C GLY E 1138 -28.30 29.86 77.69
N ILE E 1139 -27.89 29.45 78.89
CA ILE E 1139 -28.79 28.69 79.75
C ILE E 1139 -29.89 29.60 80.28
N VAL E 1140 -31.09 29.03 80.46
CA VAL E 1140 -32.24 29.78 80.94
C VAL E 1140 -32.74 29.16 82.23
N ASN E 1141 -33.63 29.89 82.91
CA ASN E 1141 -34.23 29.45 84.15
C ASN E 1141 -35.63 28.94 83.90
N ASN E 1142 -35.91 27.72 84.35
CA ASN E 1142 -37.23 27.12 84.23
C ASN E 1142 -37.31 25.94 85.18
N THR E 1143 -38.52 25.71 85.69
CA THR E 1143 -38.73 24.63 86.64
C THR E 1143 -38.77 23.28 85.94
N VAL E 1144 -38.17 22.28 86.58
CA VAL E 1144 -38.16 20.90 86.09
C VAL E 1144 -39.12 20.10 86.95
N TYR E 1145 -40.18 19.57 86.34
CA TYR E 1145 -41.22 18.86 87.07
C TYR E 1145 -40.68 17.54 87.60
N ASP E 1146 -40.93 17.29 88.88
CA ASP E 1146 -40.52 16.03 89.51
C ASP E 1146 -41.74 15.18 89.75
N PRO E 1147 -41.81 13.97 89.21
CA PRO E 1147 -43.00 13.12 89.42
C PRO E 1147 -43.22 12.73 90.88
N LEU E 1148 -42.19 12.81 91.73
CA LEU E 1148 -42.34 12.49 93.14
C LEU E 1148 -42.69 13.71 93.99
N GLN E 1149 -42.80 14.89 93.38
CA GLN E 1149 -43.09 16.12 94.10
C GLN E 1149 -44.56 16.21 94.52
N PRO E 1150 -45.54 16.01 93.62
CA PRO E 1150 -46.94 16.19 94.03
C PRO E 1150 -47.46 15.13 94.99
N GLU E 1151 -46.67 14.10 95.29
CA GLU E 1151 -47.11 13.06 96.20
C GLU E 1151 -47.09 13.55 97.65
N GLU F 1 -2.72 -32.15 -19.94
CA GLU F 1 -2.69 -30.85 -20.61
C GLU F 1 -3.89 -30.66 -21.51
N VAL F 2 -4.18 -29.40 -21.86
CA VAL F 2 -5.30 -29.10 -22.74
C VAL F 2 -4.95 -29.53 -24.16
N GLN F 3 -5.77 -30.40 -24.74
CA GLN F 3 -5.52 -30.90 -26.09
C GLN F 3 -6.83 -31.38 -26.69
N LEU F 4 -6.83 -31.52 -28.01
CA LEU F 4 -8.00 -31.95 -28.77
C LEU F 4 -7.68 -33.27 -29.45
N ALA F 5 -8.55 -34.26 -29.29
CA ALA F 5 -8.39 -35.56 -29.91
C ALA F 5 -9.03 -35.57 -31.30
N GLU F 6 -8.67 -36.58 -32.09
CA GLU F 6 -9.20 -36.74 -33.44
C GLU F 6 -9.11 -38.19 -33.85
N SER F 7 -10.10 -38.62 -34.64
CA SER F 7 -10.16 -39.99 -35.13
C SER F 7 -11.21 -40.06 -36.23
N GLY F 8 -11.09 -41.10 -37.07
CA GLY F 8 -12.04 -41.35 -38.13
C GLY F 8 -11.51 -41.05 -39.52
N GLY F 9 -10.42 -40.32 -39.65
CA GLY F 9 -9.89 -39.99 -40.96
C GLY F 9 -9.17 -41.16 -41.58
N GLY F 10 -9.45 -41.43 -42.85
CA GLY F 10 -8.81 -42.53 -43.54
C GLY F 10 -9.24 -42.60 -44.98
N LEU F 11 -8.86 -43.69 -45.63
CA LEU F 11 -9.21 -43.90 -47.02
C LEU F 11 -10.70 -44.20 -47.15
N VAL F 12 -11.30 -43.70 -48.24
CA VAL F 12 -12.74 -43.87 -48.46
C VAL F 12 -13.00 -43.81 -49.96
N GLN F 13 -13.98 -44.58 -50.41
CA GLN F 13 -14.37 -44.55 -51.81
C GLN F 13 -14.98 -43.20 -52.17
N PRO F 14 -14.88 -42.77 -53.42
CA PRO F 14 -15.50 -41.50 -53.83
C PRO F 14 -17.00 -41.52 -53.62
N GLY F 15 -17.49 -40.50 -52.91
CA GLY F 15 -18.90 -40.41 -52.59
C GLY F 15 -19.35 -41.23 -51.40
N GLY F 16 -18.47 -42.01 -50.78
CA GLY F 16 -18.86 -42.80 -49.63
C GLY F 16 -19.02 -41.96 -48.38
N SER F 17 -19.90 -42.41 -47.49
CA SER F 17 -20.13 -41.70 -46.25
C SER F 17 -18.92 -41.82 -45.34
N LEU F 18 -18.64 -40.74 -44.60
CA LEU F 18 -17.51 -40.71 -43.68
C LEU F 18 -17.86 -39.79 -42.51
N ARG F 19 -17.49 -40.23 -41.31
CA ARG F 19 -17.77 -39.49 -40.08
C ARG F 19 -16.46 -39.25 -39.34
N LEU F 20 -16.19 -37.98 -39.03
CA LEU F 20 -15.02 -37.62 -38.24
C LEU F 20 -15.42 -37.42 -36.78
N SER F 21 -14.43 -37.45 -35.90
CA SER F 21 -14.66 -37.30 -34.47
C SER F 21 -13.56 -36.44 -33.87
N CYS F 22 -13.95 -35.59 -32.91
CA CYS F 22 -13.02 -34.76 -32.18
C CYS F 22 -13.45 -34.70 -30.72
N ALA F 23 -12.47 -34.80 -29.82
CA ALA F 23 -12.73 -34.84 -28.39
C ALA F 23 -11.85 -33.82 -27.70
N ALA F 24 -12.47 -32.89 -26.97
CA ALA F 24 -11.74 -31.87 -26.25
C ALA F 24 -11.47 -32.30 -24.81
N SER F 25 -10.48 -31.66 -24.20
CA SER F 25 -10.11 -31.96 -22.82
C SER F 25 -9.30 -30.81 -22.25
N GLY F 26 -9.56 -30.48 -20.98
CA GLY F 26 -8.81 -29.47 -20.28
C GLY F 26 -9.48 -28.12 -20.16
N PHE F 27 -10.72 -27.98 -20.62
CA PHE F 27 -11.42 -26.69 -20.55
C PHE F 27 -12.92 -26.92 -20.63
N THR F 28 -13.67 -25.87 -20.34
CA THR F 28 -15.12 -25.90 -20.46
C THR F 28 -15.50 -25.93 -21.94
N PHE F 29 -15.92 -27.10 -22.41
CA PHE F 29 -16.19 -27.26 -23.84
C PHE F 29 -17.52 -26.62 -24.23
N SER F 30 -18.46 -26.49 -23.29
CA SER F 30 -19.78 -25.98 -23.61
C SER F 30 -19.81 -24.48 -23.88
N THR F 31 -18.73 -23.75 -23.56
CA THR F 31 -18.70 -22.30 -23.71
C THR F 31 -17.72 -21.83 -24.77
N TYR F 32 -17.41 -22.67 -25.76
CA TYR F 32 -16.48 -22.31 -26.83
C TYR F 32 -16.96 -22.87 -28.15
N ASP F 33 -16.77 -22.11 -29.22
CA ASP F 33 -17.15 -22.56 -30.55
C ASP F 33 -16.04 -23.40 -31.16
N MET F 34 -16.42 -24.29 -32.08
CA MET F 34 -15.49 -25.20 -32.72
C MET F 34 -15.52 -24.97 -34.23
N HIS F 35 -14.35 -25.09 -34.86
CA HIS F 35 -14.20 -24.86 -36.29
C HIS F 35 -13.46 -26.05 -36.92
N TRP F 36 -13.74 -26.29 -38.19
CA TRP F 36 -13.10 -27.36 -38.95
C TRP F 36 -12.35 -26.75 -40.13
N VAL F 37 -11.03 -26.94 -40.15
CA VAL F 37 -10.17 -26.40 -41.20
C VAL F 37 -9.36 -27.53 -41.80
N ARG F 38 -9.32 -27.59 -43.13
CA ARG F 38 -8.56 -28.60 -43.85
C ARG F 38 -7.32 -27.96 -44.46
N GLN F 39 -6.40 -28.81 -44.89
CA GLN F 39 -5.16 -28.36 -45.51
C GLN F 39 -4.73 -29.42 -46.52
N VAL F 40 -4.85 -29.09 -47.81
CA VAL F 40 -4.43 -30.03 -48.85
C VAL F 40 -2.91 -30.17 -48.83
N THR F 41 -2.43 -31.35 -49.20
CA THR F 41 -0.99 -31.60 -49.25
C THR F 41 -0.32 -30.63 -50.22
N GLY F 42 0.58 -29.82 -49.70
CA GLY F 42 1.22 -28.79 -50.49
C GLY F 42 0.48 -27.47 -50.54
N ASN F 43 -0.71 -27.39 -49.94
CA ASN F 43 -1.49 -26.17 -49.92
C ASN F 43 -1.59 -25.62 -48.50
N GLY F 44 -2.25 -24.47 -48.38
CA GLY F 44 -2.43 -23.83 -47.10
C GLY F 44 -3.69 -24.29 -46.39
N LEU F 45 -4.04 -23.57 -45.33
CA LEU F 45 -5.24 -23.87 -44.57
C LEU F 45 -6.48 -23.40 -45.31
N GLU F 46 -7.58 -24.11 -45.09
CA GLU F 46 -8.85 -23.77 -45.73
C GLU F 46 -9.98 -24.11 -44.78
N TRP F 47 -10.76 -23.11 -44.40
CA TRP F 47 -11.89 -23.32 -43.50
C TRP F 47 -12.97 -24.15 -44.17
N VAL F 48 -13.47 -25.15 -43.45
CA VAL F 48 -14.48 -26.08 -43.97
C VAL F 48 -15.85 -25.80 -43.37
N SER F 49 -15.97 -25.91 -42.05
CA SER F 49 -17.25 -25.70 -41.37
C SER F 49 -16.98 -25.33 -39.93
N THR F 50 -18.04 -24.93 -39.23
CA THR F 50 -17.96 -24.56 -37.83
C THR F 50 -19.34 -24.66 -37.20
N ILE F 51 -19.38 -24.63 -35.88
CA ILE F 51 -20.62 -24.67 -35.11
C ILE F 51 -20.43 -23.82 -33.86
N GLY F 52 -21.41 -22.95 -33.58
CA GLY F 52 -21.34 -22.08 -32.44
C GLY F 52 -21.87 -22.71 -31.17
N THR F 53 -21.89 -21.91 -30.10
CA THR F 53 -22.38 -22.39 -28.81
C THR F 53 -23.86 -22.73 -28.86
N GLY F 54 -24.65 -21.93 -29.57
CA GLY F 54 -26.08 -22.15 -29.66
C GLY F 54 -26.51 -23.27 -30.58
N GLY F 55 -25.57 -24.01 -31.15
CA GLY F 55 -25.91 -25.12 -32.03
C GLY F 55 -26.07 -24.76 -33.49
N ASP F 56 -25.93 -23.48 -33.84
CA ASP F 56 -26.02 -23.09 -35.25
C ASP F 56 -24.81 -23.59 -36.02
N THR F 57 -25.03 -23.98 -37.26
CA THR F 57 -24.00 -24.56 -38.11
C THR F 57 -23.71 -23.66 -39.28
N TYR F 58 -22.47 -23.71 -39.77
CA TYR F 58 -22.05 -22.92 -40.91
C TYR F 58 -21.07 -23.75 -41.75
N TYR F 59 -21.12 -23.55 -43.07
CA TYR F 59 -20.30 -24.32 -43.98
C TYR F 59 -19.75 -23.39 -45.06
N SER F 60 -18.81 -23.90 -45.84
CA SER F 60 -18.22 -23.13 -46.92
C SER F 60 -19.03 -23.29 -48.20
N ASP F 61 -18.59 -22.59 -49.25
CA ASP F 61 -19.31 -22.64 -50.52
C ASP F 61 -19.22 -24.02 -51.16
N SER F 62 -18.00 -24.54 -51.33
CA SER F 62 -17.80 -25.88 -51.85
C SER F 62 -18.01 -26.96 -50.80
N VAL F 63 -18.45 -26.59 -49.60
CA VAL F 63 -18.64 -27.52 -48.49
C VAL F 63 -20.12 -27.73 -48.18
N LYS F 64 -20.91 -26.65 -48.21
CA LYS F 64 -22.33 -26.74 -47.91
C LYS F 64 -23.03 -27.66 -48.90
N GLY F 65 -24.01 -28.41 -48.41
CA GLY F 65 -24.76 -29.32 -49.24
C GLY F 65 -24.37 -30.78 -49.12
N ARG F 66 -23.17 -31.07 -48.61
CA ARG F 66 -22.72 -32.46 -48.49
C ARG F 66 -22.13 -32.73 -47.11
N PHE F 67 -21.72 -31.67 -46.41
CA PHE F 67 -21.19 -31.81 -45.07
C PHE F 67 -22.28 -31.58 -44.03
N THR F 68 -22.00 -32.03 -42.80
CA THR F 68 -22.91 -31.83 -41.69
C THR F 68 -22.12 -31.88 -40.40
N VAL F 69 -21.96 -30.73 -39.75
CA VAL F 69 -21.21 -30.66 -38.51
C VAL F 69 -22.17 -30.81 -37.33
N SER F 70 -21.76 -31.62 -36.35
CA SER F 70 -22.57 -31.84 -35.16
C SER F 70 -21.68 -31.78 -33.93
N ARG F 71 -22.28 -31.39 -32.81
CA ARG F 71 -21.54 -31.26 -31.56
C ARG F 71 -22.48 -31.53 -30.40
N GLU F 72 -21.97 -32.26 -29.41
CA GLU F 72 -22.70 -32.57 -28.20
C GLU F 72 -22.09 -31.82 -27.02
N ASN F 73 -22.95 -31.21 -26.20
CA ASN F 73 -22.47 -30.48 -25.04
C ASN F 73 -21.80 -31.38 -24.02
N ALA F 74 -22.26 -32.62 -23.90
CA ALA F 74 -21.65 -33.57 -22.96
C ALA F 74 -20.56 -34.38 -23.66
N LYS F 75 -19.71 -34.99 -22.84
CA LYS F 75 -18.64 -35.89 -23.30
C LYS F 75 -17.58 -35.15 -24.11
N ASN F 76 -17.74 -33.84 -24.29
CA ASN F 76 -16.81 -33.02 -25.06
C ASN F 76 -16.57 -33.60 -26.45
N ALA F 77 -17.62 -34.15 -27.06
CA ALA F 77 -17.52 -34.83 -28.34
C ALA F 77 -17.89 -33.89 -29.48
N LEU F 78 -17.06 -33.87 -30.51
CA LEU F 78 -17.32 -33.09 -31.73
C LEU F 78 -17.24 -34.02 -32.94
N PHE F 79 -18.18 -33.85 -33.86
CA PHE F 79 -18.25 -34.69 -35.03
C PHE F 79 -18.42 -33.83 -36.28
N LEU F 80 -18.17 -34.44 -37.43
CA LEU F 80 -18.31 -33.78 -38.73
C LEU F 80 -18.72 -34.84 -39.75
N GLN F 81 -20.02 -34.94 -40.01
CA GLN F 81 -20.54 -35.91 -40.96
C GLN F 81 -20.20 -35.46 -42.38
N ILE F 82 -19.60 -36.36 -43.15
CA ILE F 82 -19.15 -36.06 -44.50
C ILE F 82 -19.77 -37.07 -45.46
N ASN F 83 -20.31 -36.58 -46.58
CA ASN F 83 -20.90 -37.41 -47.60
C ASN F 83 -20.58 -36.83 -48.97
N GLY F 84 -20.66 -37.68 -49.99
CA GLY F 84 -20.39 -37.24 -51.34
C GLY F 84 -18.97 -36.77 -51.57
N LEU F 85 -17.99 -37.50 -51.06
CA LEU F 85 -16.59 -37.09 -51.20
C LEU F 85 -16.11 -37.30 -52.62
N ARG F 86 -15.08 -36.53 -52.99
CA ARG F 86 -14.47 -36.63 -54.30
C ARG F 86 -12.96 -36.52 -54.15
N ALA F 87 -12.25 -36.69 -55.27
CA ALA F 87 -10.79 -36.65 -55.24
C ALA F 87 -10.27 -35.29 -54.82
N GLY F 88 -11.01 -34.23 -55.14
CA GLY F 88 -10.58 -32.88 -54.79
C GLY F 88 -10.68 -32.55 -53.32
N ASP F 89 -11.26 -33.44 -52.51
CA ASP F 89 -11.44 -33.19 -51.09
C ASP F 89 -10.33 -33.79 -50.23
N THR F 90 -9.31 -34.40 -50.85
CA THR F 90 -8.20 -34.98 -50.09
C THR F 90 -7.38 -33.90 -49.41
N ALA F 91 -7.44 -33.85 -48.08
CA ALA F 91 -6.74 -32.83 -47.32
C ALA F 91 -6.60 -33.29 -45.88
N VAL F 92 -5.76 -32.59 -45.13
CA VAL F 92 -5.57 -32.87 -43.71
C VAL F 92 -6.48 -31.96 -42.90
N TYR F 93 -7.44 -32.56 -42.20
CA TYR F 93 -8.42 -31.82 -41.42
C TYR F 93 -7.91 -31.66 -39.98
N TYR F 94 -8.06 -30.45 -39.44
CA TYR F 94 -7.61 -30.13 -38.09
C TYR F 94 -8.80 -29.68 -37.26
N CYS F 95 -8.92 -30.25 -36.06
CA CYS F 95 -9.95 -29.81 -35.13
C CYS F 95 -9.47 -28.58 -34.37
N ALA F 96 -10.21 -27.48 -34.48
CA ALA F 96 -9.78 -26.21 -33.89
C ALA F 96 -10.92 -25.63 -33.07
N ARG F 97 -10.55 -24.87 -32.04
CA ARG F 97 -11.49 -24.24 -31.14
C ARG F 97 -11.49 -22.74 -31.37
N GLY F 98 -12.67 -22.13 -31.34
CA GLY F 98 -12.80 -20.70 -31.48
C GLY F 98 -12.63 -19.95 -30.17
N GLY F 99 -11.65 -19.05 -30.12
CA GLY F 99 -11.39 -18.32 -28.89
C GLY F 99 -12.48 -17.31 -28.59
N SER F 100 -12.54 -16.93 -27.31
CA SER F 100 -13.54 -15.95 -26.88
C SER F 100 -13.17 -14.56 -27.38
N GLY F 101 -14.18 -13.80 -27.76
CA GLY F 101 -14.01 -12.46 -28.27
C GLY F 101 -15.15 -12.10 -29.18
N GLN F 102 -14.88 -11.19 -30.13
CA GLN F 102 -15.89 -10.73 -31.07
C GLN F 102 -15.66 -11.22 -32.49
N PHE F 103 -14.47 -11.73 -32.81
CA PHE F 103 -14.17 -12.22 -34.14
C PHE F 103 -13.68 -13.66 -34.06
N TRP F 104 -13.72 -14.36 -35.18
CA TRP F 104 -13.34 -15.77 -35.22
C TRP F 104 -11.83 -15.89 -35.32
N TYR F 105 -11.22 -16.45 -34.27
CA TYR F 105 -9.78 -16.73 -34.27
C TYR F 105 -9.55 -18.06 -33.59
N PHE F 106 -8.57 -18.80 -34.10
CA PHE F 106 -8.28 -20.16 -33.65
C PHE F 106 -7.18 -20.09 -32.60
N ASP F 107 -7.59 -20.23 -31.33
CA ASP F 107 -6.65 -20.18 -30.22
C ASP F 107 -6.15 -21.56 -29.80
N LEU F 108 -6.89 -22.62 -30.14
CA LEU F 108 -6.49 -23.98 -29.77
C LEU F 108 -6.63 -24.88 -30.99
N TRP F 109 -5.60 -25.69 -31.21
CA TRP F 109 -5.57 -26.61 -32.35
C TRP F 109 -5.40 -28.03 -31.86
N GLY F 110 -5.99 -28.97 -32.61
CA GLY F 110 -5.84 -30.38 -32.30
C GLY F 110 -4.69 -31.02 -33.05
N ARG F 111 -4.58 -32.34 -32.88
CA ARG F 111 -3.52 -33.09 -33.56
C ARG F 111 -3.73 -33.16 -35.06
N GLY F 112 -4.97 -33.06 -35.53
CA GLY F 112 -5.25 -33.11 -36.95
C GLY F 112 -5.37 -34.52 -37.48
N THR F 113 -6.29 -34.73 -38.43
CA THR F 113 -6.52 -36.03 -39.03
C THR F 113 -6.38 -35.93 -40.55
N LEU F 114 -6.01 -37.04 -41.17
CA LEU F 114 -5.81 -37.12 -42.60
C LEU F 114 -6.99 -37.86 -43.24
N VAL F 115 -7.53 -37.28 -44.31
CA VAL F 115 -8.63 -37.88 -45.06
C VAL F 115 -8.23 -37.93 -46.52
N THR F 116 -8.23 -39.14 -47.10
CA THR F 116 -7.87 -39.35 -48.48
C THR F 116 -9.02 -40.05 -49.19
N VAL F 117 -9.39 -39.55 -50.36
CA VAL F 117 -10.50 -40.09 -51.15
C VAL F 117 -9.90 -40.70 -52.42
N SER F 118 -9.95 -42.03 -52.52
CA SER F 118 -9.41 -42.72 -53.68
C SER F 118 -10.08 -44.08 -53.78
N SER F 119 -10.13 -44.59 -55.01
CA SER F 119 -10.73 -45.90 -55.27
C SER F 119 -9.71 -47.03 -55.32
N ALA F 120 -8.41 -46.71 -55.26
CA ALA F 120 -7.38 -47.73 -55.31
C ALA F 120 -7.26 -48.43 -53.96
N SER F 121 -6.29 -49.35 -53.87
CA SER F 121 -6.06 -50.11 -52.66
C SER F 121 -4.56 -50.27 -52.46
N THR F 122 -4.20 -50.88 -51.33
CA THR F 122 -2.80 -51.11 -51.00
C THR F 122 -2.20 -52.15 -51.93
N LYS F 123 -1.04 -51.82 -52.50
CA LYS F 123 -0.33 -52.72 -53.39
C LYS F 123 1.14 -52.77 -53.00
N GLY F 124 1.71 -53.97 -53.07
CA GLY F 124 3.09 -54.19 -52.72
C GLY F 124 4.04 -53.51 -53.68
N PRO F 125 4.92 -52.66 -53.15
CA PRO F 125 5.88 -51.96 -54.01
C PRO F 125 7.05 -52.84 -54.39
N SER F 126 7.72 -52.45 -55.47
CA SER F 126 8.90 -53.14 -55.97
C SER F 126 10.10 -52.21 -55.87
N VAL F 127 11.24 -52.75 -55.43
CA VAL F 127 12.47 -51.98 -55.25
C VAL F 127 13.30 -52.11 -56.51
N PHE F 128 13.75 -50.98 -57.03
CA PHE F 128 14.54 -50.96 -58.26
C PHE F 128 15.92 -50.36 -58.01
N THR F 141 34.22 -42.89 -53.97
CA THR F 141 32.99 -42.42 -53.35
C THR F 141 31.95 -42.03 -54.39
N ALA F 142 30.80 -42.70 -54.36
CA ALA F 142 29.73 -42.44 -55.30
C ALA F 142 28.40 -42.51 -54.57
N ALA F 143 27.40 -41.85 -55.14
CA ALA F 143 26.06 -41.81 -54.57
C ALA F 143 25.08 -42.42 -55.56
N LEU F 144 24.22 -43.31 -55.08
CA LEU F 144 23.23 -43.98 -55.91
C LEU F 144 21.94 -44.14 -55.11
N GLY F 145 20.89 -44.57 -55.80
CA GLY F 145 19.60 -44.74 -55.16
C GLY F 145 18.81 -45.86 -55.79
N CYS F 146 17.79 -46.30 -55.06
CA CYS F 146 16.89 -47.36 -55.51
C CYS F 146 15.51 -46.76 -55.75
N LEU F 147 15.01 -46.88 -56.98
CA LEU F 147 13.70 -46.36 -57.31
C LEU F 147 12.61 -47.28 -56.78
N VAL F 148 11.55 -46.67 -56.25
CA VAL F 148 10.41 -47.41 -55.70
C VAL F 148 9.17 -46.99 -56.48
N LYS F 149 8.36 -47.98 -56.86
CA LYS F 149 7.13 -47.73 -57.59
C LYS F 149 6.01 -48.53 -56.95
N ASP F 150 4.77 -48.12 -57.23
CA ASP F 150 3.57 -48.77 -56.70
C ASP F 150 3.55 -48.75 -55.17
N TYR F 151 3.74 -47.58 -54.58
CA TYR F 151 3.79 -47.45 -53.14
C TYR F 151 2.41 -47.10 -52.57
N PHE F 152 2.37 -46.90 -51.26
CA PHE F 152 1.14 -46.63 -50.54
C PHE F 152 1.48 -45.84 -49.29
N PRO F 153 0.58 -44.97 -48.83
CA PRO F 153 0.83 -44.25 -47.57
C PRO F 153 1.19 -45.20 -46.44
N GLU F 154 2.35 -44.95 -45.82
CA GLU F 154 2.93 -45.86 -44.84
C GLU F 154 3.39 -45.09 -43.61
N PRO F 155 3.41 -45.72 -42.44
CA PRO F 155 3.95 -45.09 -41.23
C PRO F 155 5.44 -45.32 -40.97
N VAL F 156 6.17 -45.89 -41.93
CA VAL F 156 7.58 -46.22 -41.76
C VAL F 156 8.40 -45.49 -42.81
N THR F 157 9.71 -45.72 -42.77
CA THR F 157 10.65 -45.06 -43.67
C THR F 157 11.48 -46.11 -44.40
N VAL F 158 12.33 -45.64 -45.31
CA VAL F 158 13.19 -46.53 -46.09
C VAL F 158 14.54 -46.66 -45.40
N SER F 159 15.19 -47.81 -45.61
CA SER F 159 16.49 -48.08 -45.01
C SER F 159 17.39 -48.73 -46.05
N TRP F 160 18.63 -48.96 -45.66
CA TRP F 160 19.63 -49.59 -46.51
C TRP F 160 20.37 -50.66 -45.72
N ASN F 161 21.17 -51.44 -46.43
CA ASN F 161 21.93 -52.56 -45.86
C ASN F 161 21.00 -53.52 -45.12
N SER F 162 19.86 -53.83 -45.76
CA SER F 162 18.83 -54.68 -45.20
C SER F 162 18.27 -54.13 -43.89
N GLY F 163 18.32 -52.81 -43.71
CA GLY F 163 17.82 -52.16 -42.51
C GLY F 163 18.90 -51.70 -41.55
N ALA F 164 20.18 -52.00 -41.84
CA ALA F 164 21.26 -51.63 -40.94
C ALA F 164 21.84 -50.26 -41.23
N LEU F 165 21.60 -49.71 -42.42
CA LEU F 165 22.16 -48.41 -42.81
C LEU F 165 21.02 -47.40 -42.86
N THR F 166 21.01 -46.47 -41.89
CA THR F 166 20.00 -45.42 -41.84
C THR F 166 20.56 -44.03 -41.61
N SER F 167 21.87 -43.86 -41.41
CA SER F 167 22.41 -42.53 -41.13
C SER F 167 22.48 -41.68 -42.40
N GLY F 168 23.24 -42.13 -43.39
CA GLY F 168 23.39 -41.42 -44.64
C GLY F 168 22.33 -41.70 -45.68
N VAL F 169 21.10 -41.98 -45.27
CA VAL F 169 20.01 -42.30 -46.17
C VAL F 169 19.06 -41.11 -46.24
N HIS F 170 18.69 -40.72 -47.45
CA HIS F 170 17.74 -39.64 -47.68
C HIS F 170 16.53 -40.18 -48.43
N THR F 171 15.34 -39.84 -47.93
CA THR F 171 14.08 -40.35 -48.50
C THR F 171 13.26 -39.14 -48.94
N PHE F 172 13.05 -39.02 -50.26
CA PHE F 172 12.25 -37.93 -50.78
C PHE F 172 10.77 -38.21 -50.53
N PRO F 173 9.97 -37.15 -50.37
CA PRO F 173 8.51 -37.35 -50.24
C PRO F 173 7.94 -38.04 -51.47
N ALA F 174 6.84 -38.76 -51.25
CA ALA F 174 6.23 -39.54 -52.33
C ALA F 174 5.43 -38.64 -53.27
N VAL F 175 5.14 -39.17 -54.46
CA VAL F 175 4.33 -38.50 -55.46
C VAL F 175 3.24 -39.45 -55.92
N LEU F 176 2.08 -38.91 -56.23
CA LEU F 176 0.95 -39.73 -56.62
C LEU F 176 1.10 -40.22 -58.05
N GLN F 177 0.61 -41.43 -58.32
CA GLN F 177 0.63 -42.02 -59.65
C GLN F 177 -0.79 -42.13 -60.17
N SER F 178 -0.90 -42.41 -61.47
CA SER F 178 -2.21 -42.53 -62.10
C SER F 178 -3.01 -43.71 -61.57
N SER F 179 -2.34 -44.78 -61.13
CA SER F 179 -3.02 -45.95 -60.61
C SER F 179 -3.40 -45.82 -59.14
N GLY F 180 -3.34 -44.62 -58.56
CA GLY F 180 -3.68 -44.44 -57.17
C GLY F 180 -2.61 -44.92 -56.21
N LEU F 181 -1.35 -44.87 -56.61
CA LEU F 181 -0.24 -45.34 -55.79
C LEU F 181 0.84 -44.27 -55.75
N TYR F 182 1.85 -44.51 -54.91
CA TYR F 182 2.94 -43.57 -54.72
C TYR F 182 4.24 -44.14 -55.28
N SER F 183 5.30 -43.33 -55.16
CA SER F 183 6.63 -43.70 -55.63
C SER F 183 7.67 -42.99 -54.77
N LEU F 184 8.81 -43.65 -54.60
CA LEU F 184 9.90 -43.10 -53.80
C LEU F 184 11.20 -43.20 -54.58
N SER F 185 12.12 -42.29 -54.26
CA SER F 185 13.41 -42.20 -54.93
C SER F 185 14.54 -42.03 -53.93
N SER F 186 14.53 -42.85 -52.88
CA SER F 186 15.55 -42.76 -51.84
C SER F 186 16.94 -43.04 -52.41
N VAL F 187 17.93 -42.33 -51.88
CA VAL F 187 19.32 -42.46 -52.33
C VAL F 187 20.22 -42.64 -51.11
N VAL F 188 21.46 -43.04 -51.38
CA VAL F 188 22.46 -43.25 -50.35
C VAL F 188 23.84 -43.02 -50.96
N THR F 189 24.84 -42.84 -50.09
CA THR F 189 26.22 -42.64 -50.51
C THR F 189 27.07 -43.78 -49.99
N VAL F 190 27.83 -44.40 -50.89
CA VAL F 190 28.69 -45.53 -50.54
C VAL F 190 30.11 -45.26 -51.01
N PRO F 191 31.10 -45.78 -50.29
CA PRO F 191 32.50 -45.59 -50.72
C PRO F 191 32.81 -46.39 -51.97
N SER F 192 33.56 -45.76 -52.88
CA SER F 192 33.91 -46.43 -54.13
C SER F 192 35.38 -46.23 -54.51
N SER F 193 36.27 -46.01 -53.55
CA SER F 193 37.69 -45.81 -53.85
C SER F 193 38.35 -47.12 -54.28
N THR F 199 26.11 -50.38 -53.30
CA THR F 199 26.59 -51.76 -53.25
C THR F 199 25.89 -52.56 -52.16
N TYR F 200 25.18 -51.85 -51.29
CA TYR F 200 24.46 -52.49 -50.20
C TYR F 200 22.99 -52.67 -50.55
N ILE F 201 22.34 -53.59 -49.84
CA ILE F 201 20.96 -53.96 -50.13
C ILE F 201 20.04 -52.86 -49.62
N CYS F 202 19.38 -52.15 -50.54
CA CYS F 202 18.40 -51.15 -50.16
C CYS F 202 17.08 -51.84 -49.82
N ASN F 203 16.70 -51.81 -48.54
CA ASN F 203 15.52 -52.51 -48.06
C ASN F 203 14.38 -51.53 -47.85
N VAL F 204 13.21 -51.89 -48.35
CA VAL F 204 12.01 -51.06 -48.22
C VAL F 204 10.97 -51.85 -47.42
N ASN F 205 10.63 -51.34 -46.24
CA ASN F 205 9.62 -51.95 -45.39
C ASN F 205 8.28 -51.25 -45.63
N HIS F 206 7.20 -52.03 -45.60
CA HIS F 206 5.85 -51.51 -45.85
C HIS F 206 4.92 -52.09 -44.80
N LYS F 207 4.50 -51.25 -43.85
CA LYS F 207 3.60 -51.71 -42.80
C LYS F 207 2.19 -52.03 -43.28
N PRO F 208 1.51 -51.19 -44.09
CA PRO F 208 0.16 -51.56 -44.52
C PRO F 208 0.13 -52.81 -45.40
N SER F 209 1.22 -53.09 -46.12
CA SER F 209 1.31 -54.31 -46.90
C SER F 209 1.78 -55.52 -46.08
N ASN F 210 2.41 -55.28 -44.93
CA ASN F 210 2.93 -56.34 -44.06
C ASN F 210 3.88 -57.26 -44.83
N THR F 211 4.64 -56.67 -45.76
CA THR F 211 5.56 -57.42 -46.58
C THR F 211 6.77 -56.52 -46.89
N LYS F 212 7.96 -57.10 -46.77
CA LYS F 212 9.20 -56.40 -47.00
C LYS F 212 9.76 -56.75 -48.38
N VAL F 213 10.32 -55.73 -49.04
CA VAL F 213 10.93 -55.89 -50.35
C VAL F 213 12.25 -55.15 -50.35
N ASP F 214 13.22 -55.68 -51.09
CA ASP F 214 14.56 -55.11 -51.10
C ASP F 214 15.25 -55.41 -52.42
N LYS F 215 16.26 -54.61 -52.72
CA LYS F 215 17.11 -54.76 -53.90
C LYS F 215 18.44 -54.10 -53.57
N ARG F 216 19.28 -53.88 -54.59
CA ARG F 216 20.54 -53.20 -54.37
C ARG F 216 21.02 -52.57 -55.67
N VAL F 217 21.82 -51.51 -55.54
CA VAL F 217 22.46 -50.85 -56.66
C VAL F 217 23.92 -50.59 -56.31
N GLU F 218 24.75 -50.57 -57.34
CA GLU F 218 26.20 -50.41 -57.17
C GLU F 218 26.67 -49.26 -58.04
N PRO F 219 27.76 -48.58 -57.64
CA PRO F 219 28.33 -47.48 -58.43
C PRO F 219 28.75 -47.91 -59.83
N ASP G 1 -15.55 -14.79 -50.44
CA ASP G 1 -15.40 -13.79 -51.48
C ASP G 1 -14.15 -12.94 -51.26
N ILE G 2 -13.85 -12.64 -50.00
CA ILE G 2 -12.68 -11.85 -49.68
C ILE G 2 -11.43 -12.70 -49.85
N GLN G 3 -10.44 -12.16 -50.55
CA GLN G 3 -9.19 -12.86 -50.81
C GLN G 3 -8.04 -12.12 -50.15
N MET G 4 -6.96 -12.85 -49.90
CA MET G 4 -5.78 -12.32 -49.22
C MET G 4 -4.55 -12.56 -50.08
N THR G 5 -3.64 -11.57 -50.10
CA THR G 5 -2.39 -11.65 -50.81
C THR G 5 -1.24 -11.51 -49.82
N GLN G 6 -0.56 -12.61 -49.54
CA GLN G 6 0.50 -12.64 -48.55
C GLN G 6 1.84 -12.34 -49.23
N SER G 7 2.93 -12.49 -48.50
CA SER G 7 4.29 -12.28 -49.00
C SER G 7 4.63 -13.35 -50.03
N PRO G 8 5.76 -13.24 -50.75
CA PRO G 8 6.17 -14.31 -51.67
C PRO G 8 6.24 -15.68 -51.02
N SER G 9 6.30 -16.73 -51.84
CA SER G 9 6.22 -18.09 -51.35
C SER G 9 7.30 -18.43 -50.33
N SER G 10 8.47 -17.78 -50.41
CA SER G 10 9.55 -18.08 -49.49
C SER G 10 10.32 -16.80 -49.16
N LEU G 11 10.85 -16.75 -47.95
CA LEU G 11 11.68 -15.65 -47.50
C LEU G 11 12.95 -16.21 -46.88
N SER G 12 14.10 -15.72 -47.34
CA SER G 12 15.40 -16.22 -46.90
C SER G 12 16.05 -15.21 -45.98
N ALA G 13 16.47 -15.67 -44.79
CA ALA G 13 17.13 -14.83 -43.82
C ALA G 13 17.87 -15.71 -42.83
N SER G 14 18.89 -15.13 -42.19
CA SER G 14 19.72 -15.86 -41.25
C SER G 14 19.21 -15.68 -39.83
N LEU G 15 19.98 -16.22 -38.88
CA LEU G 15 19.60 -16.14 -37.48
C LEU G 15 19.69 -14.69 -36.98
N GLY G 16 18.67 -14.26 -36.24
CA GLY G 16 18.64 -12.92 -35.69
C GLY G 16 18.26 -11.83 -36.66
N ASP G 17 17.95 -12.17 -37.91
CA ASP G 17 17.59 -11.16 -38.90
C ASP G 17 16.18 -10.66 -38.64
N ARG G 18 15.86 -9.54 -39.28
CA ARG G 18 14.55 -8.91 -39.17
C ARG G 18 13.73 -9.21 -40.42
N VAL G 19 12.62 -9.91 -40.23
CA VAL G 19 11.72 -10.29 -41.32
C VAL G 19 10.36 -9.65 -41.10
N THR G 20 9.84 -9.01 -42.13
CA THR G 20 8.53 -8.35 -42.09
C THR G 20 7.61 -9.06 -43.07
N ILE G 21 6.84 -10.01 -42.57
CA ILE G 21 5.94 -10.77 -43.42
C ILE G 21 4.74 -9.91 -43.78
N THR G 22 4.63 -9.54 -45.05
CA THR G 22 3.58 -8.67 -45.53
C THR G 22 2.43 -9.49 -46.11
N CYS G 23 1.21 -9.05 -45.80
CA CYS G 23 0.01 -9.70 -46.31
C CYS G 23 -1.08 -8.66 -46.47
N ARG G 24 -1.55 -8.50 -47.71
CA ARG G 24 -2.53 -7.48 -48.06
C ARG G 24 -3.88 -8.12 -48.31
N ALA G 25 -4.93 -7.33 -48.13
CA ALA G 25 -6.30 -7.79 -48.30
C ALA G 25 -6.89 -7.19 -49.58
N SER G 26 -7.96 -7.83 -50.07
CA SER G 26 -8.64 -7.35 -51.27
C SER G 26 -9.51 -6.14 -51.00
N GLN G 27 -9.83 -5.85 -49.74
CA GLN G 27 -10.64 -4.69 -49.39
C GLN G 27 -10.35 -4.33 -47.94
N THR G 28 -10.99 -3.26 -47.48
CA THR G 28 -10.79 -2.80 -46.11
C THR G 28 -11.47 -3.75 -45.14
N ILE G 29 -10.67 -4.33 -44.24
CA ILE G 29 -11.19 -5.26 -43.24
C ILE G 29 -10.89 -4.72 -41.85
N GLY G 30 -10.33 -3.52 -41.79
CA GLY G 30 -10.02 -2.93 -40.50
C GLY G 30 -8.92 -3.68 -39.80
N ARG G 31 -9.23 -4.24 -38.62
CA ARG G 31 -8.28 -5.01 -37.85
C ARG G 31 -8.73 -6.45 -37.62
N PHE G 32 -9.71 -6.93 -38.40
CA PHE G 32 -10.20 -8.30 -38.28
C PHE G 32 -9.28 -9.26 -39.03
N LEU G 33 -8.05 -9.38 -38.54
CA LEU G 33 -7.05 -10.23 -39.15
C LEU G 33 -6.21 -10.88 -38.07
N ASN G 34 -5.81 -12.13 -38.29
CA ASN G 34 -4.99 -12.88 -37.36
C ASN G 34 -3.99 -13.73 -38.12
N TRP G 35 -2.83 -13.95 -37.51
CA TRP G 35 -1.75 -14.73 -38.11
C TRP G 35 -1.66 -16.09 -37.43
N TYR G 36 -0.96 -17.01 -38.09
CA TYR G 36 -0.73 -18.35 -37.56
C TYR G 36 0.68 -18.82 -37.92
N GLN G 37 1.19 -19.72 -37.10
CA GLN G 37 2.49 -20.35 -37.32
C GLN G 37 2.32 -21.85 -37.39
N GLN G 38 2.86 -22.47 -38.44
CA GLN G 38 2.70 -23.90 -38.64
C GLN G 38 4.03 -24.49 -39.07
N LYS G 39 4.64 -25.28 -38.19
CA LYS G 39 5.81 -26.06 -38.57
C LYS G 39 5.34 -27.30 -39.33
N PRO G 40 5.98 -27.65 -40.44
CA PRO G 40 5.51 -28.83 -41.21
C PRO G 40 5.54 -30.13 -40.43
N GLY G 41 6.16 -30.16 -39.26
CA GLY G 41 6.17 -31.36 -38.45
C GLY G 41 5.13 -31.42 -37.36
N LYS G 42 4.29 -30.39 -37.22
CA LYS G 42 3.30 -30.36 -36.14
C LYS G 42 2.10 -29.52 -36.57
N ALA G 43 1.16 -29.39 -35.65
CA ALA G 43 -0.07 -28.65 -35.92
C ALA G 43 0.19 -27.14 -35.88
N PRO G 44 -0.63 -26.36 -36.58
CA PRO G 44 -0.46 -24.90 -36.58
C PRO G 44 -0.74 -24.31 -35.20
N LYS G 45 -0.30 -23.06 -35.03
CA LYS G 45 -0.51 -22.32 -33.79
C LYS G 45 -0.55 -20.83 -34.12
N LEU G 46 -1.42 -20.11 -33.42
CA LEU G 46 -1.58 -18.69 -33.66
C LEU G 46 -0.52 -17.89 -32.92
N LEU G 47 -0.12 -16.77 -33.53
CA LEU G 47 0.84 -15.85 -32.94
C LEU G 47 0.24 -14.48 -32.67
N ILE G 48 -0.38 -13.87 -33.67
CA ILE G 48 -0.98 -12.55 -33.54
C ILE G 48 -2.46 -12.66 -33.91
N TYR G 49 -3.32 -12.17 -33.02
CA TYR G 49 -4.76 -12.16 -33.26
C TYR G 49 -5.27 -10.73 -33.16
N GLY G 50 -6.13 -10.36 -34.11
CA GLY G 50 -6.62 -9.00 -34.16
C GLY G 50 -5.63 -8.01 -34.73
N ALA G 51 -4.49 -8.49 -35.21
CA ALA G 51 -3.43 -7.70 -35.85
C ALA G 51 -2.80 -6.69 -34.91
N SER G 52 -3.18 -6.68 -33.63
CA SER G 52 -2.60 -5.75 -32.68
C SER G 52 -2.28 -6.45 -31.36
N SER G 53 -2.95 -7.57 -31.10
CA SER G 53 -2.77 -8.26 -29.84
C SER G 53 -1.77 -9.41 -29.98
N LEU G 54 -1.08 -9.72 -28.89
CA LEU G 54 -0.08 -10.78 -28.86
C LEU G 54 -0.63 -11.98 -28.09
N GLN G 55 -0.47 -13.17 -28.67
CA GLN G 55 -0.95 -14.38 -28.02
C GLN G 55 -0.06 -14.73 -26.83
N ILE G 56 -0.69 -15.24 -25.76
CA ILE G 56 0.06 -15.63 -24.57
C ILE G 56 0.98 -16.79 -24.90
N GLY G 57 2.23 -16.70 -24.45
CA GLY G 57 3.23 -17.71 -24.74
C GLY G 57 4.12 -17.41 -25.91
N VAL G 58 3.77 -16.44 -26.75
CA VAL G 58 4.62 -16.08 -27.90
C VAL G 58 5.74 -15.17 -27.42
N PRO G 59 6.98 -15.41 -27.82
CA PRO G 59 8.07 -14.52 -27.41
C PRO G 59 7.86 -13.10 -27.89
N SER G 60 8.45 -12.14 -27.17
CA SER G 60 8.28 -10.73 -27.49
C SER G 60 8.96 -10.34 -28.80
N ARG G 61 9.77 -11.21 -29.38
CA ARG G 61 10.44 -10.88 -30.64
C ARG G 61 9.47 -10.78 -31.81
N PHE G 62 8.29 -11.38 -31.70
CA PHE G 62 7.29 -11.27 -32.75
C PHE G 62 6.46 -10.00 -32.56
N SER G 63 6.00 -9.44 -33.67
CA SER G 63 5.21 -8.22 -33.64
C SER G 63 4.31 -8.17 -34.86
N GLY G 64 3.06 -7.77 -34.62
CA GLY G 64 2.08 -7.63 -35.69
C GLY G 64 1.83 -6.15 -36.01
N SER G 65 1.59 -5.87 -37.28
CA SER G 65 1.37 -4.51 -37.72
C SER G 65 0.52 -4.53 -38.99
N GLY G 66 0.02 -3.35 -39.35
CA GLY G 66 -0.84 -3.21 -40.52
C GLY G 66 -2.30 -3.32 -40.17
N SER G 67 -3.12 -2.64 -40.98
CA SER G 67 -4.56 -2.60 -40.77
C SER G 67 -5.23 -2.14 -42.05
N GLY G 68 -6.51 -2.50 -42.19
CA GLY G 68 -7.32 -2.07 -43.30
C GLY G 68 -7.15 -2.89 -44.57
N THR G 69 -6.06 -2.65 -45.30
CA THR G 69 -5.81 -3.36 -46.55
C THR G 69 -4.40 -3.91 -46.66
N ASP G 70 -3.49 -3.55 -45.76
CA ASP G 70 -2.12 -4.04 -45.80
C ASP G 70 -1.71 -4.40 -44.38
N PHE G 71 -1.26 -5.64 -44.19
CA PHE G 71 -0.84 -6.12 -42.88
C PHE G 71 0.58 -6.64 -42.98
N THR G 72 1.37 -6.37 -41.94
CA THR G 72 2.78 -6.75 -41.92
C THR G 72 3.11 -7.41 -40.59
N LEU G 73 3.57 -8.65 -40.65
CA LEU G 73 4.03 -9.38 -39.47
C LEU G 73 5.55 -9.23 -39.38
N THR G 74 6.00 -8.42 -38.42
CA THR G 74 7.41 -8.08 -38.28
C THR G 74 8.03 -8.93 -37.18
N ILE G 75 9.13 -9.60 -37.50
CA ILE G 75 9.91 -10.38 -36.55
C ILE G 75 11.25 -9.69 -36.38
N SER G 76 11.66 -9.50 -35.13
CA SER G 76 12.90 -8.78 -34.84
C SER G 76 14.14 -9.65 -34.89
N SER G 77 14.18 -10.75 -34.14
CA SER G 77 15.36 -11.60 -34.10
C SER G 77 14.99 -13.06 -34.37
N LEU G 78 15.36 -13.55 -35.55
CA LEU G 78 15.04 -14.92 -35.92
C LEU G 78 15.80 -15.91 -35.06
N GLN G 79 15.06 -16.80 -34.43
CA GLN G 79 15.62 -17.90 -33.65
C GLN G 79 15.43 -19.22 -34.40
N PRO G 80 16.23 -20.24 -34.08
CA PRO G 80 16.06 -21.53 -34.77
C PRO G 80 14.67 -22.12 -34.64
N GLU G 81 13.93 -21.76 -33.59
CA GLU G 81 12.56 -22.25 -33.42
C GLU G 81 11.54 -21.41 -34.16
N ASP G 82 11.96 -20.31 -34.79
CA ASP G 82 11.02 -19.43 -35.48
C ASP G 82 10.84 -19.77 -36.95
N PHE G 83 11.78 -20.52 -37.53
CA PHE G 83 11.72 -20.84 -38.96
C PHE G 83 10.59 -21.84 -39.20
N ALA G 84 9.50 -21.35 -39.80
CA ALA G 84 8.35 -22.18 -40.10
C ALA G 84 7.50 -21.47 -41.13
N THR G 85 6.33 -22.04 -41.43
CA THR G 85 5.39 -21.44 -42.37
C THR G 85 4.38 -20.58 -41.63
N TYR G 86 3.95 -19.51 -42.28
CA TYR G 86 3.03 -18.55 -41.69
C TYR G 86 1.87 -18.27 -42.65
N TYR G 87 0.72 -17.95 -42.07
CA TYR G 87 -0.49 -17.68 -42.84
C TYR G 87 -1.24 -16.51 -42.22
N CYS G 88 -1.89 -15.71 -43.06
CA CYS G 88 -2.73 -14.62 -42.61
C CYS G 88 -4.18 -14.94 -42.95
N GLN G 89 -5.08 -14.69 -42.01
CA GLN G 89 -6.50 -14.96 -42.17
C GLN G 89 -7.30 -13.68 -41.95
N GLN G 90 -8.25 -13.42 -42.83
CA GLN G 90 -9.17 -12.30 -42.66
C GLN G 90 -10.38 -12.75 -41.87
N SER G 91 -10.91 -11.83 -41.05
CA SER G 91 -12.04 -12.13 -40.18
C SER G 91 -13.15 -11.09 -40.27
N TYR G 92 -13.15 -10.26 -41.32
CA TYR G 92 -14.22 -9.27 -41.46
C TYR G 92 -15.56 -9.95 -41.69
N SER G 93 -15.63 -10.86 -42.66
CA SER G 93 -16.82 -11.65 -42.91
C SER G 93 -16.61 -13.04 -42.30
N MET G 94 -17.38 -13.34 -41.26
CA MET G 94 -17.12 -14.51 -40.43
C MET G 94 -17.38 -15.83 -41.18
N PRO G 95 -18.51 -16.02 -41.85
CA PRO G 95 -18.75 -17.29 -42.55
C PRO G 95 -17.69 -17.55 -43.63
N PRO G 96 -17.45 -16.62 -44.58
CA PRO G 96 -16.49 -16.95 -45.63
C PRO G 96 -15.05 -16.57 -45.28
N VAL G 97 -14.54 -17.09 -44.17
CA VAL G 97 -13.16 -16.80 -43.80
C VAL G 97 -12.21 -17.50 -44.77
N THR G 98 -11.18 -16.76 -45.20
CA THR G 98 -10.19 -17.28 -46.13
C THR G 98 -8.80 -17.09 -45.55
N PHE G 99 -7.85 -17.85 -46.08
CA PHE G 99 -6.47 -17.81 -45.63
C PHE G 99 -5.55 -17.43 -46.79
N GLY G 100 -4.36 -16.95 -46.45
CA GLY G 100 -3.38 -16.63 -47.47
C GLY G 100 -2.75 -17.88 -48.06
N GLN G 101 -2.01 -17.67 -49.15
CA GLN G 101 -1.35 -18.78 -49.83
C GLN G 101 -0.16 -19.32 -49.07
N GLY G 102 0.32 -18.62 -48.05
CA GLY G 102 1.42 -19.10 -47.26
C GLY G 102 2.72 -18.38 -47.56
N THR G 103 3.66 -18.45 -46.60
CA THR G 103 4.97 -17.84 -46.74
C THR G 103 5.98 -18.69 -46.01
N ARG G 104 7.03 -19.10 -46.71
CA ARG G 104 8.05 -19.96 -46.13
C ARG G 104 9.22 -19.13 -45.59
N LEU G 105 9.73 -19.55 -44.44
CA LEU G 105 10.88 -18.92 -43.81
C LEU G 105 12.02 -19.92 -43.77
N GLU G 106 13.11 -19.61 -44.46
CA GLU G 106 14.25 -20.52 -44.58
C GLU G 106 15.52 -19.82 -44.13
N ILE G 107 16.50 -20.64 -43.75
CA ILE G 107 17.78 -20.11 -43.28
C ILE G 107 18.62 -19.70 -44.48
N LYS G 108 19.18 -18.49 -44.43
CA LYS G 108 20.00 -18.00 -45.54
C LYS G 108 21.44 -18.47 -45.38
N ARG G 109 22.04 -18.87 -46.50
CA ARG G 109 23.45 -19.25 -46.53
C ARG G 109 24.00 -18.95 -47.92
N THR G 110 25.21 -19.42 -48.18
CA THR G 110 25.84 -19.21 -49.47
C THR G 110 25.15 -20.03 -50.55
N VAL G 111 25.47 -19.72 -51.81
CA VAL G 111 24.90 -20.41 -52.95
C VAL G 111 25.58 -21.76 -53.11
N ALA G 112 24.94 -22.82 -52.62
CA ALA G 112 25.51 -24.16 -52.68
C ALA G 112 25.05 -24.86 -53.95
N ALA G 113 26.01 -25.27 -54.79
CA ALA G 113 25.69 -25.98 -56.01
C ALA G 113 25.36 -27.44 -55.70
N PRO G 114 24.38 -28.01 -56.41
CA PRO G 114 24.01 -29.40 -56.14
C PRO G 114 24.98 -30.37 -56.80
N SER G 115 25.12 -31.53 -56.16
CA SER G 115 25.88 -32.63 -56.73
C SER G 115 24.99 -33.38 -57.71
N VAL G 116 25.06 -33.01 -58.98
CA VAL G 116 24.17 -33.52 -60.02
C VAL G 116 24.59 -34.95 -60.34
N PHE G 117 23.74 -35.91 -59.99
CA PHE G 117 23.96 -37.31 -60.30
C PHE G 117 22.71 -37.88 -60.98
N ILE G 118 22.92 -38.94 -61.75
CA ILE G 118 21.84 -39.62 -62.45
C ILE G 118 22.16 -41.11 -62.50
N PHE G 119 21.18 -41.93 -62.18
CA PHE G 119 21.36 -43.38 -62.13
C PHE G 119 20.31 -44.05 -62.99
N PRO G 120 20.69 -45.11 -63.70
CA PRO G 120 19.74 -45.82 -64.55
C PRO G 120 18.91 -46.81 -63.74
N PRO G 121 17.77 -47.24 -64.26
CA PRO G 121 16.95 -48.23 -63.55
C PRO G 121 17.63 -49.59 -63.54
N SER G 122 17.46 -50.33 -62.46
CA SER G 122 18.07 -51.65 -62.34
C SER G 122 17.35 -52.65 -63.25
N ASP G 123 17.89 -53.87 -63.28
CA ASP G 123 17.28 -54.92 -64.09
C ASP G 123 15.92 -55.35 -63.55
N GLU G 124 15.67 -55.10 -62.25
CA GLU G 124 14.37 -55.44 -61.69
C GLU G 124 13.25 -54.62 -62.33
N GLN G 125 13.51 -53.34 -62.59
CA GLN G 125 12.49 -52.50 -63.21
C GLN G 125 12.27 -52.91 -64.66
N LEU G 126 13.33 -53.36 -65.34
CA LEU G 126 13.18 -53.87 -66.71
C LEU G 126 12.42 -55.17 -66.75
N LYS G 127 12.61 -56.06 -65.77
CA LYS G 127 11.80 -57.28 -65.70
C LYS G 127 10.36 -56.94 -65.32
N SER G 128 10.16 -55.86 -64.57
CA SER G 128 8.84 -55.38 -64.21
C SER G 128 8.24 -54.59 -65.37
N GLY G 129 7.17 -53.85 -65.11
CA GLY G 129 6.46 -53.17 -66.17
C GLY G 129 7.12 -51.87 -66.60
N THR G 130 6.36 -50.77 -66.55
CA THR G 130 6.86 -49.49 -67.03
C THR G 130 8.13 -49.08 -66.32
N ALA G 131 9.18 -48.83 -67.10
CA ALA G 131 10.46 -48.40 -66.53
C ALA G 131 10.47 -46.88 -66.33
N SER G 132 11.53 -46.40 -65.71
CA SER G 132 11.65 -44.98 -65.40
C SER G 132 13.12 -44.62 -65.24
N VAL G 133 13.43 -43.35 -65.56
CA VAL G 133 14.77 -42.80 -65.40
C VAL G 133 14.69 -41.63 -64.42
N VAL G 134 15.57 -41.64 -63.43
CA VAL G 134 15.52 -40.66 -62.34
C VAL G 134 16.74 -39.77 -62.41
N CYS G 135 16.56 -38.51 -62.01
CA CYS G 135 17.63 -37.53 -61.92
C CYS G 135 17.74 -37.05 -60.48
N LEU G 136 18.94 -36.65 -60.08
CA LEU G 136 19.22 -36.32 -58.69
C LEU G 136 19.99 -35.02 -58.58
N LEU G 137 19.50 -34.12 -57.74
CA LEU G 137 20.21 -32.90 -57.35
C LEU G 137 20.23 -32.85 -55.83
N ASN G 138 21.40 -33.06 -55.24
CA ASN G 138 21.54 -33.25 -53.80
C ASN G 138 22.31 -32.08 -53.19
N ASN G 139 21.85 -31.64 -52.01
CA ASN G 139 22.55 -30.65 -51.20
C ASN G 139 22.79 -29.34 -51.93
N PHE G 140 21.72 -28.62 -52.26
CA PHE G 140 21.82 -27.28 -52.82
C PHE G 140 20.91 -26.33 -52.05
N TYR G 141 21.42 -25.13 -51.79
CA TYR G 141 20.67 -24.10 -51.08
C TYR G 141 19.64 -23.41 -51.96
N PRO G 142 19.97 -23.05 -53.22
CA PRO G 142 18.94 -22.39 -54.05
C PRO G 142 17.84 -23.34 -54.47
N ARG G 143 16.85 -23.54 -53.59
CA ARG G 143 15.73 -24.42 -53.85
C ARG G 143 14.90 -23.99 -55.05
N GLU G 144 15.12 -22.78 -55.57
CA GLU G 144 14.35 -22.31 -56.74
C GLU G 144 14.65 -23.12 -57.99
N ALA G 145 15.62 -24.03 -57.94
CA ALA G 145 15.93 -24.87 -59.09
C ALA G 145 14.78 -25.81 -59.42
N LYS G 146 14.71 -26.22 -60.68
CA LYS G 146 13.67 -27.14 -61.14
C LYS G 146 14.25 -27.99 -62.26
N VAL G 147 13.86 -29.27 -62.25
CA VAL G 147 14.39 -30.26 -63.18
C VAL G 147 13.28 -30.72 -64.10
N GLN G 148 13.58 -30.76 -65.40
CA GLN G 148 12.65 -31.24 -66.42
C GLN G 148 13.24 -32.48 -67.08
N TRP G 149 12.57 -32.96 -68.13
CA TRP G 149 13.00 -34.16 -68.83
C TRP G 149 12.79 -34.00 -70.32
N LYS G 150 13.71 -34.57 -71.09
CA LYS G 150 13.60 -34.60 -72.55
C LYS G 150 13.89 -36.01 -73.03
N VAL G 151 13.29 -36.38 -74.16
CA VAL G 151 13.43 -37.70 -74.75
C VAL G 151 14.35 -37.59 -75.96
N ASP G 152 15.47 -38.32 -75.91
CA ASP G 152 16.46 -38.32 -76.99
C ASP G 152 16.95 -36.91 -77.30
N ASN G 153 17.26 -36.16 -76.24
CA ASN G 153 17.70 -34.77 -76.35
C ASN G 153 16.70 -33.92 -77.13
N GLY G 158 6.38 -37.56 -71.12
CA GLY G 158 5.93 -38.35 -69.99
C GLY G 158 6.69 -38.04 -68.71
N ASN G 159 6.91 -36.75 -68.46
CA ASN G 159 7.63 -36.33 -67.26
C ASN G 159 6.80 -36.60 -66.02
N SER G 160 7.47 -36.81 -64.89
CA SER G 160 6.82 -37.07 -63.62
C SER G 160 7.13 -35.94 -62.65
N GLN G 161 6.39 -35.91 -61.55
CA GLN G 161 6.56 -34.86 -60.55
C GLN G 161 7.87 -35.06 -59.79
N GLU G 162 8.58 -33.96 -59.55
CA GLU G 162 9.81 -34.00 -58.80
C GLU G 162 9.51 -34.01 -57.30
N SER G 163 10.54 -34.35 -56.51
CA SER G 163 10.40 -34.44 -55.07
C SER G 163 11.57 -33.74 -54.40
N VAL G 164 11.25 -32.93 -53.39
CA VAL G 164 12.25 -32.14 -52.67
C VAL G 164 12.14 -32.44 -51.19
N THR G 165 13.28 -32.62 -50.54
CA THR G 165 13.30 -32.84 -49.10
C THR G 165 13.45 -31.53 -48.35
N GLU G 166 13.28 -31.58 -47.04
CA GLU G 166 13.40 -30.40 -46.21
C GLU G 166 14.87 -29.95 -46.14
N GLN G 167 15.06 -28.72 -45.65
CA GLN G 167 16.40 -28.15 -45.52
C GLN G 167 17.12 -28.81 -44.37
N ASP G 168 18.10 -29.66 -44.69
CA ASP G 168 18.87 -30.36 -43.68
C ASP G 168 19.74 -29.36 -42.92
N SER G 169 19.61 -29.34 -41.59
CA SER G 169 20.36 -28.40 -40.76
C SER G 169 21.86 -28.65 -40.79
N LYS G 170 22.31 -29.82 -41.25
CA LYS G 170 23.73 -30.10 -41.31
C LYS G 170 24.43 -29.20 -42.33
N ASP G 171 23.77 -28.94 -43.45
CA ASP G 171 24.33 -28.10 -44.51
C ASP G 171 23.45 -26.95 -44.92
N SER G 172 22.23 -26.84 -44.37
CA SER G 172 21.29 -25.77 -44.73
C SER G 172 21.02 -25.76 -46.24
N THR G 173 20.89 -26.96 -46.81
CA THR G 173 20.67 -27.11 -48.24
C THR G 173 19.50 -28.05 -48.48
N TYR G 174 19.02 -28.08 -49.72
CA TYR G 174 17.91 -28.93 -50.11
C TYR G 174 18.39 -30.02 -51.07
N SER G 175 17.62 -31.10 -51.13
CA SER G 175 17.86 -32.20 -52.06
C SER G 175 16.63 -32.41 -52.92
N LEU G 176 16.85 -32.53 -54.23
CA LEU G 176 15.78 -32.65 -55.20
C LEU G 176 15.94 -33.94 -55.99
N SER G 177 14.82 -34.58 -56.31
CA SER G 177 14.80 -35.79 -57.11
C SER G 177 13.66 -35.72 -58.12
N SER G 178 14.01 -35.90 -59.39
CA SER G 178 13.03 -35.89 -60.47
C SER G 178 13.22 -37.13 -61.32
N THR G 179 12.10 -37.65 -61.83
CA THR G 179 12.12 -38.90 -62.59
C THR G 179 11.29 -38.75 -63.84
N LEU G 180 11.61 -39.55 -64.86
CA LEU G 180 10.86 -39.60 -66.10
C LEU G 180 10.12 -40.92 -66.21
N THR G 181 8.85 -40.85 -66.61
CA THR G 181 8.00 -42.02 -66.74
C THR G 181 7.90 -42.42 -68.20
N LEU G 182 8.05 -43.72 -68.46
CA LEU G 182 7.98 -44.26 -69.81
C LEU G 182 7.08 -45.49 -69.80
N SER G 183 7.01 -46.17 -70.94
CA SER G 183 6.17 -47.35 -71.09
C SER G 183 6.95 -48.59 -70.67
N LYS G 184 6.39 -49.76 -71.03
CA LYS G 184 6.97 -51.05 -70.67
C LYS G 184 8.36 -51.22 -71.28
N ALA G 185 9.38 -51.23 -70.43
CA ALA G 185 10.77 -51.49 -70.84
C ALA G 185 11.21 -50.56 -71.96
N ASP G 186 10.86 -49.27 -71.88
CA ASP G 186 11.26 -48.32 -72.92
C ASP G 186 12.68 -47.83 -72.72
N TYR G 187 13.37 -48.38 -71.71
CA TYR G 187 14.77 -48.02 -71.51
C TYR G 187 15.66 -48.52 -72.65
N GLU G 188 15.30 -49.63 -73.29
CA GLU G 188 16.01 -50.08 -74.48
C GLU G 188 15.43 -49.50 -75.76
N LYS G 189 14.29 -48.80 -75.67
CA LYS G 189 13.66 -48.21 -76.84
C LYS G 189 14.46 -47.04 -77.41
N HIS G 190 15.11 -46.26 -76.57
CA HIS G 190 15.90 -45.13 -77.01
C HIS G 190 17.31 -45.24 -76.45
N LYS G 191 18.27 -44.67 -77.18
CA LYS G 191 19.65 -44.67 -76.73
C LYS G 191 19.94 -43.49 -75.80
N VAL G 192 19.15 -42.42 -75.90
CA VAL G 192 19.41 -41.19 -75.18
C VAL G 192 18.17 -40.82 -74.35
N TYR G 193 18.40 -40.50 -73.08
CA TYR G 193 17.36 -40.02 -72.19
C TYR G 193 17.90 -38.82 -71.41
N ALA G 194 17.39 -37.63 -71.76
CA ALA G 194 17.98 -36.37 -71.32
C ALA G 194 17.29 -35.88 -70.06
N CYS G 195 18.08 -35.65 -69.00
CA CYS G 195 17.61 -34.95 -67.82
C CYS G 195 17.93 -33.48 -67.94
N GLU G 196 16.93 -32.62 -67.74
CA GLU G 196 17.08 -31.18 -67.92
C GLU G 196 17.34 -30.55 -66.56
N VAL G 197 18.59 -30.24 -66.29
CA VAL G 197 19.01 -29.63 -65.03
C VAL G 197 19.08 -28.12 -65.20
N THR G 198 18.69 -27.39 -64.16
CA THR G 198 18.76 -25.93 -64.18
C THR G 198 18.92 -25.46 -62.74
N HIS G 199 20.05 -24.84 -62.43
CA HIS G 199 20.33 -24.39 -61.07
C HIS G 199 21.19 -23.13 -61.13
N GLN G 200 21.02 -22.27 -60.13
CA GLN G 200 21.79 -21.04 -60.06
C GLN G 200 23.25 -21.33 -59.74
N GLY G 201 24.14 -20.64 -60.45
CA GLY G 201 25.57 -20.81 -60.25
C GLY G 201 26.08 -22.14 -60.77
N LEU G 202 25.26 -22.80 -61.60
CA LEU G 202 25.61 -24.08 -62.19
C LEU G 202 25.46 -23.98 -63.71
N SER G 203 26.18 -24.85 -64.42
CA SER G 203 26.13 -24.84 -65.88
C SER G 203 24.73 -25.09 -66.41
N SER G 204 23.87 -25.72 -65.63
CA SER G 204 22.49 -26.01 -66.00
C SER G 204 22.43 -26.82 -67.31
N PRO G 205 22.85 -28.08 -67.29
CA PRO G 205 22.78 -28.90 -68.51
C PRO G 205 21.34 -29.21 -68.92
N VAL G 206 20.91 -28.64 -70.04
CA VAL G 206 19.54 -28.85 -70.51
C VAL G 206 19.28 -30.29 -70.95
N THR G 207 20.34 -31.03 -71.33
CA THR G 207 20.21 -32.42 -71.75
C THR G 207 21.33 -33.24 -71.09
N LYS G 208 21.05 -33.75 -69.90
CA LYS G 208 21.97 -34.67 -69.23
C LYS G 208 21.51 -36.10 -69.52
N SER G 209 22.24 -36.79 -70.39
CA SER G 209 21.78 -38.06 -70.94
C SER G 209 22.81 -39.16 -70.66
N PHE G 210 22.33 -40.40 -70.73
CA PHE G 210 23.23 -41.55 -70.67
C PHE G 210 23.86 -41.80 -72.03
N ASN G 211 24.69 -42.84 -72.10
CA ASN G 211 25.30 -43.27 -73.36
C ASN G 211 25.24 -44.80 -73.39
N ARG G 212 24.14 -45.33 -73.93
CA ARG G 212 23.96 -46.76 -73.99
C ARG G 212 24.82 -47.38 -75.09
N GLY G 213 25.13 -48.66 -74.91
CA GLY G 213 25.95 -49.39 -75.86
C GLY G 213 25.21 -49.75 -77.14
N GLU H 1 36.53 5.04 -5.17
CA GLU H 1 36.03 4.20 -6.25
C GLU H 1 36.52 2.77 -6.10
N VAL H 2 36.18 1.93 -7.07
CA VAL H 2 36.56 0.52 -7.08
C VAL H 2 37.49 0.29 -8.27
N GLN H 3 38.70 -0.19 -7.99
CA GLN H 3 39.67 -0.45 -9.05
C GLN H 3 40.70 -1.46 -8.53
N LEU H 4 41.49 -1.98 -9.47
CA LEU H 4 42.53 -2.96 -9.16
C LEU H 4 43.88 -2.38 -9.56
N ALA H 5 44.83 -2.40 -8.62
CA ALA H 5 46.16 -1.90 -8.90
C ALA H 5 47.02 -2.98 -9.55
N GLU H 6 48.16 -2.56 -10.08
CA GLU H 6 49.10 -3.47 -10.73
C GLU H 6 50.49 -2.85 -10.75
N SER H 7 51.49 -3.71 -10.66
CA SER H 7 52.89 -3.28 -10.67
C SER H 7 53.78 -4.50 -10.85
N GLY H 8 54.94 -4.27 -11.43
CA GLY H 8 55.94 -5.31 -11.62
C GLY H 8 56.19 -5.69 -13.07
N GLY H 9 55.36 -5.23 -14.00
CA GLY H 9 55.56 -5.58 -15.39
C GLY H 9 56.68 -4.76 -16.01
N GLY H 10 57.63 -5.43 -16.64
CA GLY H 10 58.74 -4.73 -17.25
C GLY H 10 59.61 -5.68 -18.04
N LEU H 11 60.73 -5.16 -18.51
CA LEU H 11 61.68 -5.95 -19.28
C LEU H 11 62.37 -6.98 -18.39
N VAL H 12 62.63 -8.15 -18.95
CA VAL H 12 63.27 -9.24 -18.21
C VAL H 12 64.04 -10.11 -19.21
N GLN H 13 65.16 -10.66 -18.74
CA GLN H 13 65.95 -11.54 -19.58
C GLN H 13 65.18 -12.82 -19.87
N PRO H 14 65.42 -13.48 -21.00
CA PRO H 14 64.74 -14.74 -21.28
C PRO H 14 65.08 -15.80 -20.24
N GLY H 15 64.03 -16.38 -19.65
CA GLY H 15 64.18 -17.37 -18.61
C GLY H 15 64.31 -16.80 -17.21
N GLY H 16 64.39 -15.48 -17.05
CA GLY H 16 64.53 -14.91 -15.73
C GLY H 16 63.23 -14.93 -14.96
N SER H 17 63.34 -14.92 -13.63
CA SER H 17 62.17 -14.95 -12.77
C SER H 17 61.45 -13.60 -12.80
N LEU H 18 60.15 -13.64 -12.54
CA LEU H 18 59.33 -12.44 -12.53
C LEU H 18 58.12 -12.69 -11.65
N ARG H 19 57.72 -11.65 -10.92
CA ARG H 19 56.57 -11.72 -10.02
C ARG H 19 55.74 -10.46 -10.19
N LEU H 20 54.48 -10.62 -10.56
CA LEU H 20 53.57 -9.50 -10.68
C LEU H 20 52.83 -9.25 -9.37
N SER H 21 52.17 -8.11 -9.28
CA SER H 21 51.42 -7.74 -8.09
C SER H 21 50.12 -7.07 -8.50
N CYS H 22 49.06 -7.38 -7.76
CA CYS H 22 47.76 -6.76 -7.98
C CYS H 22 47.13 -6.46 -6.63
N ALA H 23 46.51 -5.28 -6.52
CA ALA H 23 45.92 -4.82 -5.27
C ALA H 23 44.52 -4.33 -5.53
N ALA H 24 43.54 -4.95 -4.88
CA ALA H 24 42.14 -4.57 -5.06
C ALA H 24 41.76 -3.49 -4.05
N SER H 25 40.67 -2.79 -4.34
CA SER H 25 40.18 -1.74 -3.47
C SER H 25 38.73 -1.44 -3.80
N GLY H 26 37.93 -1.21 -2.77
CA GLY H 26 36.54 -0.83 -2.94
C GLY H 26 35.52 -1.93 -2.74
N PHE H 27 35.95 -3.14 -2.36
CA PHE H 27 35.02 -4.25 -2.18
C PHE H 27 35.67 -5.30 -1.29
N THR H 28 34.87 -6.31 -0.93
CA THR H 28 35.34 -7.43 -0.14
C THR H 28 36.16 -8.34 -1.04
N PHE H 29 37.49 -8.34 -0.85
CA PHE H 29 38.36 -9.10 -1.72
C PHE H 29 38.41 -10.58 -1.36
N SER H 30 38.10 -10.91 -0.10
CA SER H 30 38.24 -12.29 0.35
C SER H 30 37.11 -13.20 -0.14
N THR H 31 36.10 -12.63 -0.80
CA THR H 31 34.94 -13.40 -1.23
C THR H 31 34.78 -13.43 -2.75
N TYR H 32 35.81 -13.07 -3.50
CA TYR H 32 35.75 -13.05 -4.96
C TYR H 32 36.99 -13.72 -5.54
N ASP H 33 36.80 -14.47 -6.62
CA ASP H 33 37.92 -15.12 -7.30
C ASP H 33 38.61 -14.14 -8.23
N MET H 34 39.89 -14.42 -8.51
CA MET H 34 40.71 -13.56 -9.34
C MET H 34 41.26 -14.37 -10.52
N HIS H 35 41.38 -13.70 -11.66
CA HIS H 35 41.86 -14.34 -12.89
C HIS H 35 42.95 -13.47 -13.50
N TRP H 36 43.87 -14.11 -14.22
CA TRP H 36 44.96 -13.43 -14.92
C TRP H 36 44.83 -13.69 -16.41
N VAL H 37 44.64 -12.62 -17.18
CA VAL H 37 44.48 -12.71 -18.63
C VAL H 37 45.49 -11.79 -19.29
N ARG H 38 46.18 -12.32 -20.31
CA ARG H 38 47.16 -11.57 -21.07
C ARG H 38 46.60 -11.23 -22.44
N GLN H 39 47.24 -10.27 -23.10
CA GLN H 39 46.82 -9.84 -24.44
C GLN H 39 48.08 -9.45 -25.21
N VAL H 40 48.46 -10.29 -26.17
CA VAL H 40 49.61 -9.98 -27.00
C VAL H 40 49.30 -8.78 -27.88
N THR H 41 50.34 -8.02 -28.22
CA THR H 41 50.20 -6.84 -29.08
C THR H 41 49.58 -7.23 -30.42
N GLY H 42 48.40 -6.70 -30.71
CA GLY H 42 47.67 -7.06 -31.93
C GLY H 42 46.85 -8.31 -31.83
N ASN H 43 46.89 -9.01 -30.70
CA ASN H 43 46.11 -10.22 -30.50
C ASN H 43 44.99 -9.99 -29.50
N GLY H 44 44.16 -11.01 -29.32
CA GLY H 44 43.05 -10.94 -28.40
C GLY H 44 43.44 -11.34 -26.98
N LEU H 45 42.42 -11.45 -26.14
CA LEU H 45 42.64 -11.83 -24.76
C LEU H 45 42.97 -13.32 -24.66
N GLU H 46 43.80 -13.67 -23.68
CA GLU H 46 44.22 -15.05 -23.47
C GLU H 46 44.30 -15.30 -21.97
N TRP H 47 43.47 -16.21 -21.48
CA TRP H 47 43.48 -16.55 -20.06
C TRP H 47 44.77 -17.26 -19.69
N VAL H 48 45.44 -16.77 -18.65
CA VAL H 48 46.72 -17.30 -18.20
C VAL H 48 46.54 -18.22 -17.00
N SER H 49 46.03 -17.68 -15.89
CA SER H 49 45.86 -18.45 -14.67
C SER H 49 44.77 -17.80 -13.83
N THR H 50 44.42 -18.48 -12.74
CA THR H 50 43.41 -17.99 -11.82
C THR H 50 43.56 -18.70 -10.48
N ILE H 51 42.91 -18.15 -9.46
CA ILE H 51 42.89 -18.72 -8.13
C ILE H 51 41.55 -18.41 -7.48
N GLY H 52 40.92 -19.43 -6.89
CA GLY H 52 39.62 -19.25 -6.29
C GLY H 52 39.69 -18.83 -4.84
N THR H 53 38.52 -18.82 -4.20
CA THR H 53 38.44 -18.42 -2.80
C THR H 53 39.14 -19.43 -1.89
N GLY H 54 39.05 -20.71 -2.21
CA GLY H 54 39.67 -21.74 -1.40
C GLY H 54 41.17 -21.89 -1.56
N GLY H 55 41.79 -21.03 -2.37
CA GLY H 55 43.23 -21.09 -2.57
C GLY H 55 43.69 -22.03 -3.67
N ASP H 56 42.77 -22.76 -4.31
CA ASP H 56 43.15 -23.64 -5.40
C ASP H 56 43.59 -22.82 -6.62
N THR H 57 44.61 -23.32 -7.32
CA THR H 57 45.20 -22.62 -8.45
C THR H 57 44.97 -23.42 -9.72
N TYR H 58 44.84 -22.70 -10.83
CA TYR H 58 44.65 -23.31 -12.14
C TYR H 58 45.40 -22.50 -13.19
N TYR H 59 45.93 -23.20 -14.18
CA TYR H 59 46.75 -22.58 -15.21
C TYR H 59 46.36 -23.12 -16.57
N SER H 60 46.87 -22.49 -17.62
CA SER H 60 46.59 -22.94 -18.97
C SER H 60 47.57 -24.03 -19.39
N ASP H 61 47.39 -24.52 -20.62
CA ASP H 61 48.25 -25.58 -21.13
C ASP H 61 49.68 -25.10 -21.31
N SER H 62 49.88 -24.00 -22.06
CA SER H 62 51.20 -23.41 -22.23
C SER H 62 51.62 -22.56 -21.05
N VAL H 63 50.85 -22.58 -19.95
CA VAL H 63 51.13 -21.77 -18.77
C VAL H 63 51.53 -22.63 -17.58
N LYS H 64 50.87 -23.76 -17.39
CA LYS H 64 51.18 -24.64 -16.26
C LYS H 64 52.61 -25.16 -16.38
N GLY H 65 53.27 -25.30 -15.23
CA GLY H 65 54.63 -25.78 -15.19
C GLY H 65 55.68 -24.70 -15.02
N ARG H 66 55.35 -23.44 -15.29
CA ARG H 66 56.32 -22.37 -15.17
C ARG H 66 55.75 -21.18 -14.43
N PHE H 67 54.42 -21.08 -14.38
CA PHE H 67 53.75 -20.02 -13.66
C PHE H 67 53.38 -20.46 -12.24
N THR H 68 53.11 -19.47 -11.39
CA THR H 68 52.70 -19.75 -10.02
C THR H 68 51.89 -18.55 -9.52
N VAL H 69 50.59 -18.73 -9.38
CA VAL H 69 49.72 -17.66 -8.91
C VAL H 69 49.51 -17.79 -7.40
N SER H 70 49.55 -16.67 -6.70
CA SER H 70 49.35 -16.65 -5.27
C SER H 70 48.46 -15.47 -4.90
N ARG H 71 47.72 -15.64 -3.81
CA ARG H 71 46.80 -14.60 -3.35
C ARG H 71 46.76 -14.62 -1.83
N GLU H 72 46.71 -13.43 -1.24
CA GLU H 72 46.63 -13.26 0.20
C GLU H 72 45.26 -12.71 0.58
N ASN H 73 44.66 -13.30 1.61
CA ASN H 73 43.35 -12.83 2.06
C ASN H 73 43.42 -11.43 2.65
N ALA H 74 44.53 -11.08 3.28
CA ALA H 74 44.70 -9.76 3.85
C ALA H 74 45.39 -8.83 2.85
N LYS H 75 45.27 -7.53 3.12
CA LYS H 75 45.92 -6.47 2.34
C LYS H 75 45.41 -6.41 0.91
N ASN H 76 44.45 -7.27 0.56
CA ASN H 76 43.88 -7.33 -0.80
C ASN H 76 44.97 -7.47 -1.85
N ALA H 77 46.01 -8.26 -1.54
CA ALA H 77 47.16 -8.41 -2.41
C ALA H 77 47.02 -9.66 -3.27
N LEU H 78 47.28 -9.52 -4.57
CA LEU H 78 47.29 -10.62 -5.51
C LEU H 78 48.62 -10.65 -6.24
N PHE H 79 49.18 -11.84 -6.40
CA PHE H 79 50.50 -12.00 -7.01
C PHE H 79 50.43 -13.07 -8.09
N LEU H 80 51.45 -13.06 -8.95
CA LEU H 80 51.59 -14.04 -10.03
C LEU H 80 53.07 -14.18 -10.34
N GLN H 81 53.68 -15.24 -9.82
CA GLN H 81 55.10 -15.48 -10.04
C GLN H 81 55.32 -16.25 -11.34
N ILE H 82 56.30 -15.80 -12.12
CA ILE H 82 56.61 -16.41 -13.40
C ILE H 82 58.08 -16.77 -13.42
N ASN H 83 58.40 -17.91 -14.04
CA ASN H 83 59.77 -18.36 -14.21
C ASN H 83 59.92 -18.99 -15.59
N GLY H 84 61.13 -18.90 -16.14
CA GLY H 84 61.40 -19.44 -17.45
C GLY H 84 60.68 -18.73 -18.58
N LEU H 85 60.67 -17.39 -18.56
CA LEU H 85 59.98 -16.64 -19.60
C LEU H 85 60.71 -16.75 -20.93
N ARG H 86 59.98 -16.53 -22.01
CA ARG H 86 60.53 -16.57 -23.36
C ARG H 86 59.96 -15.41 -24.17
N ALA H 87 60.48 -15.26 -25.39
CA ALA H 87 60.06 -14.15 -26.23
C ALA H 87 58.58 -14.27 -26.61
N GLY H 88 58.06 -15.49 -26.69
CA GLY H 88 56.67 -15.69 -27.03
C GLY H 88 55.68 -15.29 -25.95
N ASP H 89 56.16 -14.97 -24.75
CA ASP H 89 55.29 -14.59 -23.65
C ASP H 89 55.07 -13.08 -23.54
N THR H 90 55.59 -12.30 -24.48
CA THR H 90 55.41 -10.86 -24.45
C THR H 90 53.96 -10.48 -24.69
N ALA H 91 53.28 -9.99 -23.66
CA ALA H 91 51.87 -9.65 -23.76
C ALA H 91 51.51 -8.70 -22.63
N VAL H 92 50.35 -8.05 -22.79
CA VAL H 92 49.85 -7.15 -21.75
C VAL H 92 48.95 -7.93 -20.80
N TYR H 93 49.39 -8.07 -19.55
CA TYR H 93 48.66 -8.83 -18.55
C TYR H 93 47.71 -7.91 -17.82
N TYR H 94 46.49 -8.40 -17.57
CA TYR H 94 45.45 -7.64 -16.90
C TYR H 94 45.00 -8.38 -15.64
N CYS H 95 44.87 -7.64 -14.54
CA CYS H 95 44.32 -8.21 -13.33
C CYS H 95 42.79 -8.14 -13.37
N ALA H 96 42.14 -9.30 -13.30
CA ALA H 96 40.70 -9.36 -13.45
C ALA H 96 40.10 -10.11 -12.27
N ARG H 97 38.87 -9.73 -11.91
CA ARG H 97 38.15 -10.34 -10.80
C ARG H 97 37.01 -11.19 -11.33
N GLY H 98 36.80 -12.36 -10.72
CA GLY H 98 35.71 -13.23 -11.09
C GLY H 98 34.42 -12.88 -10.38
N GLY H 99 33.39 -12.54 -11.15
CA GLY H 99 32.13 -12.16 -10.56
C GLY H 99 31.42 -13.35 -9.92
N SER H 100 30.48 -13.03 -9.04
CA SER H 100 29.71 -14.05 -8.34
C SER H 100 28.75 -14.73 -9.31
N GLY H 101 28.58 -16.03 -9.13
CA GLY H 101 27.72 -16.83 -9.96
C GLY H 101 28.21 -18.27 -10.06
N GLN H 102 27.78 -18.93 -11.14
CA GLN H 102 28.14 -20.32 -11.36
C GLN H 102 29.21 -20.49 -12.44
N PHE H 103 29.34 -19.53 -13.35
CA PHE H 103 30.32 -19.60 -14.41
C PHE H 103 31.34 -18.47 -14.27
N TRP H 104 32.48 -18.65 -14.93
CA TRP H 104 33.55 -17.68 -14.84
C TRP H 104 33.30 -16.51 -15.79
N TYR H 105 33.17 -15.31 -15.23
CA TYR H 105 33.03 -14.10 -16.03
C TYR H 105 33.76 -12.97 -15.33
N PHE H 106 34.32 -12.07 -16.12
CA PHE H 106 35.16 -10.99 -15.63
C PHE H 106 34.31 -9.73 -15.49
N ASP H 107 33.85 -9.47 -14.27
CA ASP H 107 33.02 -8.31 -13.98
C ASP H 107 33.84 -7.06 -13.66
N LEU H 108 35.08 -7.21 -13.24
CA LEU H 108 35.93 -6.08 -12.90
C LEU H 108 37.32 -6.31 -13.48
N TRP H 109 37.88 -5.24 -14.06
CA TRP H 109 39.20 -5.29 -14.68
C TRP H 109 40.13 -4.29 -14.01
N GLY H 110 41.42 -4.59 -14.02
CA GLY H 110 42.41 -3.71 -13.45
C GLY H 110 42.97 -2.74 -14.47
N ARG H 111 44.06 -2.07 -14.06
CA ARG H 111 44.71 -1.13 -14.95
C ARG H 111 45.47 -1.82 -16.08
N GLY H 112 45.93 -3.04 -15.85
CA GLY H 112 46.70 -3.76 -16.85
C GLY H 112 48.16 -3.40 -16.84
N THR H 113 49.03 -4.39 -17.00
CA THR H 113 50.48 -4.18 -16.99
C THR H 113 51.10 -4.82 -18.23
N LEU H 114 52.20 -4.25 -18.69
CA LEU H 114 52.91 -4.74 -19.86
C LEU H 114 54.14 -5.52 -19.43
N VAL H 115 54.30 -6.72 -19.99
CA VAL H 115 55.44 -7.58 -19.72
C VAL H 115 56.11 -7.92 -21.04
N THR H 116 57.40 -7.60 -21.16
CA THR H 116 58.18 -7.85 -22.36
C THR H 116 59.42 -8.64 -21.98
N VAL H 117 59.69 -9.73 -22.70
CA VAL H 117 60.83 -10.60 -22.44
C VAL H 117 61.80 -10.47 -23.60
N SER H 118 62.94 -9.84 -23.34
CA SER H 118 63.95 -9.64 -24.37
C SER H 118 65.29 -9.36 -23.70
N SER H 119 66.36 -9.69 -24.42
CA SER H 119 67.71 -9.48 -23.91
C SER H 119 68.34 -8.19 -24.43
N ALA H 120 67.62 -7.41 -25.21
CA ALA H 120 68.16 -6.17 -25.76
C ALA H 120 68.25 -5.10 -24.67
N SER H 121 68.76 -3.93 -25.05
CA SER H 121 68.91 -2.82 -24.13
C SER H 121 68.47 -1.54 -24.81
N THR H 122 68.27 -0.50 -24.01
CA THR H 122 67.84 0.79 -24.53
C THR H 122 68.96 1.43 -25.34
N LYS H 123 68.60 1.99 -26.50
CA LYS H 123 69.55 2.65 -27.37
C LYS H 123 69.03 4.04 -27.74
N GLY H 124 69.93 5.00 -27.80
CA GLY H 124 69.60 6.37 -28.10
C GLY H 124 69.18 6.57 -29.54
N PRO H 125 68.13 7.37 -29.76
CA PRO H 125 67.66 7.61 -31.12
C PRO H 125 68.38 8.80 -31.75
N SER H 126 68.03 9.04 -33.02
CA SER H 126 68.56 10.18 -33.76
C SER H 126 67.60 10.51 -34.89
N VAL H 127 67.65 11.75 -35.35
CA VAL H 127 66.75 12.22 -36.41
C VAL H 127 67.23 11.65 -37.75
N PHE H 128 66.56 10.60 -38.20
CA PHE H 128 66.92 9.96 -39.47
C PHE H 128 65.94 10.34 -40.57
N THR H 141 52.46 22.75 -51.25
CA THR H 141 52.30 22.02 -50.01
C THR H 141 52.87 20.61 -50.12
N ALA H 142 53.84 20.30 -49.26
CA ALA H 142 54.48 18.99 -49.26
C ALA H 142 54.32 18.35 -47.89
N ALA H 143 54.57 17.05 -47.84
CA ALA H 143 54.46 16.28 -46.60
C ALA H 143 55.68 15.39 -46.44
N LEU H 144 56.43 15.63 -45.37
CA LEU H 144 57.62 14.84 -45.05
C LEU H 144 57.69 14.71 -43.54
N GLY H 145 58.80 14.17 -43.04
CA GLY H 145 58.94 13.98 -41.61
C GLY H 145 60.34 13.57 -41.23
N CYS H 146 60.47 13.14 -39.97
CA CYS H 146 61.72 12.70 -39.39
C CYS H 146 61.61 11.22 -39.04
N LEU H 147 62.53 10.41 -39.56
CA LEU H 147 62.53 8.99 -39.30
C LEU H 147 63.31 8.66 -38.03
N VAL H 148 62.88 7.61 -37.35
CA VAL H 148 63.53 7.14 -36.12
C VAL H 148 63.86 5.66 -36.29
N LYS H 149 65.11 5.31 -35.99
CA LYS H 149 65.56 3.92 -36.06
C LYS H 149 66.36 3.62 -34.81
N ASP H 150 66.53 2.32 -34.54
CA ASP H 150 67.23 1.84 -33.35
C ASP H 150 66.59 2.38 -32.07
N TYR H 151 65.26 2.35 -32.01
CA TYR H 151 64.53 2.93 -30.91
C TYR H 151 64.27 1.88 -29.83
N PHE H 152 63.43 2.24 -28.86
CA PHE H 152 63.12 1.39 -27.72
C PHE H 152 61.74 1.77 -27.21
N PRO H 153 61.03 0.84 -26.53
CA PRO H 153 59.74 1.20 -25.92
C PRO H 153 59.81 2.49 -25.10
N GLU H 154 58.95 3.45 -25.43
CA GLU H 154 59.04 4.79 -24.88
C GLU H 154 57.70 5.23 -24.29
N PRO H 155 57.73 6.11 -23.27
CA PRO H 155 56.48 6.68 -22.76
C PRO H 155 56.10 8.03 -23.36
N VAL H 156 56.97 8.65 -24.15
CA VAL H 156 56.70 9.96 -24.74
C VAL H 156 56.86 9.86 -26.25
N THR H 157 55.99 10.53 -26.98
CA THR H 157 55.95 10.46 -28.43
C THR H 157 56.76 11.58 -29.06
N VAL H 158 57.00 11.44 -30.36
CA VAL H 158 57.75 12.46 -31.09
C VAL H 158 56.85 13.68 -31.32
N SER H 159 57.44 14.86 -31.15
CA SER H 159 56.71 16.11 -31.32
C SER H 159 57.38 16.94 -32.40
N TRP H 160 56.63 17.91 -32.93
CA TRP H 160 57.12 18.81 -33.95
C TRP H 160 57.03 20.24 -33.46
N ASN H 161 57.97 21.08 -33.94
CA ASN H 161 58.07 22.47 -33.53
C ASN H 161 58.18 22.58 -32.01
N SER H 162 58.98 21.68 -31.42
CA SER H 162 59.17 21.60 -29.97
C SER H 162 57.85 21.38 -29.23
N GLY H 163 56.88 20.74 -29.88
CA GLY H 163 55.59 20.46 -29.31
C GLY H 163 54.53 21.51 -29.56
N ALA H 164 54.84 22.54 -30.34
CA ALA H 164 53.89 23.62 -30.61
C ALA H 164 53.00 23.36 -31.81
N LEU H 165 53.35 22.41 -32.67
CA LEU H 165 52.57 22.08 -33.85
C LEU H 165 51.93 20.73 -33.69
N THR H 166 50.60 20.68 -33.80
CA THR H 166 49.85 19.43 -33.69
C THR H 166 48.77 19.25 -34.73
N SER H 167 48.56 20.20 -35.65
CA SER H 167 47.49 20.06 -36.62
C SER H 167 47.84 19.03 -37.69
N GLY H 168 48.92 19.28 -38.45
CA GLY H 168 49.33 18.37 -39.50
C GLY H 168 50.43 17.42 -39.07
N VAL H 169 50.34 16.93 -37.84
CA VAL H 169 51.35 16.03 -37.27
C VAL H 169 50.72 14.68 -37.05
N HIS H 170 51.42 13.62 -37.48
CA HIS H 170 50.96 12.25 -37.30
C HIS H 170 52.13 11.41 -36.82
N THR H 171 51.81 10.39 -36.03
CA THR H 171 52.81 9.49 -35.45
C THR H 171 52.37 8.05 -35.64
N PHE H 172 53.26 7.26 -36.24
CA PHE H 172 52.99 5.86 -36.50
C PHE H 172 53.53 4.99 -35.37
N PRO H 173 52.82 3.90 -35.04
CA PRO H 173 53.35 2.97 -34.03
C PRO H 173 54.67 2.37 -34.46
N ALA H 174 55.50 2.03 -33.48
CA ALA H 174 56.83 1.51 -33.75
C ALA H 174 56.75 0.07 -34.26
N VAL H 175 57.88 -0.41 -34.79
CA VAL H 175 58.01 -1.76 -35.30
C VAL H 175 59.23 -2.41 -34.65
N LEU H 176 59.13 -3.71 -34.38
CA LEU H 176 60.20 -4.42 -33.71
C LEU H 176 61.35 -4.69 -34.68
N GLN H 177 62.58 -4.60 -34.15
CA GLN H 177 63.77 -4.85 -34.93
C GLN H 177 64.36 -6.21 -34.58
N SER H 178 65.30 -6.66 -35.42
CA SER H 178 65.93 -7.97 -35.21
C SER H 178 66.74 -8.02 -33.93
N SER H 179 67.43 -6.93 -33.56
CA SER H 179 68.22 -6.91 -32.35
C SER H 179 67.43 -6.49 -31.12
N GLY H 180 66.10 -6.45 -31.20
CA GLY H 180 65.27 -6.05 -30.09
C GLY H 180 64.96 -4.57 -30.02
N LEU H 181 65.46 -3.77 -30.97
CA LEU H 181 65.21 -2.33 -30.94
C LEU H 181 63.88 -2.03 -31.63
N TYR H 182 63.60 -0.73 -31.76
CA TYR H 182 62.37 -0.25 -32.37
C TYR H 182 62.68 0.75 -33.48
N SER H 183 61.65 1.06 -34.27
CA SER H 183 61.72 2.07 -35.31
C SER H 183 60.37 2.73 -35.45
N LEU H 184 60.34 4.05 -35.26
CA LEU H 184 59.09 4.80 -35.24
C LEU H 184 59.11 5.80 -36.39
N SER H 185 57.93 6.05 -36.95
CA SER H 185 57.77 6.96 -38.07
C SER H 185 56.93 8.17 -37.66
N SER H 186 57.29 9.33 -38.18
CA SER H 186 56.57 10.57 -37.90
C SER H 186 56.69 11.48 -39.10
N VAL H 187 55.57 12.11 -39.48
CA VAL H 187 55.53 13.00 -40.64
C VAL H 187 54.85 14.30 -40.24
N VAL H 188 54.99 15.31 -41.09
CA VAL H 188 54.43 16.64 -40.86
C VAL H 188 54.10 17.27 -42.19
N THR H 189 53.27 18.32 -42.15
CA THR H 189 52.89 19.07 -43.34
C THR H 189 53.55 20.44 -43.31
N VAL H 190 54.25 20.77 -44.40
CA VAL H 190 54.96 22.04 -44.49
C VAL H 190 54.49 22.80 -45.73
N PRO H 191 54.52 24.13 -45.71
CA PRO H 191 54.10 24.89 -46.90
C PRO H 191 55.15 24.82 -48.00
N SER H 192 54.67 24.66 -49.24
CA SER H 192 55.58 24.59 -50.38
C SER H 192 55.10 25.40 -51.58
N SER H 193 54.29 26.43 -51.37
CA SER H 193 53.79 27.24 -52.48
C SER H 193 54.88 28.15 -53.02
N THR H 199 59.70 23.78 -42.64
CA THR H 199 60.53 24.67 -41.84
C THR H 199 60.39 24.36 -40.36
N TYR H 200 59.55 23.38 -40.04
CA TYR H 200 59.32 23.00 -38.65
C TYR H 200 60.39 22.02 -38.18
N ILE H 201 60.78 22.15 -36.92
CA ILE H 201 61.82 21.29 -36.35
C ILE H 201 61.17 20.17 -35.55
N CYS H 202 61.44 18.94 -35.95
CA CYS H 202 60.93 17.79 -35.22
C CYS H 202 61.73 17.59 -33.94
N ASN H 203 61.10 16.91 -32.96
CA ASN H 203 61.71 16.70 -31.66
C ASN H 203 61.49 15.24 -31.27
N VAL H 204 62.52 14.41 -31.46
CA VAL H 204 62.46 12.99 -31.13
C VAL H 204 62.90 12.85 -29.67
N ASN H 205 61.95 12.71 -28.76
CA ASN H 205 62.26 12.56 -27.35
C ASN H 205 62.29 11.09 -26.97
N HIS H 206 63.17 10.75 -26.02
CA HIS H 206 63.31 9.37 -25.55
C HIS H 206 63.61 9.41 -24.05
N LYS H 207 62.60 9.07 -23.26
CA LYS H 207 62.76 9.12 -21.79
C LYS H 207 63.70 8.06 -21.25
N PRO H 208 63.62 6.77 -21.63
CA PRO H 208 64.59 5.81 -21.08
C PRO H 208 66.02 6.09 -21.47
N SER H 209 66.24 6.76 -22.60
CA SER H 209 67.57 7.18 -23.01
C SER H 209 67.95 8.54 -22.43
N ASN H 210 66.98 9.33 -21.96
CA ASN H 210 67.21 10.67 -21.43
C ASN H 210 67.97 11.52 -22.44
N THR H 211 67.63 11.39 -23.72
CA THR H 211 68.28 12.11 -24.79
C THR H 211 67.24 12.55 -25.82
N LYS H 212 67.36 13.80 -26.25
CA LYS H 212 66.45 14.37 -27.24
C LYS H 212 67.26 14.90 -28.41
N VAL H 213 66.74 14.69 -29.63
CA VAL H 213 67.39 15.13 -30.85
C VAL H 213 66.38 15.90 -31.68
N ASP H 214 66.85 16.94 -32.36
CA ASP H 214 65.98 17.81 -33.14
C ASP H 214 66.68 18.20 -34.44
N LYS H 215 65.88 18.40 -35.48
CA LYS H 215 66.39 18.78 -36.79
C LYS H 215 65.23 19.35 -37.61
N ARG H 216 65.54 20.35 -38.42
CA ARG H 216 64.53 20.99 -39.26
C ARG H 216 64.35 20.22 -40.57
N VAL H 217 63.29 20.57 -41.30
CA VAL H 217 62.98 19.96 -42.58
C VAL H 217 62.56 21.05 -43.56
N GLU H 218 62.61 20.72 -44.85
CA GLU H 218 62.22 21.63 -45.90
C GLU H 218 61.73 20.82 -47.09
N PRO H 219 60.79 21.36 -47.87
CA PRO H 219 60.25 20.67 -49.06
C PRO H 219 61.32 20.37 -50.10
N ASP I 1 40.63 -26.58 -25.28
CA ASP I 1 40.12 -27.47 -26.32
C ASP I 1 38.99 -26.81 -27.11
N ILE I 2 38.12 -26.09 -26.40
CA ILE I 2 37.02 -25.41 -27.06
C ILE I 2 37.53 -24.19 -27.81
N GLN I 3 37.10 -24.04 -29.05
CA GLN I 3 37.52 -22.92 -29.90
C GLN I 3 36.30 -22.09 -30.27
N MET I 4 36.54 -20.81 -30.54
CA MET I 4 35.48 -19.86 -30.86
C MET I 4 35.75 -19.21 -32.20
N THR I 5 34.68 -19.01 -32.97
CA THR I 5 34.75 -18.35 -34.28
C THR I 5 33.86 -17.12 -34.25
N GLN I 6 34.48 -15.94 -34.22
CA GLN I 6 33.76 -14.69 -34.15
C GLN I 6 33.56 -14.11 -35.55
N SER I 7 32.91 -12.95 -35.61
CA SER I 7 32.67 -12.21 -36.85
C SER I 7 34.00 -11.77 -37.46
N PRO I 8 34.02 -11.28 -38.71
CA PRO I 8 35.26 -10.76 -39.29
C PRO I 8 35.94 -9.71 -38.41
N SER I 9 37.24 -9.50 -38.65
CA SER I 9 38.03 -8.64 -37.78
C SER I 9 37.53 -7.20 -37.72
N SER I 10 36.83 -6.74 -38.76
CA SER I 10 36.37 -5.36 -38.79
C SER I 10 34.96 -5.31 -39.37
N LEU I 11 34.16 -4.40 -38.84
CA LEU I 11 32.80 -4.16 -39.31
C LEU I 11 32.61 -2.65 -39.49
N SER I 12 32.15 -2.26 -40.67
CA SER I 12 31.98 -0.84 -41.01
C SER I 12 30.51 -0.47 -40.91
N ALA I 13 30.23 0.59 -40.15
CA ALA I 13 28.87 1.07 -39.98
C ALA I 13 28.92 2.51 -39.48
N SER I 14 27.80 3.22 -39.65
CA SER I 14 27.69 4.61 -39.26
C SER I 14 26.95 4.74 -37.93
N LEU I 15 26.76 5.98 -37.51
CA LEU I 15 26.07 6.25 -36.26
C LEU I 15 24.61 5.82 -36.34
N GLY I 16 24.11 5.23 -35.25
CA GLY I 16 22.74 4.77 -35.18
C GLY I 16 22.43 3.52 -35.96
N ASP I 17 23.43 2.90 -36.58
CA ASP I 17 23.18 1.70 -37.36
C ASP I 17 23.00 0.48 -36.45
N ARG I 18 22.51 -0.60 -37.04
CA ARG I 18 22.29 -1.85 -36.32
C ARG I 18 23.37 -2.85 -36.68
N VAL I 19 24.17 -3.25 -35.69
CA VAL I 19 25.26 -4.19 -35.88
C VAL I 19 24.96 -5.44 -35.06
N THR I 20 25.10 -6.61 -35.69
CA THR I 20 24.86 -7.90 -35.06
C THR I 20 26.18 -8.67 -35.05
N ILE I 21 26.92 -8.55 -33.95
CA ILE I 21 28.21 -9.21 -33.82
C ILE I 21 27.96 -10.71 -33.62
N THR I 22 28.31 -11.51 -34.62
CA THR I 22 28.06 -12.95 -34.60
C THR I 22 29.33 -13.68 -34.18
N CYS I 23 29.18 -14.67 -33.31
CA CYS I 23 30.29 -15.48 -32.84
C CYS I 23 29.79 -16.88 -32.55
N ARG I 24 30.41 -17.87 -33.19
CA ARG I 24 29.98 -19.26 -33.08
C ARG I 24 31.04 -20.08 -32.34
N ALA I 25 30.58 -21.14 -31.70
CA ALA I 25 31.43 -22.03 -30.94
C ALA I 25 31.70 -23.32 -31.71
N SER I 26 32.70 -24.07 -31.25
CA SER I 26 33.06 -25.32 -31.90
C SER I 26 32.02 -26.41 -31.66
N GLN I 27 31.32 -26.37 -30.52
CA GLN I 27 30.25 -27.32 -30.23
C GLN I 27 29.25 -26.65 -29.30
N THR I 28 28.24 -27.40 -28.87
CA THR I 28 27.22 -26.85 -28.00
C THR I 28 27.80 -26.51 -26.62
N ILE I 29 27.71 -25.25 -26.24
CA ILE I 29 28.22 -24.79 -24.96
C ILE I 29 27.07 -24.22 -24.15
N GLY I 30 25.85 -24.40 -24.63
CA GLY I 30 24.68 -23.91 -23.91
C GLY I 30 24.66 -22.39 -23.89
N ARG I 31 24.55 -21.82 -22.70
CA ARG I 31 24.52 -20.37 -22.52
C ARG I 31 25.73 -19.85 -21.75
N PHE I 32 26.77 -20.67 -21.60
CA PHE I 32 27.97 -20.27 -20.86
C PHE I 32 28.90 -19.44 -21.76
N LEU I 33 28.41 -18.25 -22.14
CA LEU I 33 29.16 -17.35 -22.98
C LEU I 33 28.93 -15.92 -22.52
N ASN I 34 29.98 -15.11 -22.60
CA ASN I 34 29.92 -13.70 -22.22
C ASN I 34 30.73 -12.87 -23.20
N TRP I 35 30.37 -11.60 -23.32
CA TRP I 35 31.02 -10.67 -24.23
C TRP I 35 31.82 -9.63 -23.46
N TYR I 36 32.73 -8.97 -24.15
CA TYR I 36 33.56 -7.92 -23.57
C TYR I 36 33.77 -6.80 -24.57
N GLN I 37 33.92 -5.58 -24.06
CA GLN I 37 34.20 -4.41 -24.87
C GLN I 37 35.56 -3.84 -24.47
N GLN I 38 36.40 -3.56 -25.46
CA GLN I 38 37.75 -3.06 -25.20
C GLN I 38 38.09 -2.01 -26.25
N LYS I 39 38.04 -0.75 -25.87
CA LYS I 39 38.51 0.32 -26.74
C LYS I 39 40.03 0.32 -26.75
N PRO I 40 40.66 0.43 -27.91
CA PRO I 40 42.13 0.39 -27.96
C PRO I 40 42.75 1.53 -27.16
N GLY I 41 43.54 1.16 -26.15
CA GLY I 41 44.17 2.11 -25.27
C GLY I 41 43.79 2.02 -23.82
N LYS I 42 42.90 1.09 -23.45
CA LYS I 42 42.50 0.93 -22.06
C LYS I 42 42.07 -0.52 -21.82
N ALA I 43 41.76 -0.81 -20.56
CA ALA I 43 41.38 -2.16 -20.16
C ALA I 43 40.00 -2.52 -20.69
N PRO I 44 39.76 -3.81 -20.94
CA PRO I 44 38.44 -4.23 -21.43
C PRO I 44 37.37 -4.09 -20.37
N LYS I 45 36.12 -4.24 -20.82
CA LYS I 45 34.96 -4.20 -19.93
C LYS I 45 33.87 -5.08 -20.50
N LEU I 46 33.18 -5.79 -19.62
CA LEU I 46 32.13 -6.72 -20.04
C LEU I 46 30.84 -5.98 -20.31
N LEU I 47 30.08 -6.48 -21.29
CA LEU I 47 28.76 -5.94 -21.62
C LEU I 47 27.64 -6.95 -21.40
N ILE I 48 27.77 -8.15 -21.96
CA ILE I 48 26.79 -9.21 -21.82
C ILE I 48 27.45 -10.41 -21.15
N TYR I 49 26.83 -10.91 -20.09
CA TYR I 49 27.31 -12.09 -19.40
C TYR I 49 26.20 -13.13 -19.36
N GLY I 50 26.57 -14.37 -19.68
CA GLY I 50 25.59 -15.44 -19.75
C GLY I 50 24.78 -15.42 -21.03
N ALA I 51 25.09 -14.51 -21.95
CA ALA I 51 24.44 -14.41 -23.26
C ALA I 51 22.97 -14.06 -23.14
N SER I 52 22.48 -13.79 -21.93
CA SER I 52 21.09 -13.44 -21.73
C SER I 52 20.96 -12.26 -20.79
N SER I 53 21.98 -12.02 -19.97
CA SER I 53 21.92 -10.96 -18.97
C SER I 53 22.74 -9.76 -19.41
N LEU I 54 22.32 -8.58 -18.96
CA LEU I 54 22.99 -7.32 -19.30
C LEU I 54 23.73 -6.81 -18.07
N GLN I 55 24.97 -6.37 -18.29
CA GLN I 55 25.77 -5.82 -17.20
C GLN I 55 25.21 -4.48 -16.74
N ILE I 56 25.25 -4.25 -15.43
CA ILE I 56 24.74 -3.00 -14.87
C ILE I 56 25.60 -1.84 -15.35
N GLY I 57 24.95 -0.76 -15.78
CA GLY I 57 25.64 0.39 -16.30
C GLY I 57 25.77 0.43 -17.81
N VAL I 58 25.47 -0.67 -18.50
CA VAL I 58 25.55 -0.68 -19.96
C VAL I 58 24.24 -0.15 -20.55
N PRO I 59 24.28 0.72 -21.54
CA PRO I 59 23.03 1.23 -22.13
C PRO I 59 22.20 0.10 -22.73
N SER I 60 20.89 0.31 -22.79
CA SER I 60 19.96 -0.70 -23.29
C SER I 60 20.11 -0.95 -24.78
N ARG I 61 20.91 -0.16 -25.50
CA ARG I 61 21.08 -0.37 -26.93
C ARG I 61 21.80 -1.68 -27.25
N PHE I 62 22.61 -2.18 -26.32
CA PHE I 62 23.29 -3.46 -26.51
C PHE I 62 22.34 -4.61 -26.17
N SER I 63 22.45 -5.69 -26.93
CA SER I 63 21.60 -6.86 -26.73
C SER I 63 22.35 -8.11 -27.15
N GLY I 64 22.33 -9.12 -26.30
CA GLY I 64 22.95 -10.40 -26.59
C GLY I 64 21.92 -11.44 -26.95
N SER I 65 22.25 -12.27 -27.94
CA SER I 65 21.32 -13.30 -28.40
C SER I 65 22.14 -14.50 -28.87
N GLY I 66 21.42 -15.60 -29.12
CA GLY I 66 22.04 -16.83 -29.53
C GLY I 66 22.48 -17.69 -28.35
N SER I 67 22.56 -19.00 -28.61
CA SER I 67 22.92 -19.96 -27.57
C SER I 67 23.34 -21.26 -28.24
N GLY I 68 24.10 -22.05 -27.50
CA GLY I 68 24.51 -23.37 -27.94
C GLY I 68 25.72 -23.39 -28.85
N THR I 69 25.53 -23.04 -30.12
CA THR I 69 26.60 -23.05 -31.09
C THR I 69 26.74 -21.75 -31.87
N ASP I 70 25.80 -20.83 -31.72
CA ASP I 70 25.84 -19.56 -32.44
C ASP I 70 25.37 -18.46 -31.50
N PHE I 71 26.18 -17.40 -31.36
CA PHE I 71 25.83 -16.29 -30.50
C PHE I 71 25.91 -15.00 -31.32
N THR I 72 24.94 -14.11 -31.11
CA THR I 72 24.82 -12.88 -31.89
C THR I 72 24.65 -11.71 -30.92
N LEU I 73 25.67 -10.86 -30.84
CA LEU I 73 25.60 -9.64 -30.05
C LEU I 73 25.04 -8.53 -30.96
N THR I 74 23.80 -8.14 -30.72
CA THR I 74 23.09 -7.19 -31.56
C THR I 74 23.08 -5.83 -30.89
N ILE I 75 23.48 -4.80 -31.64
CA ILE I 75 23.45 -3.41 -31.18
C ILE I 75 22.41 -2.68 -32.01
N SER I 76 21.57 -1.88 -31.34
CA SER I 76 20.49 -1.18 -32.01
C SER I 76 20.90 0.16 -32.60
N SER I 77 21.47 1.05 -31.79
CA SER I 77 21.85 2.38 -32.28
C SER I 77 23.29 2.70 -31.91
N LEU I 78 24.18 2.73 -32.90
CA LEU I 78 25.58 2.98 -32.65
C LEU I 78 25.80 4.41 -32.17
N GLN I 79 26.62 4.55 -31.14
CA GLN I 79 27.02 5.82 -30.57
C GLN I 79 28.52 5.98 -30.69
N PRO I 80 29.04 7.22 -30.63
CA PRO I 80 30.50 7.41 -30.71
C PRO I 80 31.27 6.64 -29.65
N GLU I 81 30.64 6.33 -28.51
CA GLU I 81 31.30 5.55 -27.48
C GLU I 81 31.18 4.05 -27.71
N ASP I 82 30.45 3.62 -28.74
CA ASP I 82 30.27 2.19 -28.99
C ASP I 82 31.33 1.62 -29.91
N PHE I 83 32.00 2.45 -30.70
CA PHE I 83 33.00 1.99 -31.66
C PHE I 83 34.23 1.51 -30.89
N ALA I 84 34.38 0.19 -30.78
CA ALA I 84 35.51 -0.41 -30.07
C ALA I 84 35.64 -1.86 -30.52
N THR I 85 36.59 -2.56 -29.90
CA THR I 85 36.80 -3.97 -30.17
C THR I 85 35.97 -4.83 -29.22
N TYR I 86 35.47 -5.94 -29.73
CA TYR I 86 34.63 -6.84 -28.96
C TYR I 86 35.16 -8.27 -29.05
N TYR I 87 34.90 -9.04 -28.00
CA TYR I 87 35.37 -10.42 -27.92
C TYR I 87 34.28 -11.28 -27.30
N CYS I 88 34.22 -12.54 -27.72
CA CYS I 88 33.31 -13.52 -27.15
C CYS I 88 34.11 -14.60 -26.44
N GLN I 89 33.74 -14.88 -25.19
CA GLN I 89 34.41 -15.88 -24.37
C GLN I 89 33.43 -17.00 -24.03
N GLN I 90 33.88 -18.24 -24.18
CA GLN I 90 33.07 -19.39 -23.77
C GLN I 90 33.41 -19.75 -22.33
N SER I 91 32.40 -20.23 -21.60
CA SER I 91 32.57 -20.58 -20.20
C SER I 91 32.05 -21.98 -19.87
N TYR I 92 31.81 -22.82 -20.89
CA TYR I 92 31.33 -24.17 -20.62
C TYR I 92 32.39 -24.98 -19.88
N SER I 93 33.63 -24.89 -20.32
CA SER I 93 34.75 -25.52 -19.65
C SER I 93 35.55 -24.45 -18.91
N MET I 94 35.48 -24.48 -17.58
CA MET I 94 35.99 -23.37 -16.77
C MET I 94 37.51 -23.23 -16.84
N PRO I 95 38.29 -24.29 -16.62
CA PRO I 95 39.75 -24.14 -16.70
C PRO I 95 40.22 -23.71 -18.08
N PRO I 96 39.85 -24.43 -19.18
CA PRO I 96 40.39 -24.05 -20.48
C PRO I 96 39.51 -23.04 -21.22
N VAL I 97 39.26 -21.88 -20.62
CA VAL I 97 38.47 -20.87 -21.29
C VAL I 97 39.27 -20.25 -22.42
N THR I 98 38.58 -19.90 -23.51
CA THR I 98 39.20 -19.31 -24.68
C THR I 98 38.40 -18.08 -25.11
N PHE I 99 39.02 -17.25 -25.93
CA PHE I 99 38.42 -16.03 -26.42
C PHE I 99 38.42 -16.02 -27.95
N GLY I 100 37.56 -15.20 -28.53
CA GLY I 100 37.53 -15.05 -29.97
C GLY I 100 38.68 -14.20 -30.48
N GLN I 101 38.81 -14.15 -31.80
CA GLN I 101 39.88 -13.38 -32.42
C GLN I 101 39.64 -11.88 -32.35
N GLY I 102 38.41 -11.44 -32.13
CA GLY I 102 38.12 -10.03 -32.01
C GLY I 102 37.38 -9.49 -33.21
N THR I 103 36.69 -8.37 -33.01
CA THR I 103 35.94 -7.71 -34.07
C THR I 103 36.00 -6.21 -33.84
N ARG I 104 36.45 -5.47 -34.85
CA ARG I 104 36.58 -4.03 -34.76
C ARG I 104 35.36 -3.34 -35.35
N LEU I 105 34.93 -2.27 -34.69
CA LEU I 105 33.79 -1.47 -35.13
C LEU I 105 34.28 -0.10 -35.56
N GLU I 106 34.22 0.17 -36.86
CA GLU I 106 34.73 1.40 -37.44
C GLU I 106 33.60 2.22 -38.01
N ILE I 107 33.85 3.52 -38.17
CA ILE I 107 32.85 4.44 -38.69
C ILE I 107 32.83 4.34 -40.21
N LYS I 108 31.63 4.26 -40.79
CA LYS I 108 31.52 4.17 -42.24
C LYS I 108 31.37 5.56 -42.85
N ARG I 109 32.13 5.82 -43.90
CA ARG I 109 32.06 7.08 -44.63
C ARG I 109 32.50 6.84 -46.07
N THR I 110 32.76 7.93 -46.78
CA THR I 110 33.21 7.82 -48.16
C THR I 110 34.59 7.17 -48.22
N VAL I 111 34.88 6.56 -49.37
CA VAL I 111 36.14 5.86 -49.56
C VAL I 111 37.22 6.86 -49.94
N ALA I 112 38.00 7.29 -48.96
CA ALA I 112 39.08 8.24 -49.22
C ALA I 112 40.23 7.55 -49.94
N ALA I 113 41.13 8.36 -50.50
CA ALA I 113 42.27 7.87 -51.24
C ALA I 113 43.54 8.20 -50.48
N PRO I 114 44.52 7.30 -50.46
CA PRO I 114 45.78 7.57 -49.75
C PRO I 114 46.66 8.52 -50.55
N SER I 115 47.05 9.63 -49.91
CA SER I 115 47.97 10.56 -50.52
C SER I 115 49.39 9.99 -50.43
N VAL I 116 49.82 9.32 -51.49
CA VAL I 116 51.11 8.63 -51.52
C VAL I 116 52.22 9.66 -51.68
N PHE I 117 53.02 9.84 -50.64
CA PHE I 117 54.19 10.72 -50.67
C PHE I 117 55.45 9.89 -50.51
N ILE I 118 56.54 10.41 -51.08
CA ILE I 118 57.85 9.75 -51.00
C ILE I 118 58.91 10.83 -50.82
N PHE I 119 59.73 10.67 -49.77
CA PHE I 119 60.77 11.64 -49.46
C PHE I 119 61.93 10.92 -48.81
N PRO I 120 63.16 11.39 -49.01
CA PRO I 120 64.31 10.75 -48.36
C PRO I 120 64.42 11.21 -46.92
N PRO I 121 65.00 10.37 -46.05
CA PRO I 121 65.21 10.80 -44.66
C PRO I 121 66.31 11.84 -44.55
N SER I 122 66.56 12.29 -43.33
CA SER I 122 67.60 13.29 -43.11
C SER I 122 68.98 12.71 -43.39
N ASP I 123 69.96 13.60 -43.52
CA ASP I 123 71.31 13.18 -43.87
C ASP I 123 72.02 12.47 -42.73
N GLU I 124 71.45 12.49 -41.52
CA GLU I 124 72.10 11.83 -40.39
C GLU I 124 72.22 10.33 -40.61
N GLN I 125 71.15 9.68 -41.08
CA GLN I 125 71.23 8.25 -41.36
C GLN I 125 71.99 8.01 -42.66
N LEU I 126 71.84 8.90 -43.64
CA LEU I 126 72.55 8.78 -44.90
C LEU I 126 74.06 8.92 -44.75
N LYS I 127 74.54 9.48 -43.64
CA LYS I 127 75.97 9.62 -43.42
C LYS I 127 76.67 8.26 -43.33
N SER I 128 75.98 7.24 -42.82
CA SER I 128 76.51 5.89 -42.75
C SER I 128 75.86 5.02 -43.81
N GLY I 129 76.48 3.87 -44.08
CA GLY I 129 75.93 2.94 -45.06
C GLY I 129 74.59 2.37 -44.69
N THR I 130 74.24 2.38 -43.40
CA THR I 130 72.97 1.84 -42.95
C THR I 130 71.86 2.88 -43.10
N ALA I 131 71.56 3.27 -44.34
CA ALA I 131 70.51 4.24 -44.62
C ALA I 131 69.14 3.56 -44.60
N SER I 132 68.13 4.28 -45.05
CA SER I 132 66.77 3.77 -45.07
C SER I 132 66.00 4.38 -46.24
N VAL I 133 64.97 3.65 -46.68
CA VAL I 133 64.08 4.09 -47.75
C VAL I 133 62.65 3.93 -47.25
N VAL I 134 61.92 5.05 -47.23
CA VAL I 134 60.58 5.08 -46.63
C VAL I 134 59.54 5.38 -47.69
N CYS I 135 58.29 5.10 -47.35
CA CYS I 135 57.14 5.38 -48.19
C CYS I 135 55.99 5.82 -47.30
N LEU I 136 55.16 6.74 -47.82
CA LEU I 136 54.17 7.40 -46.98
C LEU I 136 52.79 7.31 -47.62
N LEU I 137 51.78 7.05 -46.79
CA LEU I 137 50.36 7.10 -47.19
C LEU I 137 49.63 7.90 -46.12
N ASN I 138 48.82 8.87 -46.55
CA ASN I 138 48.14 9.78 -45.63
C ASN I 138 46.65 9.81 -45.91
N ASN I 139 45.85 9.63 -44.84
CA ASN I 139 44.42 9.87 -44.86
C ASN I 139 43.67 9.07 -45.90
N PHE I 140 43.64 7.75 -45.75
CA PHE I 140 42.79 6.89 -46.56
C PHE I 140 41.78 6.19 -45.67
N TYR I 141 40.52 6.18 -46.12
CA TYR I 141 39.45 5.65 -45.28
C TYR I 141 39.55 4.14 -45.08
N PRO I 142 39.71 3.31 -46.11
CA PRO I 142 39.79 1.86 -45.87
C PRO I 142 41.04 1.48 -45.09
N ARG I 143 41.13 0.21 -44.75
CA ARG I 143 42.30 -0.33 -44.07
C ARG I 143 42.96 -1.47 -44.84
N GLU I 144 42.36 -1.92 -45.93
CA GLU I 144 42.93 -3.01 -46.72
C GLU I 144 44.02 -2.50 -47.65
N ALA I 145 45.04 -1.84 -47.08
CA ALA I 145 46.16 -1.35 -47.85
C ALA I 145 47.40 -2.21 -47.62
N LYS I 146 47.94 -2.74 -48.71
CA LYS I 146 49.11 -3.60 -48.66
C LYS I 146 50.24 -2.95 -49.44
N VAL I 147 51.41 -2.85 -48.81
CA VAL I 147 52.57 -2.17 -49.39
C VAL I 147 53.72 -3.16 -49.51
N GLN I 148 54.37 -3.16 -50.67
CA GLN I 148 55.56 -3.97 -50.89
C GLN I 148 56.71 -3.07 -51.30
N TRP I 149 57.90 -3.66 -51.37
CA TRP I 149 59.10 -2.95 -51.79
C TRP I 149 59.73 -3.66 -52.98
N LYS I 150 59.95 -2.91 -54.06
CA LYS I 150 60.59 -3.42 -55.26
C LYS I 150 61.98 -2.82 -55.38
N VAL I 151 62.97 -3.67 -55.63
CA VAL I 151 64.37 -3.26 -55.74
C VAL I 151 64.67 -3.01 -57.21
N ASP I 152 65.00 -1.77 -57.54
CA ASP I 152 65.32 -1.36 -58.91
C ASP I 152 64.17 -1.70 -59.86
N ASN I 153 62.94 -1.40 -59.42
CA ASN I 153 61.73 -1.66 -60.19
C ASN I 153 61.60 -3.12 -60.61
N GLY I 158 65.75 -6.36 -47.81
CA GLY I 158 65.77 -4.99 -47.31
C GLY I 158 64.41 -4.50 -46.87
N ASN I 159 63.37 -5.26 -47.20
CA ASN I 159 62.01 -4.89 -46.83
C ASN I 159 61.84 -4.93 -45.32
N SER I 160 60.95 -4.09 -44.81
CA SER I 160 60.69 -4.02 -43.38
C SER I 160 59.19 -3.94 -43.15
N GLN I 161 58.81 -4.10 -41.88
CA GLN I 161 57.38 -4.09 -41.52
C GLN I 161 56.83 -2.67 -41.60
N GLU I 162 55.62 -2.55 -42.13
CA GLU I 162 54.95 -1.26 -42.22
C GLU I 162 54.21 -0.95 -40.93
N SER I 163 53.68 0.26 -40.84
CA SER I 163 52.97 0.72 -39.66
C SER I 163 51.69 1.42 -40.08
N VAL I 164 50.63 1.20 -39.30
CA VAL I 164 49.32 1.77 -39.57
C VAL I 164 48.82 2.46 -38.31
N THR I 165 48.35 3.69 -38.46
CA THR I 165 47.79 4.43 -37.34
C THR I 165 46.31 4.08 -37.16
N GLU I 166 45.75 4.54 -36.03
CA GLU I 166 44.35 4.32 -35.76
C GLU I 166 43.49 5.24 -36.65
N GLN I 167 42.19 4.97 -36.65
CA GLN I 167 41.26 5.76 -37.44
C GLN I 167 41.09 7.14 -36.80
N ASP I 168 41.16 8.18 -37.62
CA ASP I 168 41.03 9.55 -37.11
C ASP I 168 39.64 9.78 -36.55
N SER I 169 39.57 10.51 -35.43
CA SER I 169 38.29 10.83 -34.82
C SER I 169 37.48 11.84 -35.62
N LYS I 170 38.12 12.60 -36.51
CA LYS I 170 37.43 13.59 -37.33
C LYS I 170 37.35 13.19 -38.79
N ASP I 171 38.49 12.85 -39.40
CA ASP I 171 38.50 12.48 -40.81
C ASP I 171 38.06 11.04 -41.05
N SER I 172 38.13 10.19 -40.03
CA SER I 172 37.75 8.77 -40.14
C SER I 172 38.54 8.08 -41.25
N THR I 173 39.83 8.40 -41.33
CA THR I 173 40.72 7.82 -42.33
C THR I 173 41.99 7.32 -41.65
N TYR I 174 42.59 6.29 -42.24
CA TYR I 174 43.80 5.70 -41.71
C TYR I 174 45.03 6.25 -42.43
N SER I 175 46.19 6.01 -41.82
CA SER I 175 47.48 6.39 -42.39
C SER I 175 48.44 5.22 -42.29
N LEU I 176 49.26 5.04 -43.31
CA LEU I 176 50.19 3.93 -43.40
C LEU I 176 51.58 4.45 -43.74
N SER I 177 52.59 3.88 -43.09
CA SER I 177 53.98 4.21 -43.36
C SER I 177 54.79 2.93 -43.49
N SER I 178 55.70 2.91 -44.45
CA SER I 178 56.57 1.77 -44.69
C SER I 178 58.01 2.25 -44.74
N THR I 179 58.93 1.30 -44.55
CA THR I 179 60.35 1.60 -44.56
C THR I 179 61.13 0.44 -45.17
N LEU I 180 62.29 0.76 -45.73
CA LEU I 180 63.21 -0.22 -46.28
C LEU I 180 64.57 0.00 -45.67
N THR I 181 64.97 -0.89 -44.75
CA THR I 181 66.22 -0.78 -44.03
C THR I 181 67.33 -1.46 -44.82
N LEU I 182 68.53 -0.89 -44.74
CA LEU I 182 69.70 -1.41 -45.44
C LEU I 182 70.82 -1.70 -44.44
N SER I 183 71.73 -2.58 -44.82
CA SER I 183 72.80 -3.02 -43.95
C SER I 183 74.01 -2.08 -44.09
N LYS I 184 75.14 -2.48 -43.50
CA LYS I 184 76.35 -1.67 -43.58
C LYS I 184 76.88 -1.63 -45.00
N ALA I 185 77.16 -0.42 -45.49
CA ALA I 185 77.64 -0.19 -46.85
C ALA I 185 76.69 -0.76 -47.90
N ASP I 186 75.40 -0.79 -47.58
CA ASP I 186 74.39 -1.34 -48.50
C ASP I 186 73.59 -0.26 -49.20
N TYR I 187 73.77 1.01 -48.85
CA TYR I 187 72.99 2.08 -49.45
C TYR I 187 73.23 2.17 -50.95
N GLU I 188 74.50 2.12 -51.36
CA GLU I 188 74.84 2.25 -52.78
C GLU I 188 74.66 0.95 -53.56
N LYS I 189 73.95 -0.03 -53.00
CA LYS I 189 73.75 -1.29 -53.73
C LYS I 189 72.86 -1.10 -54.94
N HIS I 190 71.85 -0.24 -54.84
CA HIS I 190 70.95 0.03 -55.96
C HIS I 190 70.67 1.53 -56.02
N LYS I 191 70.29 1.98 -57.23
CA LYS I 191 70.02 3.39 -57.44
C LYS I 191 68.52 3.70 -57.32
N VAL I 192 67.66 2.78 -57.72
CA VAL I 192 66.22 2.98 -57.73
C VAL I 192 65.59 2.05 -56.72
N TYR I 193 64.65 2.57 -55.93
CA TYR I 193 63.89 1.79 -54.96
C TYR I 193 62.42 2.15 -55.10
N ALA I 194 61.62 1.20 -55.55
CA ALA I 194 60.21 1.45 -55.88
C ALA I 194 59.32 1.07 -54.71
N CYS I 195 58.31 1.90 -54.45
CA CYS I 195 57.32 1.62 -53.43
C CYS I 195 56.04 1.11 -54.09
N GLU I 196 55.72 -0.17 -53.87
CA GLU I 196 54.55 -0.80 -54.46
C GLU I 196 53.43 -0.85 -53.42
N VAL I 197 52.28 -0.26 -53.76
CA VAL I 197 51.14 -0.19 -52.85
C VAL I 197 49.89 -0.64 -53.59
N THR I 198 49.00 -1.31 -52.87
CA THR I 198 47.69 -1.67 -53.39
C THR I 198 46.63 -1.28 -52.37
N HIS I 199 45.72 -0.40 -52.79
CA HIS I 199 44.71 0.14 -51.89
C HIS I 199 43.37 0.19 -52.61
N GLN I 200 42.30 -0.02 -51.84
CA GLN I 200 40.93 0.04 -52.37
C GLN I 200 40.55 1.50 -52.55
N GLY I 201 40.84 2.03 -53.73
CA GLY I 201 40.60 3.42 -54.05
C GLY I 201 41.77 4.17 -54.65
N LEU I 202 42.91 3.50 -54.84
CA LEU I 202 44.08 4.12 -55.46
C LEU I 202 44.80 3.06 -56.27
N SER I 203 45.12 3.38 -57.52
CA SER I 203 45.75 2.43 -58.43
C SER I 203 47.05 3.00 -58.98
N SER I 204 47.97 2.10 -59.28
CA SER I 204 49.27 2.40 -59.88
C SER I 204 50.06 3.45 -59.10
N PRO I 205 50.45 3.19 -57.85
CA PRO I 205 51.36 4.10 -57.16
C PRO I 205 52.83 3.70 -57.25
N VAL I 206 53.15 2.64 -58.02
CA VAL I 206 54.50 2.12 -58.07
C VAL I 206 55.46 3.04 -58.82
N THR I 207 54.94 4.06 -59.51
CA THR I 207 55.79 4.98 -60.25
C THR I 207 56.66 5.84 -59.34
N LYS I 208 56.25 6.06 -58.10
CA LYS I 208 57.04 6.84 -57.17
C LYS I 208 58.19 5.99 -56.62
N SER I 209 59.42 6.37 -56.99
CA SER I 209 60.59 5.60 -56.60
C SER I 209 61.74 6.55 -56.28
N PHE I 210 62.73 6.02 -55.58
CA PHE I 210 63.90 6.81 -55.23
C PHE I 210 64.86 6.90 -56.42
N ASN I 211 65.55 8.03 -56.51
CA ASN I 211 66.54 8.28 -57.57
C ASN I 211 67.79 8.82 -56.91
N ARG I 212 68.67 7.93 -56.49
CA ARG I 212 69.90 8.33 -55.81
C ARG I 212 70.91 8.90 -56.79
N GLY I 213 71.74 9.81 -56.28
CA GLY I 213 72.75 10.45 -57.11
C GLY I 213 74.17 10.02 -56.75
#